data_8REA
#
_entry.id   8REA
#
_cell.length_a   1.00
_cell.length_b   1.00
_cell.length_c   1.00
_cell.angle_alpha   90.00
_cell.angle_beta   90.00
_cell.angle_gamma   90.00
#
_symmetry.space_group_name_H-M   'P 1'
#
loop_
_entity.id
_entity.type
_entity.pdbx_description
1 polymer 'DNA-directed RNA polymerase subunit alpha'
2 polymer 'DNA-directed RNA polymerase subunit beta'
3 polymer "DNA-directed RNA polymerase subunit beta'"
4 polymer 'DNA-directed RNA polymerase subunit omega'
5 polymer 'RNA polymerase sigma-54 factor'
6 polymer 'DNA (44-MER)'
7 polymer "RNA (5'-R(P*GP*CP*CP*GP*C)-3')"
8 polymer 'DNA (51-MER)'
9 non-polymer 'MAGNESIUM ION'
10 non-polymer 'ZINC ION'
#
loop_
_entity_poly.entity_id
_entity_poly.type
_entity_poly.pdbx_seq_one_letter_code
_entity_poly.pdbx_strand_id
1 'polypeptide(L)'
;SVTEFLKPRLVDIEQVSSTHAKVTLEPLERGFGHTLGNALRRILLSSMPGCAVTEVEIDGVLHEYSTKEGVQEDILEILL
NLKGLAVRVQGKDEVILTLNKSGIGPVTAADITHDGDVEIVKPQHVICHLTDENASISMRIKVQRGRGYVPASTRIHSEE
DERPIGRLLVDACYSPVERIAYNVEAARVEQRTDLDKLVIEMETNGTIDPEEAIRRAATILAEQLEAFVDLRDVRQPEVK
EEKPEFDPILLRPVDDLELTVRSANCLKAEAIHYIGDLVQRTEVELLKTPNLGKKSLTEIKDVLASRGLSLGMRLENWPP
A
;
A,B
2 'polypeptide(L)'
;MVYSYTEKKRIRKDFGKRPQVLDVPYLLSIQLDSFQKFIEQDPEGQYGLEAAFRSVFPIQSYSGNSELQYVSYRLGEPVF
DVQECQIRGVTYSAPLRVKLRLVIYEREAPEGTVKDIKEQEVYMGEIPLMTDNGTFVINGTERVIVSQLHRSPGVFFDSD
KGKTHSSGKVLYNARIIPYRGSWLDFEFDPKDNLFVRIDRRRKLPATIILRALNYTTEQILDLFFEKVIFEIRDNKLQME
LVPERLRGETASFDIEANGKVYVEKGRRITARHIRQLEKDDVKLIEVPVEYIAGKVVAKDYIDESTGELICAANMELSLD
LLAKLSQSGHKRIETLFTNDLDHGPYISETLRVDPTNDRLSALVEIYRMMRPGEPPTREAAESLFENLFFSEDRYDLSAV
GRMKFNRSLLREEIEGSGILSKDDIIDVMKKLIDIRNGKGEVDDIDHLGNRRIRSVGEMAENQFRVGLVRVERAVKERLS
LGDLDTLMPQDMINAKPISAAVKEFFGSSQLSQFMDQNNPLSEITHKRRISALGPGGLTRERAGFEVRDVHPTHYGRVCP
IETPEGPNIGLINSLSVYAQTNEYGFLETPYRKVTDGVVTDEIHYLSAIEEGNYVIAQANSNLDEEGHFVEDLVTCRSKG
ESSLFSRDQVDYMDVSTQQVVSVGASLIPFLEHDDANRALMGANMQRQAVPTLRADKPLVGTGMERAVAVDSGVTAVAKR
GGVVQYVDASRIVIKVNEDEMYPGEAGIDIYNLTKYTRSNQNTCINQMPCVSLGEPVERGDVLADGPSTDLGELALGQNM
RVAFMPWNGYNFEDSILVSERVVQEDRFTTIHIQELACVSRDTKLGPEEITADIPNVGEAALSKLDESGIVYIGAEVTGG
DILVGKVTPKGETQLTPEEKLLRAIFGEKASDVKDSSLRVPNGVSGTVIDVQVFTRDGVEKDKRALEIEEMQLKQAKKDL
SEELQILEAGLFSRIRAVLVAGGVEAEKLDKLPRDRWLELGLTDEEKQNQLEQLAEQYDELKHEFEKKLEAKRRKITQGD
DLAPGVLKIVKVYLAVKRRIQPGDKMAGRHGNKGVISKINPIEDMPYDENGTPVDIVLNPLGVPSRMNIGQILETHLGMA
AKGIGDKINAMLKQQQEVAKLREFIQRAYDLGADVRQKVDLSTFSDEEVMRLAENLRKGMPIATPVFDGAKEAEIKELLK
LGDLPTSGQIRLYDGRTGEQFERPVTVGYMYMLKLNHLVDDKMHARSTGSYSLVTQQPLGGKAQFGGQRFGEMEVWALEA
YGAAYTLQEMLTVKSDDVNGRTKMYKNIVDGNHQMEPGMPESFNVLLKEIRSLGINIELED
;
C
3 'polypeptide(L)'
;LLKFLKAQTKTEEFDAIKIALASPDMIRSWSFGEVKKPETINYRTFKPERDGLFCARIFGPVKDYECLCGKYKRLKHRGV
ICEKCGVEVTQTKVRRERMGHIELASPTAHIWFLKSLPSRIGLLLDMPLRDIERVLYFESYVVIEGGMTNLERQQILTEE
QYLDALEEFGDEFDAKMGAEAIQALLKSMDLEQECEQLREELNETNSETKRKKLTKRIKLLEAFVQSGNKPEWMILTVLP
VLPPDLRPLVPLDGGRFATSDLNDLYRRVINRNNRLKRLLDLAAPDIIVRNEKRMLQEAVDALLDNGRRGRAITGSNKRP
LKSLADMIKGKQGRFRQNLLGKRVDYSGRSVITVGPYLRLHQCGLPKKMALELFKPFIYGKLELRGLATTIKAAKKMVER
EEAVVWDILDEVIREHPVLLNRAPTLHRLGIQAFEPVLIEGKAIQLHPLVCAAYNADFDGDQMAVHVPLTLEAQLEARAL
MMSTNNILSPANGEPIIVPSQDVVLGLYYMTRDCVNAKGEGMVLTGPKEAERLYRSGLASLHARVKVRITEYEKDANGEL
VAKTSLKDTTVGRAILWMIVPKGLPYSIVNQALGKKAISKMLNTCYRILGLKPTVIFADQIMYTGFAYAARSGASVGIDD
MVIPEKKHEIISEAEAEVAEIQEQFQSGLVTAGERYNKVIDIWAAANDRVSKAMMDNLQTETVINRDGQEEKQVSFNSIY
MMADSGARGSAAQIRQLAGMRGLMAKPDGSIIETPITANFREGLNVLQYFISTHGARKGLADTALKTANSGYLTRRLVDV
AQDLVVTEDDCGTHEGIMMTPVIEGGDVKEPLRDRVLGRVTAEDVLKPGTADILVPRNTLLHEQWCDLLEENSVDAVKVR
SVVSCDTDFGVCAHCYGRDLARGHIINKGEAIGVIAAQSIGEPGTQLTMRTFHIGGAASRAAAESSIQVKNKGSIKLSNV
KSVVNSSGKLVITSRNTELKLIDEFGRTKESYKVPYGAVLAKGDGEQVAGGETVANWDPHTMPVITEVSGFVRFTDMIDG
QTITRQTDELTGLSSLVVLDSAERTAGGKDLRPALKIVDAQGNDVLIPGTDMPAQYFLPGKAIVQLEDGVQISSGDTLAR
IPQESGGTKDITGGLPRVADLFEARRPKEPAILAEISGIVSFGKETKGKRRLVITPVDGSDPYEEMIPKWRQLNVFEGER
VERGDVISDGPEAPHDILRLRGVHAVTRYIVNEVQDVYRLQGVKINDKHIEVIVRQMLRKATIVNAGSSDFLEGEQVEYS
RVKIANRELEANGKVGATYSRDLLGITKASLATESFISAASFQETTRVLTEAAVAGKRDELRGLKENVIVGRLIPAGTGY
AYHQDRMRRRAAG
;
D
4 'polypeptide(L)' ARVTVQDAVEKIGNRFDLVLVAARRARQMQVGGKDPLVPEENDKTTVIALREIEEGLINNQILDVRERQEQQEQ E
5 'polypeptide(L)'
;TAGTPSGNGVDYQDDELPVYQGETTQSLQDYLMWQVELTPFTDTDRAIATSIVDAVDDTGYLTIQIEDIVDSIGDDEIGL
EEVEAVLKRIQRFDPVGVAAKDLRDCLLIQLSQFAKETPWLEEARLIISDHLDLLANHDFRTLMRVTRLKEEVLKEAVNL
IQSLDPRPGQSIQTGEPEYVIPDVLVRKVNDRWVVELNSDSLPRLKINQQYAAMGNSARNDADGQFIRSNLQEARWLIKS
LESANDTLLRVSRCIVEQQQAFFEQGEEYMKPMVLADIAQAVEMHESTISRVTTQKYLHSPRGIFELKYFFSSHVNTEGG
GEASSTAIRALVKKLIAAENPAKPLSDSKLTSMLSEQGIMVARRTVAKYRESLSIPPSNQ
;
M
6 'polydeoxyribonucleotide'
;(DG)(DC)(DT)(DG)(DG)(DC)(DA)(DC)(DG)(DA)(DC)(DT)(DT)(DT)(DT)(DG)(DC)(DA)(DC)(DT)
(DT)(DA)(DT)(DA)(DA)(DT)(DA)(DG)(DA)(DT)(DC)(DA)(DT)(DG)(DC)(DT)(DG)(DT)(DT)(DG)
(DC)(DA)(DC)(DA)(DT)
;
N
7 'polyribonucleotide' GCCGC R
8 'polydeoxyribonucleotide'
;(DA)(DT)(DG)(DT)(DG)(DC)(DA)(DA)(DC)(DA)(DG)(DC)(DA)(DT)(DG)(DA)(DT)(DC)(DG)(DC)
(DG)(DG)(DC)(DA)(DA)(DG)(DC)(DT)(DG)(DA)(DT)(DC)(DG)(DT)(DG)(DC)(DA)(DA)(DA)(DA)
(DG)(DT)(DC)(DG)(DT)(DG)(DC)(DC)(DA)(DG)(DC)
;
T
#
# COMPACT_ATOMS: atom_id res chain seq x y z
N GLU A 4 -56.79 -40.16 8.08
CA GLU A 4 -57.20 -38.81 7.75
C GLU A 4 -56.38 -38.25 6.59
N PHE A 5 -55.11 -38.61 6.54
CA PHE A 5 -54.19 -38.10 5.54
C PHE A 5 -53.81 -39.22 4.56
N LEU A 6 -53.91 -38.91 3.27
CA LEU A 6 -53.48 -39.84 2.24
C LEU A 6 -51.96 -39.95 2.24
N LYS A 7 -51.47 -41.11 1.79
CA LYS A 7 -50.04 -41.42 1.85
C LYS A 7 -49.50 -41.63 0.44
N PRO A 8 -48.32 -41.11 0.12
CA PRO A 8 -47.77 -41.31 -1.23
C PRO A 8 -47.16 -42.69 -1.38
N ARG A 9 -47.25 -43.22 -2.60
CA ARG A 9 -46.69 -44.53 -2.92
C ARG A 9 -45.87 -44.40 -4.20
N LEU A 10 -44.69 -45.01 -4.20
CA LEU A 10 -43.78 -44.93 -5.34
C LEU A 10 -44.35 -45.78 -6.47
N VAL A 11 -44.90 -45.12 -7.48
CA VAL A 11 -45.44 -45.81 -8.65
C VAL A 11 -44.83 -45.19 -9.89
N ASP A 12 -44.73 -46.00 -10.95
CA ASP A 12 -44.22 -45.57 -12.26
C ASP A 12 -42.79 -45.03 -12.09
N ILE A 13 -41.89 -45.96 -11.79
CA ILE A 13 -40.46 -45.69 -11.82
C ILE A 13 -39.97 -45.97 -13.24
N GLU A 14 -39.27 -45.00 -13.84
CA GLU A 14 -38.90 -45.07 -15.24
C GLU A 14 -37.46 -44.59 -15.42
N GLN A 15 -36.77 -45.19 -16.38
CA GLN A 15 -35.35 -44.96 -16.58
C GLN A 15 -35.11 -44.53 -18.02
N VAL A 16 -34.85 -43.24 -18.23
CA VAL A 16 -34.64 -42.72 -19.58
C VAL A 16 -33.35 -43.27 -20.18
N SER A 17 -32.26 -43.21 -19.42
CA SER A 17 -30.96 -43.63 -19.91
C SER A 17 -30.17 -44.23 -18.75
N SER A 18 -28.90 -44.53 -19.00
CA SER A 18 -28.05 -45.09 -17.95
C SER A 18 -27.89 -44.14 -16.78
N THR A 19 -27.84 -42.84 -17.06
CA THR A 19 -27.71 -41.81 -16.03
C THR A 19 -29.04 -41.14 -15.70
N HIS A 20 -29.76 -40.68 -16.72
CA HIS A 20 -31.05 -40.02 -16.49
C HIS A 20 -32.08 -41.03 -15.99
N ALA A 21 -32.96 -40.55 -15.11
CA ALA A 21 -34.02 -41.39 -14.56
C ALA A 21 -35.13 -40.51 -14.03
N LYS A 22 -36.30 -41.12 -13.85
CA LYS A 22 -37.47 -40.44 -13.32
C LYS A 22 -38.12 -41.29 -12.23
N VAL A 23 -38.57 -40.65 -11.16
CA VAL A 23 -39.29 -41.29 -10.07
C VAL A 23 -40.57 -40.50 -9.82
N THR A 24 -41.67 -41.23 -9.61
CA THR A 24 -42.98 -40.62 -9.47
C THR A 24 -43.66 -41.09 -8.20
N LEU A 25 -44.29 -40.16 -7.49
CA LEU A 25 -45.13 -40.44 -6.33
C LEU A 25 -46.52 -39.88 -6.63
N GLU A 26 -47.50 -40.76 -6.79
CA GLU A 26 -48.79 -40.35 -7.32
C GLU A 26 -49.64 -39.57 -6.32
N PRO A 27 -50.00 -40.14 -5.14
CA PRO A 27 -50.94 -39.42 -4.26
C PRO A 27 -50.25 -38.47 -3.28
N LEU A 28 -50.58 -37.18 -3.36
CA LEU A 28 -50.07 -36.21 -2.40
C LEU A 28 -51.17 -35.21 -2.05
N GLU A 29 -51.04 -34.61 -0.87
CA GLU A 29 -52.02 -33.64 -0.40
C GLU A 29 -51.75 -32.25 -0.98
N ARG A 30 -52.40 -31.24 -0.42
CA ARG A 30 -52.37 -29.90 -1.01
C ARG A 30 -50.96 -29.33 -1.03
N GLY A 31 -50.28 -29.32 0.10
CA GLY A 31 -48.99 -28.66 0.18
C GLY A 31 -47.80 -29.58 0.36
N PHE A 32 -48.06 -30.89 0.51
CA PHE A 32 -46.99 -31.83 0.83
C PHE A 32 -46.02 -32.04 -0.33
N GLY A 33 -46.45 -31.77 -1.56
CA GLY A 33 -45.59 -32.06 -2.70
C GLY A 33 -44.28 -31.29 -2.68
N HIS A 34 -44.36 -29.97 -2.45
CA HIS A 34 -43.14 -29.16 -2.43
C HIS A 34 -42.26 -29.49 -1.24
N THR A 35 -42.87 -29.72 -0.07
CA THR A 35 -42.09 -30.08 1.12
C THR A 35 -41.30 -31.36 0.87
N LEU A 36 -42.00 -32.41 0.41
CA LEU A 36 -41.33 -33.68 0.16
C LEU A 36 -40.27 -33.54 -0.94
N GLY A 37 -40.59 -32.80 -2.01
CA GLY A 37 -39.63 -32.66 -3.08
C GLY A 37 -38.36 -31.96 -2.65
N ASN A 38 -38.50 -30.84 -1.92
CA ASN A 38 -37.31 -30.11 -1.50
C ASN A 38 -36.52 -30.90 -0.47
N ALA A 39 -37.20 -31.56 0.47
CA ALA A 39 -36.49 -32.38 1.45
C ALA A 39 -35.71 -33.50 0.77
N LEU A 40 -36.36 -34.20 -0.17
CA LEU A 40 -35.69 -35.29 -0.87
C LEU A 40 -34.52 -34.78 -1.70
N ARG A 41 -34.70 -33.63 -2.38
CA ARG A 41 -33.62 -33.08 -3.18
C ARG A 41 -32.42 -32.72 -2.31
N ARG A 42 -32.68 -32.06 -1.16
CA ARG A 42 -31.58 -31.68 -0.28
C ARG A 42 -30.86 -32.90 0.28
N ILE A 43 -31.62 -33.92 0.70
CA ILE A 43 -31.00 -35.12 1.26
C ILE A 43 -30.17 -35.83 0.19
N LEU A 44 -30.72 -35.95 -1.03
CA LEU A 44 -30.02 -36.66 -2.09
C LEU A 44 -28.77 -35.93 -2.54
N LEU A 45 -28.83 -34.61 -2.67
CA LEU A 45 -27.66 -33.85 -3.09
C LEU A 45 -26.62 -33.76 -1.99
N SER A 46 -27.05 -33.81 -0.72
CA SER A 46 -26.10 -33.63 0.38
C SER A 46 -25.37 -34.92 0.72
N SER A 47 -26.10 -35.96 1.11
CA SER A 47 -25.50 -37.17 1.68
C SER A 47 -26.07 -38.41 0.97
N MET A 48 -25.31 -38.92 0.01
CA MET A 48 -25.62 -40.20 -0.64
C MET A 48 -24.32 -40.99 -0.74
N PRO A 49 -24.30 -42.23 -0.28
CA PRO A 49 -23.06 -43.01 -0.28
C PRO A 49 -22.63 -43.44 -1.68
N GLY A 50 -21.33 -43.63 -1.83
CA GLY A 50 -20.77 -44.07 -3.09
C GLY A 50 -19.31 -44.44 -2.91
N CYS A 51 -18.72 -44.93 -3.99
CA CYS A 51 -17.33 -45.34 -3.99
C CYS A 51 -16.56 -44.54 -5.04
N ALA A 52 -15.35 -44.11 -4.68
CA ALA A 52 -14.54 -43.28 -5.54
C ALA A 52 -13.07 -43.60 -5.31
N VAL A 53 -12.24 -43.21 -6.28
CA VAL A 53 -10.81 -43.47 -6.21
C VAL A 53 -10.19 -42.62 -5.12
N THR A 54 -9.38 -43.26 -4.26
CA THR A 54 -8.72 -42.58 -3.15
C THR A 54 -7.25 -42.29 -3.42
N GLU A 55 -6.48 -43.27 -3.87
CA GLU A 55 -5.08 -43.06 -4.19
C GLU A 55 -4.68 -43.98 -5.33
N VAL A 56 -3.67 -43.55 -6.09
CA VAL A 56 -3.16 -44.29 -7.24
C VAL A 56 -1.65 -44.45 -7.09
N GLU A 57 -1.15 -45.61 -7.49
CA GLU A 57 0.28 -45.92 -7.41
C GLU A 57 0.74 -46.42 -8.78
N ILE A 58 1.44 -45.58 -9.51
CA ILE A 58 1.95 -45.93 -10.84
C ILE A 58 3.34 -46.52 -10.68
N ASP A 59 3.76 -47.30 -11.67
CA ASP A 59 4.98 -48.10 -11.58
C ASP A 59 6.25 -47.26 -11.40
N GLY A 60 6.57 -46.43 -12.39
CA GLY A 60 7.85 -45.74 -12.41
C GLY A 60 7.87 -44.30 -11.96
N VAL A 61 6.73 -43.73 -11.60
CA VAL A 61 6.64 -42.32 -11.23
C VAL A 61 6.90 -42.17 -9.75
N LEU A 62 7.19 -40.94 -9.33
CA LEU A 62 7.43 -40.64 -7.92
C LEU A 62 6.51 -39.55 -7.38
N HIS A 63 6.14 -38.57 -8.19
CA HIS A 63 5.27 -37.49 -7.74
C HIS A 63 4.34 -37.10 -8.88
N GLU A 64 3.30 -36.32 -8.53
CA GLU A 64 2.29 -35.94 -9.50
C GLU A 64 2.83 -35.01 -10.59
N TYR A 65 3.92 -34.29 -10.30
CA TYR A 65 4.45 -33.27 -11.22
C TYR A 65 5.57 -33.83 -12.11
N SER A 66 5.50 -35.10 -12.46
CA SER A 66 6.50 -35.75 -13.29
C SER A 66 5.89 -36.12 -14.64
N THR A 67 6.69 -36.79 -15.47
CA THR A 67 6.27 -37.25 -16.78
C THR A 67 6.75 -38.69 -16.98
N LYS A 68 6.03 -39.41 -17.83
CA LYS A 68 6.38 -40.78 -18.19
C LYS A 68 6.68 -40.84 -19.68
N GLU A 69 7.80 -41.48 -20.02
CA GLU A 69 8.19 -41.59 -21.42
C GLU A 69 7.31 -42.61 -22.12
N GLY A 70 6.59 -42.15 -23.14
CA GLY A 70 5.68 -42.98 -23.90
C GLY A 70 4.22 -42.61 -23.76
N VAL A 71 3.86 -41.87 -22.72
CA VAL A 71 2.48 -41.43 -22.51
C VAL A 71 2.37 -39.96 -22.88
N GLN A 72 1.21 -39.57 -23.41
CA GLN A 72 1.01 -38.21 -23.88
C GLN A 72 0.78 -37.23 -22.72
N GLU A 73 0.04 -37.67 -21.71
CA GLU A 73 -0.37 -36.77 -20.63
C GLU A 73 0.65 -36.78 -19.49
N ASP A 74 0.58 -35.73 -18.68
CA ASP A 74 1.32 -35.70 -17.42
C ASP A 74 0.58 -36.56 -16.40
N ILE A 75 1.30 -36.88 -15.32
CA ILE A 75 0.69 -37.68 -14.25
C ILE A 75 -0.46 -36.92 -13.60
N LEU A 76 -0.38 -35.59 -13.57
CA LEU A 76 -1.46 -34.79 -13.02
C LEU A 76 -2.77 -35.00 -13.79
N GLU A 77 -2.68 -34.98 -15.13
CA GLU A 77 -3.86 -35.20 -15.94
C GLU A 77 -4.33 -36.65 -15.84
N ILE A 78 -3.41 -37.59 -15.62
CA ILE A 78 -3.80 -38.97 -15.38
C ILE A 78 -4.65 -39.07 -14.11
N LEU A 79 -4.21 -38.40 -13.05
CA LEU A 79 -4.98 -38.40 -11.81
C LEU A 79 -6.32 -37.71 -12.00
N LEU A 80 -6.34 -36.61 -12.76
CA LEU A 80 -7.61 -35.93 -13.03
C LEU A 80 -8.58 -36.82 -13.78
N ASN A 81 -8.08 -37.58 -14.76
CA ASN A 81 -8.92 -38.52 -15.49
C ASN A 81 -9.42 -39.64 -14.57
N LEU A 82 -8.54 -40.15 -13.71
CA LEU A 82 -8.93 -41.23 -12.80
C LEU A 82 -9.93 -40.76 -11.76
N LYS A 83 -9.92 -39.47 -11.42
CA LYS A 83 -10.87 -38.95 -10.45
C LYS A 83 -12.32 -39.14 -10.90
N GLY A 84 -12.56 -39.17 -12.21
CA GLY A 84 -13.88 -39.33 -12.76
C GLY A 84 -14.30 -40.77 -13.01
N LEU A 85 -13.52 -41.75 -12.57
CA LEU A 85 -13.87 -43.14 -12.77
C LEU A 85 -15.05 -43.53 -11.89
N ALA A 86 -16.02 -44.21 -12.49
CA ALA A 86 -17.23 -44.64 -11.79
C ALA A 86 -17.22 -46.16 -11.70
N VAL A 87 -17.25 -46.68 -10.47
CA VAL A 87 -17.20 -48.11 -10.19
C VAL A 87 -18.28 -48.45 -9.17
N ARG A 88 -18.56 -49.75 -9.04
CA ARG A 88 -19.43 -50.28 -8.01
C ARG A 88 -18.73 -51.46 -7.35
N VAL A 89 -18.81 -51.52 -6.02
CA VAL A 89 -18.18 -52.59 -5.25
C VAL A 89 -19.22 -53.18 -4.30
N GLN A 90 -19.21 -54.50 -4.18
CA GLN A 90 -20.16 -55.21 -3.32
C GLN A 90 -19.38 -55.89 -2.19
N GLY A 91 -19.78 -55.59 -0.95
CA GLY A 91 -19.22 -56.25 0.21
C GLY A 91 -17.85 -55.79 0.64
N LYS A 92 -17.21 -54.89 -0.10
CA LYS A 92 -15.88 -54.40 0.22
C LYS A 92 -15.87 -52.88 0.23
N ASP A 93 -14.94 -52.31 0.98
CA ASP A 93 -14.75 -50.87 1.03
C ASP A 93 -13.32 -50.46 0.69
N GLU A 94 -12.42 -51.40 0.46
CA GLU A 94 -11.01 -51.08 0.19
C GLU A 94 -10.49 -51.95 -0.94
N VAL A 95 -11.27 -52.07 -2.02
CA VAL A 95 -10.84 -52.87 -3.17
C VAL A 95 -9.64 -52.21 -3.84
N ILE A 96 -8.81 -53.02 -4.48
CA ILE A 96 -7.64 -52.55 -5.22
C ILE A 96 -7.81 -52.98 -6.67
N LEU A 97 -7.83 -52.00 -7.57
CA LEU A 97 -8.02 -52.24 -9.01
C LEU A 97 -6.66 -52.10 -9.68
N THR A 98 -6.12 -53.22 -10.15
CA THR A 98 -4.85 -53.19 -10.86
C THR A 98 -5.09 -53.01 -12.36
N LEU A 99 -4.22 -52.23 -12.99
CA LEU A 99 -4.29 -51.97 -14.42
C LEU A 99 -2.91 -52.17 -15.02
N ASN A 100 -2.86 -52.84 -16.17
CA ASN A 100 -1.59 -53.09 -16.85
C ASN A 100 -1.87 -53.23 -18.33
N LYS A 101 -1.29 -52.36 -19.14
CA LYS A 101 -1.54 -52.35 -20.58
C LYS A 101 -0.34 -51.78 -21.29
N SER A 102 0.04 -52.39 -22.41
CA SER A 102 1.12 -51.91 -23.26
C SER A 102 0.67 -51.95 -24.72
N GLY A 103 1.24 -51.05 -25.51
CA GLY A 103 0.90 -50.99 -26.92
C GLY A 103 0.76 -49.58 -27.46
N ILE A 104 -0.21 -49.38 -28.36
CA ILE A 104 -0.40 -48.10 -29.03
C ILE A 104 -1.87 -47.73 -28.94
N GLY A 105 -2.14 -46.47 -28.61
CA GLY A 105 -3.50 -45.97 -28.57
C GLY A 105 -3.97 -45.67 -27.16
N PRO A 106 -5.17 -45.12 -27.05
CA PRO A 106 -5.70 -44.77 -25.73
C PRO A 106 -6.03 -46.03 -24.92
N VAL A 107 -5.94 -45.88 -23.59
CA VAL A 107 -6.32 -46.92 -22.66
C VAL A 107 -7.56 -46.46 -21.91
N THR A 108 -8.51 -47.36 -21.72
CA THR A 108 -9.79 -47.04 -21.10
C THR A 108 -9.99 -47.89 -19.85
N ALA A 109 -11.16 -47.75 -19.24
CA ALA A 109 -11.52 -48.56 -18.08
C ALA A 109 -11.86 -49.99 -18.45
N ALA A 110 -11.99 -50.29 -19.75
CA ALA A 110 -12.33 -51.65 -20.16
C ALA A 110 -11.22 -52.63 -19.84
N ASP A 111 -9.96 -52.20 -19.96
CA ASP A 111 -8.82 -53.07 -19.76
C ASP A 111 -8.39 -53.20 -18.30
N ILE A 112 -9.13 -52.56 -17.38
CA ILE A 112 -8.88 -52.78 -15.96
C ILE A 112 -9.15 -54.25 -15.64
N THR A 113 -8.24 -54.87 -14.90
CA THR A 113 -8.35 -56.29 -14.59
C THR A 113 -9.66 -56.59 -13.87
N HIS A 114 -10.33 -57.66 -14.30
CA HIS A 114 -11.64 -58.01 -13.78
C HIS A 114 -11.50 -58.51 -12.35
N ASP A 115 -11.96 -57.71 -11.39
CA ASP A 115 -11.97 -58.12 -10.00
C ASP A 115 -13.18 -59.02 -9.71
N GLY A 116 -13.21 -59.56 -8.49
CA GLY A 116 -14.29 -60.43 -8.08
C GLY A 116 -15.66 -59.79 -8.21
N ASP A 117 -15.92 -58.75 -7.41
CA ASP A 117 -17.18 -58.01 -7.47
C ASP A 117 -16.83 -56.52 -7.66
N VAL A 118 -16.61 -56.14 -8.91
CA VAL A 118 -16.33 -54.75 -9.28
C VAL A 118 -16.93 -54.52 -10.67
N GLU A 119 -17.81 -53.52 -10.78
CA GLU A 119 -18.52 -53.25 -12.02
C GLU A 119 -18.20 -51.84 -12.50
N ILE A 120 -17.75 -51.72 -13.74
CA ILE A 120 -17.48 -50.43 -14.37
C ILE A 120 -18.71 -50.06 -15.18
N VAL A 121 -19.43 -49.03 -14.73
CA VAL A 121 -20.66 -48.65 -15.40
C VAL A 121 -20.38 -48.05 -16.78
N LYS A 122 -19.25 -47.36 -16.93
CA LYS A 122 -18.87 -46.74 -18.21
C LYS A 122 -17.51 -47.27 -18.62
N PRO A 123 -17.44 -48.22 -19.55
CA PRO A 123 -16.15 -48.82 -19.92
C PRO A 123 -15.39 -48.11 -21.02
N GLN A 124 -15.77 -46.89 -21.39
CA GLN A 124 -15.08 -46.14 -22.44
C GLN A 124 -14.38 -44.90 -21.90
N HIS A 125 -14.21 -44.80 -20.59
CA HIS A 125 -13.58 -43.63 -19.97
C HIS A 125 -12.08 -43.67 -20.25
N VAL A 126 -11.60 -42.73 -21.05
CA VAL A 126 -10.19 -42.66 -21.41
C VAL A 126 -9.41 -42.07 -20.26
N ILE A 127 -8.38 -42.78 -19.80
CA ILE A 127 -7.55 -42.32 -18.70
C ILE A 127 -6.11 -42.03 -19.11
N CYS A 128 -5.66 -42.46 -20.28
CA CYS A 128 -4.29 -42.24 -20.72
C CYS A 128 -4.20 -42.48 -22.21
N HIS A 129 -3.10 -42.00 -22.80
CA HIS A 129 -2.81 -42.21 -24.21
C HIS A 129 -1.36 -42.69 -24.34
N LEU A 130 -1.17 -43.83 -25.00
CA LEU A 130 0.15 -44.39 -25.24
C LEU A 130 0.58 -44.06 -26.66
N THR A 131 1.81 -43.58 -26.82
CA THR A 131 2.29 -43.11 -28.11
C THR A 131 3.40 -43.97 -28.69
N ASP A 132 4.29 -44.51 -27.87
CA ASP A 132 5.43 -45.28 -28.34
C ASP A 132 5.09 -46.77 -28.31
N GLU A 133 5.67 -47.51 -29.26
CA GLU A 133 5.35 -48.93 -29.40
C GLU A 133 5.79 -49.72 -28.18
N ASN A 134 7.04 -49.57 -27.76
CA ASN A 134 7.56 -50.31 -26.61
C ASN A 134 7.43 -49.50 -25.33
N ALA A 135 6.20 -49.11 -25.01
CA ALA A 135 5.88 -48.36 -23.79
C ALA A 135 4.86 -49.14 -22.98
N SER A 136 5.07 -49.20 -21.67
CA SER A 136 4.21 -49.97 -20.79
C SER A 136 3.74 -49.09 -19.64
N ILE A 137 2.49 -49.31 -19.23
CA ILE A 137 1.91 -48.62 -18.09
C ILE A 137 1.30 -49.66 -17.16
N SER A 138 1.44 -49.43 -15.85
CA SER A 138 0.93 -50.36 -14.86
C SER A 138 0.73 -49.62 -13.55
N MET A 139 -0.52 -49.54 -13.10
CA MET A 139 -0.86 -48.85 -11.86
C MET A 139 -1.76 -49.71 -11.00
N ARG A 140 -1.88 -49.34 -9.74
CA ARG A 140 -2.78 -49.97 -8.79
C ARG A 140 -3.67 -48.90 -8.18
N ILE A 141 -4.98 -49.04 -8.39
CA ILE A 141 -5.96 -48.04 -7.99
C ILE A 141 -6.70 -48.55 -6.76
N LYS A 142 -6.68 -47.78 -5.69
CA LYS A 142 -7.44 -48.10 -4.48
C LYS A 142 -8.77 -47.35 -4.52
N VAL A 143 -9.87 -48.08 -4.35
CA VAL A 143 -11.21 -47.52 -4.38
C VAL A 143 -11.82 -47.70 -3.00
N GLN A 144 -12.30 -46.60 -2.42
CA GLN A 144 -12.92 -46.62 -1.11
C GLN A 144 -14.36 -46.12 -1.21
N ARG A 145 -15.18 -46.51 -0.24
CA ARG A 145 -16.57 -46.09 -0.15
C ARG A 145 -16.71 -44.98 0.86
N GLY A 146 -17.39 -43.91 0.46
CA GLY A 146 -17.56 -42.75 1.32
C GLY A 146 -18.91 -42.07 1.15
N ARG A 147 -19.06 -40.88 1.73
CA ARG A 147 -20.33 -40.18 1.74
C ARG A 147 -20.27 -38.81 1.08
N GLY A 148 -19.24 -38.02 1.37
CA GLY A 148 -19.16 -36.67 0.84
C GLY A 148 -17.82 -36.33 0.22
N TYR A 149 -17.51 -35.04 0.13
CA TYR A 149 -16.26 -34.59 -0.47
C TYR A 149 -15.17 -34.54 0.60
N VAL A 150 -14.09 -35.26 0.36
CA VAL A 150 -12.97 -35.31 1.29
C VAL A 150 -11.69 -34.89 0.58
N PRO A 151 -11.14 -33.72 0.88
CA PRO A 151 -9.87 -33.32 0.24
C PRO A 151 -8.72 -34.20 0.70
N ALA A 152 -7.68 -34.23 -0.14
CA ALA A 152 -6.53 -35.06 0.14
C ALA A 152 -5.62 -34.45 1.21
N SER A 153 -5.88 -33.21 1.60
CA SER A 153 -5.01 -32.55 2.57
C SER A 153 -5.57 -32.62 3.99
N THR A 154 -6.90 -32.71 4.13
CA THR A 154 -7.51 -32.75 5.45
C THR A 154 -7.21 -34.02 6.21
N ARG A 155 -7.10 -35.16 5.52
CA ARG A 155 -6.85 -36.44 6.18
C ARG A 155 -5.40 -36.46 6.68
N ILE A 156 -5.24 -36.59 7.99
CA ILE A 156 -3.93 -36.58 8.63
C ILE A 156 -3.70 -37.94 9.28
N HIS A 157 -4.80 -38.62 9.61
CA HIS A 157 -4.73 -39.95 10.21
C HIS A 157 -4.01 -40.95 9.32
N SER A 158 -4.00 -40.72 8.00
CA SER A 158 -3.24 -41.58 7.10
C SER A 158 -1.75 -41.45 7.32
N GLU A 159 -1.29 -40.37 7.96
CA GLU A 159 0.12 -40.18 8.26
C GLU A 159 0.57 -40.89 9.53
N GLU A 160 -0.35 -41.57 10.22
CA GLU A 160 0.02 -42.33 11.42
C GLU A 160 1.00 -43.44 11.07
N ASP A 161 0.79 -44.10 9.93
CA ASP A 161 1.73 -45.08 9.40
C ASP A 161 2.47 -44.46 8.22
N GLU A 162 3.79 -44.65 8.18
CA GLU A 162 4.60 -44.02 7.14
C GLU A 162 4.19 -44.52 5.76
N ARG A 163 4.03 -43.58 4.83
CA ARG A 163 3.65 -43.91 3.46
C ARG A 163 4.85 -43.79 2.54
N PRO A 164 5.07 -44.76 1.66
CA PRO A 164 6.27 -44.73 0.83
C PRO A 164 6.23 -43.64 -0.23
N ILE A 165 7.42 -43.29 -0.72
CA ILE A 165 7.53 -42.30 -1.79
C ILE A 165 7.10 -42.94 -3.10
N GLY A 166 5.98 -42.50 -3.64
CA GLY A 166 5.45 -43.06 -4.86
C GLY A 166 3.95 -43.20 -4.83
N ARG A 167 3.36 -43.11 -3.63
CA ARG A 167 1.92 -43.18 -3.51
C ARG A 167 1.31 -41.80 -3.77
N LEU A 168 0.41 -41.73 -4.74
CA LEU A 168 -0.18 -40.48 -5.18
C LEU A 168 -1.60 -40.37 -4.64
N LEU A 169 -1.85 -39.35 -3.83
CA LEU A 169 -3.15 -39.14 -3.21
C LEU A 169 -4.02 -38.26 -4.09
N VAL A 170 -5.22 -38.75 -4.42
CA VAL A 170 -6.17 -37.98 -5.20
C VAL A 170 -7.36 -37.63 -4.30
N ASP A 171 -8.12 -36.62 -4.72
CA ASP A 171 -9.31 -36.21 -3.98
C ASP A 171 -10.42 -37.22 -4.21
N ALA A 172 -11.34 -37.30 -3.26
CA ALA A 172 -12.47 -38.22 -3.31
C ALA A 172 -13.77 -37.44 -3.24
N CYS A 173 -14.69 -37.75 -4.15
CA CYS A 173 -15.99 -37.09 -4.19
C CYS A 173 -17.10 -37.92 -3.55
N TYR A 174 -17.17 -39.21 -3.84
CA TYR A 174 -18.04 -40.20 -3.21
C TYR A 174 -19.51 -40.00 -3.53
N SER A 175 -19.89 -38.95 -4.27
CA SER A 175 -21.30 -38.66 -4.48
C SER A 175 -21.71 -39.07 -5.88
N PRO A 176 -22.55 -40.10 -6.04
CA PRO A 176 -22.97 -40.51 -7.39
C PRO A 176 -23.97 -39.54 -8.02
N VAL A 177 -24.65 -38.77 -7.19
CA VAL A 177 -25.72 -37.90 -7.67
C VAL A 177 -25.13 -36.56 -8.10
N GLU A 178 -25.43 -36.14 -9.32
CA GLU A 178 -24.90 -34.90 -9.87
C GLU A 178 -25.94 -33.82 -10.10
N ARG A 179 -27.15 -34.19 -10.52
CA ARG A 179 -28.20 -33.21 -10.80
C ARG A 179 -29.56 -33.80 -10.43
N ILE A 180 -30.41 -32.96 -9.85
CA ILE A 180 -31.76 -33.38 -9.45
C ILE A 180 -32.71 -32.21 -9.62
N ALA A 181 -33.86 -32.49 -10.23
CA ALA A 181 -34.96 -31.54 -10.32
C ALA A 181 -36.26 -32.25 -9.98
N TYR A 182 -37.29 -31.46 -9.67
CA TYR A 182 -38.58 -32.03 -9.34
C TYR A 182 -39.68 -31.07 -9.76
N ASN A 183 -40.85 -31.62 -10.08
CA ASN A 183 -42.01 -30.83 -10.45
C ASN A 183 -43.24 -31.36 -9.74
N VAL A 184 -44.25 -30.51 -9.57
CA VAL A 184 -45.51 -30.87 -8.96
C VAL A 184 -46.61 -30.69 -10.00
N GLU A 185 -47.36 -31.75 -10.25
CA GLU A 185 -48.41 -31.75 -11.26
C GLU A 185 -49.72 -32.23 -10.63
N ALA A 186 -50.83 -31.83 -11.25
CA ALA A 186 -52.15 -32.24 -10.77
C ALA A 186 -52.34 -33.74 -10.98
N ALA A 187 -52.85 -34.42 -9.96
CA ALA A 187 -53.08 -35.85 -10.04
C ALA A 187 -54.32 -36.15 -10.87
N ARG A 188 -54.41 -37.40 -11.32
CA ARG A 188 -55.55 -37.87 -12.10
C ARG A 188 -56.69 -38.40 -11.23
N VAL A 189 -56.52 -38.41 -9.91
CA VAL A 189 -57.55 -38.90 -9.01
C VAL A 189 -58.68 -37.88 -8.96
N GLU A 190 -59.86 -38.27 -9.44
CA GLU A 190 -61.01 -37.38 -9.48
C GLU A 190 -61.96 -37.55 -8.31
N GLN A 191 -61.98 -38.74 -7.68
CA GLN A 191 -62.82 -38.93 -6.51
C GLN A 191 -62.40 -38.01 -5.38
N ARG A 192 -61.11 -37.86 -5.15
CA ARG A 192 -60.62 -36.86 -4.21
C ARG A 192 -60.78 -35.46 -4.81
N THR A 193 -60.88 -34.47 -3.92
CA THR A 193 -61.12 -33.10 -4.36
C THR A 193 -59.99 -32.58 -5.24
N ASP A 194 -58.78 -32.46 -4.68
CA ASP A 194 -57.65 -31.91 -5.40
C ASP A 194 -56.38 -32.52 -4.84
N LEU A 195 -55.70 -33.35 -5.63
CA LEU A 195 -54.46 -33.99 -5.22
C LEU A 195 -53.34 -33.63 -6.18
N ASP A 196 -52.11 -33.73 -5.70
CA ASP A 196 -50.92 -33.43 -6.47
C ASP A 196 -50.11 -34.71 -6.71
N LYS A 197 -49.17 -34.62 -7.64
CA LYS A 197 -48.25 -35.71 -7.95
C LYS A 197 -46.84 -35.16 -8.04
N LEU A 198 -45.86 -35.96 -7.66
CA LEU A 198 -44.46 -35.57 -7.63
C LEU A 198 -43.66 -36.40 -8.62
N VAL A 199 -42.89 -35.72 -9.46
CA VAL A 199 -42.01 -36.37 -10.42
C VAL A 199 -40.59 -35.88 -10.16
N ILE A 200 -39.71 -36.79 -9.76
CA ILE A 200 -38.32 -36.47 -9.45
C ILE A 200 -37.45 -36.98 -10.59
N GLU A 201 -36.69 -36.08 -11.19
CA GLU A 201 -35.74 -36.43 -12.25
C GLU A 201 -34.33 -36.25 -11.70
N MET A 202 -33.50 -37.28 -11.89
CA MET A 202 -32.16 -37.28 -11.34
C MET A 202 -31.15 -37.70 -12.41
N GLU A 203 -29.95 -37.12 -12.33
CA GLU A 203 -28.84 -37.48 -13.21
C GLU A 203 -27.68 -37.90 -12.34
N THR A 204 -27.26 -39.15 -12.48
CA THR A 204 -26.15 -39.71 -11.71
C THR A 204 -25.04 -40.14 -12.66
N ASN A 205 -24.04 -40.81 -12.12
CA ASN A 205 -22.98 -41.42 -12.91
C ASN A 205 -23.23 -42.90 -13.18
N GLY A 206 -24.43 -43.39 -12.89
CA GLY A 206 -24.77 -44.78 -13.09
C GLY A 206 -24.40 -45.72 -11.96
N THR A 207 -23.86 -45.20 -10.86
CA THR A 207 -23.43 -46.03 -9.74
C THR A 207 -24.60 -46.51 -8.89
N ILE A 208 -25.63 -45.67 -8.70
CA ILE A 208 -26.70 -45.95 -7.75
C ILE A 208 -28.04 -46.00 -8.46
N ASP A 209 -28.90 -46.91 -8.02
CA ASP A 209 -30.25 -47.05 -8.55
C ASP A 209 -31.12 -45.89 -8.07
N PRO A 210 -32.11 -45.49 -8.89
CA PRO A 210 -33.00 -44.40 -8.48
C PRO A 210 -33.86 -44.77 -7.27
N GLU A 211 -34.48 -45.96 -7.33
CA GLU A 211 -35.33 -46.39 -6.23
C GLU A 211 -34.54 -46.54 -4.94
N GLU A 212 -33.33 -47.11 -5.02
CA GLU A 212 -32.49 -47.24 -3.84
C GLU A 212 -32.12 -45.88 -3.27
N ALA A 213 -31.82 -44.91 -4.14
CA ALA A 213 -31.52 -43.56 -3.68
C ALA A 213 -32.71 -42.94 -2.96
N ILE A 214 -33.91 -43.11 -3.52
CA ILE A 214 -35.11 -42.56 -2.88
C ILE A 214 -35.33 -43.20 -1.52
N ARG A 215 -35.17 -44.53 -1.44
CA ARG A 215 -35.34 -45.21 -0.16
C ARG A 215 -34.32 -44.73 0.86
N ARG A 216 -33.06 -44.57 0.43
CA ARG A 216 -32.03 -44.09 1.35
C ARG A 216 -32.34 -42.69 1.86
N ALA A 217 -32.77 -41.79 0.97
CA ALA A 217 -33.11 -40.44 1.38
C ALA A 217 -34.28 -40.45 2.36
N ALA A 218 -35.31 -41.26 2.09
CA ALA A 218 -36.46 -41.32 2.98
C ALA A 218 -36.08 -41.88 4.35
N THR A 219 -35.22 -42.91 4.36
CA THR A 219 -34.77 -43.46 5.64
C THR A 219 -33.97 -42.45 6.43
N ILE A 220 -33.10 -41.68 5.76
CA ILE A 220 -32.34 -40.64 6.45
C ILE A 220 -33.29 -39.61 7.05
N LEU A 221 -34.29 -39.18 6.28
CA LEU A 221 -35.24 -38.20 6.77
C LEU A 221 -36.01 -38.73 7.97
N ALA A 222 -36.46 -39.98 7.91
CA ALA A 222 -37.22 -40.56 9.02
C ALA A 222 -36.36 -40.71 10.26
N GLU A 223 -35.12 -41.17 10.11
CA GLU A 223 -34.23 -41.27 11.27
C GLU A 223 -33.94 -39.92 11.87
N GLN A 224 -33.82 -38.87 11.04
CA GLN A 224 -33.64 -37.53 11.59
C GLN A 224 -34.89 -37.06 12.31
N LEU A 225 -36.08 -37.34 11.77
CA LEU A 225 -37.33 -36.92 12.38
C LEU A 225 -37.67 -37.70 13.64
N GLU A 226 -37.07 -38.86 13.85
CA GLU A 226 -37.36 -39.66 15.05
C GLU A 226 -37.11 -38.86 16.33
N ALA A 227 -36.14 -37.95 16.32
CA ALA A 227 -35.82 -37.19 17.52
C ALA A 227 -36.90 -36.16 17.85
N PHE A 228 -37.60 -35.63 16.86
CA PHE A 228 -38.63 -34.62 17.09
C PHE A 228 -39.91 -35.18 17.70
N VAL A 229 -40.20 -36.46 17.47
CA VAL A 229 -41.44 -37.06 17.95
C VAL A 229 -41.47 -37.20 19.47
N ASP A 230 -40.33 -37.04 20.14
CA ASP A 230 -40.29 -37.04 21.60
C ASP A 230 -39.20 -36.07 22.02
N LEU A 231 -39.60 -34.89 22.49
CA LEU A 231 -38.65 -33.84 22.84
C LEU A 231 -38.19 -33.94 24.30
N ARG A 232 -39.14 -33.85 25.24
CA ARG A 232 -38.84 -33.89 26.66
C ARG A 232 -37.75 -32.89 27.03
N ASP A 233 -36.88 -33.29 27.97
CA ASP A 233 -35.76 -32.45 28.43
C ASP A 233 -36.25 -31.09 28.91
N VAL A 234 -37.35 -31.08 29.65
CA VAL A 234 -37.91 -29.85 30.19
C VAL A 234 -38.14 -29.96 31.69
N GLU A 245 -4.82 -30.77 38.84
CA GLU A 245 -4.02 -31.93 39.19
C GLU A 245 -4.19 -33.05 38.15
N PHE A 246 -3.34 -33.03 37.12
CA PHE A 246 -3.40 -34.02 36.06
C PHE A 246 -2.07 -34.70 35.75
N ASP A 247 -0.94 -34.06 36.01
CA ASP A 247 0.35 -34.66 35.69
C ASP A 247 0.60 -35.86 36.61
N PRO A 248 1.02 -37.00 36.06
CA PRO A 248 1.26 -38.17 36.91
C PRO A 248 2.36 -37.97 37.95
N ILE A 249 3.25 -37.00 37.74
CA ILE A 249 4.26 -36.70 38.75
C ILE A 249 3.60 -36.19 40.03
N LEU A 250 2.47 -35.52 39.90
CA LEU A 250 1.68 -35.12 41.06
C LEU A 250 0.80 -36.29 41.49
N LEU A 251 -0.04 -36.05 42.51
CA LEU A 251 -1.00 -37.03 43.04
C LEU A 251 -0.35 -38.36 43.40
N ARG A 252 0.98 -38.37 43.64
CA ARG A 252 1.66 -39.56 44.13
C ARG A 252 1.79 -39.52 45.64
N PRO A 253 1.94 -40.66 46.32
CA PRO A 253 2.16 -40.62 47.77
C PRO A 253 3.42 -39.85 48.12
N VAL A 254 3.36 -39.11 49.22
CA VAL A 254 4.48 -38.24 49.60
C VAL A 254 5.69 -39.06 50.02
N ASP A 255 5.49 -40.33 50.35
CA ASP A 255 6.61 -41.21 50.71
C ASP A 255 7.24 -41.84 49.47
N ASP A 256 7.56 -40.99 48.49
CA ASP A 256 8.29 -41.40 47.31
C ASP A 256 9.52 -40.54 47.07
N LEU A 257 9.77 -39.55 47.93
CA LEU A 257 10.88 -38.63 47.79
C LEU A 257 12.12 -39.08 48.55
N GLU A 258 12.02 -40.13 49.38
CA GLU A 258 13.14 -40.62 50.19
C GLU A 258 13.71 -39.49 51.05
N LEU A 259 12.85 -38.92 51.89
CA LEU A 259 13.24 -37.83 52.77
C LEU A 259 13.87 -38.39 54.04
N THR A 260 14.38 -37.50 54.88
CA THR A 260 14.98 -37.90 56.14
C THR A 260 13.88 -38.36 57.10
N VAL A 261 14.30 -39.06 58.16
CA VAL A 261 13.36 -39.46 59.20
C VAL A 261 12.80 -38.24 59.91
N ARG A 262 13.62 -37.20 60.05
CA ARG A 262 13.22 -36.03 60.83
C ARG A 262 12.13 -35.24 60.11
N SER A 263 12.19 -35.18 58.77
CA SER A 263 11.14 -34.51 58.02
C SER A 263 9.92 -35.41 57.84
N ALA A 264 10.10 -36.73 57.99
CA ALA A 264 8.98 -37.65 57.86
C ALA A 264 7.93 -37.39 58.93
N ASN A 265 8.36 -37.13 60.17
CA ASN A 265 7.42 -36.82 61.23
C ASN A 265 6.77 -35.45 61.04
N CYS A 266 7.54 -34.48 60.53
CA CYS A 266 7.02 -33.13 60.39
C CYS A 266 5.93 -33.05 59.32
N LEU A 267 6.10 -33.77 58.21
CA LEU A 267 5.10 -33.71 57.15
C LEU A 267 3.76 -34.28 57.61
N LYS A 268 3.80 -35.34 58.42
CA LYS A 268 2.57 -35.90 58.96
C LYS A 268 1.86 -34.92 59.88
N ALA A 269 2.62 -34.18 60.70
CA ALA A 269 2.01 -33.22 61.60
C ALA A 269 1.42 -32.04 60.84
N GLU A 270 2.06 -31.64 59.74
CA GLU A 270 1.62 -30.49 58.95
C GLU A 270 0.58 -30.87 57.89
N ALA A 271 0.00 -32.07 57.98
CA ALA A 271 -1.08 -32.51 57.09
C ALA A 271 -0.66 -32.47 55.63
N ILE A 272 0.53 -32.97 55.34
CA ILE A 272 1.03 -33.12 53.98
C ILE A 272 1.11 -34.62 53.70
N HIS A 273 0.30 -35.09 52.75
CA HIS A 273 0.21 -36.51 52.45
C HIS A 273 0.46 -36.86 50.99
N TYR A 274 0.43 -35.89 50.08
CA TYR A 274 0.66 -36.11 48.66
C TYR A 274 1.80 -35.22 48.19
N ILE A 275 2.38 -35.59 47.04
CA ILE A 275 3.41 -34.77 46.43
C ILE A 275 2.83 -33.41 46.04
N GLY A 276 1.58 -33.40 45.56
CA GLY A 276 1.00 -32.17 45.05
C GLY A 276 0.80 -31.11 46.11
N ASP A 277 0.26 -31.49 47.28
CA ASP A 277 0.05 -30.50 48.33
C ASP A 277 1.35 -29.93 48.87
N LEU A 278 2.46 -30.65 48.70
CA LEU A 278 3.76 -30.14 49.14
C LEU A 278 4.15 -28.90 48.35
N VAL A 279 3.91 -28.90 47.04
CA VAL A 279 4.43 -27.84 46.16
C VAL A 279 3.65 -26.55 46.23
N GLN A 280 2.64 -26.45 47.08
CA GLN A 280 1.81 -25.25 47.18
C GLN A 280 2.12 -24.43 48.44
N ARG A 281 3.29 -24.61 49.04
CA ARG A 281 3.67 -23.92 50.27
C ARG A 281 4.84 -23.00 49.97
N THR A 282 4.75 -21.75 50.43
CA THR A 282 5.83 -20.80 50.24
C THR A 282 6.88 -20.95 51.34
N GLU A 283 8.08 -20.41 51.06
CA GLU A 283 9.18 -20.56 52.00
C GLU A 283 8.94 -19.78 53.30
N VAL A 284 8.33 -18.61 53.20
CA VAL A 284 8.22 -17.73 54.37
C VAL A 284 7.36 -18.37 55.46
N GLU A 285 6.21 -18.94 55.08
CA GLU A 285 5.31 -19.52 56.07
C GLU A 285 5.72 -20.93 56.48
N LEU A 286 6.29 -21.71 55.56
CA LEU A 286 6.72 -23.06 55.90
C LEU A 286 7.86 -23.06 56.92
N LEU A 287 8.74 -22.06 56.88
CA LEU A 287 9.79 -21.96 57.89
C LEU A 287 9.23 -21.74 59.28
N LYS A 288 8.07 -21.11 59.41
CA LYS A 288 7.43 -20.90 60.70
C LYS A 288 6.91 -22.19 61.32
N THR A 289 6.80 -23.26 60.54
CA THR A 289 6.32 -24.53 61.10
C THR A 289 7.30 -25.03 62.14
N PRO A 290 6.82 -25.71 63.18
CA PRO A 290 7.72 -26.13 64.27
C PRO A 290 8.81 -27.07 63.80
N ASN A 291 10.00 -26.91 64.40
CA ASN A 291 11.16 -27.78 64.24
C ASN A 291 11.41 -28.26 62.80
N LEU A 292 11.36 -27.36 61.83
CA LEU A 292 11.73 -27.73 60.47
C LEU A 292 13.25 -27.73 60.29
N GLY A 293 13.92 -26.65 60.68
CA GLY A 293 15.35 -26.56 60.50
C GLY A 293 15.75 -25.97 59.16
N LYS A 294 16.71 -25.03 59.18
CA LYS A 294 17.15 -24.39 57.94
C LYS A 294 17.80 -25.40 57.01
N LYS A 295 18.68 -26.25 57.54
CA LYS A 295 19.39 -27.19 56.69
C LYS A 295 18.50 -28.35 56.25
N SER A 296 17.50 -28.70 57.07
CA SER A 296 16.60 -29.79 56.70
C SER A 296 15.60 -29.35 55.65
N LEU A 297 15.15 -28.09 55.71
CA LEU A 297 14.23 -27.57 54.71
C LEU A 297 14.89 -27.55 53.33
N THR A 298 16.17 -27.21 53.28
CA THR A 298 16.89 -27.20 52.01
C THR A 298 16.94 -28.58 51.38
N GLU A 299 16.96 -29.63 52.21
CA GLU A 299 16.96 -30.99 51.67
C GLU A 299 15.61 -31.34 51.05
N ILE A 300 14.50 -30.82 51.62
CA ILE A 300 13.20 -30.99 50.99
C ILE A 300 13.17 -30.31 49.63
N LYS A 301 13.70 -29.09 49.56
CA LYS A 301 13.80 -28.41 48.28
C LYS A 301 14.77 -29.13 47.35
N ASP A 302 15.85 -29.68 47.91
CA ASP A 302 16.83 -30.40 47.09
C ASP A 302 16.20 -31.63 46.45
N VAL A 303 15.40 -32.38 47.20
CA VAL A 303 14.77 -33.58 46.65
C VAL A 303 13.69 -33.21 45.64
N LEU A 304 12.85 -32.23 45.98
CA LEU A 304 11.81 -31.80 45.05
C LEU A 304 12.40 -31.18 43.79
N ALA A 305 13.60 -30.60 43.89
CA ALA A 305 14.27 -30.11 42.70
C ALA A 305 14.68 -31.25 41.78
N SER A 306 14.96 -32.43 42.34
CA SER A 306 15.31 -33.58 41.51
C SER A 306 14.15 -34.04 40.63
N ARG A 307 12.92 -33.73 41.01
CA ARG A 307 11.76 -34.07 40.20
C ARG A 307 11.32 -32.92 39.29
N GLY A 308 11.96 -31.76 39.40
CA GLY A 308 11.59 -30.62 38.59
C GLY A 308 10.44 -29.80 39.10
N LEU A 309 9.91 -30.11 40.28
CA LEU A 309 8.79 -29.38 40.88
C LEU A 309 9.35 -28.41 41.91
N SER A 310 9.45 -27.14 41.54
CA SER A 310 9.89 -26.12 42.47
C SER A 310 8.82 -25.86 43.53
N LEU A 311 9.27 -25.48 44.72
CA LEU A 311 8.36 -25.23 45.83
C LEU A 311 7.61 -23.92 45.61
N GLY A 312 6.29 -23.97 45.79
CA GLY A 312 5.46 -22.79 45.64
C GLY A 312 4.57 -22.75 44.41
N MET A 313 4.30 -23.89 43.78
CA MET A 313 3.43 -23.92 42.62
C MET A 313 1.98 -23.63 43.02
N ARG A 314 1.20 -23.17 42.04
CA ARG A 314 -0.17 -22.72 42.26
C ARG A 314 -1.11 -23.49 41.34
N LEU A 315 -1.83 -24.47 41.90
CA LEU A 315 -2.84 -25.21 41.16
C LEU A 315 -4.22 -24.60 41.40
N GLU A 316 -5.23 -25.15 40.72
CA GLU A 316 -6.59 -24.63 40.80
C GLU A 316 -7.47 -25.45 41.74
N ASN A 317 -7.62 -26.74 41.48
CA ASN A 317 -8.49 -27.62 42.25
C ASN A 317 -7.69 -28.74 42.89
N TRP A 318 -8.29 -29.38 43.89
CA TRP A 318 -7.63 -30.48 44.59
C TRP A 318 -8.63 -31.58 44.97
N PRO A 319 -8.64 -32.69 44.24
CA PRO A 319 -9.44 -33.85 44.65
C PRO A 319 -8.78 -34.54 45.84
N PRO A 320 -9.54 -35.32 46.61
CA PRO A 320 -8.93 -36.04 47.74
C PRO A 320 -7.85 -37.02 47.31
N ALA A 321 -7.98 -37.64 46.14
CA ALA A 321 -7.00 -38.60 45.67
C ALA A 321 -6.13 -37.99 44.57
N SER B 1 -19.00 -45.82 10.47
CA SER B 1 -18.57 -44.67 9.67
C SER B 1 -19.67 -44.23 8.71
N VAL B 2 -19.75 -44.90 7.55
CA VAL B 2 -20.79 -44.59 6.58
C VAL B 2 -22.15 -45.00 7.13
N THR B 3 -23.19 -44.33 6.63
CA THR B 3 -24.60 -44.54 6.93
C THR B 3 -24.96 -44.05 8.33
N GLU B 4 -23.99 -43.67 9.15
CA GLU B 4 -24.23 -43.15 10.48
C GLU B 4 -24.25 -41.62 10.44
N PHE B 5 -25.35 -41.04 10.91
CA PHE B 5 -25.54 -39.60 10.90
C PHE B 5 -25.70 -39.09 12.32
N LEU B 6 -25.26 -37.85 12.54
CA LEU B 6 -25.34 -37.24 13.86
C LEU B 6 -26.79 -37.07 14.29
N LYS B 7 -27.02 -37.25 15.59
CA LYS B 7 -28.34 -37.09 16.19
C LYS B 7 -28.30 -36.01 17.27
N PRO B 8 -29.33 -35.17 17.36
CA PRO B 8 -29.34 -34.13 18.39
C PRO B 8 -29.34 -34.71 19.79
N ARG B 9 -28.61 -34.05 20.69
CA ARG B 9 -28.57 -34.44 22.10
C ARG B 9 -28.63 -33.19 22.95
N LEU B 10 -29.16 -33.35 24.17
CA LEU B 10 -29.31 -32.24 25.11
C LEU B 10 -30.17 -31.11 24.51
N VAL B 11 -31.42 -31.46 24.20
CA VAL B 11 -32.37 -30.47 23.71
C VAL B 11 -32.73 -29.52 24.85
N ASP B 12 -32.75 -28.22 24.53
CA ASP B 12 -33.07 -27.19 25.51
C ASP B 12 -34.35 -26.48 25.11
N ILE B 13 -35.30 -26.39 26.03
CA ILE B 13 -36.59 -25.74 25.79
C ILE B 13 -36.69 -24.57 26.75
N GLU B 14 -37.00 -23.39 26.22
CA GLU B 14 -37.13 -22.17 27.01
C GLU B 14 -38.60 -21.76 26.99
N GLN B 15 -39.35 -22.21 27.99
CA GLN B 15 -40.77 -21.91 28.07
C GLN B 15 -40.98 -20.44 28.39
N VAL B 16 -41.80 -19.76 27.60
CA VAL B 16 -42.16 -18.37 27.81
C VAL B 16 -43.67 -18.30 27.98
N SER B 17 -44.10 -17.71 29.11
CA SER B 17 -45.51 -17.67 29.47
C SER B 17 -46.11 -19.08 29.47
N SER B 18 -47.14 -19.31 28.65
CA SER B 18 -47.74 -20.62 28.54
C SER B 18 -48.02 -21.05 27.11
N THR B 19 -47.75 -20.20 26.12
CA THR B 19 -47.96 -20.57 24.73
C THR B 19 -46.76 -20.27 23.84
N HIS B 20 -45.69 -19.71 24.38
CA HIS B 20 -44.50 -19.35 23.62
C HIS B 20 -43.33 -20.20 24.09
N ALA B 21 -42.66 -20.88 23.16
CA ALA B 21 -41.52 -21.72 23.50
C ALA B 21 -40.44 -21.57 22.45
N LYS B 22 -39.20 -21.78 22.88
CA LYS B 22 -38.04 -21.77 22.00
C LYS B 22 -37.30 -23.09 22.19
N VAL B 23 -37.11 -23.82 21.11
CA VAL B 23 -36.52 -25.16 21.14
C VAL B 23 -35.19 -25.14 20.41
N THR B 24 -34.15 -25.63 21.07
CA THR B 24 -32.81 -25.71 20.49
C THR B 24 -32.40 -27.17 20.38
N LEU B 25 -32.02 -27.59 19.18
CA LEU B 25 -31.57 -28.95 18.92
C LEU B 25 -30.16 -28.90 18.33
N GLU B 26 -29.25 -29.67 18.93
CA GLU B 26 -27.88 -29.74 18.46
C GLU B 26 -27.22 -31.05 18.86
N PRO B 27 -26.23 -31.53 18.10
CA PRO B 27 -25.76 -31.02 16.81
C PRO B 27 -26.56 -31.58 15.64
N LEU B 28 -26.52 -30.91 14.50
CA LEU B 28 -27.12 -31.41 13.27
C LEU B 28 -26.08 -31.34 12.16
N GLU B 29 -26.04 -32.38 11.34
CA GLU B 29 -25.09 -32.40 10.23
C GLU B 29 -25.41 -31.27 9.26
N ARG B 30 -24.37 -30.78 8.59
CA ARG B 30 -24.49 -29.57 7.78
C ARG B 30 -25.58 -29.72 6.72
N GLY B 31 -26.45 -28.72 6.63
CA GLY B 31 -27.55 -28.72 5.69
C GLY B 31 -28.80 -29.44 6.17
N PHE B 32 -28.77 -30.08 7.34
CA PHE B 32 -29.95 -30.74 7.86
C PHE B 32 -30.83 -29.81 8.68
N GLY B 33 -30.24 -28.77 9.28
CA GLY B 33 -31.05 -27.82 10.03
C GLY B 33 -32.07 -27.13 9.14
N HIS B 34 -31.64 -26.65 7.98
CA HIS B 34 -32.56 -26.00 7.05
C HIS B 34 -33.65 -26.97 6.60
N THR B 35 -33.27 -28.20 6.24
CA THR B 35 -34.26 -29.16 5.75
C THR B 35 -35.30 -29.46 6.81
N LEU B 36 -34.85 -29.82 8.02
CA LEU B 36 -35.79 -30.18 9.08
C LEU B 36 -36.65 -28.99 9.48
N GLY B 37 -36.04 -27.83 9.69
CA GLY B 37 -36.81 -26.66 10.11
C GLY B 37 -37.82 -26.23 9.06
N ASN B 38 -37.43 -26.25 7.79
CA ASN B 38 -38.34 -25.82 6.74
C ASN B 38 -39.49 -26.81 6.55
N ALA B 39 -39.20 -28.11 6.57
CA ALA B 39 -40.27 -29.09 6.47
C ALA B 39 -41.24 -28.96 7.64
N LEU B 40 -40.70 -28.82 8.86
CA LEU B 40 -41.55 -28.69 10.03
C LEU B 40 -42.39 -27.42 9.95
N ARG B 41 -41.79 -26.30 9.54
CA ARG B 41 -42.53 -25.05 9.46
C ARG B 41 -43.62 -25.12 8.40
N ARG B 42 -43.32 -25.71 7.24
CA ARG B 42 -44.33 -25.81 6.19
C ARG B 42 -45.50 -26.68 6.64
N ILE B 43 -45.20 -27.83 7.27
CA ILE B 43 -46.27 -28.69 7.75
C ILE B 43 -47.10 -27.99 8.82
N LEU B 44 -46.43 -27.31 9.75
CA LEU B 44 -47.13 -26.67 10.86
C LEU B 44 -47.98 -25.49 10.39
N LEU B 45 -47.52 -24.76 9.38
CA LEU B 45 -48.18 -23.52 8.97
C LEU B 45 -49.20 -23.72 7.86
N SER B 46 -49.07 -24.75 7.04
CA SER B 46 -49.99 -24.95 5.92
C SER B 46 -50.98 -26.09 6.13
N SER B 47 -50.62 -27.13 6.88
CA SER B 47 -51.48 -28.32 6.99
C SER B 47 -51.44 -28.84 8.43
N MET B 48 -52.39 -28.40 9.25
CA MET B 48 -52.56 -28.90 10.60
C MET B 48 -54.04 -28.90 10.93
N PRO B 49 -54.61 -30.02 11.34
CA PRO B 49 -56.05 -30.04 11.69
C PRO B 49 -56.33 -29.14 12.87
N GLY B 50 -57.49 -28.50 12.83
CA GLY B 50 -57.90 -27.59 13.89
C GLY B 50 -59.30 -27.08 13.64
N CYS B 51 -59.78 -26.29 14.59
CA CYS B 51 -61.14 -25.78 14.58
C CYS B 51 -61.12 -24.27 14.75
N ALA B 52 -61.99 -23.57 14.02
CA ALA B 52 -62.06 -22.12 14.07
C ALA B 52 -63.45 -21.66 13.68
N VAL B 53 -63.82 -20.47 14.16
CA VAL B 53 -65.11 -19.89 13.81
C VAL B 53 -65.08 -19.42 12.36
N THR B 54 -66.08 -19.82 11.58
CA THR B 54 -66.18 -19.43 10.19
C THR B 54 -67.48 -18.72 9.84
N GLU B 55 -68.44 -18.66 10.76
CA GLU B 55 -69.74 -18.05 10.49
C GLU B 55 -70.17 -17.17 11.65
N VAL B 56 -70.78 -16.04 11.32
CA VAL B 56 -71.38 -15.15 12.30
C VAL B 56 -72.76 -14.75 11.83
N GLU B 57 -73.62 -14.38 12.78
CA GLU B 57 -74.98 -13.95 12.49
C GLU B 57 -75.43 -12.99 13.58
N ILE B 58 -75.49 -11.70 13.24
CA ILE B 58 -75.91 -10.66 14.17
C ILE B 58 -77.35 -10.29 13.86
N ASP B 59 -78.21 -10.36 14.87
CA ASP B 59 -79.62 -10.05 14.66
C ASP B 59 -79.78 -8.58 14.29
N GLY B 60 -80.58 -8.32 13.25
CA GLY B 60 -80.77 -6.97 12.76
C GLY B 60 -80.12 -6.76 11.41
N VAL B 61 -79.29 -5.71 11.31
CA VAL B 61 -78.58 -5.45 10.07
C VAL B 61 -77.62 -6.59 9.78
N LEU B 62 -77.55 -7.00 8.51
CA LEU B 62 -76.78 -8.17 8.10
C LEU B 62 -75.73 -7.86 7.04
N HIS B 63 -75.59 -6.61 6.64
CA HIS B 63 -74.61 -6.26 5.63
C HIS B 63 -73.20 -6.30 6.20
N GLU B 64 -72.22 -6.42 5.30
CA GLU B 64 -70.82 -6.39 5.72
C GLU B 64 -70.45 -5.05 6.33
N TYR B 65 -70.95 -3.97 5.75
CA TYR B 65 -70.80 -2.63 6.29
C TYR B 65 -72.11 -2.26 6.99
N SER B 66 -72.02 -1.92 8.28
CA SER B 66 -73.20 -1.70 9.09
C SER B 66 -73.03 -0.47 9.97
N THR B 67 -74.16 0.09 10.38
CA THR B 67 -74.14 1.16 11.38
C THR B 67 -73.90 0.60 12.78
N LYS B 68 -74.08 -0.71 12.97
CA LYS B 68 -73.78 -1.40 14.21
C LYS B 68 -74.65 -0.93 15.37
N GLU B 69 -75.65 -0.10 15.09
CA GLU B 69 -76.60 0.39 16.07
C GLU B 69 -75.93 1.25 17.15
N GLY B 70 -74.63 1.47 17.04
CA GLY B 70 -73.89 2.28 17.99
C GLY B 70 -73.37 1.48 19.16
N VAL B 71 -72.63 0.41 18.87
CA VAL B 71 -72.15 -0.51 19.89
C VAL B 71 -70.71 -0.17 20.33
N GLN B 72 -70.27 1.05 20.08
CA GLN B 72 -68.94 1.57 20.46
C GLN B 72 -67.81 0.84 19.76
N GLU B 73 -68.12 -0.05 18.81
CA GLU B 73 -67.09 -0.84 18.14
C GLU B 73 -67.69 -1.40 16.84
N ASP B 74 -67.01 -1.15 15.73
CA ASP B 74 -67.56 -1.51 14.43
C ASP B 74 -67.68 -3.02 14.27
N ILE B 75 -68.59 -3.44 13.38
CA ILE B 75 -68.84 -4.85 13.18
C ILE B 75 -67.62 -5.53 12.55
N LEU B 76 -66.83 -4.79 11.78
CA LEU B 76 -65.57 -5.34 11.29
C LEU B 76 -64.64 -5.70 12.44
N GLU B 77 -64.57 -4.83 13.45
CA GLU B 77 -63.81 -5.15 14.65
C GLU B 77 -64.42 -6.34 15.39
N ILE B 78 -65.74 -6.49 15.35
CA ILE B 78 -66.38 -7.65 15.96
C ILE B 78 -65.92 -8.93 15.27
N LEU B 79 -65.88 -8.91 13.93
CA LEU B 79 -65.40 -10.06 13.17
C LEU B 79 -63.94 -10.34 13.47
N LEU B 80 -63.12 -9.28 13.58
CA LEU B 80 -61.72 -9.47 13.93
C LEU B 80 -61.56 -10.08 15.31
N ASN B 81 -62.39 -9.68 16.27
CA ASN B 81 -62.38 -10.32 17.58
C ASN B 81 -62.74 -11.79 17.49
N LEU B 82 -63.94 -12.09 16.98
CA LEU B 82 -64.42 -13.48 16.96
C LEU B 82 -63.60 -14.38 16.06
N LYS B 83 -62.77 -13.82 15.17
CA LYS B 83 -61.85 -14.64 14.39
C LYS B 83 -60.80 -15.28 15.29
N GLY B 84 -60.26 -14.53 16.24
CA GLY B 84 -59.14 -14.97 17.04
C GLY B 84 -59.45 -15.86 18.22
N LEU B 85 -60.73 -16.06 18.54
CA LEU B 85 -61.07 -16.92 19.67
C LEU B 85 -60.75 -18.38 19.35
N ALA B 86 -60.13 -19.06 20.29
CA ALA B 86 -59.73 -20.46 20.11
C ALA B 86 -60.72 -21.38 20.80
N VAL B 87 -61.17 -22.41 20.08
CA VAL B 87 -62.17 -23.34 20.58
C VAL B 87 -61.67 -24.77 20.37
N ARG B 88 -61.83 -25.59 21.40
CA ARG B 88 -61.49 -27.01 21.35
C ARG B 88 -62.79 -27.80 21.46
N VAL B 89 -63.35 -28.17 20.32
CA VAL B 89 -64.58 -28.95 20.28
C VAL B 89 -64.23 -30.43 20.28
N GLN B 90 -64.87 -31.18 21.18
CA GLN B 90 -64.55 -32.59 21.40
C GLN B 90 -65.58 -33.47 20.71
N GLY B 91 -65.16 -34.19 19.67
CA GLY B 91 -65.99 -35.20 19.06
C GLY B 91 -67.11 -34.70 18.18
N LYS B 92 -67.16 -33.40 17.89
CA LYS B 92 -68.21 -32.83 17.05
C LYS B 92 -67.56 -32.09 15.89
N ASP B 93 -68.01 -32.39 14.67
CA ASP B 93 -67.48 -31.70 13.50
C ASP B 93 -67.94 -30.24 13.46
N GLU B 94 -69.23 -30.00 13.70
CA GLU B 94 -69.79 -28.65 13.70
C GLU B 94 -70.74 -28.48 14.88
N VAL B 95 -70.67 -27.31 15.50
CA VAL B 95 -71.59 -26.94 16.58
C VAL B 95 -71.84 -25.45 16.49
N ILE B 96 -73.02 -25.03 16.91
CA ILE B 96 -73.46 -23.64 16.81
C ILE B 96 -73.76 -23.12 18.21
N LEU B 97 -73.22 -21.94 18.53
CA LEU B 97 -73.41 -21.31 19.83
C LEU B 97 -74.08 -19.95 19.65
N THR B 98 -74.46 -19.35 20.78
CA THR B 98 -75.16 -18.07 20.78
C THR B 98 -74.81 -17.30 22.05
N LEU B 99 -74.71 -15.98 21.94
CA LEU B 99 -74.41 -15.12 23.08
C LEU B 99 -75.41 -13.97 23.13
N ASN B 100 -76.01 -13.76 24.30
CA ASN B 100 -76.92 -12.65 24.57
C ASN B 100 -76.47 -11.97 25.85
N LYS B 101 -76.55 -10.63 25.88
CA LYS B 101 -76.11 -9.88 27.04
C LYS B 101 -76.91 -8.59 27.19
N SER B 102 -76.88 -8.06 28.40
CA SER B 102 -77.49 -6.78 28.73
C SER B 102 -76.86 -6.25 30.01
N GLY B 103 -77.01 -4.94 30.24
CA GLY B 103 -76.45 -4.32 31.42
C GLY B 103 -75.02 -3.86 31.20
N ILE B 104 -74.77 -2.57 31.47
CA ILE B 104 -73.51 -1.92 31.07
C ILE B 104 -72.32 -2.73 31.56
N GLY B 105 -71.45 -3.11 30.62
CA GLY B 105 -70.28 -3.89 30.92
C GLY B 105 -69.74 -4.59 29.69
N PRO B 106 -68.45 -4.91 29.68
CA PRO B 106 -67.86 -5.59 28.51
C PRO B 106 -68.51 -6.96 28.29
N VAL B 107 -68.62 -7.34 27.02
CA VAL B 107 -69.19 -8.62 26.61
C VAL B 107 -68.03 -9.49 26.18
N THR B 108 -67.63 -10.42 27.05
CA THR B 108 -66.53 -11.31 26.77
C THR B 108 -67.01 -12.59 26.07
N ALA B 109 -66.05 -13.45 25.73
CA ALA B 109 -66.39 -14.72 25.09
C ALA B 109 -67.05 -15.67 26.07
N ALA B 110 -66.77 -15.53 27.37
CA ALA B 110 -67.40 -16.38 28.37
C ALA B 110 -68.91 -16.17 28.44
N ASP B 111 -69.41 -15.01 28.02
CA ASP B 111 -70.84 -14.76 28.02
C ASP B 111 -71.59 -15.61 27.01
N ILE B 112 -70.88 -16.26 26.08
CA ILE B 112 -71.55 -17.18 25.17
C ILE B 112 -72.07 -18.39 25.93
N THR B 113 -73.01 -19.10 25.32
CA THR B 113 -73.54 -20.31 25.94
C THR B 113 -72.46 -21.38 26.01
N HIS B 114 -72.43 -22.09 27.14
CA HIS B 114 -71.41 -23.10 27.40
C HIS B 114 -71.95 -24.46 27.02
N ASP B 115 -71.28 -25.12 26.07
CA ASP B 115 -71.61 -26.48 25.65
C ASP B 115 -70.53 -27.42 26.18
N GLY B 116 -70.92 -28.66 26.47
CA GLY B 116 -69.96 -29.61 27.01
C GLY B 116 -68.83 -29.94 26.04
N ASP B 117 -69.17 -30.07 24.76
CA ASP B 117 -68.16 -30.45 23.76
C ASP B 117 -67.17 -29.32 23.53
N VAL B 118 -67.64 -28.07 23.52
CA VAL B 118 -66.77 -26.93 23.21
C VAL B 118 -65.97 -26.57 24.45
N GLU B 119 -64.76 -26.03 24.23
CA GLU B 119 -63.87 -25.59 25.30
C GLU B 119 -63.21 -24.28 24.84
N ILE B 120 -63.78 -23.15 25.24
CA ILE B 120 -63.23 -21.86 24.84
C ILE B 120 -62.00 -21.57 25.69
N VAL B 121 -60.82 -21.65 25.07
CA VAL B 121 -59.56 -21.34 25.75
C VAL B 121 -59.47 -19.86 26.13
N LYS B 122 -60.09 -18.97 25.37
CA LYS B 122 -60.07 -17.54 25.66
C LYS B 122 -61.48 -17.01 25.96
N PRO B 123 -62.03 -17.36 27.14
CA PRO B 123 -63.37 -16.84 27.47
C PRO B 123 -63.34 -15.42 27.99
N GLN B 124 -62.21 -14.98 28.56
CA GLN B 124 -62.09 -13.59 28.96
C GLN B 124 -61.94 -12.66 27.77
N HIS B 125 -61.76 -13.21 26.57
CA HIS B 125 -61.60 -12.41 25.37
C HIS B 125 -62.86 -11.61 25.11
N VAL B 126 -62.74 -10.29 25.10
CA VAL B 126 -63.88 -9.38 24.97
C VAL B 126 -64.20 -9.23 23.49
N ILE B 127 -65.40 -9.65 23.10
CA ILE B 127 -65.86 -9.43 21.73
C ILE B 127 -66.18 -7.95 21.52
N CYS B 128 -66.89 -7.34 22.46
CA CYS B 128 -67.26 -5.94 22.40
C CYS B 128 -67.62 -5.46 23.80
N HIS B 129 -67.41 -4.18 24.05
CA HIS B 129 -67.79 -3.60 25.34
C HIS B 129 -69.25 -3.20 25.32
N LEU B 130 -70.12 -4.12 24.88
CA LEU B 130 -71.56 -3.94 24.82
C LEU B 130 -71.90 -2.79 23.87
N THR B 131 -73.18 -2.52 23.67
CA THR B 131 -73.60 -1.27 23.05
C THR B 131 -73.22 -0.09 23.95
N ASP B 132 -72.95 1.05 23.33
CA ASP B 132 -72.72 2.27 24.10
C ASP B 132 -73.92 2.53 25.01
N GLU B 133 -73.62 2.85 26.27
CA GLU B 133 -74.63 2.99 27.33
C GLU B 133 -75.29 1.63 27.51
N ASN B 134 -76.61 1.51 27.45
CA ASN B 134 -77.30 0.27 27.75
C ASN B 134 -78.17 -0.14 26.56
N ALA B 135 -77.96 -1.36 26.08
CA ALA B 135 -78.75 -1.98 25.02
C ALA B 135 -78.37 -3.45 24.92
N SER B 136 -79.11 -4.23 24.13
CA SER B 136 -78.82 -5.66 24.02
C SER B 136 -78.31 -6.02 22.63
N ILE B 137 -77.41 -7.01 22.59
CA ILE B 137 -76.94 -7.61 21.35
C ILE B 137 -77.18 -9.11 21.43
N SER B 138 -77.74 -9.68 20.36
CA SER B 138 -77.90 -11.12 20.23
C SER B 138 -77.25 -11.56 18.93
N MET B 139 -76.40 -12.58 19.00
CA MET B 139 -75.68 -13.07 17.83
C MET B 139 -75.37 -14.55 18.01
N ARG B 140 -75.34 -15.27 16.89
CA ARG B 140 -75.04 -16.69 16.89
C ARG B 140 -73.91 -16.98 15.92
N ILE B 141 -72.92 -17.73 16.38
CA ILE B 141 -71.79 -18.12 15.55
C ILE B 141 -71.84 -19.62 15.33
N LYS B 142 -71.08 -20.07 14.32
CA LYS B 142 -70.93 -21.49 14.04
C LYS B 142 -69.45 -21.80 13.87
N VAL B 143 -69.05 -22.99 14.32
CA VAL B 143 -67.66 -23.41 14.27
C VAL B 143 -67.59 -24.77 13.61
N GLN B 144 -66.47 -25.05 12.95
CA GLN B 144 -66.22 -26.36 12.35
C GLN B 144 -64.71 -26.59 12.26
N ARG B 145 -64.35 -27.85 12.10
CA ARG B 145 -62.93 -28.21 12.02
C ARG B 145 -62.50 -28.34 10.56
N GLY B 146 -61.28 -27.91 10.30
CA GLY B 146 -60.73 -27.92 8.94
C GLY B 146 -59.25 -28.17 8.96
N ARG B 147 -58.53 -27.50 8.06
CA ARG B 147 -57.10 -27.74 7.91
C ARG B 147 -56.43 -26.47 7.40
N GLY B 148 -55.31 -26.11 8.04
CA GLY B 148 -54.55 -24.95 7.61
C GLY B 148 -55.31 -23.65 7.77
N TYR B 149 -54.99 -22.70 6.89
CA TYR B 149 -55.67 -21.40 6.86
C TYR B 149 -56.43 -21.30 5.53
N VAL B 150 -57.73 -21.08 5.61
CA VAL B 150 -58.60 -20.99 4.45
C VAL B 150 -59.20 -19.59 4.42
N PRO B 151 -58.70 -18.72 3.55
CA PRO B 151 -59.26 -17.36 3.46
C PRO B 151 -60.67 -17.38 2.91
N ALA B 152 -61.45 -16.38 3.30
CA ALA B 152 -62.83 -16.25 2.84
C ALA B 152 -62.91 -15.45 1.55
N SER B 153 -62.15 -15.92 0.55
CA SER B 153 -62.21 -15.31 -0.78
C SER B 153 -63.58 -15.48 -1.39
N THR B 154 -64.17 -16.66 -1.24
CA THR B 154 -65.53 -16.91 -1.71
C THR B 154 -66.17 -17.96 -0.81
N ARG B 155 -67.50 -17.97 -0.80
CA ARG B 155 -68.23 -18.92 0.04
C ARG B 155 -68.52 -20.21 -0.71
N ILE B 156 -69.20 -20.13 -1.84
CA ILE B 156 -69.61 -21.28 -2.64
C ILE B 156 -70.38 -22.26 -1.78
N HIS B 157 -71.26 -21.73 -0.92
CA HIS B 157 -72.07 -22.55 -0.04
C HIS B 157 -73.52 -22.11 -0.13
N SER B 158 -74.42 -23.08 0.02
CA SER B 158 -75.87 -22.87 -0.08
C SER B 158 -76.16 -22.22 -1.43
N GLU B 159 -77.00 -21.18 -1.49
CA GLU B 159 -77.32 -20.53 -2.74
C GLU B 159 -77.42 -19.02 -2.53
N GLU B 160 -77.06 -18.26 -3.57
CA GLU B 160 -77.13 -16.80 -3.58
C GLU B 160 -76.28 -16.28 -2.41
N ASP B 161 -76.81 -15.40 -1.57
CA ASP B 161 -76.05 -14.83 -0.46
C ASP B 161 -76.59 -15.28 0.90
N GLU B 162 -77.40 -16.34 0.94
CA GLU B 162 -77.95 -16.80 2.21
C GLU B 162 -76.84 -17.28 3.15
N ARG B 163 -75.99 -18.19 2.67
CA ARG B 163 -74.84 -18.61 3.46
C ARG B 163 -73.88 -17.47 3.76
N PRO B 164 -73.52 -16.59 2.81
CA PRO B 164 -72.70 -15.44 3.19
C PRO B 164 -73.28 -14.60 4.32
N ILE B 165 -74.53 -14.16 4.22
CA ILE B 165 -75.10 -13.32 5.28
C ILE B 165 -75.22 -14.12 6.57
N GLY B 166 -75.44 -15.43 6.47
CA GLY B 166 -75.45 -16.28 7.65
C GLY B 166 -74.07 -16.53 8.22
N ARG B 167 -73.02 -16.17 7.49
CA ARG B 167 -71.65 -16.35 7.94
C ARG B 167 -70.82 -15.07 7.96
N LEU B 168 -71.12 -14.12 7.06
CA LEU B 168 -70.35 -12.90 6.85
C LEU B 168 -68.91 -13.17 6.42
N LEU B 169 -68.58 -14.42 6.09
CA LEU B 169 -67.31 -14.80 5.48
C LEU B 169 -66.13 -14.38 6.34
N VAL B 170 -66.07 -14.97 7.54
CA VAL B 170 -64.94 -14.81 8.44
C VAL B 170 -63.84 -15.77 7.99
N ASP B 171 -62.60 -15.26 7.93
CA ASP B 171 -61.48 -16.11 7.57
C ASP B 171 -61.31 -17.22 8.59
N ALA B 172 -61.04 -18.43 8.10
CA ALA B 172 -60.93 -19.61 8.95
C ALA B 172 -59.47 -19.90 9.22
N CYS B 173 -59.09 -19.85 10.50
CA CYS B 173 -57.73 -20.19 10.94
C CYS B 173 -57.81 -21.50 11.70
N TYR B 174 -57.77 -22.61 10.96
CA TYR B 174 -57.92 -23.92 11.57
C TYR B 174 -56.68 -24.32 12.35
N SER B 175 -55.51 -24.24 11.71
CA SER B 175 -54.28 -24.69 12.35
C SER B 175 -53.94 -23.81 13.55
N PRO B 176 -53.75 -24.38 14.73
CA PRO B 176 -53.43 -23.58 15.93
C PRO B 176 -51.95 -23.24 16.01
N VAL B 177 -51.48 -22.43 15.06
CA VAL B 177 -50.09 -21.98 15.01
C VAL B 177 -50.13 -20.51 14.64
N GLU B 178 -49.93 -19.63 15.63
CA GLU B 178 -49.93 -18.19 15.35
C GLU B 178 -48.67 -17.79 14.57
N ARG B 179 -47.52 -18.27 15.01
CA ARG B 179 -46.25 -17.89 14.39
C ARG B 179 -45.21 -18.95 14.64
N ILE B 180 -44.46 -19.28 13.60
CA ILE B 180 -43.31 -20.19 13.71
C ILE B 180 -42.18 -19.63 12.87
N ALA B 181 -40.98 -19.55 13.46
CA ALA B 181 -39.79 -19.10 12.76
C ALA B 181 -38.60 -19.88 13.27
N TYR B 182 -37.71 -20.25 12.35
CA TYR B 182 -36.55 -21.04 12.69
C TYR B 182 -35.28 -20.31 12.26
N ASN B 183 -34.24 -20.44 13.07
CA ASN B 183 -32.93 -19.87 12.77
C ASN B 183 -31.88 -20.97 12.91
N VAL B 184 -30.96 -21.01 11.96
CA VAL B 184 -29.91 -22.02 11.91
C VAL B 184 -28.60 -21.34 12.27
N GLU B 185 -27.91 -21.86 13.27
CA GLU B 185 -26.65 -21.31 13.75
C GLU B 185 -25.56 -22.38 13.69
N ALA B 186 -24.31 -21.93 13.84
CA ALA B 186 -23.18 -22.83 13.74
C ALA B 186 -22.83 -23.42 15.11
N ALA B 187 -22.64 -24.74 15.13
CA ALA B 187 -22.23 -25.44 16.33
C ALA B 187 -21.09 -26.38 15.98
N ARG B 188 -20.24 -26.67 16.97
CA ARG B 188 -19.08 -27.51 16.75
C ARG B 188 -19.07 -28.68 17.74
N VAL B 189 -18.62 -29.83 17.27
CA VAL B 189 -18.36 -31.00 18.11
C VAL B 189 -16.94 -31.48 17.82
N GLU B 190 -16.17 -31.69 18.89
CA GLU B 190 -14.76 -32.09 18.83
C GLU B 190 -14.02 -31.37 17.70
N GLN B 191 -13.26 -32.11 16.89
CA GLN B 191 -12.51 -31.49 15.80
C GLN B 191 -13.43 -30.90 14.73
N ARG B 192 -14.59 -31.51 14.51
CA ARG B 192 -15.52 -31.00 13.52
C ARG B 192 -16.07 -29.64 13.92
N THR B 193 -16.35 -28.81 12.91
CA THR B 193 -16.86 -27.46 13.15
C THR B 193 -18.02 -27.06 12.25
N ASP B 194 -18.30 -27.80 11.18
CA ASP B 194 -19.38 -27.44 10.24
C ASP B 194 -20.64 -28.24 10.58
N LEU B 195 -21.15 -28.00 11.78
CA LEU B 195 -22.39 -28.61 12.23
C LEU B 195 -23.42 -27.53 12.53
N ASP B 196 -24.68 -27.85 12.27
CA ASP B 196 -25.77 -26.89 12.36
C ASP B 196 -26.51 -27.04 13.68
N LYS B 197 -26.92 -25.90 14.25
CA LYS B 197 -27.76 -25.85 15.43
C LYS B 197 -29.08 -25.19 15.04
N LEU B 198 -30.19 -25.85 15.36
CA LEU B 198 -31.51 -25.40 14.94
C LEU B 198 -32.25 -24.80 16.13
N VAL B 199 -32.73 -23.58 15.97
CA VAL B 199 -33.49 -22.89 17.00
C VAL B 199 -34.87 -22.61 16.43
N ILE B 200 -35.91 -23.16 17.05
CA ILE B 200 -37.28 -23.02 16.60
C ILE B 200 -38.02 -22.14 17.61
N GLU B 201 -38.53 -21.01 17.14
CA GLU B 201 -39.28 -20.07 17.96
C GLU B 201 -40.74 -20.15 17.54
N MET B 202 -41.60 -20.63 18.45
CA MET B 202 -42.97 -20.97 18.12
C MET B 202 -43.93 -20.38 19.13
N GLU B 203 -45.07 -19.88 18.64
CA GLU B 203 -46.17 -19.42 19.48
C GLU B 203 -47.46 -20.06 18.98
N THR B 204 -48.41 -20.26 19.89
CA THR B 204 -49.67 -20.91 19.58
C THR B 204 -50.82 -20.11 20.19
N ASN B 205 -51.95 -20.06 19.47
CA ASN B 205 -53.11 -19.33 19.96
C ASN B 205 -53.66 -19.94 21.24
N GLY B 206 -53.65 -21.26 21.36
CA GLY B 206 -54.18 -21.94 22.51
C GLY B 206 -54.61 -23.34 22.13
N THR B 207 -55.19 -24.04 23.12
CA THR B 207 -55.69 -25.41 23.00
C THR B 207 -54.56 -26.40 22.76
N ILE B 208 -53.34 -25.89 22.58
CA ILE B 208 -52.17 -26.71 22.23
C ILE B 208 -50.94 -26.00 22.77
N ASP B 209 -50.13 -26.71 23.56
CA ASP B 209 -48.84 -26.15 23.93
C ASP B 209 -47.82 -26.44 22.83
N PRO B 210 -46.89 -25.51 22.58
CA PRO B 210 -46.12 -25.56 21.32
C PRO B 210 -45.36 -26.86 21.05
N GLU B 211 -44.74 -27.45 22.07
CA GLU B 211 -43.92 -28.64 21.81
C GLU B 211 -44.78 -29.82 21.37
N GLU B 212 -46.02 -29.90 21.85
CA GLU B 212 -46.91 -30.95 21.37
C GLU B 212 -47.26 -30.74 19.91
N ALA B 213 -47.45 -29.49 19.49
CA ALA B 213 -47.69 -29.20 18.08
C ALA B 213 -46.49 -29.57 17.23
N ILE B 214 -45.28 -29.28 17.71
CA ILE B 214 -44.08 -29.70 16.98
C ILE B 214 -44.02 -31.20 16.88
N ARG B 215 -44.34 -31.90 17.97
CA ARG B 215 -44.36 -33.37 17.96
C ARG B 215 -45.38 -33.90 16.97
N ARG B 216 -46.57 -33.29 16.92
CA ARG B 216 -47.60 -33.72 15.98
C ARG B 216 -47.18 -33.51 14.53
N ALA B 217 -46.59 -32.36 14.23
CA ALA B 217 -46.12 -32.10 12.86
C ALA B 217 -45.02 -33.07 12.46
N ALA B 218 -44.08 -33.33 13.38
CA ALA B 218 -43.05 -34.32 13.09
C ALA B 218 -43.66 -35.70 12.89
N THR B 219 -44.67 -36.04 13.69
CA THR B 219 -45.33 -37.34 13.56
C THR B 219 -45.95 -37.51 12.18
N ILE B 220 -46.73 -36.51 11.74
CA ILE B 220 -47.39 -36.65 10.44
C ILE B 220 -46.36 -36.66 9.32
N LEU B 221 -45.34 -35.80 9.40
CA LEU B 221 -44.33 -35.76 8.35
C LEU B 221 -43.57 -37.08 8.26
N ALA B 222 -43.19 -37.66 9.39
CA ALA B 222 -42.43 -38.90 9.37
C ALA B 222 -43.29 -40.09 8.98
N GLU B 223 -44.58 -40.07 9.39
CA GLU B 223 -45.48 -41.15 9.05
C GLU B 223 -45.90 -41.09 7.58
N GLN B 224 -45.77 -39.92 6.95
CA GLN B 224 -45.98 -39.83 5.51
C GLN B 224 -44.98 -40.65 4.71
N LEU B 225 -43.78 -40.87 5.25
CA LEU B 225 -42.71 -41.58 4.54
C LEU B 225 -42.69 -43.07 4.87
N GLU B 226 -43.69 -43.57 5.59
CA GLU B 226 -43.70 -44.98 5.96
C GLU B 226 -43.86 -45.89 4.75
N ALA B 227 -44.25 -45.35 3.59
CA ALA B 227 -44.24 -46.14 2.37
C ALA B 227 -42.83 -46.46 1.90
N PHE B 228 -41.82 -45.74 2.39
CA PHE B 228 -40.43 -46.00 2.04
C PHE B 228 -39.57 -46.43 3.22
N VAL B 229 -39.97 -46.12 4.46
CA VAL B 229 -39.15 -46.44 5.62
C VAL B 229 -39.63 -47.67 6.39
N ASP B 230 -40.82 -48.20 6.06
CA ASP B 230 -41.33 -49.35 6.79
C ASP B 230 -40.45 -50.59 6.56
N LEU B 231 -40.31 -51.02 5.31
CA LEU B 231 -39.46 -52.16 5.01
C LEU B 231 -38.00 -51.83 5.30
N ARG B 232 -37.55 -50.63 4.90
CA ARG B 232 -36.17 -50.20 5.15
C ARG B 232 -36.08 -49.59 6.55
N ASP B 233 -36.17 -50.47 7.55
CA ASP B 233 -36.12 -50.09 8.94
C ASP B 233 -35.10 -50.94 9.68
N VAL B 234 -34.44 -50.33 10.66
CA VAL B 234 -33.43 -51.05 11.44
C VAL B 234 -34.08 -52.15 12.26
N ARG B 235 -35.19 -51.85 12.91
CA ARG B 235 -35.90 -52.82 13.74
C ARG B 235 -37.08 -53.44 12.98
N MET C 1 -6.35 -23.32 -46.42
CA MET C 1 -6.22 -22.06 -47.14
C MET C 1 -6.88 -20.92 -46.37
N VAL C 2 -8.22 -20.96 -46.30
CA VAL C 2 -8.96 -19.93 -45.57
C VAL C 2 -8.61 -19.97 -44.09
N TYR C 3 -8.56 -21.16 -43.51
CA TYR C 3 -8.23 -21.34 -42.10
C TYR C 3 -7.07 -22.30 -41.97
N SER C 4 -6.23 -22.07 -40.96
CA SER C 4 -5.08 -22.91 -40.72
C SER C 4 -5.51 -24.18 -39.97
N TYR C 5 -4.55 -25.10 -39.81
CA TYR C 5 -4.84 -26.35 -39.13
C TYR C 5 -5.19 -26.13 -37.67
N THR C 6 -4.48 -25.20 -37.00
CA THR C 6 -4.75 -24.94 -35.59
C THR C 6 -6.07 -24.19 -35.39
N GLU C 7 -6.60 -23.57 -36.43
CA GLU C 7 -7.85 -22.81 -36.31
C GLU C 7 -9.08 -23.61 -36.70
N LYS C 8 -8.94 -24.60 -37.59
CA LYS C 8 -10.07 -25.44 -37.94
C LYS C 8 -10.54 -26.32 -36.79
N LYS C 9 -9.72 -26.49 -35.75
CA LYS C 9 -10.14 -27.24 -34.58
C LYS C 9 -11.17 -26.45 -33.77
N ARG C 10 -11.10 -25.13 -33.80
CA ARG C 10 -12.01 -24.28 -33.04
C ARG C 10 -12.01 -22.90 -33.67
N ILE C 11 -13.15 -22.49 -34.23
CA ILE C 11 -13.27 -21.21 -34.91
C ILE C 11 -14.14 -20.29 -34.07
N ARG C 12 -13.60 -19.13 -33.72
CA ARG C 12 -14.38 -18.10 -33.05
C ARG C 12 -15.38 -17.49 -34.03
N LYS C 13 -16.56 -17.15 -33.52
CA LYS C 13 -17.56 -16.46 -34.33
C LYS C 13 -17.35 -14.96 -34.18
N ASP C 14 -16.73 -14.35 -35.19
CA ASP C 14 -16.43 -12.93 -35.15
C ASP C 14 -17.64 -12.13 -35.62
N PHE C 15 -17.99 -11.10 -34.86
CA PHE C 15 -19.10 -10.23 -35.24
C PHE C 15 -18.68 -9.10 -36.17
N GLY C 16 -17.38 -8.82 -36.28
CA GLY C 16 -16.85 -8.02 -37.37
C GLY C 16 -17.47 -6.66 -37.59
N LYS C 17 -18.22 -6.55 -38.69
CA LYS C 17 -18.88 -5.37 -39.25
C LYS C 17 -17.90 -4.47 -39.99
N ARG C 18 -16.59 -4.75 -39.98
CA ARG C 18 -15.64 -3.90 -40.67
C ARG C 18 -14.40 -4.71 -41.05
N PRO C 19 -13.93 -4.60 -42.29
CA PRO C 19 -12.74 -5.36 -42.69
C PRO C 19 -11.48 -4.78 -42.07
N GLN C 20 -10.44 -5.62 -42.01
CA GLN C 20 -9.15 -5.23 -41.46
C GLN C 20 -8.18 -4.98 -42.60
N VAL C 21 -7.51 -3.83 -42.56
CA VAL C 21 -6.61 -3.45 -43.65
C VAL C 21 -5.26 -4.14 -43.51
N LEU C 22 -4.55 -3.87 -42.43
CA LEU C 22 -3.29 -4.51 -42.13
C LEU C 22 -3.39 -5.27 -40.81
N ASP C 23 -2.63 -6.36 -40.71
CA ASP C 23 -2.68 -7.19 -39.52
C ASP C 23 -1.91 -6.54 -38.38
N VAL C 24 -2.18 -7.03 -37.16
CA VAL C 24 -1.48 -6.54 -35.97
C VAL C 24 -0.01 -6.88 -36.09
N PRO C 25 0.92 -5.96 -35.75
CA PRO C 25 2.35 -6.27 -35.90
C PRO C 25 2.85 -7.29 -34.89
N TYR C 26 4.17 -7.51 -34.87
CA TYR C 26 4.76 -8.57 -34.08
C TYR C 26 4.56 -8.38 -32.58
N LEU C 27 4.18 -7.17 -32.15
CA LEU C 27 3.88 -6.87 -30.75
C LEU C 27 5.13 -6.87 -29.88
N LEU C 28 6.29 -7.17 -30.48
CA LEU C 28 7.55 -7.16 -29.78
C LEU C 28 8.66 -6.56 -30.63
N SER C 29 8.32 -5.78 -31.64
CA SER C 29 9.29 -5.32 -32.61
C SER C 29 10.22 -4.23 -32.10
N ILE C 30 9.82 -3.48 -31.07
CA ILE C 30 10.63 -2.35 -30.61
C ILE C 30 11.95 -2.84 -30.00
N GLN C 31 11.85 -3.70 -28.98
CA GLN C 31 13.05 -4.20 -28.31
C GLN C 31 13.91 -5.01 -29.27
N LEU C 32 13.27 -5.90 -30.04
CA LEU C 32 14.00 -6.74 -30.98
C LEU C 32 14.76 -5.91 -31.99
N ASP C 33 14.08 -4.95 -32.63
CA ASP C 33 14.71 -4.12 -33.64
C ASP C 33 15.81 -3.25 -33.04
N SER C 34 15.58 -2.69 -31.85
CA SER C 34 16.59 -1.83 -31.24
C SER C 34 17.86 -2.61 -30.92
N PHE C 35 17.72 -3.78 -30.30
CA PHE C 35 18.92 -4.55 -29.99
C PHE C 35 19.57 -5.11 -31.25
N GLN C 36 18.78 -5.44 -32.27
CA GLN C 36 19.35 -5.87 -33.54
C GLN C 36 20.21 -4.77 -34.16
N LYS C 37 19.70 -3.53 -34.19
CA LYS C 37 20.49 -2.42 -34.68
C LYS C 37 21.71 -2.14 -33.82
N PHE C 38 21.61 -2.38 -32.51
CA PHE C 38 22.77 -2.20 -31.65
C PHE C 38 23.85 -3.24 -31.92
N ILE C 39 23.46 -4.47 -32.22
CA ILE C 39 24.41 -5.58 -32.27
C ILE C 39 24.96 -5.80 -33.67
N GLU C 40 24.10 -5.82 -34.69
CA GLU C 40 24.51 -6.30 -36.00
C GLU C 40 25.56 -5.39 -36.62
N GLN C 41 26.38 -5.98 -37.49
CA GLN C 41 27.40 -5.23 -38.20
C GLN C 41 26.77 -4.24 -39.17
N ASP C 42 27.46 -3.12 -39.37
CA ASP C 42 26.99 -2.09 -40.29
C ASP C 42 28.16 -1.59 -41.13
N PRO C 43 28.07 -1.69 -42.46
CA PRO C 43 29.17 -1.21 -43.31
C PRO C 43 29.48 0.26 -43.09
N GLU C 44 28.48 1.09 -42.84
CA GLU C 44 28.69 2.49 -42.50
C GLU C 44 28.70 2.66 -40.99
N GLY C 45 29.29 3.76 -40.53
CA GLY C 45 29.34 4.06 -39.11
C GLY C 45 28.08 4.77 -38.63
N GLN C 46 26.92 4.14 -38.83
CA GLN C 46 25.66 4.78 -38.49
C GLN C 46 25.35 4.65 -37.00
N TYR C 47 25.28 3.41 -36.50
CA TYR C 47 24.90 3.18 -35.11
C TYR C 47 25.51 1.86 -34.64
N GLY C 48 25.67 1.76 -33.32
CA GLY C 48 26.10 0.52 -32.72
C GLY C 48 27.55 0.50 -32.27
N LEU C 49 28.03 -0.72 -32.06
CA LEU C 49 29.41 -0.92 -31.63
C LEU C 49 30.38 -0.39 -32.68
N GLU C 50 30.06 -0.60 -33.96
CA GLU C 50 30.88 -0.05 -35.03
C GLU C 50 30.92 1.47 -34.95
N ALA C 51 29.78 2.10 -34.67
CA ALA C 51 29.74 3.55 -34.56
C ALA C 51 30.60 4.04 -33.40
N ALA C 52 30.52 3.37 -32.24
CA ALA C 52 31.35 3.78 -31.11
C ALA C 52 32.83 3.60 -31.41
N PHE C 53 33.20 2.47 -32.03
CA PHE C 53 34.59 2.23 -32.37
C PHE C 53 35.11 3.28 -33.34
N ARG C 54 34.31 3.63 -34.36
CA ARG C 54 34.72 4.69 -35.28
C ARG C 54 34.75 6.05 -34.58
N SER C 55 33.92 6.23 -33.56
CA SER C 55 33.95 7.49 -32.80
C SER C 55 35.25 7.65 -32.05
N VAL C 56 35.77 6.58 -31.45
CA VAL C 56 37.01 6.70 -30.70
C VAL C 56 38.20 6.34 -31.58
N PHE C 57 38.20 5.13 -32.15
CA PHE C 57 39.30 4.72 -33.01
C PHE C 57 39.19 5.42 -34.36
N PRO C 58 40.34 5.67 -35.03
CA PRO C 58 41.72 5.40 -34.63
C PRO C 58 42.28 6.42 -33.64
N ILE C 59 43.28 6.04 -32.86
CA ILE C 59 43.85 6.90 -31.83
C ILE C 59 45.38 6.76 -31.88
N GLN C 60 46.07 7.88 -31.68
CA GLN C 60 47.52 7.91 -31.62
C GLN C 60 47.98 8.68 -30.39
N SER C 61 49.19 8.40 -29.95
CA SER C 61 49.77 9.13 -28.83
C SER C 61 50.09 10.56 -29.24
N TYR C 62 50.47 11.37 -28.25
CA TYR C 62 50.78 12.78 -28.50
C TYR C 62 52.09 12.86 -29.27
N SER C 63 51.99 12.90 -30.59
CA SER C 63 53.14 12.95 -31.51
C SER C 63 54.11 11.79 -31.31
N GLY C 64 53.62 10.66 -30.77
CA GLY C 64 54.45 9.50 -30.54
C GLY C 64 54.65 8.60 -31.73
N ASN C 65 54.02 8.91 -32.86
CA ASN C 65 54.16 8.14 -34.10
C ASN C 65 53.80 6.67 -33.90
N SER C 66 52.75 6.43 -33.11
CA SER C 66 52.25 5.08 -32.87
C SER C 66 50.74 5.14 -32.74
N GLU C 67 50.04 4.39 -33.59
CA GLU C 67 48.58 4.40 -33.62
C GLU C 67 48.06 2.97 -33.60
N LEU C 68 46.83 2.82 -33.11
CA LEU C 68 46.11 1.55 -33.15
C LEU C 68 44.98 1.67 -34.17
N GLN C 69 45.06 0.89 -35.24
CA GLN C 69 44.04 0.89 -36.28
C GLN C 69 43.06 -0.24 -36.05
N TYR C 70 41.77 0.10 -36.08
CA TYR C 70 40.69 -0.85 -35.79
C TYR C 70 40.05 -1.29 -37.10
N VAL C 71 39.93 -2.60 -37.29
CA VAL C 71 39.32 -3.18 -38.48
C VAL C 71 38.36 -4.27 -38.01
N SER C 72 37.06 -4.01 -38.11
CA SER C 72 36.00 -4.99 -37.86
C SER C 72 35.99 -5.53 -36.43
N TYR C 73 34.97 -6.32 -36.12
CA TYR C 73 34.84 -6.97 -34.82
C TYR C 73 33.85 -8.11 -34.96
N ARG C 74 33.85 -9.00 -33.97
CA ARG C 74 32.98 -10.16 -34.00
C ARG C 74 32.58 -10.53 -32.58
N LEU C 75 31.49 -11.28 -32.46
CA LEU C 75 31.01 -11.80 -31.19
C LEU C 75 31.07 -13.32 -31.23
N GLY C 76 31.72 -13.91 -30.23
CA GLY C 76 31.86 -15.35 -30.18
C GLY C 76 30.56 -16.05 -29.81
N GLU C 77 30.53 -17.34 -30.10
CA GLU C 77 29.35 -18.14 -29.75
C GLU C 77 29.21 -18.24 -28.24
N PRO C 78 28.01 -18.10 -27.70
CA PRO C 78 27.83 -18.24 -26.24
C PRO C 78 28.19 -19.65 -25.78
N VAL C 79 28.77 -19.71 -24.58
CA VAL C 79 29.21 -21.01 -24.05
C VAL C 79 28.08 -21.75 -23.33
N PHE C 80 26.95 -21.09 -23.07
CA PHE C 80 25.75 -21.76 -22.56
C PHE C 80 24.53 -21.25 -23.30
N ASP C 81 23.58 -22.14 -23.55
CA ASP C 81 22.31 -21.75 -24.11
C ASP C 81 21.42 -21.17 -23.01
N VAL C 82 20.20 -20.75 -23.39
CA VAL C 82 19.35 -20.02 -22.46
C VAL C 82 18.90 -20.89 -21.30
N GLN C 83 18.47 -22.13 -21.59
CA GLN C 83 17.85 -22.96 -20.56
C GLN C 83 18.85 -23.35 -19.48
N GLU C 84 20.03 -23.85 -19.88
CA GLU C 84 21.04 -24.20 -18.89
C GLU C 84 21.61 -22.97 -18.21
N CYS C 85 21.62 -21.84 -18.91
CA CYS C 85 22.04 -20.59 -18.29
C CYS C 85 21.11 -20.21 -17.15
N GLN C 86 19.80 -20.36 -17.35
CA GLN C 86 18.85 -20.07 -16.27
C GLN C 86 18.94 -21.12 -15.16
N ILE C 87 19.14 -22.39 -15.53
CA ILE C 87 19.22 -23.43 -14.52
C ILE C 87 20.51 -23.36 -13.71
N ARG C 88 21.54 -22.70 -14.23
CA ARG C 88 22.81 -22.58 -13.52
C ARG C 88 22.90 -21.31 -12.68
N GLY C 89 22.23 -20.23 -13.10
CA GLY C 89 22.29 -18.99 -12.37
C GLY C 89 23.43 -18.10 -12.82
N VAL C 90 23.69 -18.06 -14.12
CA VAL C 90 24.79 -17.29 -14.69
C VAL C 90 24.21 -16.40 -15.80
N THR C 91 25.03 -15.44 -16.25
CA THR C 91 24.61 -14.48 -17.26
C THR C 91 24.73 -15.08 -18.65
N TYR C 92 23.74 -14.80 -19.50
CA TYR C 92 23.75 -15.24 -20.89
C TYR C 92 24.37 -14.13 -21.73
N SER C 93 25.62 -14.33 -22.13
CA SER C 93 26.36 -13.30 -22.85
C SER C 93 27.31 -13.95 -23.85
N ALA C 94 27.79 -13.14 -24.78
CA ALA C 94 28.72 -13.59 -25.80
C ALA C 94 30.02 -12.81 -25.72
N PRO C 95 31.17 -13.46 -25.92
CA PRO C 95 32.44 -12.73 -25.87
C PRO C 95 32.56 -11.75 -27.02
N LEU C 96 33.28 -10.66 -26.75
CA LEU C 96 33.50 -9.60 -27.73
C LEU C 96 34.94 -9.67 -28.22
N ARG C 97 35.12 -10.09 -29.47
CA ARG C 97 36.43 -10.17 -30.11
C ARG C 97 36.58 -8.99 -31.05
N VAL C 98 37.65 -8.22 -30.89
CA VAL C 98 37.92 -7.05 -31.70
C VAL C 98 39.29 -7.22 -32.35
N LYS C 99 39.36 -7.03 -33.66
CA LYS C 99 40.61 -7.13 -34.41
C LYS C 99 41.14 -5.72 -34.66
N LEU C 100 42.38 -5.49 -34.23
CA LEU C 100 43.01 -4.19 -34.41
C LEU C 100 44.51 -4.39 -34.56
N ARG C 101 45.16 -3.40 -35.18
CA ARG C 101 46.58 -3.50 -35.52
C ARG C 101 47.34 -2.31 -34.94
N LEU C 102 48.62 -2.55 -34.64
CA LEU C 102 49.51 -1.51 -34.16
C LEU C 102 50.44 -1.06 -35.29
N VAL C 103 50.49 0.24 -35.51
CA VAL C 103 51.35 0.83 -36.54
C VAL C 103 52.32 1.78 -35.86
N ILE C 104 53.60 1.68 -36.24
CA ILE C 104 54.65 2.53 -35.71
C ILE C 104 55.15 3.40 -36.85
N TYR C 105 54.99 4.71 -36.71
CA TYR C 105 55.37 5.65 -37.76
C TYR C 105 56.83 6.04 -37.62
N GLU C 106 57.41 6.47 -38.74
CA GLU C 106 58.82 6.85 -38.76
C GLU C 106 59.01 8.22 -38.11
N ARG C 107 59.96 8.30 -37.17
CA ARG C 107 60.27 9.57 -36.54
C ARG C 107 61.06 10.48 -37.49
N GLU C 108 62.02 9.92 -38.21
CA GLU C 108 62.83 10.72 -39.13
C GLU C 108 62.03 11.14 -40.35
N ALA C 109 61.28 10.21 -40.93
CA ALA C 109 60.51 10.51 -42.14
C ALA C 109 59.08 10.87 -41.77
N PRO C 110 58.63 12.11 -42.02
CA PRO C 110 57.24 12.46 -41.71
C PRO C 110 56.26 11.66 -42.55
N GLU C 111 55.13 11.31 -41.93
CA GLU C 111 54.05 10.57 -42.57
C GLU C 111 54.52 9.21 -43.10
N GLY C 112 55.58 8.65 -42.53
CA GLY C 112 56.06 7.35 -42.93
C GLY C 112 55.99 6.36 -41.77
N THR C 113 55.87 5.09 -42.11
CA THR C 113 55.75 4.02 -41.12
C THR C 113 56.94 3.08 -41.21
N VAL C 114 57.27 2.46 -40.08
CA VAL C 114 58.39 1.54 -40.02
C VAL C 114 57.93 0.14 -39.61
N LYS C 115 56.78 0.06 -38.93
CA LYS C 115 56.27 -1.21 -38.45
C LYS C 115 54.76 -1.24 -38.60
N ASP C 116 54.23 -2.45 -38.80
CA ASP C 116 52.79 -2.66 -38.92
C ASP C 116 52.50 -4.08 -38.42
N ILE C 117 52.10 -4.20 -37.16
CA ILE C 117 51.80 -5.48 -36.55
C ILE C 117 50.31 -5.74 -36.67
N LYS C 118 49.93 -6.71 -37.48
CA LYS C 118 48.53 -7.07 -37.67
C LYS C 118 48.19 -8.30 -36.82
N GLU C 119 48.17 -8.09 -35.51
CA GLU C 119 47.87 -9.16 -34.59
C GLU C 119 46.39 -9.54 -34.68
N GLN C 120 46.07 -10.74 -34.19
CA GLN C 120 44.72 -11.27 -34.29
C GLN C 120 43.78 -10.53 -33.34
N GLU C 121 42.53 -11.00 -33.30
CA GLU C 121 41.51 -10.36 -32.47
C GLU C 121 41.85 -10.49 -30.99
N VAL C 122 41.42 -9.51 -30.21
CA VAL C 122 41.64 -9.49 -28.77
C VAL C 122 40.29 -9.37 -28.07
N TYR C 123 40.28 -9.67 -26.77
CA TYR C 123 39.06 -9.77 -25.99
C TYR C 123 38.97 -8.63 -24.98
N MET C 124 37.85 -7.91 -24.99
CA MET C 124 37.53 -6.95 -23.93
C MET C 124 36.06 -7.11 -23.56
N GLY C 125 35.80 -7.67 -22.38
CA GLY C 125 34.46 -7.75 -21.84
C GLY C 125 33.51 -8.66 -22.58
N GLU C 126 32.32 -8.86 -22.03
CA GLU C 126 31.28 -9.67 -22.63
C GLU C 126 30.00 -8.86 -22.72
N ILE C 127 29.38 -8.85 -23.88
CA ILE C 127 28.14 -8.11 -24.13
C ILE C 127 26.97 -9.07 -23.96
N PRO C 128 26.09 -8.86 -22.98
CA PRO C 128 24.91 -9.72 -22.85
C PRO C 128 24.02 -9.63 -24.08
N LEU C 129 23.42 -10.78 -24.42
CA LEU C 129 22.52 -10.88 -25.55
C LEU C 129 21.09 -11.00 -25.05
N MET C 130 20.15 -10.66 -25.92
CA MET C 130 18.73 -10.81 -25.62
C MET C 130 18.19 -12.10 -26.23
N THR C 131 17.23 -12.70 -25.53
CA THR C 131 16.61 -13.93 -26.00
C THR C 131 15.69 -13.62 -27.17
N ASP C 132 15.08 -14.67 -27.73
CA ASP C 132 14.16 -14.49 -28.85
C ASP C 132 12.93 -13.70 -28.46
N ASN C 133 12.62 -13.60 -27.16
CA ASN C 133 11.45 -12.88 -26.69
C ASN C 133 11.76 -11.48 -26.17
N GLY C 134 13.00 -11.02 -26.32
CA GLY C 134 13.35 -9.69 -25.88
C GLY C 134 13.67 -9.59 -24.40
N THR C 135 14.32 -10.60 -23.84
CA THR C 135 14.68 -10.62 -22.43
C THR C 135 16.18 -10.83 -22.29
N PHE C 136 16.74 -10.27 -21.23
CA PHE C 136 18.18 -10.32 -20.96
C PHE C 136 18.43 -11.21 -19.76
N VAL C 137 18.84 -12.45 -20.01
CA VAL C 137 19.08 -13.41 -18.94
C VAL C 137 20.40 -13.07 -18.27
N ILE C 138 20.34 -12.35 -17.16
CA ILE C 138 21.51 -11.96 -16.38
C ILE C 138 21.39 -12.54 -14.99
N ASN C 139 22.46 -13.20 -14.53
CA ASN C 139 22.50 -13.82 -13.20
C ASN C 139 21.34 -14.79 -12.99
N GLY C 140 21.01 -15.54 -14.05
CA GLY C 140 19.92 -16.49 -13.97
C GLY C 140 18.55 -15.86 -13.75
N THR C 141 18.32 -14.68 -14.31
CA THR C 141 17.04 -13.98 -14.16
C THR C 141 16.53 -13.53 -15.51
N GLU C 142 15.51 -12.68 -15.54
CA GLU C 142 14.90 -12.25 -16.78
C GLU C 142 15.19 -10.79 -17.12
N ARG C 143 14.87 -9.86 -16.22
CA ARG C 143 15.39 -8.49 -16.25
C ARG C 143 15.13 -7.81 -17.60
N VAL C 144 13.83 -7.61 -17.88
CA VAL C 144 13.46 -6.87 -19.09
C VAL C 144 13.83 -5.40 -18.91
N ILE C 145 14.06 -4.72 -20.03
CA ILE C 145 14.48 -3.32 -20.03
C ILE C 145 13.33 -2.49 -20.60
N VAL C 146 12.95 -1.43 -19.88
CA VAL C 146 11.79 -0.62 -20.20
C VAL C 146 12.24 0.61 -20.98
N SER C 147 11.54 0.91 -22.07
CA SER C 147 11.86 2.09 -22.87
C SER C 147 11.55 3.37 -22.11
N GLN C 148 12.16 4.46 -22.56
CA GLN C 148 12.08 5.74 -21.87
C GLN C 148 11.54 6.81 -22.81
N LEU C 149 10.68 7.68 -22.27
CA LEU C 149 10.10 8.81 -23.00
C LEU C 149 10.68 10.09 -22.43
N HIS C 150 11.56 10.73 -23.17
CA HIS C 150 12.26 11.94 -22.73
C HIS C 150 12.07 13.05 -23.75
N ARG C 151 12.64 14.22 -23.44
CA ARG C 151 12.55 15.38 -24.31
C ARG C 151 13.62 15.30 -25.39
N SER C 152 13.21 15.51 -26.64
CA SER C 152 14.15 15.46 -27.74
C SER C 152 15.11 16.65 -27.68
N PRO C 153 16.40 16.44 -27.92
CA PRO C 153 17.33 17.57 -27.95
C PRO C 153 16.97 18.56 -29.05
N GLY C 154 17.14 19.84 -28.75
CA GLY C 154 16.81 20.90 -29.69
C GLY C 154 16.60 22.24 -29.03
N VAL C 155 15.64 23.01 -29.54
CA VAL C 155 15.32 24.33 -29.01
C VAL C 155 13.84 24.36 -28.62
N PHE C 156 13.56 24.84 -27.42
CA PHE C 156 12.20 24.94 -26.92
C PHE C 156 11.97 26.33 -26.33
N PHE C 157 10.88 26.97 -26.72
CA PHE C 157 10.50 28.28 -26.21
C PHE C 157 9.30 28.14 -25.30
N ASP C 158 9.35 28.82 -24.14
CA ASP C 158 8.35 28.66 -23.11
C ASP C 158 8.01 30.03 -22.54
N SER C 159 6.87 30.12 -21.85
CA SER C 159 6.40 31.36 -21.27
C SER C 159 6.12 31.28 -19.77
N ASP C 160 6.45 30.16 -19.13
CA ASP C 160 6.27 29.91 -17.69
C ASP C 160 4.92 30.40 -17.16
N LYS C 161 3.88 30.30 -17.98
CA LYS C 161 2.51 30.65 -17.62
C LYS C 161 2.36 32.14 -17.30
N GLY C 162 3.45 32.90 -17.41
CA GLY C 162 3.40 34.34 -17.22
C GLY C 162 3.02 34.80 -15.83
N LYS C 163 3.22 33.97 -14.81
CA LYS C 163 2.90 34.33 -13.43
C LYS C 163 4.14 34.04 -12.57
N THR C 164 5.06 34.99 -12.52
CA THR C 164 6.24 34.89 -11.68
C THR C 164 6.50 36.18 -10.89
N HIS C 165 6.30 37.34 -11.52
CA HIS C 165 6.55 38.62 -10.87
C HIS C 165 5.29 39.25 -10.31
N SER C 166 4.15 38.57 -10.39
CA SER C 166 2.86 39.02 -9.86
C SER C 166 2.37 40.31 -10.50
N SER C 167 3.00 40.75 -11.59
CA SER C 167 2.61 41.96 -12.29
C SER C 167 1.83 41.68 -13.57
N GLY C 168 1.55 40.42 -13.87
CA GLY C 168 0.88 40.06 -15.10
C GLY C 168 1.76 40.09 -16.32
N LYS C 169 3.07 40.23 -16.16
CA LYS C 169 4.00 40.30 -17.29
C LYS C 169 4.46 38.89 -17.63
N VAL C 170 4.27 38.50 -18.88
CA VAL C 170 4.62 37.16 -19.33
C VAL C 170 6.09 37.13 -19.72
N LEU C 171 6.82 36.15 -19.19
CA LEU C 171 8.26 36.05 -19.41
C LEU C 171 8.56 34.91 -20.37
N TYR C 172 9.27 35.22 -21.46
CA TYR C 172 9.67 34.23 -22.44
C TYR C 172 11.12 33.81 -22.21
N ASN C 173 11.38 32.51 -22.36
CA ASN C 173 12.72 31.96 -22.23
C ASN C 173 12.96 30.94 -23.35
N ALA C 174 14.24 30.77 -23.69
CA ALA C 174 14.64 29.81 -24.70
C ALA C 174 15.72 28.89 -24.13
N ARG C 175 15.61 27.61 -24.44
CA ARG C 175 16.55 26.60 -23.94
C ARG C 175 17.11 25.81 -25.11
N ILE C 176 18.42 25.54 -25.06
CA ILE C 176 19.08 24.67 -26.03
C ILE C 176 19.60 23.46 -25.27
N ILE C 177 19.06 22.28 -25.59
CA ILE C 177 19.38 21.05 -24.90
C ILE C 177 20.14 20.14 -25.85
N PRO C 178 21.39 19.81 -25.57
CA PRO C 178 22.10 18.81 -26.38
C PRO C 178 21.93 17.41 -25.82
N TYR C 179 22.24 16.42 -26.66
CA TYR C 179 22.20 15.04 -26.21
C TYR C 179 23.23 14.80 -25.11
N ARG C 180 24.43 15.33 -25.28
CA ARG C 180 25.47 15.26 -24.26
C ARG C 180 26.22 16.59 -24.25
N GLY C 181 26.33 17.19 -23.08
CA GLY C 181 27.02 18.45 -22.93
C GLY C 181 26.34 19.31 -21.87
N SER C 182 26.65 20.60 -21.92
CA SER C 182 26.14 21.58 -20.98
C SER C 182 25.00 22.36 -21.61
N TRP C 183 23.97 22.62 -20.81
CA TRP C 183 22.80 23.34 -21.32
C TRP C 183 23.12 24.82 -21.54
N LEU C 184 22.32 25.44 -22.41
CA LEU C 184 22.37 26.87 -22.65
C LEU C 184 20.96 27.42 -22.55
N ASP C 185 20.85 28.65 -22.05
CA ASP C 185 19.54 29.21 -21.74
C ASP C 185 19.54 30.72 -21.98
N PHE C 186 18.38 31.24 -22.36
CA PHE C 186 18.13 32.67 -22.47
C PHE C 186 16.85 33.01 -21.71
N GLU C 187 16.84 34.14 -21.03
CA GLU C 187 15.71 34.51 -20.19
C GLU C 187 15.40 36.00 -20.36
N PHE C 188 14.17 36.36 -20.00
CA PHE C 188 13.70 37.74 -20.06
C PHE C 188 13.50 38.25 -18.65
N ASP C 189 14.13 39.37 -18.32
CA ASP C 189 13.90 40.05 -17.06
C ASP C 189 12.56 40.80 -17.10
N PRO C 190 11.96 41.06 -15.93
CA PRO C 190 10.77 41.92 -15.93
C PRO C 190 11.07 43.35 -16.34
N LYS C 191 12.34 43.77 -16.32
CA LYS C 191 12.77 45.05 -16.86
C LYS C 191 13.19 44.95 -18.32
N ASP C 192 12.88 43.84 -18.99
CA ASP C 192 13.19 43.61 -20.40
C ASP C 192 14.69 43.69 -20.65
N ASN C 193 15.42 42.75 -20.05
CA ASN C 193 16.86 42.64 -20.22
C ASN C 193 17.21 41.22 -20.62
N LEU C 194 18.06 41.08 -21.65
CA LEU C 194 18.46 39.76 -22.12
C LEU C 194 19.48 39.16 -21.15
N PHE C 195 19.11 38.02 -20.56
CA PHE C 195 19.97 37.32 -19.62
C PHE C 195 20.08 35.85 -20.00
N VAL C 196 21.29 35.32 -19.87
CA VAL C 196 21.58 33.93 -20.16
C VAL C 196 21.86 33.19 -18.86
N ARG C 197 21.58 31.90 -18.85
CA ARG C 197 21.85 31.03 -17.70
C ARG C 197 22.56 29.79 -18.23
N ILE C 198 23.88 29.89 -18.37
CA ILE C 198 24.69 28.80 -18.92
C ILE C 198 24.96 27.80 -17.82
N ASP C 199 24.62 26.53 -18.07
CA ASP C 199 24.81 25.45 -17.11
C ASP C 199 24.07 25.73 -15.79
N ARG C 200 22.95 26.44 -15.89
CA ARG C 200 22.10 26.75 -14.73
C ARG C 200 22.85 27.53 -13.66
N ARG C 201 23.74 28.41 -14.08
CA ARG C 201 24.52 29.20 -13.13
C ARG C 201 23.82 30.54 -12.93
N ARG C 202 24.50 31.51 -12.33
CA ARG C 202 23.93 32.83 -12.15
C ARG C 202 23.73 33.52 -13.49
N LYS C 203 22.71 34.39 -13.55
CA LYS C 203 22.32 35.05 -14.78
C LYS C 203 23.33 36.12 -15.18
N LEU C 204 23.74 36.11 -16.44
CA LEU C 204 24.63 37.11 -17.01
C LEU C 204 24.04 37.61 -18.32
N PRO C 205 24.34 38.84 -18.70
CA PRO C 205 23.82 39.37 -19.98
C PRO C 205 24.37 38.58 -21.16
N ALA C 206 23.56 38.51 -22.22
CA ALA C 206 23.96 37.81 -23.44
C ALA C 206 25.11 38.49 -24.15
N THR C 207 25.43 39.74 -23.80
CA THR C 207 26.45 40.48 -24.53
C THR C 207 27.84 39.90 -24.32
N ILE C 208 28.09 39.22 -23.21
CA ILE C 208 29.41 38.62 -23.01
C ILE C 208 29.66 37.52 -24.02
N ILE C 209 28.70 36.60 -24.16
CA ILE C 209 28.82 35.55 -25.18
C ILE C 209 28.80 36.16 -26.57
N LEU C 210 27.99 37.20 -26.76
CA LEU C 210 27.84 37.79 -28.09
C LEU C 210 29.14 38.47 -28.54
N ARG C 211 29.86 39.08 -27.60
CA ARG C 211 31.16 39.68 -27.90
C ARG C 211 32.27 38.63 -27.97
N ALA C 212 32.15 37.53 -27.22
CA ALA C 212 33.16 36.48 -27.26
C ALA C 212 33.28 35.81 -28.61
N LEU C 213 32.29 35.99 -29.50
CA LEU C 213 32.32 35.44 -30.84
C LEU C 213 32.97 36.39 -31.85
N ASN C 214 33.86 37.27 -31.39
CA ASN C 214 34.56 38.23 -32.24
C ASN C 214 33.57 39.13 -32.97
N TYR C 215 32.69 39.77 -32.21
CA TYR C 215 31.67 40.67 -32.75
C TYR C 215 31.84 42.04 -32.13
N THR C 216 32.06 43.05 -32.97
CA THR C 216 32.19 44.42 -32.50
C THR C 216 30.81 45.07 -32.32
N THR C 217 30.79 46.18 -31.57
CA THR C 217 29.54 46.85 -31.24
C THR C 217 28.79 47.29 -32.49
N GLU C 218 29.51 47.85 -33.46
CA GLU C 218 28.86 48.25 -34.71
C GLU C 218 28.22 47.05 -35.39
N GLN C 219 28.92 45.92 -35.40
CA GLN C 219 28.40 44.74 -36.09
C GLN C 219 27.17 44.17 -35.39
N ILE C 220 27.17 44.10 -34.06
CA ILE C 220 26.00 43.59 -33.35
C ILE C 220 24.81 44.51 -33.57
N LEU C 221 25.03 45.83 -33.48
CA LEU C 221 23.93 46.76 -33.75
C LEU C 221 23.45 46.65 -35.19
N ASP C 222 24.34 46.35 -36.14
CA ASP C 222 23.91 46.19 -37.53
C ASP C 222 23.08 44.93 -37.71
N LEU C 223 23.52 43.81 -37.12
CA LEU C 223 22.85 42.54 -37.35
C LEU C 223 21.53 42.42 -36.57
N PHE C 224 21.47 42.97 -35.36
CA PHE C 224 20.32 42.80 -34.49
C PHE C 224 19.28 43.90 -34.65
N PHE C 225 19.49 44.83 -35.58
CA PHE C 225 18.56 45.94 -35.76
C PHE C 225 18.56 46.36 -37.21
N GLU C 226 17.47 47.01 -37.62
CA GLU C 226 17.33 47.55 -38.97
C GLU C 226 17.66 49.03 -38.93
N LYS C 227 18.88 49.37 -39.33
CA LYS C 227 19.37 50.74 -39.25
C LYS C 227 18.81 51.58 -40.39
N VAL C 228 18.51 52.83 -40.07
CA VAL C 228 18.05 53.81 -41.05
C VAL C 228 19.12 54.89 -41.19
N ILE C 229 19.06 55.61 -42.30
CA ILE C 229 20.05 56.62 -42.64
C ILE C 229 19.42 58.00 -42.52
N PHE C 230 20.08 58.89 -41.79
CA PHE C 230 19.64 60.27 -41.64
C PHE C 230 20.59 61.18 -42.40
N GLU C 231 20.07 61.91 -43.38
CA GLU C 231 20.87 62.79 -44.22
C GLU C 231 20.62 64.24 -43.81
N ILE C 232 21.71 64.94 -43.50
CA ILE C 232 21.65 66.36 -43.13
C ILE C 232 22.63 67.09 -44.04
N ARG C 233 22.13 67.59 -45.16
CA ARG C 233 22.95 68.32 -46.12
C ARG C 233 22.30 69.67 -46.41
N ASP C 234 23.11 70.73 -46.33
CA ASP C 234 22.66 72.10 -46.56
C ASP C 234 21.50 72.45 -45.64
N ASN C 235 21.56 71.96 -44.40
CA ASN C 235 20.58 72.20 -43.35
C ASN C 235 19.18 71.70 -43.71
N LYS C 236 19.06 70.86 -44.75
CA LYS C 236 17.76 70.33 -45.12
C LYS C 236 17.28 69.30 -44.11
N LEU C 237 18.16 68.39 -43.69
CA LEU C 237 17.88 67.35 -42.70
C LEU C 237 16.70 66.49 -43.15
N GLN C 238 16.93 65.79 -44.26
CA GLN C 238 15.93 64.91 -44.85
C GLN C 238 15.98 63.51 -44.23
N MET C 239 14.96 62.72 -44.51
CA MET C 239 14.85 61.36 -44.00
C MET C 239 14.44 60.42 -45.12
N GLU C 240 14.99 59.20 -45.10
CA GLU C 240 14.57 58.18 -46.03
C GLU C 240 13.17 57.67 -45.67
N LEU C 241 12.37 57.40 -46.69
CA LEU C 241 10.98 57.00 -46.50
C LEU C 241 10.85 55.49 -46.46
N VAL C 242 10.30 54.98 -45.37
CA VAL C 242 10.00 53.56 -45.24
C VAL C 242 8.55 53.43 -44.77
N PRO C 243 7.58 53.58 -45.67
CA PRO C 243 6.18 53.50 -45.26
C PRO C 243 5.79 52.16 -44.67
N GLU C 244 6.45 51.06 -45.08
CA GLU C 244 6.11 49.74 -44.55
C GLU C 244 6.33 49.67 -43.04
N ARG C 245 7.46 50.19 -42.56
CA ARG C 245 7.70 50.23 -41.13
C ARG C 245 6.89 51.32 -40.44
N LEU C 246 6.60 52.42 -41.15
CA LEU C 246 5.84 53.54 -40.59
C LEU C 246 4.36 53.15 -40.58
N ARG C 247 3.99 52.36 -39.59
CA ARG C 247 2.61 51.92 -39.39
C ARG C 247 1.93 52.66 -38.25
N GLY C 248 2.50 52.64 -37.06
CA GLY C 248 1.95 53.39 -35.94
C GLY C 248 2.90 54.46 -35.46
N GLU C 249 2.54 55.72 -35.69
CA GLU C 249 3.36 56.85 -35.28
C GLU C 249 2.52 58.12 -35.34
N THR C 250 2.95 59.11 -34.57
CA THR C 250 2.29 60.42 -34.54
C THR C 250 3.15 61.44 -35.26
N ALA C 251 2.55 62.19 -36.18
CA ALA C 251 3.27 63.19 -36.95
C ALA C 251 3.54 64.41 -36.08
N SER C 252 4.81 64.67 -35.80
CA SER C 252 5.18 65.83 -34.98
C SER C 252 5.05 67.14 -35.74
N PHE C 253 5.02 67.09 -37.07
CA PHE C 253 4.88 68.29 -37.90
C PHE C 253 4.28 67.88 -39.23
N ASP C 254 4.05 68.88 -40.09
CA ASP C 254 3.47 68.62 -41.40
C ASP C 254 4.42 67.80 -42.25
N ILE C 255 3.88 66.81 -42.95
CA ILE C 255 4.65 65.93 -43.81
C ILE C 255 4.27 66.24 -45.25
N GLU C 256 5.25 66.63 -46.05
CA GLU C 256 5.04 67.00 -47.45
C GLU C 256 5.79 66.05 -48.37
N ALA C 257 5.17 65.72 -49.49
CA ALA C 257 5.73 64.80 -50.47
C ALA C 257 6.16 65.61 -51.69
N ASN C 258 7.48 65.71 -51.91
CA ASN C 258 8.05 66.43 -53.05
C ASN C 258 7.54 67.87 -53.11
N GLY C 259 7.45 68.51 -51.95
CA GLY C 259 6.97 69.87 -51.86
C GLY C 259 5.46 70.01 -51.77
N LYS C 260 4.72 68.91 -51.86
CA LYS C 260 3.27 68.92 -51.74
C LYS C 260 2.85 68.19 -50.46
N VAL C 261 1.92 68.80 -49.73
CA VAL C 261 1.50 68.24 -48.44
C VAL C 261 0.85 66.88 -48.66
N TYR C 262 1.40 65.86 -48.00
CA TYR C 262 0.87 64.51 -48.07
C TYR C 262 0.07 64.16 -46.81
N VAL C 263 0.69 64.31 -45.64
CA VAL C 263 0.03 64.05 -44.36
C VAL C 263 0.26 65.25 -43.46
N GLU C 264 -0.83 65.79 -42.92
CA GLU C 264 -0.73 66.95 -42.04
C GLU C 264 -0.19 66.54 -40.68
N LYS C 265 0.14 67.55 -39.87
CA LYS C 265 0.64 67.31 -38.52
C LYS C 265 -0.49 66.71 -37.67
N GLY C 266 -0.24 65.52 -37.12
CA GLY C 266 -1.26 64.83 -36.36
C GLY C 266 -2.47 64.45 -37.19
N ARG C 267 -2.28 64.09 -38.45
CA ARG C 267 -3.37 63.74 -39.35
C ARG C 267 -3.71 62.26 -39.19
N ARG C 268 -4.51 61.74 -40.11
CA ARG C 268 -4.94 60.35 -40.05
C ARG C 268 -3.74 59.41 -40.17
N ILE C 269 -3.71 58.40 -39.31
CA ILE C 269 -2.64 57.41 -39.28
C ILE C 269 -3.15 56.07 -39.85
N THR C 270 -4.37 56.05 -40.36
CA THR C 270 -4.99 54.83 -40.85
C THR C 270 -4.24 54.30 -42.07
N ALA C 271 -4.61 53.08 -42.47
CA ALA C 271 -3.96 52.44 -43.61
C ALA C 271 -4.19 53.16 -44.92
N ARG C 272 -5.29 53.93 -45.03
CA ARG C 272 -5.55 54.66 -46.26
C ARG C 272 -4.48 55.71 -46.53
N HIS C 273 -4.06 56.45 -45.50
CA HIS C 273 -3.01 57.44 -45.68
C HIS C 273 -1.69 56.79 -46.05
N ILE C 274 -1.36 55.66 -45.42
CA ILE C 274 -0.12 54.95 -45.74
C ILE C 274 -0.15 54.46 -47.18
N ARG C 275 -1.28 53.92 -47.62
CA ARG C 275 -1.40 53.44 -49.00
C ARG C 275 -1.28 54.59 -49.98
N GLN C 276 -1.90 55.74 -49.68
CA GLN C 276 -1.80 56.90 -50.55
C GLN C 276 -0.36 57.40 -50.64
N LEU C 277 0.34 57.43 -49.51
CA LEU C 277 1.74 57.84 -49.51
C LEU C 277 2.61 56.87 -50.31
N GLU C 278 2.37 55.57 -50.16
CA GLU C 278 3.15 54.57 -50.87
C GLU C 278 2.88 54.60 -52.37
N LYS C 279 1.63 54.92 -52.76
CA LYS C 279 1.31 54.99 -54.18
C LYS C 279 2.10 56.07 -54.89
N ASP C 280 2.26 57.22 -54.24
CA ASP C 280 3.05 58.32 -54.81
C ASP C 280 4.53 58.02 -54.62
N ASP C 281 5.29 58.06 -55.71
CA ASP C 281 6.73 57.83 -55.65
C ASP C 281 7.40 59.09 -55.12
N VAL C 282 7.84 59.05 -53.86
CA VAL C 282 8.39 60.21 -53.17
C VAL C 282 9.81 59.87 -52.71
N LYS C 283 10.74 60.78 -52.99
CA LYS C 283 12.11 60.64 -52.52
C LYS C 283 12.20 61.09 -51.07
N LEU C 284 13.42 61.26 -50.57
CA LEU C 284 13.62 61.68 -49.18
C LEU C 284 13.04 63.06 -48.95
N ILE C 285 12.45 63.25 -47.76
CA ILE C 285 11.78 64.50 -47.40
C ILE C 285 12.32 64.98 -46.07
N GLU C 286 12.22 66.30 -45.85
CA GLU C 286 12.72 66.91 -44.63
C GLU C 286 11.77 66.64 -43.47
N VAL C 287 12.33 66.65 -42.26
CA VAL C 287 11.58 66.43 -41.03
C VAL C 287 11.99 67.46 -40.00
N PRO C 288 11.14 67.71 -39.01
CA PRO C 288 11.55 68.57 -37.89
C PRO C 288 12.70 67.95 -37.11
N VAL C 289 13.55 68.82 -36.56
CA VAL C 289 14.73 68.36 -35.83
C VAL C 289 14.40 67.75 -34.48
N GLU C 290 13.17 67.93 -33.98
CA GLU C 290 12.81 67.38 -32.68
C GLU C 290 12.69 65.86 -32.73
N TYR C 291 12.42 65.29 -33.90
CA TYR C 291 12.26 63.83 -34.02
C TYR C 291 13.57 63.11 -33.71
N ILE C 292 14.70 63.67 -34.18
CA ILE C 292 15.99 63.01 -33.99
C ILE C 292 16.47 63.05 -32.55
N ALA C 293 15.81 63.82 -31.68
CA ALA C 293 16.23 63.90 -30.29
C ALA C 293 16.14 62.55 -29.60
N GLY C 294 15.06 61.81 -29.85
CA GLY C 294 14.91 60.49 -29.27
C GLY C 294 15.64 59.39 -30.01
N LYS C 295 16.24 59.69 -31.15
CA LYS C 295 16.96 58.69 -31.92
C LYS C 295 18.29 58.36 -31.25
N VAL C 296 18.86 57.21 -31.63
CA VAL C 296 20.12 56.73 -31.10
C VAL C 296 21.04 56.39 -32.27
N VAL C 297 22.28 56.87 -32.20
CA VAL C 297 23.24 56.59 -33.25
C VAL C 297 23.62 55.11 -33.21
N ALA C 298 23.66 54.47 -34.38
CA ALA C 298 23.96 53.05 -34.48
C ALA C 298 25.43 52.81 -34.80
N LYS C 299 25.93 53.39 -35.88
CA LYS C 299 27.32 53.20 -36.28
C LYS C 299 28.23 54.13 -35.46
N ASP C 300 29.51 54.19 -35.84
CA ASP C 300 30.49 55.06 -35.19
C ASP C 300 31.18 55.86 -36.28
N TYR C 301 30.60 57.01 -36.63
CA TYR C 301 31.16 57.83 -37.69
C TYR C 301 32.49 58.43 -37.27
N ILE C 302 33.42 58.50 -38.22
CA ILE C 302 34.78 58.96 -37.99
C ILE C 302 34.94 60.36 -38.58
N ASP C 303 35.61 61.24 -37.85
CA ASP C 303 35.88 62.60 -38.30
C ASP C 303 37.13 62.61 -39.17
N GLU C 304 37.01 63.18 -40.37
CA GLU C 304 38.13 63.23 -41.29
C GLU C 304 39.19 64.23 -40.86
N SER C 305 38.85 65.20 -40.02
CA SER C 305 39.81 66.21 -39.61
C SER C 305 40.74 65.68 -38.53
N THR C 306 40.19 65.14 -37.44
CA THR C 306 40.97 64.64 -36.33
C THR C 306 40.53 63.22 -35.98
N GLY C 307 41.42 62.50 -35.30
CA GLY C 307 41.13 61.13 -34.90
C GLY C 307 39.98 61.00 -33.93
N GLU C 308 39.62 62.09 -33.24
CA GLU C 308 38.49 62.05 -32.33
C GLU C 308 37.20 61.78 -33.08
N LEU C 309 36.37 60.90 -32.52
CA LEU C 309 35.11 60.52 -33.13
C LEU C 309 34.12 60.12 -32.04
N ILE C 310 32.84 60.13 -32.40
CA ILE C 310 31.77 59.75 -31.49
C ILE C 310 31.47 58.28 -31.76
N CYS C 311 32.16 57.40 -31.03
CA CYS C 311 31.98 55.97 -31.16
C CYS C 311 31.06 55.40 -30.08
N ALA C 312 30.38 56.25 -29.32
CA ALA C 312 29.52 55.80 -28.24
C ALA C 312 28.23 55.20 -28.79
N ALA C 313 28.24 53.91 -29.08
CA ALA C 313 27.04 53.24 -29.55
C ALA C 313 26.01 53.14 -28.43
N ASN C 314 24.76 52.90 -28.83
CA ASN C 314 23.63 52.82 -27.90
C ASN C 314 23.46 54.09 -27.09
N MET C 315 23.78 55.24 -27.68
CA MET C 315 23.68 56.52 -27.02
C MET C 315 22.95 57.50 -27.91
N GLU C 316 22.26 58.47 -27.29
CA GLU C 316 21.50 59.47 -28.02
C GLU C 316 22.47 60.55 -28.54
N LEU C 317 21.91 61.63 -29.09
CA LEU C 317 22.71 62.72 -29.62
C LEU C 317 22.25 64.03 -28.99
N SER C 318 23.20 64.97 -28.90
CA SER C 318 22.94 66.28 -28.31
C SER C 318 22.84 67.33 -29.42
N LEU C 319 22.31 68.49 -29.05
CA LEU C 319 22.22 69.60 -30.01
C LEU C 319 23.61 70.06 -30.44
N ASP C 320 24.55 70.14 -29.50
CA ASP C 320 25.93 70.46 -29.87
C ASP C 320 26.57 69.33 -30.68
N LEU C 321 26.12 68.09 -30.46
CA LEU C 321 26.64 66.98 -31.25
C LEU C 321 26.29 67.12 -32.72
N LEU C 322 25.14 67.71 -33.03
CA LEU C 322 24.78 67.95 -34.42
C LEU C 322 25.77 68.88 -35.09
N ALA C 323 26.14 69.97 -34.41
CA ALA C 323 27.15 70.88 -34.95
C ALA C 323 28.51 70.20 -35.03
N LYS C 324 28.83 69.36 -34.04
CA LYS C 324 30.11 68.66 -34.07
C LYS C 324 30.22 67.73 -35.26
N LEU C 325 29.14 67.00 -35.57
CA LEU C 325 29.18 66.10 -36.71
C LEU C 325 29.09 66.86 -38.04
N SER C 326 28.38 67.99 -38.05
CA SER C 326 28.36 68.82 -39.25
C SER C 326 29.74 69.37 -39.57
N GLN C 327 30.47 69.78 -38.54
CA GLN C 327 31.84 70.26 -38.76
C GLN C 327 32.73 69.14 -39.29
N SER C 328 32.56 67.92 -38.80
CA SER C 328 33.33 66.78 -39.27
C SER C 328 32.93 66.34 -40.67
N GLY C 329 31.81 66.84 -41.20
CA GLY C 329 31.36 66.46 -42.52
C GLY C 329 30.47 65.25 -42.58
N HIS C 330 29.86 64.85 -41.46
CA HIS C 330 28.99 63.68 -41.44
C HIS C 330 27.65 63.98 -42.09
N LYS C 331 27.58 63.87 -43.42
CA LYS C 331 26.34 64.13 -44.13
C LYS C 331 25.28 63.07 -43.82
N ARG C 332 25.69 61.81 -43.71
CA ARG C 332 24.78 60.71 -43.43
C ARG C 332 25.10 60.11 -42.07
N ILE C 333 24.07 59.93 -41.25
CA ILE C 333 24.21 59.37 -39.91
C ILE C 333 23.40 58.09 -39.83
N GLU C 334 24.04 57.01 -39.40
CA GLU C 334 23.39 55.70 -39.32
C GLU C 334 22.76 55.54 -37.93
N THR C 335 21.44 55.41 -37.89
CA THR C 335 20.71 55.19 -36.66
C THR C 335 19.81 53.98 -36.81
N LEU C 336 19.67 53.22 -35.73
CA LEU C 336 18.82 52.04 -35.74
C LEU C 336 17.35 52.45 -35.84
N PHE C 337 16.47 51.44 -35.91
CA PHE C 337 15.05 51.71 -36.16
C PHE C 337 14.43 52.53 -35.03
N THR C 338 14.68 52.14 -33.78
CA THR C 338 14.14 52.81 -32.59
C THR C 338 12.61 52.93 -32.63
N ASN C 339 11.95 52.10 -33.43
CA ASN C 339 10.50 52.15 -33.58
C ASN C 339 9.87 51.09 -32.70
N ASP C 340 8.86 51.49 -31.93
CA ASP C 340 8.16 50.57 -31.03
C ASP C 340 6.69 50.52 -31.42
N LEU C 341 6.39 49.69 -32.42
CA LEU C 341 5.04 49.26 -32.72
C LEU C 341 4.91 47.75 -32.64
N ASP C 342 5.77 47.02 -33.33
CA ASP C 342 5.99 45.59 -33.14
C ASP C 342 7.38 45.29 -32.64
N HIS C 343 8.39 45.98 -33.16
CA HIS C 343 9.75 45.88 -32.64
C HIS C 343 9.86 46.66 -31.33
N GLY C 344 11.01 46.55 -30.69
CA GLY C 344 11.25 47.23 -29.44
C GLY C 344 12.72 47.36 -29.09
N PRO C 345 13.01 48.02 -27.98
CA PRO C 345 14.40 48.18 -27.53
C PRO C 345 14.93 46.90 -26.89
N TYR C 346 15.82 46.22 -27.60
CA TYR C 346 16.43 44.98 -27.11
C TYR C 346 17.90 45.01 -27.45
N ILE C 347 18.65 44.09 -26.82
CA ILE C 347 20.08 43.90 -27.06
C ILE C 347 20.89 45.12 -26.62
N SER C 348 20.44 46.32 -27.01
CA SER C 348 21.16 47.54 -26.66
C SER C 348 21.22 47.73 -25.15
N GLU C 349 20.12 47.44 -24.45
CA GLU C 349 20.11 47.57 -23.00
C GLU C 349 21.11 46.62 -22.35
N THR C 350 21.20 45.39 -22.85
CA THR C 350 22.19 44.45 -22.34
C THR C 350 23.61 44.94 -22.56
N LEU C 351 23.86 45.56 -23.72
CA LEU C 351 25.19 46.12 -23.97
C LEU C 351 25.47 47.32 -23.09
N ARG C 352 24.42 48.06 -22.70
CA ARG C 352 24.60 49.15 -21.75
C ARG C 352 24.90 48.63 -20.35
N VAL C 353 24.31 47.49 -19.98
CA VAL C 353 24.55 46.93 -18.65
C VAL C 353 25.99 46.47 -18.51
N ASP C 354 26.50 45.75 -19.51
CA ASP C 354 27.82 45.15 -19.45
C ASP C 354 28.80 45.95 -20.29
N PRO C 355 29.89 46.46 -19.72
CA PRO C 355 30.81 47.31 -20.48
C PRO C 355 31.93 46.59 -21.22
N THR C 356 32.07 45.28 -21.06
CA THR C 356 33.12 44.56 -21.75
C THR C 356 32.82 44.51 -23.24
N ASN C 357 33.80 44.87 -24.06
CA ASN C 357 33.63 44.93 -25.51
C ASN C 357 34.75 44.23 -26.26
N ASP C 358 35.57 43.43 -25.59
CA ASP C 358 36.68 42.72 -26.20
C ASP C 358 36.49 41.22 -26.05
N ARG C 359 37.02 40.47 -27.02
CA ARG C 359 36.94 39.02 -26.95
C ARG C 359 37.68 38.49 -25.73
N LEU C 360 38.85 39.06 -25.43
CA LEU C 360 39.59 38.65 -24.24
C LEU C 360 38.82 38.99 -22.97
N SER C 361 38.21 40.18 -22.92
CA SER C 361 37.44 40.58 -21.75
C SER C 361 36.24 39.66 -21.54
N ALA C 362 35.52 39.35 -22.62
CA ALA C 362 34.40 38.43 -22.51
C ALA C 362 34.85 37.05 -22.08
N LEU C 363 35.97 36.58 -22.64
CA LEU C 363 36.48 35.26 -22.30
C LEU C 363 36.86 35.18 -20.82
N VAL C 364 37.55 36.19 -20.31
CA VAL C 364 37.96 36.16 -18.90
C VAL C 364 36.74 36.31 -17.99
N GLU C 365 35.76 37.12 -18.40
CA GLU C 365 34.55 37.26 -17.60
C GLU C 365 33.79 35.94 -17.51
N ILE C 366 33.65 35.24 -18.64
CA ILE C 366 32.94 33.97 -18.62
C ILE C 366 33.75 32.90 -17.92
N TYR C 367 35.08 33.00 -17.95
CA TYR C 367 35.90 32.06 -17.18
C TYR C 367 35.72 32.28 -15.69
N ARG C 368 35.66 33.54 -15.26
CA ARG C 368 35.43 33.84 -13.84
C ARG C 368 34.04 33.41 -13.41
N MET C 369 33.03 33.66 -14.24
CA MET C 369 31.66 33.29 -13.86
C MET C 369 31.49 31.77 -13.86
N MET C 370 32.01 31.09 -14.88
CA MET C 370 31.95 29.63 -14.93
C MET C 370 32.78 29.00 -13.83
N ARG C 371 34.04 29.43 -13.70
CA ARG C 371 34.96 28.86 -12.72
C ARG C 371 35.42 29.96 -11.77
N PRO C 372 34.93 30.00 -10.54
CA PRO C 372 35.30 31.09 -9.62
C PRO C 372 36.66 30.89 -8.97
N GLY C 373 37.46 29.98 -9.51
CA GLY C 373 38.76 29.69 -8.93
C GLY C 373 39.87 30.58 -9.43
N GLU C 374 40.92 29.98 -10.00
CA GLU C 374 42.07 30.75 -10.44
C GLU C 374 41.73 31.57 -11.67
N PRO C 375 42.14 32.84 -11.71
CA PRO C 375 41.96 33.64 -12.93
C PRO C 375 42.77 33.06 -14.07
N PRO C 376 42.33 33.23 -15.30
CA PRO C 376 43.03 32.62 -16.45
C PRO C 376 44.22 33.45 -16.89
N THR C 377 45.00 32.86 -17.79
CA THR C 377 46.20 33.48 -18.34
C THR C 377 46.12 33.55 -19.86
N ARG C 378 44.94 33.90 -20.38
CA ARG C 378 44.66 34.09 -21.80
C ARG C 378 44.63 32.73 -22.52
N GLU C 379 45.03 31.67 -21.84
CA GLU C 379 44.95 30.32 -22.38
C GLU C 379 43.90 29.47 -21.68
N ALA C 380 43.73 29.62 -20.37
CA ALA C 380 42.68 28.91 -19.67
C ALA C 380 41.30 29.37 -20.14
N ALA C 381 41.12 30.68 -20.35
CA ALA C 381 39.82 31.18 -20.79
C ALA C 381 39.49 30.71 -22.20
N GLU C 382 40.45 30.81 -23.12
CA GLU C 382 40.20 30.38 -24.50
C GLU C 382 39.91 28.89 -24.56
N SER C 383 40.73 28.08 -23.89
CA SER C 383 40.52 26.63 -23.89
C SER C 383 39.21 26.25 -23.22
N LEU C 384 38.86 26.91 -22.11
CA LEU C 384 37.60 26.59 -21.44
C LEU C 384 36.40 26.97 -22.28
N PHE C 385 36.46 28.12 -22.96
CA PHE C 385 35.36 28.50 -23.85
C PHE C 385 35.25 27.53 -25.02
N GLU C 386 36.38 27.09 -25.55
CA GLU C 386 36.36 26.09 -26.62
C GLU C 386 35.81 24.76 -26.11
N ASN C 387 36.03 24.45 -24.84
CA ASN C 387 35.50 23.22 -24.26
C ASN C 387 34.01 23.31 -23.96
N LEU C 388 33.51 24.52 -23.66
CA LEU C 388 32.10 24.67 -23.32
C LEU C 388 31.20 24.30 -24.49
N PHE C 389 31.27 25.06 -25.58
CA PHE C 389 30.57 24.76 -26.80
C PHE C 389 31.57 24.63 -27.94
N PHE C 390 31.06 24.43 -29.15
CA PHE C 390 31.85 24.22 -30.37
C PHE C 390 33.12 23.40 -30.10
N SER C 391 32.90 22.25 -29.47
CA SER C 391 33.95 21.25 -29.27
C SER C 391 33.43 19.90 -29.76
N GLU C 392 34.25 19.18 -30.52
CA GLU C 392 33.79 17.95 -31.15
C GLU C 392 33.44 16.88 -30.10
N ASP C 393 34.26 16.74 -29.06
CA ASP C 393 34.06 15.69 -28.08
C ASP C 393 33.43 16.16 -26.78
N ARG C 394 33.27 17.47 -26.58
CA ARG C 394 32.71 17.97 -25.32
C ARG C 394 31.23 18.27 -25.47
N TYR C 395 30.84 18.92 -26.57
CA TYR C 395 29.46 19.27 -26.84
C TYR C 395 29.02 18.55 -28.12
N ASP C 396 27.85 17.92 -28.09
CA ASP C 396 27.44 17.12 -29.23
C ASP C 396 25.91 17.01 -29.22
N LEU C 397 25.28 17.57 -30.25
CA LEU C 397 23.87 17.30 -30.52
C LEU C 397 23.78 16.17 -31.54
N SER C 398 22.86 15.23 -31.31
CA SER C 398 22.68 14.14 -32.24
C SER C 398 22.05 14.64 -33.54
N ALA C 399 21.87 13.72 -34.50
CA ALA C 399 21.23 14.09 -35.75
C ALA C 399 19.79 14.55 -35.51
N VAL C 400 19.10 13.93 -34.56
CA VAL C 400 17.76 14.38 -34.20
C VAL C 400 17.81 15.79 -33.61
N GLY C 401 18.84 16.09 -32.82
CA GLY C 401 18.98 17.44 -32.29
C GLY C 401 19.17 18.47 -33.36
N ARG C 402 20.03 18.19 -34.34
CA ARG C 402 20.22 19.11 -35.46
C ARG C 402 18.95 19.24 -36.28
N MET C 403 18.24 18.14 -36.49
CA MET C 403 16.97 18.20 -37.23
C MET C 403 15.98 19.12 -36.54
N LYS C 404 15.81 18.95 -35.22
CA LYS C 404 14.88 19.79 -34.48
C LYS C 404 15.34 21.25 -34.47
N PHE C 405 16.65 21.48 -34.32
CA PHE C 405 17.19 22.83 -34.34
C PHE C 405 16.88 23.53 -35.65
N ASN C 406 17.16 22.87 -36.78
CA ASN C 406 16.93 23.48 -38.07
C ASN C 406 15.43 23.65 -38.36
N ARG C 407 14.62 22.67 -37.98
CA ARG C 407 13.19 22.76 -38.23
C ARG C 407 12.53 23.86 -37.42
N SER C 408 12.92 24.03 -36.16
CA SER C 408 12.29 25.06 -35.33
C SER C 408 12.64 26.47 -35.81
N LEU C 409 13.75 26.63 -36.51
CA LEU C 409 14.16 27.91 -37.05
C LEU C 409 13.84 28.05 -38.54
N LEU C 410 13.08 27.11 -39.10
CA LEU C 410 12.65 27.14 -40.49
C LEU C 410 13.84 27.18 -41.45
N ARG C 411 14.63 26.12 -41.41
CA ARG C 411 15.73 25.92 -42.34
C ARG C 411 15.47 24.67 -43.17
N GLU C 412 15.67 24.80 -44.49
CA GLU C 412 15.35 23.69 -45.40
C GLU C 412 16.23 22.48 -45.12
N GLU C 413 17.52 22.70 -44.88
CA GLU C 413 18.44 21.58 -44.67
C GLU C 413 18.16 20.90 -43.35
N ILE C 414 18.15 19.56 -43.38
CA ILE C 414 17.93 18.75 -42.18
C ILE C 414 19.25 18.29 -41.58
N GLU C 415 20.10 17.66 -42.38
CA GLU C 415 21.41 17.25 -41.91
C GLU C 415 22.35 18.44 -41.80
N GLY C 416 23.33 18.32 -40.91
CA GLY C 416 24.27 19.39 -40.71
C GLY C 416 25.31 18.98 -39.70
N SER C 417 26.20 19.92 -39.39
CA SER C 417 27.25 19.67 -38.41
C SER C 417 26.63 19.36 -37.04
N GLY C 418 27.15 18.33 -36.39
CA GLY C 418 26.60 17.88 -35.12
C GLY C 418 26.98 18.79 -33.97
N ILE C 419 27.71 19.86 -34.27
CA ILE C 419 28.15 20.82 -33.27
C ILE C 419 27.66 22.21 -33.66
N LEU C 420 27.22 22.97 -32.67
CA LEU C 420 26.61 24.27 -32.91
C LEU C 420 27.66 25.30 -33.29
N SER C 421 27.30 26.19 -34.20
CA SER C 421 28.19 27.19 -34.77
C SER C 421 27.93 28.55 -34.12
N LYS C 422 28.50 29.60 -34.72
CA LYS C 422 28.26 30.96 -34.22
C LYS C 422 26.90 31.50 -34.63
N ASP C 423 26.40 31.10 -35.81
CA ASP C 423 25.22 31.75 -36.38
C ASP C 423 23.93 31.31 -35.70
N ASP C 424 23.86 30.05 -35.26
CA ASP C 424 22.59 29.53 -34.75
C ASP C 424 22.23 30.15 -33.40
N ILE C 425 23.22 30.51 -32.59
CA ILE C 425 22.92 31.22 -31.34
C ILE C 425 22.29 32.57 -31.65
N ILE C 426 22.84 33.28 -32.63
CA ILE C 426 22.27 34.56 -33.06
C ILE C 426 20.85 34.35 -33.57
N ASP C 427 20.63 33.29 -34.36
CA ASP C 427 19.29 33.01 -34.87
C ASP C 427 18.31 32.72 -33.74
N VAL C 428 18.76 31.98 -32.72
CA VAL C 428 17.89 31.68 -31.57
C VAL C 428 17.54 32.95 -30.81
N MET C 429 18.53 33.83 -30.60
CA MET C 429 18.24 35.08 -29.91
C MET C 429 17.27 35.94 -30.71
N LYS C 430 17.47 36.01 -32.03
CA LYS C 430 16.56 36.77 -32.88
C LYS C 430 15.15 36.19 -32.84
N LYS C 431 15.06 34.85 -32.84
CA LYS C 431 13.75 34.22 -32.78
C LYS C 431 13.05 34.51 -31.46
N LEU C 432 13.79 34.47 -30.35
CA LEU C 432 13.18 34.79 -29.05
C LEU C 432 12.69 36.23 -29.01
N ILE C 433 13.50 37.16 -29.55
CA ILE C 433 13.05 38.54 -29.65
C ILE C 433 11.80 38.63 -30.52
N ASP C 434 11.73 37.80 -31.56
CA ASP C 434 10.55 37.79 -32.42
C ASP C 434 9.31 37.33 -31.67
N ILE C 435 9.43 36.27 -30.87
CA ILE C 435 8.28 35.82 -30.08
C ILE C 435 7.84 36.90 -29.10
N ARG C 436 8.81 37.60 -28.49
CA ARG C 436 8.42 38.71 -27.61
C ARG C 436 7.72 39.80 -28.40
N ASN C 437 8.16 40.05 -29.65
CA ASN C 437 7.56 41.10 -30.45
C ASN C 437 6.11 40.78 -30.81
N GLY C 438 5.78 39.50 -30.99
CA GLY C 438 4.42 39.12 -31.30
C GLY C 438 4.30 38.04 -32.35
N LYS C 439 5.19 38.04 -33.33
CA LYS C 439 5.16 37.02 -34.37
C LYS C 439 5.78 35.73 -33.83
N GLY C 440 5.07 34.62 -34.00
CA GLY C 440 5.48 33.36 -33.45
C GLY C 440 4.77 33.06 -32.13
N GLU C 441 4.88 31.80 -31.72
CA GLU C 441 4.21 31.35 -30.50
C GLU C 441 5.04 30.29 -29.81
N VAL C 442 4.84 30.15 -28.51
CA VAL C 442 5.52 29.13 -27.73
C VAL C 442 4.94 27.76 -28.07
N ASP C 443 5.75 26.72 -27.89
CA ASP C 443 5.37 25.37 -28.23
C ASP C 443 5.07 24.57 -26.96
N ASP C 444 4.31 23.49 -27.13
CA ASP C 444 3.95 22.63 -26.01
C ASP C 444 5.06 21.63 -25.74
N ILE C 445 5.48 21.54 -24.47
CA ILE C 445 6.49 20.57 -24.09
C ILE C 445 5.92 19.18 -23.89
N ASP C 446 4.61 19.06 -23.68
CA ASP C 446 3.95 17.76 -23.59
C ASP C 446 3.50 17.24 -24.95
N HIS C 447 3.71 18.02 -26.01
CA HIS C 447 3.40 17.55 -27.36
C HIS C 447 4.23 16.32 -27.69
N LEU C 448 3.58 15.30 -28.24
CA LEU C 448 4.29 14.06 -28.55
C LEU C 448 5.26 14.21 -29.72
N GLY C 449 5.20 15.32 -30.45
CA GLY C 449 6.22 15.62 -31.43
C GLY C 449 7.49 16.21 -30.87
N ASN C 450 7.50 16.54 -29.58
CA ASN C 450 8.68 17.04 -28.90
C ASN C 450 9.26 16.03 -27.92
N ARG C 451 8.72 14.81 -27.88
CA ARG C 451 9.18 13.77 -26.98
C ARG C 451 9.66 12.57 -27.79
N ARG C 452 10.79 12.01 -27.38
CA ARG C 452 11.44 10.92 -28.07
C ARG C 452 11.35 9.64 -27.24
N ILE C 453 11.87 8.55 -27.81
CA ILE C 453 11.88 7.25 -27.14
C ILE C 453 13.29 6.69 -27.21
N ARG C 454 13.84 6.35 -26.05
CA ARG C 454 15.15 5.70 -25.94
C ARG C 454 14.94 4.23 -25.59
N SER C 455 15.44 3.35 -26.45
CA SER C 455 15.27 1.92 -26.26
C SER C 455 16.55 1.32 -25.68
N VAL C 456 16.57 -0.02 -25.58
CA VAL C 456 17.69 -0.70 -24.93
C VAL C 456 18.98 -0.53 -25.73
N GLY C 457 18.89 -0.59 -27.06
CA GLY C 457 20.09 -0.52 -27.88
C GLY C 457 20.83 0.79 -27.73
N GLU C 458 20.10 1.91 -27.73
CA GLU C 458 20.74 3.21 -27.62
C GLU C 458 21.39 3.41 -26.26
N MET C 459 20.71 2.98 -25.19
CA MET C 459 21.29 3.09 -23.86
C MET C 459 22.54 2.22 -23.71
N ALA C 460 22.49 1.00 -24.23
CA ALA C 460 23.66 0.13 -24.19
C ALA C 460 24.81 0.72 -25.00
N GLU C 461 24.49 1.33 -26.15
CA GLU C 461 25.52 1.99 -26.95
C GLU C 461 26.16 3.14 -26.19
N ASN C 462 25.35 3.93 -25.49
CA ASN C 462 25.90 5.04 -24.70
C ASN C 462 26.80 4.53 -23.59
N GLN C 463 26.37 3.49 -22.88
CA GLN C 463 27.19 2.93 -21.80
C GLN C 463 28.50 2.37 -22.34
N PHE C 464 28.45 1.65 -23.46
CA PHE C 464 29.66 1.14 -24.08
C PHE C 464 30.57 2.26 -24.54
N ARG C 465 30.01 3.36 -25.05
CA ARG C 465 30.81 4.50 -25.44
C ARG C 465 31.54 5.10 -24.24
N VAL C 466 30.84 5.24 -23.10
CA VAL C 466 31.48 5.78 -21.90
C VAL C 466 32.60 4.86 -21.45
N GLY C 467 32.34 3.55 -21.41
CA GLY C 467 33.37 2.60 -21.01
C GLY C 467 34.57 2.62 -21.93
N LEU C 468 34.32 2.74 -23.24
CA LEU C 468 35.42 2.73 -24.20
C LEU C 468 36.22 4.03 -24.12
N VAL C 469 35.56 5.14 -23.79
CA VAL C 469 36.30 6.37 -23.51
C VAL C 469 37.21 6.19 -22.30
N ARG C 470 36.69 5.56 -21.25
CA ARG C 470 37.54 5.30 -20.07
C ARG C 470 38.72 4.40 -20.42
N VAL C 471 38.49 3.38 -21.25
CA VAL C 471 39.59 2.51 -21.69
C VAL C 471 40.60 3.31 -22.49
N GLU C 472 40.12 4.18 -23.37
CA GLU C 472 40.98 4.94 -24.27
C GLU C 472 41.89 5.87 -23.47
N ARG C 473 41.35 6.47 -22.41
CA ARG C 473 42.15 7.36 -21.58
C ARG C 473 43.38 6.65 -21.03
N ALA C 474 43.20 5.40 -20.56
CA ALA C 474 44.34 4.64 -20.05
C ALA C 474 45.23 4.15 -21.19
N VAL C 475 44.65 3.83 -22.34
CA VAL C 475 45.43 3.33 -23.47
C VAL C 475 46.42 4.39 -23.94
N LYS C 476 45.99 5.66 -23.94
CA LYS C 476 46.83 6.71 -24.51
C LYS C 476 48.15 6.87 -23.76
N GLU C 477 48.17 6.57 -22.46
CA GLU C 477 49.38 6.79 -21.66
C GLU C 477 50.51 5.85 -22.06
N ARG C 478 50.20 4.57 -22.26
CA ARG C 478 51.20 3.53 -22.51
C ARG C 478 51.96 3.77 -23.81
N LEU C 479 51.30 4.34 -24.83
CA LEU C 479 51.93 4.49 -26.14
C LEU C 479 53.18 5.37 -26.08
N SER C 480 53.27 6.27 -25.08
CA SER C 480 54.46 7.11 -24.96
C SER C 480 55.68 6.30 -24.55
N LEU C 481 55.49 5.19 -23.83
CA LEU C 481 56.58 4.33 -23.40
C LEU C 481 56.58 3.00 -24.14
N GLY C 482 56.27 3.02 -25.44
CA GLY C 482 56.04 1.81 -26.19
C GLY C 482 57.23 1.39 -27.02
N ASP C 483 57.63 0.13 -26.87
CA ASP C 483 58.62 -0.48 -27.74
C ASP C 483 57.90 -1.29 -28.81
N LEU C 484 58.66 -1.94 -29.69
CA LEU C 484 58.05 -2.73 -30.76
C LEU C 484 57.55 -4.09 -30.29
N ASP C 485 57.99 -4.54 -29.10
CA ASP C 485 57.60 -5.85 -28.61
C ASP C 485 56.15 -5.90 -28.14
N THR C 486 55.52 -4.74 -27.92
CA THR C 486 54.18 -4.72 -27.37
C THR C 486 53.14 -5.10 -28.44
N LEU C 487 52.22 -5.99 -28.07
CA LEU C 487 51.11 -6.38 -28.92
C LEU C 487 49.82 -5.75 -28.37
N MET C 488 48.72 -6.01 -29.07
CA MET C 488 47.42 -5.48 -28.65
C MET C 488 46.99 -5.96 -27.26
N PRO C 489 47.07 -7.25 -26.91
CA PRO C 489 46.74 -7.62 -25.52
C PRO C 489 47.65 -6.97 -24.50
N GLN C 490 48.88 -6.64 -24.88
CA GLN C 490 49.82 -5.97 -24.01
C GLN C 490 49.74 -4.45 -24.11
N ASP C 491 48.79 -3.92 -24.88
CA ASP C 491 48.61 -2.49 -25.08
C ASP C 491 47.43 -1.97 -24.27
N MET C 492 47.23 -2.54 -23.08
CA MET C 492 46.11 -2.19 -22.20
C MET C 492 44.77 -2.37 -22.92
N ILE C 493 44.46 -3.62 -23.23
CA ILE C 493 43.15 -3.95 -23.78
C ILE C 493 42.06 -3.58 -22.78
N ASN C 494 42.27 -3.87 -21.50
CA ASN C 494 41.45 -3.39 -20.39
C ASN C 494 39.98 -3.81 -20.55
N ALA C 495 39.77 -5.13 -20.44
CA ALA C 495 38.41 -5.65 -20.38
C ALA C 495 37.67 -5.23 -19.12
N LYS C 496 38.42 -4.89 -18.06
CA LYS C 496 37.79 -4.63 -16.76
C LYS C 496 36.77 -3.49 -16.80
N PRO C 497 37.10 -2.28 -17.28
CA PRO C 497 36.08 -1.21 -17.21
C PRO C 497 34.97 -1.37 -18.23
N ILE C 498 35.24 -1.94 -19.40
CA ILE C 498 34.16 -2.25 -20.35
C ILE C 498 33.15 -3.18 -19.70
N SER C 499 33.63 -4.28 -19.13
CA SER C 499 32.74 -5.24 -18.50
C SER C 499 32.03 -4.63 -17.31
N ALA C 500 32.75 -3.84 -16.50
CA ALA C 500 32.15 -3.23 -15.32
C ALA C 500 31.02 -2.29 -15.71
N ALA C 501 31.25 -1.41 -16.68
CA ALA C 501 30.21 -0.47 -17.09
C ALA C 501 29.01 -1.19 -17.69
N VAL C 502 29.26 -2.17 -18.57
CA VAL C 502 28.14 -2.85 -19.23
C VAL C 502 27.32 -3.62 -18.21
N LYS C 503 27.98 -4.34 -17.31
CA LYS C 503 27.26 -5.13 -16.31
C LYS C 503 26.57 -4.24 -15.30
N GLU C 504 27.16 -3.09 -14.95
CA GLU C 504 26.50 -2.16 -14.05
C GLU C 504 25.24 -1.59 -14.68
N PHE C 505 25.28 -1.29 -15.98
CA PHE C 505 24.07 -0.80 -16.65
C PHE C 505 23.00 -1.89 -16.68
N PHE C 506 23.37 -3.11 -17.10
CA PHE C 506 22.37 -4.15 -17.29
C PHE C 506 21.79 -4.64 -15.96
N GLY C 507 22.64 -4.96 -14.99
CA GLY C 507 22.19 -5.58 -13.76
C GLY C 507 21.58 -4.65 -12.73
N SER C 508 22.03 -3.41 -12.68
CA SER C 508 21.60 -2.46 -11.66
C SER C 508 21.27 -1.13 -12.33
N SER C 509 20.01 -0.97 -12.73
CA SER C 509 19.54 0.28 -13.32
C SER C 509 18.06 0.44 -12.99
N GLN C 510 17.60 1.70 -13.06
CA GLN C 510 16.20 1.98 -12.76
C GLN C 510 15.28 1.44 -13.85
N LEU C 511 15.74 1.45 -15.10
CA LEU C 511 14.91 1.06 -16.23
C LEU C 511 15.13 -0.40 -16.64
N SER C 512 15.88 -1.17 -15.87
CA SER C 512 16.05 -2.60 -16.09
C SER C 512 15.57 -3.31 -14.81
N GLN C 513 14.34 -3.81 -14.84
CA GLN C 513 13.72 -4.42 -13.67
C GLN C 513 13.31 -5.85 -13.98
N PHE C 514 13.03 -6.60 -12.91
CA PHE C 514 12.47 -7.94 -13.05
C PHE C 514 11.19 -7.89 -13.86
N MET C 515 11.06 -8.78 -14.83
CA MET C 515 9.83 -8.78 -15.61
C MET C 515 8.77 -9.61 -14.89
N ASP C 516 7.52 -9.22 -15.10
CA ASP C 516 6.40 -9.95 -14.54
C ASP C 516 6.20 -11.25 -15.30
N GLN C 517 5.94 -12.34 -14.58
CA GLN C 517 5.78 -13.64 -15.20
C GLN C 517 4.39 -14.26 -14.98
N ASN C 518 3.48 -13.57 -14.31
CA ASN C 518 2.10 -13.99 -14.28
C ASN C 518 1.50 -13.79 -15.67
N ASN C 519 0.96 -14.87 -16.26
CA ASN C 519 0.38 -14.87 -17.60
C ASN C 519 1.40 -14.50 -18.66
N PRO C 520 1.09 -14.72 -19.94
CA PRO C 520 1.87 -14.08 -21.00
C PRO C 520 1.52 -12.62 -21.20
N LEU C 521 0.32 -12.20 -20.75
CA LEU C 521 -0.12 -10.82 -20.96
C LEU C 521 0.76 -9.84 -20.20
N SER C 522 1.15 -10.18 -18.96
CA SER C 522 1.99 -9.28 -18.20
C SER C 522 3.37 -9.15 -18.82
N GLU C 523 3.94 -10.25 -19.32
CA GLU C 523 5.22 -10.16 -20.02
C GLU C 523 5.10 -9.28 -21.25
N ILE C 524 4.03 -9.47 -22.04
CA ILE C 524 3.84 -8.67 -23.24
C ILE C 524 3.72 -7.20 -22.89
N THR C 525 2.90 -6.88 -21.88
CA THR C 525 2.69 -5.48 -21.49
C THR C 525 3.98 -4.87 -20.96
N HIS C 526 4.74 -5.61 -20.16
CA HIS C 526 5.99 -5.09 -19.61
C HIS C 526 7.01 -4.82 -20.70
N LYS C 527 7.07 -5.70 -21.71
CA LYS C 527 8.10 -5.54 -22.74
C LYS C 527 7.88 -4.26 -23.56
N ARG C 528 6.65 -3.98 -23.96
CA ARG C 528 6.34 -2.75 -24.68
C ARG C 528 5.75 -1.72 -23.72
N ARG C 529 6.59 -1.22 -22.82
CA ARG C 529 6.20 -0.27 -21.80
C ARG C 529 6.99 1.02 -21.95
N ILE C 530 6.30 2.15 -21.83
CA ILE C 530 6.90 3.47 -21.96
C ILE C 530 6.94 4.10 -20.56
N SER C 531 8.14 4.52 -20.14
CA SER C 531 8.35 5.10 -18.83
C SER C 531 8.98 6.48 -18.97
N ALA C 532 8.47 7.44 -18.19
CA ALA C 532 9.02 8.79 -18.18
C ALA C 532 10.16 8.97 -17.19
N LEU C 533 10.34 8.02 -16.27
CA LEU C 533 11.40 8.10 -15.26
C LEU C 533 12.72 7.63 -15.87
N GLY C 534 13.73 7.44 -15.03
CA GLY C 534 15.00 6.93 -15.46
C GLY C 534 16.16 7.86 -15.17
N PRO C 535 17.35 7.49 -15.65
CA PRO C 535 18.54 8.33 -15.44
C PRO C 535 18.35 9.77 -15.91
N GLY C 536 18.04 9.94 -17.20
CA GLY C 536 17.86 11.24 -17.79
C GLY C 536 16.42 11.72 -17.86
N GLY C 537 15.53 11.15 -17.08
CA GLY C 537 14.12 11.47 -17.14
C GLY C 537 13.68 12.45 -16.07
N LEU C 538 12.41 12.32 -15.68
CA LEU C 538 11.76 13.21 -14.73
C LEU C 538 11.31 12.42 -13.51
N THR C 539 11.63 12.93 -12.33
CA THR C 539 11.32 12.19 -11.11
C THR C 539 9.84 12.31 -10.77
N ARG C 540 9.39 11.46 -9.84
CA ARG C 540 7.97 11.41 -9.50
C ARG C 540 7.49 12.74 -8.94
N GLU C 541 8.22 13.30 -7.96
CA GLU C 541 7.73 14.50 -7.28
C GLU C 541 7.96 15.76 -8.11
N ARG C 542 8.75 15.68 -9.19
CA ARG C 542 8.93 16.82 -10.05
C ARG C 542 7.78 16.96 -11.04
N ALA C 543 6.88 15.98 -11.08
CA ALA C 543 5.83 15.90 -12.09
C ALA C 543 4.66 16.78 -11.65
N GLY C 544 4.29 17.72 -12.51
CA GLY C 544 3.14 18.56 -12.27
C GLY C 544 1.85 17.90 -12.70
N PHE C 545 0.78 18.71 -12.70
CA PHE C 545 -0.53 18.19 -13.09
C PHE C 545 -0.64 18.04 -14.61
N GLU C 546 0.28 18.65 -15.36
CA GLU C 546 0.16 18.66 -16.82
C GLU C 546 0.96 17.54 -17.48
N VAL C 547 2.06 17.10 -16.88
CA VAL C 547 2.87 16.06 -17.50
C VAL C 547 2.19 14.70 -17.39
N ARG C 548 1.32 14.51 -16.40
CA ARG C 548 0.59 13.24 -16.22
C ARG C 548 -0.85 13.37 -16.68
N ASP C 549 -1.09 14.13 -17.74
CA ASP C 549 -2.42 14.28 -18.32
C ASP C 549 -2.41 13.76 -19.75
N VAL C 550 -3.53 13.18 -20.16
CA VAL C 550 -3.64 12.66 -21.52
C VAL C 550 -3.79 13.82 -22.48
N HIS C 551 -3.09 13.74 -23.61
CA HIS C 551 -2.96 14.80 -24.60
C HIS C 551 -3.67 14.39 -25.88
N PRO C 552 -4.22 15.36 -26.64
CA PRO C 552 -4.85 15.00 -27.93
C PRO C 552 -3.90 14.37 -28.93
N THR C 553 -2.59 14.41 -28.67
CA THR C 553 -1.62 13.75 -29.54
C THR C 553 -1.40 12.29 -29.14
N HIS C 554 -1.96 11.85 -28.03
CA HIS C 554 -1.84 10.47 -27.56
C HIS C 554 -2.79 9.52 -28.29
N TYR C 555 -3.37 9.92 -29.41
CA TYR C 555 -4.45 9.17 -30.04
C TYR C 555 -4.02 7.78 -30.48
N GLY C 556 -3.12 7.70 -31.46
CA GLY C 556 -2.72 6.41 -31.99
C GLY C 556 -1.33 5.97 -31.57
N ARG C 557 -0.80 6.58 -30.51
CA ARG C 557 0.57 6.33 -30.10
C ARG C 557 0.67 5.66 -28.74
N VAL C 558 0.08 6.22 -27.70
CA VAL C 558 0.07 5.61 -26.38
C VAL C 558 -1.36 5.45 -25.91
N CYS C 559 -1.58 4.48 -25.04
CA CYS C 559 -2.93 4.18 -24.58
C CYS C 559 -3.36 5.16 -23.52
N PRO C 560 -4.57 5.74 -23.61
CA PRO C 560 -5.07 6.60 -22.54
C PRO C 560 -5.69 5.83 -21.38
N ILE C 561 -5.72 4.50 -21.44
CA ILE C 561 -6.41 3.70 -20.44
C ILE C 561 -5.41 3.03 -19.51
N GLU C 562 -4.40 2.37 -20.08
CA GLU C 562 -3.46 1.57 -19.29
C GLU C 562 -2.42 2.48 -18.65
N THR C 563 -2.44 2.54 -17.30
CA THR C 563 -1.49 3.31 -16.52
C THR C 563 -1.62 2.96 -15.04
N PRO C 564 -0.52 2.97 -14.27
CA PRO C 564 -0.61 2.71 -12.83
C PRO C 564 -1.43 3.79 -12.12
N GLU C 565 -1.76 3.51 -10.85
CA GLU C 565 -2.76 4.31 -10.16
C GLU C 565 -2.18 5.43 -9.29
N GLY C 566 -1.45 5.08 -8.23
CA GLY C 566 -1.14 6.09 -7.22
C GLY C 566 0.03 7.01 -7.52
N PRO C 567 1.24 6.50 -7.35
CA PRO C 567 2.43 7.33 -7.61
C PRO C 567 2.64 7.69 -9.08
N ASN C 568 2.57 6.67 -9.94
CA ASN C 568 3.10 6.75 -11.29
C ASN C 568 2.03 6.94 -12.35
N ILE C 569 0.86 7.47 -11.98
CA ILE C 569 -0.20 7.66 -12.97
C ILE C 569 0.21 8.77 -13.93
N GLY C 570 0.12 8.47 -15.22
CA GLY C 570 0.54 9.41 -16.25
C GLY C 570 2.01 9.39 -16.57
N LEU C 571 2.84 8.76 -15.73
CA LEU C 571 4.28 8.69 -15.97
C LEU C 571 4.71 7.40 -16.64
N ILE C 572 3.91 6.34 -16.53
CA ILE C 572 4.17 5.07 -17.20
C ILE C 572 3.00 4.78 -18.12
N ASN C 573 3.28 4.57 -19.40
CA ASN C 573 2.25 4.34 -20.41
C ASN C 573 2.58 3.09 -21.20
N SER C 574 1.65 2.70 -22.07
CA SER C 574 1.79 1.51 -22.90
C SER C 574 1.55 1.87 -24.35
N LEU C 575 2.34 1.25 -25.22
CA LEU C 575 2.22 1.48 -26.65
C LEU C 575 0.89 0.96 -27.18
N SER C 576 0.33 1.67 -28.16
CA SER C 576 -0.84 1.19 -28.85
C SER C 576 -0.47 0.01 -29.75
N VAL C 577 -1.50 -0.70 -30.23
CA VAL C 577 -1.25 -1.91 -31.00
C VAL C 577 -0.53 -1.64 -32.31
N TYR C 578 -0.88 -0.58 -33.02
CA TYR C 578 -0.28 -0.29 -34.32
C TYR C 578 0.84 0.75 -34.25
N ALA C 579 1.09 1.35 -33.09
CA ALA C 579 2.10 2.37 -32.99
C ALA C 579 3.50 1.79 -33.17
N GLN C 580 4.38 2.56 -33.81
CA GLN C 580 5.78 2.17 -33.98
C GLN C 580 6.64 3.43 -33.97
N THR C 581 7.93 3.23 -33.80
CA THR C 581 8.87 4.31 -33.57
C THR C 581 9.55 4.72 -34.87
N ASN C 582 9.59 6.03 -35.14
CA ASN C 582 10.21 6.57 -36.34
C ASN C 582 11.73 6.33 -36.29
N GLU C 583 12.39 6.67 -37.40
CA GLU C 583 13.84 6.51 -37.46
C GLU C 583 14.55 7.40 -36.44
N TYR C 584 14.07 8.63 -36.25
CA TYR C 584 14.66 9.53 -35.27
C TYR C 584 14.30 9.16 -33.84
N GLY C 585 13.19 8.44 -33.63
CA GLY C 585 12.80 8.04 -32.29
C GLY C 585 11.47 8.59 -31.86
N PHE C 586 10.66 9.03 -32.82
CA PHE C 586 9.34 9.57 -32.55
C PHE C 586 8.26 8.54 -32.86
N LEU C 587 7.14 8.65 -32.17
CA LEU C 587 6.06 7.69 -32.34
C LEU C 587 5.28 7.95 -33.64
N GLU C 588 4.81 6.87 -34.25
CA GLU C 588 4.08 6.92 -35.50
C GLU C 588 2.84 6.03 -35.41
N THR C 589 1.89 6.29 -36.29
CA THR C 589 0.67 5.50 -36.38
C THR C 589 0.20 5.47 -37.82
N PRO C 590 -0.27 4.32 -38.31
CA PRO C 590 -0.66 4.21 -39.71
C PRO C 590 -2.00 4.85 -40.02
N TYR C 591 -2.15 5.27 -41.27
CA TYR C 591 -3.40 5.82 -41.77
C TYR C 591 -3.56 5.41 -43.23
N ARG C 592 -4.81 5.39 -43.70
CA ARG C 592 -5.11 5.02 -45.07
C ARG C 592 -5.25 6.27 -45.92
N LYS C 593 -4.53 6.30 -47.04
CA LYS C 593 -4.60 7.44 -47.94
C LYS C 593 -5.97 7.54 -48.59
N VAL C 594 -6.48 8.76 -48.70
CA VAL C 594 -7.78 9.03 -49.29
C VAL C 594 -7.57 9.90 -50.53
N THR C 595 -7.97 9.37 -51.69
CA THR C 595 -7.88 10.08 -52.95
C THR C 595 -9.28 10.32 -53.49
N ASP C 596 -9.58 11.57 -53.84
CA ASP C 596 -10.90 11.98 -54.32
C ASP C 596 -11.90 11.63 -53.23
N GLY C 597 -12.87 10.74 -53.48
CA GLY C 597 -13.78 10.30 -52.45
C GLY C 597 -13.65 8.85 -52.04
N VAL C 598 -12.68 8.12 -52.58
CA VAL C 598 -12.49 6.70 -52.31
C VAL C 598 -11.25 6.50 -51.47
N VAL C 599 -11.37 5.75 -50.38
CA VAL C 599 -10.24 5.44 -49.53
C VAL C 599 -9.40 4.35 -50.20
N THR C 600 -8.09 4.53 -50.18
CA THR C 600 -7.19 3.59 -50.84
C THR C 600 -6.67 2.57 -49.82
N ASP C 601 -5.99 1.53 -50.31
CA ASP C 601 -5.44 0.49 -49.46
C ASP C 601 -4.00 0.79 -49.05
N GLU C 602 -3.32 1.70 -49.74
CA GLU C 602 -1.95 2.06 -49.36
C GLU C 602 -1.96 2.80 -48.02
N ILE C 603 -0.93 2.54 -47.22
CA ILE C 603 -0.90 2.96 -45.83
C ILE C 603 0.32 3.84 -45.60
N HIS C 604 0.10 5.00 -44.97
CA HIS C 604 1.16 5.93 -44.63
C HIS C 604 1.27 6.05 -43.12
N TYR C 605 2.50 6.02 -42.61
CA TYR C 605 2.76 6.21 -41.19
C TYR C 605 3.06 7.68 -40.94
N LEU C 606 2.26 8.32 -40.09
CA LEU C 606 2.38 9.74 -39.79
C LEU C 606 2.79 9.94 -38.35
N SER C 607 3.67 10.92 -38.14
CA SER C 607 4.14 11.27 -36.81
C SER C 607 3.24 12.35 -36.22
N ALA C 608 3.65 12.88 -35.06
CA ALA C 608 2.83 13.87 -34.37
C ALA C 608 2.82 15.21 -35.08
N ILE C 609 3.89 15.52 -35.82
CA ILE C 609 3.98 16.82 -36.49
C ILE C 609 3.25 16.79 -37.82
N GLU C 610 3.47 15.73 -38.61
CA GLU C 610 2.85 15.65 -39.93
C GLU C 610 1.32 15.57 -39.83
N GLU C 611 0.81 14.77 -38.90
CA GLU C 611 -0.63 14.56 -38.78
C GLU C 611 -1.37 15.80 -38.30
N GLY C 612 -0.65 16.81 -37.79
CA GLY C 612 -1.31 18.01 -37.30
C GLY C 612 -1.90 18.91 -38.38
N ASN C 613 -1.48 18.73 -39.62
CA ASN C 613 -1.96 19.54 -40.73
C ASN C 613 -3.12 18.89 -41.48
N TYR C 614 -3.06 17.59 -41.72
CA TYR C 614 -4.06 16.91 -42.53
C TYR C 614 -5.38 16.77 -41.77
N VAL C 615 -6.41 16.37 -42.50
CA VAL C 615 -7.72 16.07 -41.93
C VAL C 615 -7.87 14.55 -41.89
N ILE C 616 -8.04 14.00 -40.70
CA ILE C 616 -8.08 12.56 -40.48
C ILE C 616 -9.50 12.15 -40.15
N ALA C 617 -10.03 11.20 -40.89
CA ALA C 617 -11.40 10.73 -40.70
C ALA C 617 -11.47 9.80 -39.50
N GLN C 618 -12.62 9.15 -39.31
CA GLN C 618 -12.82 8.22 -38.21
C GLN C 618 -12.83 6.78 -38.72
N ALA C 619 -12.41 5.86 -37.86
CA ALA C 619 -12.41 4.44 -38.21
C ALA C 619 -13.81 3.92 -38.44
N ASN C 620 -14.76 4.34 -37.61
CA ASN C 620 -16.11 3.82 -37.64
C ASN C 620 -17.08 4.68 -38.46
N SER C 621 -16.61 5.07 -39.64
CA SER C 621 -17.43 5.79 -40.61
C SER C 621 -17.72 4.88 -41.80
N ASN C 622 -19.00 4.75 -42.13
CA ASN C 622 -19.43 3.75 -43.10
C ASN C 622 -18.94 4.09 -44.51
N LEU C 623 -18.64 3.05 -45.28
CA LEU C 623 -18.16 3.18 -46.65
C LEU C 623 -18.95 2.23 -47.55
N ASP C 624 -18.98 2.55 -48.83
CA ASP C 624 -19.70 1.75 -49.79
C ASP C 624 -18.78 0.66 -50.37
N GLU C 625 -19.28 -0.07 -51.37
CA GLU C 625 -18.49 -1.12 -51.99
C GLU C 625 -17.28 -0.55 -52.71
N GLU C 626 -17.45 0.57 -53.41
CA GLU C 626 -16.38 1.17 -54.20
C GLU C 626 -15.41 1.98 -53.36
N GLY C 627 -15.68 2.18 -52.07
CA GLY C 627 -14.80 2.94 -51.21
C GLY C 627 -15.26 4.36 -50.92
N HIS C 628 -16.33 4.83 -51.54
CA HIS C 628 -16.83 6.17 -51.30
C HIS C 628 -17.50 6.23 -49.92
N PHE C 629 -17.55 7.44 -49.37
CA PHE C 629 -18.26 7.66 -48.12
C PHE C 629 -19.77 7.67 -48.38
N VAL C 630 -20.50 6.89 -47.57
CA VAL C 630 -21.95 6.78 -47.78
C VAL C 630 -22.71 8.02 -47.36
N GLU C 631 -22.07 8.95 -46.65
CA GLU C 631 -22.72 10.18 -46.21
C GLU C 631 -21.80 11.36 -46.50
N ASP C 632 -22.42 12.54 -46.69
CA ASP C 632 -21.67 13.72 -47.10
C ASP C 632 -20.79 14.24 -45.97
N LEU C 633 -21.33 14.36 -44.76
CA LEU C 633 -20.64 14.96 -43.64
C LEU C 633 -20.10 13.86 -42.72
N VAL C 634 -18.79 13.85 -42.52
CA VAL C 634 -18.14 12.85 -41.69
C VAL C 634 -17.34 13.55 -40.58
N THR C 635 -17.18 12.84 -39.47
CA THR C 635 -16.42 13.38 -38.35
C THR C 635 -14.93 13.24 -38.59
N CYS C 636 -14.17 14.27 -38.24
CA CYS C 636 -12.74 14.28 -38.53
C CYS C 636 -11.99 15.03 -37.44
N ARG C 637 -10.69 14.81 -37.39
CA ARG C 637 -9.77 15.57 -36.56
C ARG C 637 -8.89 16.41 -37.48
N SER C 638 -8.93 17.73 -37.31
CA SER C 638 -8.15 18.64 -38.14
C SER C 638 -6.87 19.09 -37.46
N LYS C 639 -6.98 19.78 -36.31
CA LYS C 639 -5.83 20.19 -35.51
C LYS C 639 -6.24 20.06 -34.04
N GLY C 640 -6.03 18.87 -33.48
CA GLY C 640 -6.35 18.64 -32.08
C GLY C 640 -7.80 18.88 -31.72
N GLU C 641 -8.70 18.85 -32.69
CA GLU C 641 -10.11 19.13 -32.45
C GLU C 641 -10.99 18.14 -33.20
N SER C 642 -12.31 18.22 -32.98
CA SER C 642 -13.25 17.32 -33.64
C SER C 642 -14.39 18.12 -34.22
N SER C 643 -14.69 17.90 -35.49
CA SER C 643 -15.78 18.58 -36.17
C SER C 643 -16.11 17.82 -37.44
N LEU C 644 -17.23 18.20 -38.07
CA LEU C 644 -17.71 17.55 -39.27
C LEU C 644 -17.16 18.25 -40.51
N PHE C 645 -16.67 17.48 -41.47
CA PHE C 645 -16.11 18.01 -42.71
C PHE C 645 -16.88 17.44 -43.89
N SER C 646 -16.58 18.00 -45.07
CA SER C 646 -17.19 17.52 -46.30
C SER C 646 -16.57 16.19 -46.74
N ARG C 647 -17.25 15.52 -47.67
CA ARG C 647 -16.78 14.24 -48.16
C ARG C 647 -15.53 14.37 -49.03
N ASP C 648 -15.15 15.58 -49.43
CA ASP C 648 -13.99 15.80 -50.28
C ASP C 648 -12.82 16.44 -49.54
N GLN C 649 -13.06 17.04 -48.38
CA GLN C 649 -12.01 17.75 -47.66
C GLN C 649 -11.12 16.83 -46.83
N VAL C 650 -11.48 15.56 -46.68
CA VAL C 650 -10.67 14.65 -45.87
C VAL C 650 -9.40 14.26 -46.62
N ASP C 651 -8.41 13.82 -45.85
CA ASP C 651 -7.12 13.42 -46.39
C ASP C 651 -6.68 12.03 -45.98
N TYR C 652 -7.06 11.56 -44.79
CA TYR C 652 -6.63 10.26 -44.31
C TYR C 652 -7.75 9.62 -43.49
N MET C 653 -7.65 8.31 -43.33
CA MET C 653 -8.62 7.52 -42.56
C MET C 653 -7.88 6.60 -41.60
N ASP C 654 -8.51 6.35 -40.45
CA ASP C 654 -7.93 5.44 -39.48
C ASP C 654 -7.93 4.01 -40.01
N VAL C 655 -6.89 3.25 -39.66
CA VAL C 655 -6.77 1.89 -40.16
C VAL C 655 -7.84 0.99 -39.56
N SER C 656 -8.03 1.07 -38.24
CA SER C 656 -8.99 0.21 -37.57
C SER C 656 -9.43 0.88 -36.26
N THR C 657 -10.37 0.23 -35.58
CA THR C 657 -10.97 0.77 -34.37
C THR C 657 -10.16 0.47 -33.11
N GLN C 658 -9.11 -0.35 -33.21
CA GLN C 658 -8.25 -0.65 -32.07
C GLN C 658 -7.07 0.30 -31.97
N GLN C 659 -7.01 1.33 -32.82
CA GLN C 659 -5.80 2.14 -32.94
C GLN C 659 -5.44 2.87 -31.66
N VAL C 660 -6.42 3.12 -30.78
CA VAL C 660 -6.20 3.96 -29.61
C VAL C 660 -6.10 3.15 -28.32
N VAL C 661 -6.12 1.82 -28.40
CA VAL C 661 -6.04 0.98 -27.21
C VAL C 661 -4.82 0.08 -27.30
N SER C 662 -4.23 -0.17 -26.15
CA SER C 662 -3.05 -1.03 -26.05
C SER C 662 -3.46 -2.50 -26.10
N VAL C 663 -2.48 -3.37 -25.90
CA VAL C 663 -2.75 -4.81 -25.94
C VAL C 663 -3.58 -5.22 -24.74
N GLY C 664 -3.27 -4.68 -23.56
CA GLY C 664 -4.02 -5.02 -22.37
C GLY C 664 -5.48 -4.60 -22.44
N ALA C 665 -5.74 -3.41 -22.97
CA ALA C 665 -7.10 -2.92 -23.07
C ALA C 665 -7.85 -3.50 -24.26
N SER C 666 -7.15 -4.13 -25.21
CA SER C 666 -7.81 -4.75 -26.35
C SER C 666 -8.55 -6.03 -25.99
N LEU C 667 -8.24 -6.62 -24.84
CA LEU C 667 -8.82 -7.90 -24.43
C LEU C 667 -10.05 -7.73 -23.55
N ILE C 668 -10.62 -6.53 -23.48
CA ILE C 668 -11.81 -6.25 -22.68
C ILE C 668 -13.00 -6.19 -23.64
N PRO C 669 -13.88 -7.19 -23.66
CA PRO C 669 -15.08 -7.08 -24.49
C PRO C 669 -16.01 -6.00 -23.97
N PHE C 670 -16.71 -5.36 -24.92
CA PHE C 670 -17.62 -4.25 -24.61
C PHE C 670 -16.91 -3.16 -23.82
N LEU C 671 -15.74 -2.75 -24.33
CA LEU C 671 -14.99 -1.68 -23.69
C LEU C 671 -15.74 -0.35 -23.78
N GLU C 672 -16.48 -0.14 -24.86
CA GLU C 672 -17.23 1.09 -25.04
C GLU C 672 -18.41 1.22 -24.08
N HIS C 673 -18.79 0.15 -23.39
CA HIS C 673 -19.87 0.17 -22.43
C HIS C 673 -19.39 0.32 -20.99
N ASP C 674 -18.08 0.42 -20.78
CA ASP C 674 -17.50 0.55 -19.45
C ASP C 674 -17.04 1.98 -19.21
N ASP C 675 -17.11 2.40 -17.94
CA ASP C 675 -16.55 3.69 -17.57
C ASP C 675 -15.03 3.66 -17.74
N ALA C 676 -14.46 4.83 -18.02
CA ALA C 676 -13.05 4.90 -18.38
C ALA C 676 -12.16 4.44 -17.22
N ASN C 677 -12.44 4.90 -16.00
CA ASN C 677 -11.57 4.55 -14.88
C ASN C 677 -11.78 3.10 -14.43
N ARG C 678 -13.02 2.61 -14.43
CA ARG C 678 -13.24 1.21 -14.09
C ARG C 678 -12.63 0.28 -15.13
N ALA C 679 -12.69 0.65 -16.42
CA ALA C 679 -12.00 -0.13 -17.44
C ALA C 679 -10.49 -0.05 -17.26
N LEU C 680 -9.99 1.10 -16.81
CA LEU C 680 -8.58 1.22 -16.45
C LEU C 680 -8.20 0.21 -15.37
N MET C 681 -9.02 0.13 -14.32
CA MET C 681 -8.77 -0.82 -13.25
C MET C 681 -8.82 -2.26 -13.76
N GLY C 682 -9.80 -2.56 -14.62
CA GLY C 682 -9.88 -3.90 -15.17
C GLY C 682 -8.67 -4.27 -16.01
N ALA C 683 -8.20 -3.34 -16.84
CA ALA C 683 -7.01 -3.59 -17.65
C ALA C 683 -5.78 -3.77 -16.77
N ASN C 684 -5.68 -3.00 -15.70
CA ASN C 684 -4.53 -3.14 -14.80
C ASN C 684 -4.61 -4.41 -13.97
N MET C 685 -5.83 -4.92 -13.72
CA MET C 685 -6.00 -6.14 -12.95
C MET C 685 -5.89 -7.40 -13.79
N GLN C 686 -6.08 -7.29 -15.11
CA GLN C 686 -5.95 -8.46 -15.97
C GLN C 686 -4.54 -9.03 -15.96
N ARG C 687 -3.55 -8.23 -15.59
CA ARG C 687 -2.15 -8.65 -15.60
C ARG C 687 -1.70 -9.29 -14.29
N GLN C 688 -2.56 -9.32 -13.27
CA GLN C 688 -2.24 -9.94 -11.99
C GLN C 688 -2.85 -11.32 -11.84
N ALA C 689 -3.47 -11.86 -12.87
CA ALA C 689 -4.07 -13.19 -12.80
C ALA C 689 -2.99 -14.25 -12.65
N VAL C 690 -3.36 -15.36 -12.01
CA VAL C 690 -2.47 -16.49 -11.78
C VAL C 690 -2.94 -17.64 -12.66
N PRO C 691 -2.07 -18.22 -13.48
CA PRO C 691 -2.50 -19.37 -14.30
C PRO C 691 -2.96 -20.52 -13.42
N THR C 692 -4.02 -21.19 -13.86
CA THR C 692 -4.69 -22.21 -13.08
C THR C 692 -4.12 -23.59 -13.41
N LEU C 693 -4.77 -24.64 -12.89
CA LEU C 693 -4.35 -26.00 -13.18
C LEU C 693 -4.64 -26.37 -14.63
N ARG C 694 -5.84 -26.06 -15.11
CA ARG C 694 -6.26 -26.39 -16.46
C ARG C 694 -6.77 -25.12 -17.14
N ALA C 695 -6.29 -24.89 -18.36
CA ALA C 695 -6.70 -23.69 -19.10
C ALA C 695 -8.14 -23.81 -19.57
N ASP C 696 -8.78 -22.66 -19.72
CA ASP C 696 -10.18 -22.60 -20.17
C ASP C 696 -10.36 -21.36 -21.02
N LYS C 697 -10.73 -21.56 -22.28
CA LYS C 697 -10.88 -20.45 -23.20
C LYS C 697 -12.05 -19.55 -22.76
N PRO C 698 -12.02 -18.27 -23.13
CA PRO C 698 -13.17 -17.40 -22.85
C PRO C 698 -14.29 -17.63 -23.85
N LEU C 699 -15.51 -17.76 -23.34
CA LEU C 699 -16.67 -17.88 -24.24
C LEU C 699 -16.92 -16.57 -24.98
N VAL C 700 -16.79 -15.44 -24.29
CA VAL C 700 -16.93 -14.13 -24.89
C VAL C 700 -15.54 -13.49 -24.89
N GLY C 701 -14.91 -13.48 -26.06
CA GLY C 701 -13.59 -12.91 -26.22
C GLY C 701 -13.58 -11.70 -27.12
N THR C 702 -12.42 -11.45 -27.72
CA THR C 702 -12.25 -10.33 -28.64
C THR C 702 -11.59 -10.72 -29.96
N GLY C 703 -10.74 -11.74 -29.97
CA GLY C 703 -10.00 -12.12 -31.15
C GLY C 703 -8.52 -11.78 -31.09
N MET C 704 -8.10 -11.01 -30.09
CA MET C 704 -6.69 -10.72 -29.87
C MET C 704 -5.99 -11.79 -29.05
N GLU C 705 -6.71 -12.81 -28.58
CA GLU C 705 -6.11 -13.85 -27.76
C GLU C 705 -5.05 -14.62 -28.54
N ARG C 706 -5.33 -14.92 -29.82
CA ARG C 706 -4.36 -15.65 -30.63
C ARG C 706 -3.06 -14.85 -30.81
N ALA C 707 -3.19 -13.55 -31.07
CA ALA C 707 -2.00 -12.72 -31.27
C ALA C 707 -1.17 -12.63 -30.00
N VAL C 708 -1.83 -12.41 -28.86
CA VAL C 708 -1.10 -12.31 -27.59
C VAL C 708 -0.43 -13.63 -27.25
N ALA C 709 -1.13 -14.75 -27.51
CA ALA C 709 -0.55 -16.06 -27.20
C ALA C 709 0.64 -16.38 -28.08
N VAL C 710 0.54 -16.11 -29.38
CA VAL C 710 1.62 -16.45 -30.31
C VAL C 710 2.81 -15.52 -30.12
N ASP C 711 2.54 -14.22 -30.00
CA ASP C 711 3.63 -13.24 -29.95
C ASP C 711 4.38 -13.25 -28.64
N SER C 712 3.76 -13.71 -27.55
CA SER C 712 4.44 -13.73 -26.26
C SER C 712 5.61 -14.71 -26.25
N GLY C 713 5.47 -15.84 -26.92
CA GLY C 713 6.53 -16.83 -26.98
C GLY C 713 6.45 -17.94 -25.96
N VAL C 714 5.39 -17.98 -25.14
CA VAL C 714 5.25 -19.06 -24.17
C VAL C 714 5.01 -20.39 -24.89
N THR C 715 4.29 -20.35 -26.01
CA THR C 715 3.96 -21.54 -26.76
C THR C 715 5.17 -22.05 -27.53
N ALA C 716 4.97 -23.15 -28.26
CA ALA C 716 5.99 -23.73 -29.14
C ALA C 716 5.38 -23.82 -30.53
N VAL C 717 5.89 -23.00 -31.45
CA VAL C 717 5.33 -22.87 -32.79
C VAL C 717 6.25 -23.55 -33.79
N ALA C 718 5.66 -24.30 -34.71
CA ALA C 718 6.43 -24.97 -35.75
C ALA C 718 7.10 -23.94 -36.66
N LYS C 719 8.30 -24.27 -37.13
CA LYS C 719 9.07 -23.35 -37.97
C LYS C 719 9.29 -23.87 -39.39
N ARG C 720 9.37 -25.19 -39.58
CA ARG C 720 9.37 -25.81 -40.91
C ARG C 720 8.42 -27.00 -40.90
N GLY C 721 7.20 -26.77 -40.41
CA GLY C 721 6.26 -27.84 -40.13
C GLY C 721 5.97 -28.81 -41.26
N GLY C 722 6.11 -30.10 -40.97
CA GLY C 722 5.72 -31.16 -41.88
C GLY C 722 4.62 -32.01 -41.28
N VAL C 723 4.96 -33.21 -40.84
CA VAL C 723 4.05 -34.07 -40.11
C VAL C 723 4.68 -34.43 -38.77
N VAL C 724 3.84 -34.76 -37.80
CA VAL C 724 4.32 -35.11 -36.47
C VAL C 724 4.66 -36.59 -36.43
N GLN C 725 5.85 -36.90 -35.92
CA GLN C 725 6.36 -38.28 -35.91
C GLN C 725 6.25 -38.93 -34.53
N TYR C 726 6.83 -38.31 -33.51
CA TYR C 726 6.80 -38.84 -32.15
C TYR C 726 6.30 -37.77 -31.21
N VAL C 727 5.34 -38.11 -30.36
CA VAL C 727 4.74 -37.19 -29.40
C VAL C 727 4.98 -37.73 -28.00
N ASP C 728 5.04 -36.81 -27.03
CA ASP C 728 5.30 -37.18 -25.65
C ASP C 728 4.93 -35.97 -24.79
N ALA C 729 4.76 -36.23 -23.49
CA ALA C 729 4.49 -35.13 -22.57
C ALA C 729 5.66 -34.16 -22.44
N SER C 730 6.84 -34.52 -22.95
CA SER C 730 8.01 -33.68 -22.84
C SER C 730 8.76 -33.44 -24.16
N ARG C 731 8.31 -34.01 -25.27
CA ARG C 731 8.99 -33.81 -26.54
C ARG C 731 8.01 -33.96 -27.70
N ILE C 732 8.28 -33.21 -28.78
CA ILE C 732 7.58 -33.35 -30.04
C ILE C 732 8.62 -33.38 -31.15
N VAL C 733 8.58 -34.43 -31.97
CA VAL C 733 9.49 -34.59 -33.10
C VAL C 733 8.66 -34.54 -34.38
N ILE C 734 8.99 -33.61 -35.26
CA ILE C 734 8.24 -33.37 -36.49
C ILE C 734 9.11 -33.72 -37.68
N LYS C 735 8.56 -34.54 -38.58
CA LYS C 735 9.24 -34.88 -39.82
C LYS C 735 8.89 -33.84 -40.87
N VAL C 736 9.86 -32.97 -41.18
CA VAL C 736 9.61 -31.90 -42.14
C VAL C 736 9.37 -32.48 -43.52
N ASN C 737 8.35 -31.95 -44.20
CA ASN C 737 7.98 -32.46 -45.51
C ASN C 737 9.07 -32.18 -46.54
N GLU C 738 8.95 -32.83 -47.68
CA GLU C 738 9.96 -32.75 -48.74
C GLU C 738 9.91 -31.42 -49.49
N ASP C 739 8.74 -30.77 -49.58
CA ASP C 739 8.60 -29.57 -50.38
C ASP C 739 9.59 -28.49 -49.95
N GLU C 740 9.76 -28.31 -48.65
CA GLU C 740 10.79 -27.42 -48.11
C GLU C 740 11.79 -28.27 -47.33
N MET C 741 13.06 -28.15 -47.67
CA MET C 741 14.09 -29.00 -47.08
C MET C 741 15.46 -28.43 -47.40
N TYR C 742 16.34 -28.46 -46.40
CA TYR C 742 17.74 -28.10 -46.60
C TYR C 742 18.48 -29.30 -47.19
N PRO C 743 19.17 -29.15 -48.32
CA PRO C 743 19.82 -30.31 -48.94
C PRO C 743 20.87 -30.92 -48.03
N GLY C 744 20.94 -32.26 -48.04
CA GLY C 744 21.93 -32.97 -47.26
C GLY C 744 21.49 -33.26 -45.84
N GLU C 745 21.89 -34.44 -45.33
CA GLU C 745 21.69 -34.86 -43.95
C GLU C 745 20.22 -34.99 -43.56
N ALA C 746 19.31 -34.97 -44.53
CA ALA C 746 17.86 -35.06 -44.29
C ALA C 746 17.47 -33.96 -43.30
N GLY C 747 16.83 -34.28 -42.18
CA GLY C 747 16.53 -33.26 -41.19
C GLY C 747 15.18 -33.45 -40.50
N ILE C 748 15.15 -33.22 -39.19
CA ILE C 748 13.91 -33.25 -38.41
C ILE C 748 13.95 -32.10 -37.42
N ASP C 749 12.78 -31.76 -36.89
CA ASP C 749 12.63 -30.70 -35.90
C ASP C 749 12.32 -31.33 -34.55
N ILE C 750 13.12 -30.98 -33.54
CA ILE C 750 12.97 -31.51 -32.20
C ILE C 750 12.64 -30.36 -31.27
N TYR C 751 11.52 -30.46 -30.56
CA TYR C 751 11.08 -29.47 -29.59
C TYR C 751 11.04 -30.11 -28.22
N ASN C 752 11.84 -29.59 -27.29
CA ASN C 752 11.87 -30.07 -25.92
C ASN C 752 11.07 -29.10 -25.06
N LEU C 753 9.86 -29.49 -24.69
CA LEU C 753 9.00 -28.63 -23.89
C LEU C 753 9.56 -28.46 -22.49
N THR C 754 9.37 -27.27 -21.92
CA THR C 754 9.82 -26.99 -20.57
C THR C 754 8.73 -27.40 -19.59
N LYS C 755 9.01 -28.39 -18.76
CA LYS C 755 8.06 -28.87 -17.77
C LYS C 755 8.05 -27.91 -16.57
N TYR C 756 7.44 -28.36 -15.47
CA TYR C 756 7.20 -27.51 -14.30
C TYR C 756 8.46 -26.76 -13.90
N THR C 757 8.42 -25.43 -14.02
CA THR C 757 9.59 -24.59 -13.81
C THR C 757 9.17 -23.36 -13.01
N ARG C 758 10.00 -22.98 -12.05
CA ARG C 758 9.72 -21.80 -11.23
C ARG C 758 9.88 -20.53 -12.04
N SER C 759 8.93 -19.61 -11.88
CA SER C 759 8.94 -18.33 -12.56
C SER C 759 9.41 -17.23 -11.60
N ASN C 760 9.38 -15.99 -12.10
CA ASN C 760 9.82 -14.87 -11.27
C ASN C 760 8.90 -14.66 -10.08
N GLN C 761 7.60 -14.85 -10.26
CA GLN C 761 6.62 -14.66 -9.20
C GLN C 761 6.32 -15.96 -8.45
N ASN C 762 7.22 -16.95 -8.52
CA ASN C 762 7.07 -18.24 -7.85
C ASN C 762 5.83 -19.01 -8.31
N THR C 763 5.37 -18.77 -9.53
CA THR C 763 4.29 -19.54 -10.11
C THR C 763 4.87 -20.73 -10.87
N CYS C 764 4.05 -21.42 -11.66
CA CYS C 764 4.48 -22.58 -12.42
C CYS C 764 4.43 -22.30 -13.91
N ILE C 765 5.47 -22.75 -14.62
CA ILE C 765 5.53 -22.67 -16.07
C ILE C 765 5.58 -24.09 -16.61
N ASN C 766 4.63 -24.43 -17.47
CA ASN C 766 4.52 -25.78 -18.00
C ASN C 766 3.98 -25.72 -19.42
N GLN C 767 4.47 -26.63 -20.28
CA GLN C 767 4.06 -26.72 -21.66
C GLN C 767 3.54 -28.13 -21.93
N MET C 768 2.42 -28.23 -22.62
CA MET C 768 1.82 -29.52 -22.97
C MET C 768 1.44 -29.53 -24.45
N PRO C 769 1.59 -30.67 -25.12
CA PRO C 769 1.37 -30.71 -26.56
C PRO C 769 -0.09 -30.53 -26.95
N CYS C 770 -0.29 -30.10 -28.20
CA CYS C 770 -1.62 -29.98 -28.78
C CYS C 770 -1.85 -30.92 -29.96
N VAL C 771 -0.80 -31.47 -30.55
CA VAL C 771 -0.91 -32.40 -31.67
C VAL C 771 -0.92 -33.82 -31.11
N SER C 772 -1.66 -34.71 -31.76
CA SER C 772 -1.88 -36.05 -31.22
C SER C 772 -0.88 -37.07 -31.77
N LEU C 773 -0.92 -37.34 -33.08
CA LEU C 773 0.05 -38.22 -33.74
C LEU C 773 -0.20 -38.21 -35.24
N GLY C 774 0.86 -38.19 -36.04
CA GLY C 774 0.74 -38.24 -37.48
C GLY C 774 -0.09 -37.11 -38.06
N GLU C 775 -0.34 -36.10 -37.26
CA GLU C 775 -1.19 -34.99 -37.67
C GLU C 775 -0.38 -33.99 -38.47
N PRO C 776 -0.72 -33.71 -39.72
CA PRO C 776 0.05 -32.72 -40.49
C PRO C 776 -0.08 -31.33 -39.86
N VAL C 777 1.03 -30.60 -39.83
CA VAL C 777 1.06 -29.25 -39.32
C VAL C 777 1.77 -28.36 -40.34
N GLU C 778 1.43 -27.07 -40.34
CA GLU C 778 2.04 -26.11 -41.22
C GLU C 778 2.97 -25.19 -40.42
N ARG C 779 3.67 -24.31 -41.13
CA ARG C 779 4.57 -23.37 -40.47
C ARG C 779 3.78 -22.33 -39.69
N GLY C 780 4.18 -22.10 -38.45
CA GLY C 780 3.52 -21.15 -37.58
C GLY C 780 2.42 -21.72 -36.71
N ASP C 781 2.04 -22.98 -36.92
CA ASP C 781 1.01 -23.58 -36.09
C ASP C 781 1.55 -23.85 -34.68
N VAL C 782 0.64 -23.88 -33.72
CA VAL C 782 0.99 -24.08 -32.32
C VAL C 782 1.07 -25.57 -32.03
N LEU C 783 2.20 -26.01 -31.47
CA LEU C 783 2.39 -27.39 -31.06
C LEU C 783 2.10 -27.61 -29.58
N ALA C 784 2.62 -26.75 -28.71
CA ALA C 784 2.38 -26.82 -27.28
C ALA C 784 1.92 -25.46 -26.79
N ASP C 785 1.04 -25.46 -25.80
CA ASP C 785 0.51 -24.25 -25.19
C ASP C 785 1.08 -24.09 -23.78
N GLY C 786 1.69 -22.95 -23.52
CA GLY C 786 2.34 -22.72 -22.25
C GLY C 786 1.37 -22.40 -21.13
N PRO C 787 1.81 -21.60 -20.16
CA PRO C 787 0.95 -21.28 -19.02
C PRO C 787 -0.23 -20.40 -19.44
N SER C 788 -1.43 -20.82 -19.04
CA SER C 788 -2.67 -20.09 -19.31
C SER C 788 -2.85 -19.84 -20.81
N THR C 789 -2.91 -20.95 -21.56
CA THR C 789 -3.13 -20.91 -23.00
C THR C 789 -3.80 -22.21 -23.41
N ASP C 790 -4.92 -22.11 -24.13
CA ASP C 790 -5.70 -23.26 -24.55
C ASP C 790 -5.77 -23.29 -26.06
N LEU C 791 -5.09 -24.25 -26.68
CA LEU C 791 -5.08 -24.43 -28.13
C LEU C 791 -4.62 -23.18 -28.86
N GLY C 792 -3.63 -22.49 -28.28
CA GLY C 792 -3.07 -21.31 -28.87
C GLY C 792 -3.86 -20.03 -28.64
N GLU C 793 -4.71 -19.99 -27.62
CA GLU C 793 -5.50 -18.81 -27.30
C GLU C 793 -5.28 -18.42 -25.84
N LEU C 794 -5.07 -17.14 -25.60
CA LEU C 794 -4.83 -16.63 -24.26
C LEU C 794 -6.02 -16.93 -23.34
N ALA C 795 -5.81 -17.78 -22.34
CA ALA C 795 -6.85 -18.22 -21.42
C ALA C 795 -6.31 -18.14 -20.01
N LEU C 796 -6.44 -16.97 -19.38
CA LEU C 796 -5.95 -16.73 -18.03
C LEU C 796 -7.05 -16.68 -16.99
N GLY C 797 -8.24 -17.20 -17.33
CA GLY C 797 -9.34 -17.25 -16.38
C GLY C 797 -10.25 -18.43 -16.66
N GLN C 798 -11.40 -18.49 -16.00
CA GLN C 798 -12.31 -19.61 -16.18
C GLN C 798 -13.74 -19.08 -16.35
N ASN C 799 -14.54 -19.83 -17.09
CA ASN C 799 -15.92 -19.44 -17.38
C ASN C 799 -16.82 -19.86 -16.23
N MET C 800 -17.30 -18.87 -15.47
CA MET C 800 -18.12 -19.11 -14.28
C MET C 800 -19.56 -18.74 -14.56
N ARG C 801 -20.48 -19.62 -14.18
CA ARG C 801 -21.90 -19.32 -14.26
C ARG C 801 -22.26 -18.35 -13.13
N VAL C 802 -22.90 -17.24 -13.48
CA VAL C 802 -23.06 -16.10 -12.58
C VAL C 802 -24.53 -15.74 -12.45
N ALA C 803 -24.96 -15.48 -11.22
CA ALA C 803 -26.27 -14.90 -10.94
C ALA C 803 -26.08 -13.56 -10.26
N PHE C 804 -26.77 -12.53 -10.76
CA PHE C 804 -26.69 -11.18 -10.21
C PHE C 804 -27.87 -11.00 -9.26
N MET C 805 -27.63 -11.19 -7.97
CA MET C 805 -28.69 -11.12 -6.97
C MET C 805 -28.10 -11.00 -5.57
N PRO C 806 -28.77 -10.32 -4.65
CA PRO C 806 -28.33 -10.31 -3.25
C PRO C 806 -28.72 -11.61 -2.55
N TRP C 807 -27.79 -12.16 -1.79
CA TRP C 807 -27.99 -13.45 -1.14
C TRP C 807 -27.65 -13.34 0.35
N ASN C 808 -28.63 -12.93 1.14
CA ASN C 808 -28.56 -12.98 2.61
C ASN C 808 -27.34 -12.23 3.17
N GLY C 809 -26.86 -11.24 2.42
CA GLY C 809 -25.75 -10.43 2.87
C GLY C 809 -24.38 -11.05 2.73
N TYR C 810 -24.27 -12.21 2.09
CA TYR C 810 -22.97 -12.84 1.89
C TYR C 810 -22.24 -12.30 0.66
N ASN C 811 -22.88 -11.45 -0.14
CA ASN C 811 -22.21 -10.70 -1.19
C ASN C 811 -22.32 -9.20 -0.92
N PHE C 812 -22.40 -8.83 0.36
CA PHE C 812 -22.46 -7.43 0.75
C PHE C 812 -21.18 -6.71 0.35
N GLU C 813 -21.32 -5.44 -0.03
CA GLU C 813 -20.21 -4.61 -0.52
C GLU C 813 -19.67 -5.28 -1.77
N ASP C 814 -18.39 -5.64 -1.82
CA ASP C 814 -17.78 -6.23 -3.00
C ASP C 814 -17.50 -7.72 -2.86
N SER C 815 -18.03 -8.36 -1.82
CA SER C 815 -17.71 -9.76 -1.57
C SER C 815 -18.37 -10.66 -2.62
N ILE C 816 -17.89 -11.91 -2.67
CA ILE C 816 -18.31 -12.88 -3.67
C ILE C 816 -18.71 -14.17 -2.97
N LEU C 817 -19.80 -14.77 -3.43
CA LEU C 817 -20.29 -16.03 -2.89
C LEU C 817 -20.00 -17.15 -3.90
N VAL C 818 -19.41 -18.24 -3.42
CA VAL C 818 -18.91 -19.30 -4.28
C VAL C 818 -19.47 -20.63 -3.80
N SER C 819 -19.89 -21.47 -4.75
CA SER C 819 -20.38 -22.80 -4.43
C SER C 819 -19.22 -23.76 -4.16
N GLU C 820 -19.54 -24.87 -3.50
CA GLU C 820 -18.52 -25.88 -3.23
C GLU C 820 -18.17 -26.68 -4.48
N ARG C 821 -19.06 -26.74 -5.46
CA ARG C 821 -18.77 -27.45 -6.70
C ARG C 821 -17.61 -26.82 -7.45
N VAL C 822 -17.45 -25.50 -7.37
CA VAL C 822 -16.29 -24.85 -7.97
C VAL C 822 -15.02 -25.34 -7.30
N VAL C 823 -15.05 -25.55 -5.99
CA VAL C 823 -13.88 -26.05 -5.28
C VAL C 823 -13.59 -27.50 -5.65
N GLN C 824 -14.64 -28.31 -5.78
CA GLN C 824 -14.44 -29.74 -6.06
C GLN C 824 -13.75 -29.99 -7.39
N GLU C 825 -14.18 -29.28 -8.45
CA GLU C 825 -13.59 -29.46 -9.78
C GLU C 825 -12.19 -28.87 -9.90
N ASP C 826 -11.60 -28.40 -8.80
CA ASP C 826 -10.22 -27.90 -8.78
C ASP C 826 -10.04 -26.70 -9.70
N ARG C 827 -11.11 -25.97 -10.00
CA ARG C 827 -10.97 -24.70 -10.66
C ARG C 827 -10.38 -23.67 -9.70
N PHE C 828 -9.57 -22.76 -10.25
CA PHE C 828 -8.83 -21.76 -9.48
C PHE C 828 -7.85 -22.41 -8.50
N THR C 829 -7.29 -23.56 -8.90
CA THR C 829 -6.24 -24.22 -8.14
C THR C 829 -4.94 -24.06 -8.89
N THR C 830 -3.94 -23.47 -8.23
CA THR C 830 -2.68 -23.10 -8.88
C THR C 830 -1.50 -23.78 -8.19
N ILE C 831 -0.46 -24.04 -8.96
CA ILE C 831 0.77 -24.66 -8.46
C ILE C 831 1.81 -23.56 -8.26
N HIS C 832 2.43 -23.55 -7.08
CA HIS C 832 3.48 -22.59 -6.75
C HIS C 832 4.77 -23.33 -6.43
N ILE C 833 5.89 -22.80 -6.91
CA ILE C 833 7.19 -23.45 -6.83
C ILE C 833 8.13 -22.53 -6.07
N GLN C 834 8.95 -23.12 -5.20
CA GLN C 834 9.89 -22.39 -4.36
C GLN C 834 11.28 -22.98 -4.51
N GLU C 835 12.30 -22.13 -4.47
CA GLU C 835 13.69 -22.54 -4.59
C GLU C 835 14.42 -22.31 -3.28
N LEU C 836 15.09 -23.34 -2.78
CA LEU C 836 15.92 -23.24 -1.60
C LEU C 836 17.30 -23.81 -1.93
N ALA C 837 18.34 -23.12 -1.47
CA ALA C 837 19.71 -23.48 -1.80
C ALA C 837 20.59 -23.41 -0.55
N CYS C 838 21.60 -24.28 -0.52
CA CYS C 838 22.62 -24.27 0.53
C CYS C 838 23.98 -24.39 -0.14
N VAL C 839 24.99 -23.75 0.45
CA VAL C 839 26.33 -23.70 -0.11
C VAL C 839 27.33 -24.17 0.93
N SER C 840 28.23 -25.07 0.52
CA SER C 840 29.33 -25.51 1.35
C SER C 840 30.55 -24.65 1.06
N ARG C 841 30.95 -23.84 2.04
CA ARG C 841 31.98 -22.83 1.83
C ARG C 841 33.14 -23.08 2.79
N ASP C 842 34.36 -22.91 2.29
CA ASP C 842 35.55 -23.24 3.06
C ASP C 842 35.74 -22.28 4.23
N THR C 843 36.38 -22.77 5.28
CA THR C 843 36.69 -22.01 6.49
C THR C 843 38.14 -22.26 6.88
N LYS C 844 38.66 -21.41 7.79
CA LYS C 844 40.02 -21.60 8.26
C LYS C 844 40.17 -22.93 9.00
N LEU C 845 39.18 -23.29 9.81
CA LEU C 845 39.24 -24.49 10.64
C LEU C 845 39.09 -25.78 9.84
N GLY C 846 38.62 -25.69 8.60
CA GLY C 846 38.50 -26.87 7.76
C GLY C 846 37.36 -26.74 6.76
N PRO C 847 37.28 -27.68 5.82
CA PRO C 847 36.21 -27.65 4.82
C PRO C 847 34.86 -28.04 5.40
N GLU C 848 33.82 -27.58 4.72
CA GLU C 848 32.44 -27.87 5.12
C GLU C 848 31.95 -29.07 4.31
N GLU C 849 31.55 -30.13 5.01
CA GLU C 849 31.16 -31.38 4.38
C GLU C 849 29.65 -31.53 4.36
N ILE C 850 29.15 -32.15 3.28
CA ILE C 850 27.74 -32.50 3.15
C ILE C 850 27.64 -34.01 3.30
N THR C 851 27.11 -34.46 4.43
CA THR C 851 27.04 -35.89 4.73
C THR C 851 25.69 -36.20 5.37
N ALA C 852 25.27 -37.46 5.22
CA ALA C 852 23.97 -37.88 5.75
C ALA C 852 23.97 -37.91 7.27
N ASP C 853 25.02 -38.46 7.87
CA ASP C 853 25.05 -38.59 9.32
C ASP C 853 25.28 -37.22 9.97
N ILE C 854 24.32 -36.82 10.81
CA ILE C 854 24.36 -35.53 11.50
C ILE C 854 24.50 -35.81 12.99
N PRO C 855 25.56 -35.31 13.65
CA PRO C 855 25.68 -35.52 15.10
C PRO C 855 24.51 -34.90 15.86
N ASN C 856 24.12 -35.59 16.94
CA ASN C 856 23.04 -35.14 17.82
C ASN C 856 21.73 -34.97 17.05
N VAL C 857 21.47 -35.87 16.12
CA VAL C 857 20.24 -35.89 15.34
C VAL C 857 19.68 -37.30 15.34
N GLY C 858 18.39 -37.44 15.65
CA GLY C 858 17.78 -38.74 15.76
C GLY C 858 17.60 -39.42 14.41
N GLU C 859 17.29 -40.71 14.50
CA GLU C 859 17.11 -41.52 13.30
C GLU C 859 15.84 -41.16 12.53
N ALA C 860 14.83 -40.59 13.21
CA ALA C 860 13.62 -40.19 12.52
C ALA C 860 13.88 -39.07 11.53
N ALA C 861 14.80 -38.15 11.89
CA ALA C 861 15.10 -37.03 11.01
C ALA C 861 15.83 -37.47 9.75
N LEU C 862 16.61 -38.54 9.81
CA LEU C 862 17.37 -39.03 8.67
C LEU C 862 16.59 -39.99 7.79
N SER C 863 15.29 -40.16 8.05
CA SER C 863 14.49 -41.10 7.26
C SER C 863 14.39 -40.67 5.81
N LYS C 864 14.19 -39.37 5.55
CA LYS C 864 14.01 -38.86 4.21
C LYS C 864 15.30 -38.35 3.59
N LEU C 865 16.45 -38.85 4.02
CA LEU C 865 17.74 -38.48 3.46
C LEU C 865 18.41 -39.73 2.88
N ASP C 866 19.02 -39.55 1.71
CA ASP C 866 19.68 -40.66 1.03
C ASP C 866 21.06 -40.89 1.66
N GLU C 867 21.87 -41.74 1.04
CA GLU C 867 23.21 -42.02 1.53
C GLU C 867 24.16 -40.84 1.37
N SER C 868 23.81 -39.86 0.52
CA SER C 868 24.64 -38.69 0.31
C SER C 868 24.14 -37.46 1.04
N GLY C 869 23.03 -37.56 1.77
CA GLY C 869 22.50 -36.45 2.52
C GLY C 869 21.54 -35.54 1.77
N ILE C 870 21.03 -35.96 0.62
CA ILE C 870 20.12 -35.15 -0.19
C ILE C 870 18.77 -35.85 -0.21
N VAL C 871 17.70 -35.06 -0.10
CA VAL C 871 16.35 -35.63 -0.06
C VAL C 871 16.06 -36.43 -1.32
N TYR C 872 15.30 -37.51 -1.15
CA TYR C 872 14.82 -38.27 -2.30
C TYR C 872 13.81 -37.44 -3.07
N ILE C 873 13.80 -37.61 -4.39
CA ILE C 873 12.88 -36.86 -5.24
C ILE C 873 11.46 -37.36 -4.99
N GLY C 874 10.55 -36.43 -4.74
CA GLY C 874 9.16 -36.75 -4.48
C GLY C 874 8.76 -36.77 -3.02
N ALA C 875 9.71 -36.64 -2.10
CA ALA C 875 9.38 -36.64 -0.69
C ALA C 875 8.62 -35.38 -0.31
N GLU C 876 7.60 -35.55 0.53
CA GLU C 876 6.78 -34.44 0.98
C GLU C 876 7.32 -33.92 2.30
N VAL C 877 7.83 -32.69 2.29
CA VAL C 877 8.43 -32.07 3.46
C VAL C 877 7.52 -30.97 3.98
N THR C 878 7.37 -30.90 5.30
CA THR C 878 6.55 -29.89 5.95
C THR C 878 7.31 -29.32 7.14
N GLY C 879 6.93 -28.11 7.54
CA GLY C 879 7.48 -27.49 8.73
C GLY C 879 8.97 -27.26 8.71
N GLY C 880 9.69 -27.94 9.61
CA GLY C 880 11.12 -27.73 9.75
C GLY C 880 11.95 -28.97 9.47
N ASP C 881 11.57 -29.73 8.45
CA ASP C 881 12.35 -30.90 8.07
C ASP C 881 13.69 -30.49 7.49
N ILE C 882 14.66 -31.40 7.59
CA ILE C 882 16.01 -31.16 7.10
C ILE C 882 16.10 -31.59 5.64
N LEU C 883 16.64 -30.71 4.81
CA LEU C 883 16.79 -30.99 3.38
C LEU C 883 18.20 -31.46 3.04
N VAL C 884 19.21 -30.67 3.39
CA VAL C 884 20.60 -31.00 3.09
C VAL C 884 21.35 -31.13 4.41
N GLY C 885 22.00 -32.27 4.61
CA GLY C 885 22.79 -32.49 5.80
C GLY C 885 24.20 -31.95 5.67
N LYS C 886 24.48 -30.82 6.32
CA LYS C 886 25.77 -30.16 6.22
C LYS C 886 26.34 -29.96 7.63
N VAL C 887 27.65 -30.15 7.76
CA VAL C 887 28.34 -30.08 9.04
C VAL C 887 29.44 -29.03 8.94
N THR C 888 29.52 -28.16 9.95
CA THR C 888 30.57 -27.15 10.02
C THR C 888 31.60 -27.54 11.06
N PRO C 889 32.89 -27.51 10.74
CA PRO C 889 33.91 -27.95 11.71
C PRO C 889 34.13 -26.95 12.81
N LYS C 890 34.63 -27.45 13.94
CA LYS C 890 34.99 -26.65 15.09
C LYS C 890 36.47 -26.82 15.41
N GLY C 891 37.03 -25.81 16.07
CA GLY C 891 38.46 -25.82 16.33
C GLY C 891 38.83 -26.13 17.76
N GLU C 892 39.66 -27.16 17.95
CA GLU C 892 40.15 -27.53 19.26
C GLU C 892 41.44 -28.32 19.09
N THR C 893 42.56 -27.73 19.50
CA THR C 893 43.86 -28.39 19.43
C THR C 893 44.41 -28.74 20.82
N GLN C 894 43.64 -28.51 21.87
CA GLN C 894 44.03 -28.82 23.24
C GLN C 894 43.11 -29.93 23.75
N LEU C 895 43.66 -31.14 23.88
CA LEU C 895 42.87 -32.29 24.27
C LEU C 895 42.89 -32.42 25.80
N THR C 896 41.93 -31.72 26.42
CA THR C 896 41.76 -31.82 27.86
C THR C 896 41.17 -33.18 28.22
N PRO C 897 41.38 -33.64 29.47
CA PRO C 897 40.91 -35.00 29.81
C PRO C 897 39.41 -35.21 29.63
N GLU C 898 38.59 -34.19 29.90
CA GLU C 898 37.15 -34.36 29.71
C GLU C 898 36.81 -34.57 28.24
N GLU C 899 37.45 -33.81 27.34
CA GLU C 899 37.24 -34.04 25.91
C GLU C 899 37.83 -35.37 25.48
N LYS C 900 38.92 -35.80 26.12
CA LYS C 900 39.49 -37.11 25.80
C LYS C 900 38.52 -38.24 26.12
N LEU C 901 37.89 -38.17 27.30
CA LEU C 901 36.93 -39.22 27.65
C LEU C 901 35.62 -39.07 26.86
N LEU C 902 35.29 -37.85 26.46
CA LEU C 902 34.18 -37.65 25.53
C LEU C 902 34.45 -38.35 24.20
N ARG C 903 35.68 -38.22 23.68
CA ARG C 903 36.04 -38.89 22.44
C ARG C 903 36.14 -40.40 22.64
N ALA C 904 36.49 -40.85 23.84
CA ALA C 904 36.56 -42.29 24.10
C ALA C 904 35.17 -42.90 24.14
N ILE C 905 34.22 -42.26 24.82
CA ILE C 905 32.89 -42.84 24.99
C ILE C 905 32.12 -42.83 23.66
N PHE C 906 32.26 -41.77 22.88
CA PHE C 906 31.48 -41.57 21.67
C PHE C 906 32.41 -41.62 20.46
N GLY C 907 31.87 -41.25 19.29
CA GLY C 907 32.63 -41.28 18.06
C GLY C 907 33.90 -40.45 18.12
N GLU C 908 34.72 -40.61 17.08
CA GLU C 908 35.99 -39.90 17.03
C GLU C 908 35.77 -38.38 17.01
N LYS C 909 34.75 -37.94 16.30
CA LYS C 909 34.40 -36.51 16.37
C LYS C 909 33.86 -36.15 17.74
N ALA C 910 33.13 -37.07 18.38
CA ALA C 910 32.41 -36.79 19.63
C ALA C 910 31.50 -35.56 19.46
N SER C 911 30.98 -35.39 18.24
CA SER C 911 30.07 -34.30 17.91
C SER C 911 30.68 -32.91 18.11
N ASP C 912 32.00 -32.78 17.93
CA ASP C 912 32.59 -31.44 17.93
C ASP C 912 32.11 -30.64 16.73
N VAL C 913 32.00 -31.28 15.57
CA VAL C 913 31.63 -30.60 14.34
C VAL C 913 30.18 -30.15 14.45
N LYS C 914 29.97 -28.84 14.41
CA LYS C 914 28.62 -28.30 14.47
C LYS C 914 27.84 -28.66 13.21
N ASP C 915 26.52 -28.62 13.31
CA ASP C 915 25.64 -28.89 12.18
C ASP C 915 24.96 -27.61 11.75
N SER C 916 25.00 -27.33 10.44
CA SER C 916 24.31 -26.19 9.84
C SER C 916 23.64 -26.74 8.59
N SER C 917 22.42 -27.23 8.75
CA SER C 917 21.71 -27.92 7.70
C SER C 917 20.58 -27.05 7.16
N LEU C 918 20.30 -27.21 5.86
CA LEU C 918 19.23 -26.45 5.21
C LEU C 918 17.89 -27.07 5.62
N ARG C 919 17.13 -26.35 6.42
CA ARG C 919 15.82 -26.79 6.87
C ARG C 919 14.72 -25.97 6.20
N VAL C 920 13.57 -26.60 6.00
CA VAL C 920 12.44 -25.90 5.39
C VAL C 920 11.98 -24.77 6.30
N PRO C 921 11.75 -23.56 5.80
CA PRO C 921 11.20 -22.51 6.65
C PRO C 921 9.81 -22.85 7.15
N ASN C 922 9.50 -22.35 8.34
CA ASN C 922 8.23 -22.69 8.98
C ASN C 922 7.06 -22.19 8.15
N GLY C 923 6.02 -23.03 8.04
CA GLY C 923 4.85 -22.70 7.26
C GLY C 923 4.94 -23.05 5.79
N VAL C 924 6.05 -23.62 5.34
CA VAL C 924 6.27 -23.96 3.94
C VAL C 924 6.18 -25.47 3.79
N SER C 925 5.34 -25.92 2.87
CA SER C 925 5.17 -27.34 2.61
C SER C 925 5.09 -27.56 1.10
N GLY C 926 5.37 -28.79 0.69
CA GLY C 926 5.31 -29.15 -0.71
C GLY C 926 6.16 -30.36 -1.01
N THR C 927 6.03 -30.82 -2.25
CA THR C 927 6.76 -31.99 -2.74
C THR C 927 8.07 -31.56 -3.37
N VAL C 928 9.14 -32.28 -3.04
CA VAL C 928 10.46 -31.98 -3.59
C VAL C 928 10.47 -32.37 -5.07
N ILE C 929 10.74 -31.40 -5.93
CA ILE C 929 10.69 -31.60 -7.37
C ILE C 929 12.06 -31.95 -7.94
N ASP C 930 13.04 -31.06 -7.79
CA ASP C 930 14.33 -31.23 -8.43
C ASP C 930 15.44 -30.90 -7.44
N VAL C 931 16.58 -31.56 -7.63
CA VAL C 931 17.82 -31.24 -6.94
C VAL C 931 18.90 -31.06 -7.99
N GLN C 932 19.66 -29.98 -7.88
CA GLN C 932 20.59 -29.55 -8.92
C GLN C 932 21.98 -29.34 -8.35
N VAL C 933 22.49 -30.35 -7.64
CA VAL C 933 23.78 -30.23 -6.97
C VAL C 933 24.87 -29.89 -7.98
N PHE C 934 25.66 -28.87 -7.66
CA PHE C 934 26.79 -28.45 -8.47
C PHE C 934 28.08 -28.66 -7.66
N THR C 935 29.13 -29.08 -8.34
CA THR C 935 30.40 -29.36 -7.68
C THR C 935 31.54 -28.63 -8.40
N ARG C 936 32.60 -28.37 -7.64
CA ARG C 936 33.79 -27.72 -8.15
C ARG C 936 34.67 -28.71 -8.89
N ASP C 937 35.57 -28.18 -9.72
CA ASP C 937 36.52 -29.03 -10.45
C ASP C 937 37.61 -29.50 -9.51
N GLY C 938 37.87 -30.81 -9.51
CA GLY C 938 38.89 -31.38 -8.65
C GLY C 938 38.31 -32.10 -7.45
N VAL C 939 37.25 -31.54 -6.87
CA VAL C 939 36.62 -32.16 -5.72
C VAL C 939 35.91 -33.44 -6.15
N GLU C 940 35.74 -34.35 -5.19
CA GLU C 940 35.11 -35.63 -5.47
C GLU C 940 33.65 -35.44 -5.87
N LYS C 941 33.22 -36.20 -6.87
CA LYS C 941 31.85 -36.12 -7.36
C LYS C 941 30.86 -36.65 -6.32
N ASP C 942 29.75 -35.94 -6.16
CA ASP C 942 28.70 -36.40 -5.26
C ASP C 942 28.02 -37.64 -5.83
N LYS C 943 27.47 -38.47 -4.95
CA LYS C 943 26.84 -39.71 -5.37
C LYS C 943 25.67 -39.47 -6.31
N ARG C 944 24.81 -38.50 -5.99
CA ARG C 944 23.69 -38.18 -6.86
C ARG C 944 24.13 -37.43 -8.12
N ALA C 945 25.29 -36.76 -8.07
CA ALA C 945 25.78 -36.09 -9.26
C ALA C 945 26.00 -37.09 -10.40
N LEU C 946 26.48 -38.28 -10.06
CA LEU C 946 26.64 -39.32 -11.08
C LEU C 946 25.30 -39.68 -11.72
N GLU C 947 24.25 -39.79 -10.90
CA GLU C 947 22.93 -40.14 -11.44
C GLU C 947 22.40 -39.03 -12.35
N ILE C 948 22.55 -37.76 -11.94
CA ILE C 948 22.06 -36.68 -12.80
C ILE C 948 22.87 -36.61 -14.10
N GLU C 949 24.19 -36.82 -14.02
CA GLU C 949 25.00 -36.85 -15.25
C GLU C 949 24.58 -38.01 -16.15
N GLU C 950 24.27 -39.16 -15.55
CA GLU C 950 23.79 -40.30 -16.34
C GLU C 950 22.48 -39.96 -17.03
N MET C 951 21.55 -39.30 -16.33
CA MET C 951 20.28 -38.96 -16.94
C MET C 951 20.45 -37.93 -18.05
N GLN C 952 21.36 -36.97 -17.87
CA GLN C 952 21.62 -35.98 -18.91
C GLN C 952 22.23 -36.65 -20.14
N LEU C 953 23.18 -37.56 -19.93
CA LEU C 953 23.77 -38.30 -21.04
C LEU C 953 22.73 -39.14 -21.76
N LYS C 954 21.84 -39.79 -21.00
CA LYS C 954 20.79 -40.59 -21.61
C LYS C 954 19.87 -39.73 -22.46
N GLN C 955 19.47 -38.57 -21.94
CA GLN C 955 18.62 -37.67 -22.72
C GLN C 955 19.32 -37.20 -23.99
N ALA C 956 20.61 -36.83 -23.88
CA ALA C 956 21.34 -36.37 -25.05
C ALA C 956 21.45 -37.46 -26.10
N LYS C 957 21.80 -38.68 -25.69
CA LYS C 957 21.89 -39.78 -26.64
C LYS C 957 20.53 -40.10 -27.26
N LYS C 958 19.47 -40.04 -26.45
CA LYS C 958 18.14 -40.37 -26.94
C LYS C 958 17.67 -39.35 -27.98
N ASP C 959 17.93 -38.07 -27.76
CA ASP C 959 17.52 -37.06 -28.73
C ASP C 959 18.52 -36.88 -29.86
N LEU C 960 19.70 -37.50 -29.77
CA LEU C 960 20.66 -37.43 -30.86
C LEU C 960 20.59 -38.63 -31.80
N SER C 961 20.17 -39.80 -31.30
CA SER C 961 20.17 -41.01 -32.10
C SER C 961 19.03 -41.07 -33.12
N GLU C 962 18.01 -40.22 -33.00
CA GLU C 962 16.90 -40.26 -33.93
C GLU C 962 17.34 -39.92 -35.35
N GLU C 963 18.11 -38.84 -35.49
CA GLU C 963 18.59 -38.45 -36.82
C GLU C 963 19.58 -39.47 -37.37
N LEU C 964 20.39 -40.09 -36.52
CA LEU C 964 21.26 -41.17 -36.97
C LEU C 964 20.47 -42.35 -37.49
N GLN C 965 19.39 -42.72 -36.78
CA GLN C 965 18.54 -43.81 -37.25
C GLN C 965 17.92 -43.47 -38.59
N ILE C 966 17.45 -42.23 -38.75
CA ILE C 966 16.85 -41.82 -40.02
C ILE C 966 17.88 -41.88 -41.15
N LEU C 967 19.08 -41.35 -40.90
CA LEU C 967 20.10 -41.32 -41.94
C LEU C 967 20.58 -42.72 -42.31
N GLU C 968 20.75 -43.59 -41.32
CA GLU C 968 21.17 -44.96 -41.62
C GLU C 968 20.06 -45.74 -42.33
N ALA C 969 18.80 -45.46 -42.00
CA ALA C 969 17.69 -46.08 -42.74
C ALA C 969 17.70 -45.62 -44.19
N GLY C 970 17.94 -44.32 -44.42
CA GLY C 970 18.03 -43.84 -45.79
C GLY C 970 19.18 -44.46 -46.56
N LEU C 971 20.34 -44.59 -45.91
CA LEU C 971 21.49 -45.23 -46.56
C LEU C 971 21.21 -46.69 -46.87
N PHE C 972 20.55 -47.40 -45.94
CA PHE C 972 20.21 -48.80 -46.18
C PHE C 972 19.21 -48.93 -47.31
N SER C 973 18.24 -48.00 -47.39
CA SER C 973 17.29 -48.03 -48.49
C SER C 973 17.99 -47.79 -49.83
N ARG C 974 18.94 -46.85 -49.87
CA ARG C 974 19.69 -46.62 -51.09
C ARG C 974 20.50 -47.85 -51.49
N ILE C 975 21.14 -48.51 -50.51
CA ILE C 975 21.91 -49.71 -50.79
C ILE C 975 21.00 -50.82 -51.29
N ARG C 976 19.81 -50.95 -50.69
CA ARG C 976 18.86 -51.96 -51.13
C ARG C 976 18.41 -51.70 -52.56
N ALA C 977 18.15 -50.44 -52.90
CA ALA C 977 17.79 -50.11 -54.28
C ALA C 977 18.93 -50.43 -55.24
N VAL C 978 20.17 -50.13 -54.84
CA VAL C 978 21.32 -50.41 -55.68
C VAL C 978 21.46 -51.91 -55.94
N LEU C 979 21.31 -52.71 -54.89
CA LEU C 979 21.42 -54.16 -55.06
C LEU C 979 20.21 -54.73 -55.80
N VAL C 980 19.06 -54.07 -55.72
CA VAL C 980 17.91 -54.46 -56.52
C VAL C 980 18.18 -54.21 -57.99
N ALA C 981 18.88 -53.12 -58.31
CA ALA C 981 19.21 -52.82 -59.70
C ALA C 981 20.08 -53.91 -60.32
N GLY C 982 20.86 -54.63 -59.51
CA GLY C 982 21.68 -55.70 -60.03
C GLY C 982 22.08 -56.73 -58.98
N GLY C 983 21.87 -58.00 -59.28
CA GLY C 983 22.19 -59.08 -58.36
C GLY C 983 21.35 -59.05 -57.09
N VAL C 984 20.05 -58.88 -57.25
CA VAL C 984 19.14 -58.77 -56.11
C VAL C 984 18.85 -60.16 -55.55
N GLU C 985 19.06 -60.33 -54.25
CA GLU C 985 18.68 -61.55 -53.54
C GLU C 985 17.39 -61.39 -52.76
N ALA C 986 16.78 -60.21 -52.79
CA ALA C 986 15.48 -59.93 -52.17
C ALA C 986 15.58 -60.21 -50.67
N GLU C 987 14.68 -61.04 -50.11
CA GLU C 987 14.70 -61.31 -48.68
C GLU C 987 16.01 -61.96 -48.24
N LYS C 988 16.65 -62.72 -49.14
CA LYS C 988 17.96 -63.29 -48.81
C LYS C 988 18.99 -62.20 -48.58
N LEU C 989 18.99 -61.18 -49.44
CA LEU C 989 19.89 -60.05 -49.24
C LEU C 989 19.53 -59.26 -47.98
N ASP C 990 18.23 -59.09 -47.73
CA ASP C 990 17.77 -58.33 -46.58
C ASP C 990 18.03 -59.04 -45.25
N LYS C 991 18.13 -60.36 -45.25
CA LYS C 991 18.34 -61.10 -44.00
C LYS C 991 19.75 -60.89 -43.46
N LEU C 992 20.75 -61.00 -44.32
CA LEU C 992 22.13 -60.87 -43.84
C LEU C 992 22.46 -59.41 -43.53
N PRO C 993 23.21 -59.16 -42.47
CA PRO C 993 23.59 -57.78 -42.13
C PRO C 993 24.67 -57.27 -43.07
N ARG C 994 24.89 -55.94 -42.98
CA ARG C 994 25.87 -55.25 -43.82
C ARG C 994 25.59 -55.47 -45.30
N ASP C 995 24.30 -55.54 -45.66
CA ASP C 995 23.86 -55.75 -47.03
C ASP C 995 24.44 -57.04 -47.61
N ARG C 996 24.56 -58.07 -46.77
CA ARG C 996 25.13 -59.35 -47.14
C ARG C 996 26.54 -59.17 -47.72
N TRP C 997 27.41 -58.59 -46.89
CA TRP C 997 28.78 -58.26 -47.28
C TRP C 997 28.80 -57.37 -48.52
N LEU C 998 27.91 -56.37 -48.55
CA LEU C 998 27.81 -55.42 -49.65
C LEU C 998 27.47 -56.12 -50.97
N GLU C 999 26.76 -57.24 -50.89
CA GLU C 999 26.32 -58.00 -52.06
C GLU C 999 27.49 -58.35 -52.98
N LEU C 1000 28.62 -58.72 -52.37
CA LEU C 1000 29.85 -59.07 -53.08
C LEU C 1000 30.24 -57.87 -53.94
N GLY C 1001 30.55 -58.05 -55.22
CA GLY C 1001 30.91 -56.92 -56.07
C GLY C 1001 29.92 -56.69 -57.20
N LEU C 1002 29.30 -57.77 -57.68
CA LEU C 1002 28.33 -57.74 -58.78
C LEU C 1002 29.03 -57.12 -59.98
N THR C 1003 28.47 -56.09 -60.62
CA THR C 1003 29.14 -55.45 -61.74
C THR C 1003 30.33 -54.63 -61.28
N ASP C 1004 31.27 -54.41 -62.19
CA ASP C 1004 32.47 -53.65 -61.86
C ASP C 1004 32.14 -52.21 -61.48
N GLU C 1005 31.22 -51.58 -62.21
CA GLU C 1005 30.85 -50.20 -61.92
C GLU C 1005 30.21 -50.07 -60.55
N GLU C 1006 29.31 -51.00 -60.20
CA GLU C 1006 28.65 -50.95 -58.90
C GLU C 1006 29.66 -51.14 -57.77
N LYS C 1007 30.57 -52.10 -57.93
CA LYS C 1007 31.56 -52.35 -56.89
C LYS C 1007 32.52 -51.18 -56.73
N GLN C 1008 32.97 -50.60 -57.84
CA GLN C 1008 33.95 -49.52 -57.78
C GLN C 1008 33.33 -48.19 -57.37
N ASN C 1009 32.08 -47.94 -57.74
CA ASN C 1009 31.44 -46.65 -57.50
C ASN C 1009 30.33 -46.71 -56.48
N GLN C 1010 29.33 -47.59 -56.66
CA GLN C 1010 28.16 -47.59 -55.80
C GLN C 1010 28.50 -48.12 -54.40
N LEU C 1011 29.00 -49.36 -54.33
CA LEU C 1011 29.27 -49.97 -53.03
C LEU C 1011 30.36 -49.24 -52.27
N GLU C 1012 31.42 -48.83 -52.98
CA GLU C 1012 32.51 -48.13 -52.32
C GLU C 1012 32.05 -46.80 -51.74
N GLN C 1013 31.28 -46.03 -52.52
CA GLN C 1013 30.76 -44.76 -52.02
C GLN C 1013 29.80 -44.97 -50.86
N LEU C 1014 28.96 -46.00 -50.94
CA LEU C 1014 28.04 -46.28 -49.83
C LEU C 1014 28.80 -46.61 -48.55
N ALA C 1015 29.84 -47.46 -48.66
CA ALA C 1015 30.63 -47.80 -47.49
C ALA C 1015 31.36 -46.57 -46.94
N GLU C 1016 31.89 -45.72 -47.82
CA GLU C 1016 32.58 -44.51 -47.37
C GLU C 1016 31.62 -43.58 -46.65
N GLN C 1017 30.41 -43.39 -47.19
CA GLN C 1017 29.43 -42.54 -46.53
C GLN C 1017 29.01 -43.13 -45.19
N TYR C 1018 28.84 -44.46 -45.12
CA TYR C 1018 28.47 -45.08 -43.86
C TYR C 1018 29.55 -44.87 -42.80
N ASP C 1019 30.81 -45.08 -43.17
CA ASP C 1019 31.91 -44.90 -42.22
C ASP C 1019 32.02 -43.44 -41.78
N GLU C 1020 31.87 -42.51 -42.73
CA GLU C 1020 31.93 -41.09 -42.37
C GLU C 1020 30.79 -40.71 -41.43
N LEU C 1021 29.59 -41.26 -41.67
CA LEU C 1021 28.47 -40.99 -40.78
C LEU C 1021 28.74 -41.53 -39.38
N LYS C 1022 29.28 -42.75 -39.28
CA LYS C 1022 29.60 -43.28 -37.96
C LYS C 1022 30.62 -42.41 -37.24
N HIS C 1023 31.67 -41.99 -37.96
CA HIS C 1023 32.71 -41.17 -37.34
C HIS C 1023 32.17 -39.81 -36.90
N GLU C 1024 31.33 -39.20 -37.75
CA GLU C 1024 30.75 -37.90 -37.41
C GLU C 1024 29.86 -38.00 -36.17
N PHE C 1025 28.99 -39.01 -36.13
CA PHE C 1025 28.13 -39.19 -34.97
C PHE C 1025 28.97 -39.47 -33.72
N GLU C 1026 30.03 -40.27 -33.87
CA GLU C 1026 30.87 -40.61 -32.72
C GLU C 1026 31.59 -39.39 -32.16
N LYS C 1027 32.13 -38.53 -33.02
CA LYS C 1027 32.82 -37.35 -32.49
C LYS C 1027 31.83 -36.39 -31.87
N LYS C 1028 30.65 -36.23 -32.48
CA LYS C 1028 29.64 -35.37 -31.87
C LYS C 1028 29.20 -35.93 -30.51
N LEU C 1029 29.08 -37.25 -30.40
CA LEU C 1029 28.65 -37.86 -29.15
C LEU C 1029 29.68 -37.71 -28.05
N GLU C 1030 30.97 -37.92 -28.36
CA GLU C 1030 31.97 -37.73 -27.30
C GLU C 1030 32.13 -36.25 -26.96
N ALA C 1031 31.90 -35.36 -27.93
CA ALA C 1031 31.87 -33.94 -27.60
C ALA C 1031 30.75 -33.62 -26.62
N LYS C 1032 29.56 -34.18 -26.86
CA LYS C 1032 28.45 -33.98 -25.91
C LYS C 1032 28.77 -34.60 -24.56
N ARG C 1033 29.39 -35.78 -24.54
CA ARG C 1033 29.73 -36.44 -23.29
C ARG C 1033 30.75 -35.64 -22.50
N ARG C 1034 31.78 -35.10 -23.18
CA ARG C 1034 32.77 -34.26 -22.51
C ARG C 1034 32.14 -32.98 -21.99
N LYS C 1035 31.25 -32.36 -22.78
CA LYS C 1035 30.58 -31.15 -22.32
C LYS C 1035 29.71 -31.43 -21.09
N ILE C 1036 29.07 -32.60 -21.06
CA ILE C 1036 28.19 -32.93 -19.95
C ILE C 1036 29.00 -33.18 -18.67
N THR C 1037 30.07 -33.97 -18.78
CA THR C 1037 30.87 -34.38 -17.63
C THR C 1037 32.06 -33.43 -17.51
N GLN C 1038 31.91 -32.38 -16.69
CA GLN C 1038 32.97 -31.41 -16.46
C GLN C 1038 32.85 -30.87 -15.04
N GLY C 1039 33.96 -30.33 -14.53
CA GLY C 1039 33.94 -29.66 -13.24
C GLY C 1039 33.60 -28.19 -13.39
N ASP C 1040 32.48 -27.78 -12.80
CA ASP C 1040 32.03 -26.41 -12.90
C ASP C 1040 32.98 -25.49 -12.15
N ASP C 1041 33.39 -24.40 -12.80
CA ASP C 1041 34.30 -23.42 -12.21
C ASP C 1041 33.51 -22.56 -11.24
N LEU C 1042 33.43 -23.01 -10.00
CA LEU C 1042 32.69 -22.31 -8.96
C LEU C 1042 33.48 -21.11 -8.46
N ALA C 1043 32.92 -20.43 -7.46
CA ALA C 1043 33.61 -19.32 -6.82
C ALA C 1043 34.83 -19.84 -6.05
N PRO C 1044 35.84 -18.99 -5.83
CA PRO C 1044 37.04 -19.47 -5.13
C PRO C 1044 36.75 -20.00 -3.73
N GLY C 1045 35.77 -19.43 -3.03
CA GLY C 1045 35.46 -19.85 -1.67
C GLY C 1045 34.56 -21.06 -1.60
N VAL C 1046 33.50 -21.08 -2.42
CA VAL C 1046 32.53 -22.16 -2.35
C VAL C 1046 33.15 -23.46 -2.83
N LEU C 1047 32.53 -24.58 -2.42
CA LEU C 1047 32.97 -25.90 -2.83
C LEU C 1047 31.88 -26.75 -3.45
N LYS C 1048 30.63 -26.65 -2.96
CA LYS C 1048 29.53 -27.42 -3.52
C LYS C 1048 28.25 -26.62 -3.34
N ILE C 1049 27.32 -26.80 -4.27
CA ILE C 1049 26.05 -26.08 -4.28
C ILE C 1049 24.93 -27.09 -4.49
N VAL C 1050 23.87 -26.99 -3.69
CA VAL C 1050 22.70 -27.85 -3.82
C VAL C 1050 21.47 -26.95 -3.85
N LYS C 1051 20.62 -27.14 -4.85
CA LYS C 1051 19.39 -26.36 -5.01
C LYS C 1051 18.18 -27.29 -5.00
N VAL C 1052 17.21 -26.98 -4.15
CA VAL C 1052 16.04 -27.82 -3.94
C VAL C 1052 14.78 -27.03 -4.25
N TYR C 1053 13.85 -27.66 -4.97
CA TYR C 1053 12.60 -27.03 -5.39
C TYR C 1053 11.42 -27.74 -4.73
N LEU C 1054 10.48 -26.96 -4.22
CA LEU C 1054 9.26 -27.47 -3.60
C LEU C 1054 8.05 -26.94 -4.35
N ALA C 1055 7.09 -27.81 -4.63
CA ALA C 1055 5.86 -27.45 -5.32
C ALA C 1055 4.67 -27.78 -4.45
N VAL C 1056 3.72 -26.84 -4.35
CA VAL C 1056 2.52 -27.01 -3.55
C VAL C 1056 1.33 -26.51 -4.35
N LYS C 1057 0.16 -27.04 -4.03
CA LYS C 1057 -1.09 -26.64 -4.66
C LYS C 1057 -1.86 -25.72 -3.73
N ARG C 1058 -2.22 -24.54 -4.22
CA ARG C 1058 -3.02 -23.58 -3.47
C ARG C 1058 -4.45 -23.62 -3.99
N ARG C 1059 -5.38 -23.97 -3.11
CA ARG C 1059 -6.79 -24.06 -3.46
C ARG C 1059 -7.51 -22.77 -3.07
N ILE C 1060 -8.72 -22.62 -3.60
CA ILE C 1060 -9.51 -21.43 -3.32
C ILE C 1060 -10.06 -21.50 -1.90
N GLN C 1061 -10.25 -20.34 -1.29
CA GLN C 1061 -10.72 -20.26 0.09
C GLN C 1061 -11.32 -18.88 0.32
N PRO C 1062 -12.09 -18.68 1.40
CA PRO C 1062 -12.72 -17.37 1.62
C PRO C 1062 -11.77 -16.19 1.56
N GLY C 1063 -10.51 -16.37 1.97
CA GLY C 1063 -9.61 -15.24 1.96
C GLY C 1063 -9.14 -14.81 0.58
N ASP C 1064 -9.28 -15.66 -0.43
CA ASP C 1064 -8.71 -15.38 -1.73
C ASP C 1064 -9.46 -14.26 -2.45
N LYS C 1065 -8.77 -13.62 -3.39
CA LYS C 1065 -9.31 -12.53 -4.19
C LYS C 1065 -9.61 -13.00 -5.61
N MET C 1066 -10.77 -12.60 -6.12
CA MET C 1066 -11.19 -12.98 -7.47
C MET C 1066 -11.81 -11.77 -8.15
N ALA C 1067 -11.54 -11.62 -9.45
CA ALA C 1067 -11.98 -10.43 -10.17
C ALA C 1067 -12.18 -10.77 -11.64
N GLY C 1068 -13.20 -10.14 -12.24
CA GLY C 1068 -13.38 -10.17 -13.67
C GLY C 1068 -12.54 -9.12 -14.37
N ARG C 1069 -12.68 -9.05 -15.70
CA ARG C 1069 -11.90 -8.11 -16.50
C ARG C 1069 -12.70 -6.88 -16.88
N HIS C 1070 -13.65 -6.46 -16.03
CA HIS C 1070 -14.38 -5.21 -16.22
C HIS C 1070 -14.19 -4.26 -15.05
N GLY C 1071 -13.15 -4.47 -14.25
CA GLY C 1071 -12.91 -3.66 -13.07
C GLY C 1071 -13.69 -4.06 -11.84
N ASN C 1072 -14.44 -5.16 -11.90
CA ASN C 1072 -15.21 -5.65 -10.76
C ASN C 1072 -14.39 -6.69 -10.02
N LYS C 1073 -14.01 -6.37 -8.78
CA LYS C 1073 -13.19 -7.25 -7.97
C LYS C 1073 -13.89 -7.53 -6.65
N GLY C 1074 -13.28 -8.40 -5.84
CA GLY C 1074 -13.80 -8.68 -4.52
C GLY C 1074 -13.09 -9.87 -3.93
N VAL C 1075 -13.54 -10.25 -2.74
CA VAL C 1075 -13.02 -11.41 -2.04
C VAL C 1075 -14.19 -12.35 -1.76
N ILE C 1076 -13.88 -13.64 -1.70
CA ILE C 1076 -14.89 -14.65 -1.39
C ILE C 1076 -15.35 -14.47 0.05
N SER C 1077 -16.64 -14.57 0.29
CA SER C 1077 -17.15 -14.47 1.65
C SER C 1077 -17.49 -15.82 2.26
N LYS C 1078 -17.92 -16.78 1.45
CA LYS C 1078 -18.35 -18.08 1.94
C LYS C 1078 -18.33 -19.08 0.79
N ILE C 1079 -17.98 -20.32 1.09
CA ILE C 1079 -18.02 -21.41 0.13
C ILE C 1079 -19.28 -22.21 0.44
N ASN C 1080 -20.34 -21.95 -0.32
CA ASN C 1080 -21.65 -22.51 -0.05
C ASN C 1080 -21.73 -23.95 -0.56
N PRO C 1081 -22.47 -24.82 0.13
CA PRO C 1081 -22.71 -26.16 -0.41
C PRO C 1081 -23.62 -26.11 -1.63
N ILE C 1082 -23.61 -27.21 -2.39
CA ILE C 1082 -24.31 -27.26 -3.66
C ILE C 1082 -25.81 -27.09 -3.47
N GLU C 1083 -26.39 -27.78 -2.49
CA GLU C 1083 -27.83 -27.78 -2.32
C GLU C 1083 -28.37 -26.47 -1.75
N ASP C 1084 -27.50 -25.56 -1.32
CA ASP C 1084 -27.92 -24.28 -0.76
C ASP C 1084 -27.97 -23.15 -1.78
N MET C 1085 -27.35 -23.33 -2.98
CA MET C 1085 -27.31 -22.29 -4.00
C MET C 1085 -28.59 -22.29 -4.84
N PRO C 1086 -28.96 -21.14 -5.41
CA PRO C 1086 -30.16 -21.08 -6.23
C PRO C 1086 -30.04 -21.93 -7.49
N TYR C 1087 -31.17 -22.42 -7.96
CA TYR C 1087 -31.24 -23.27 -9.13
C TYR C 1087 -32.44 -22.87 -9.99
N ASP C 1088 -32.35 -23.18 -11.28
CA ASP C 1088 -33.43 -22.90 -12.21
C ASP C 1088 -34.37 -24.10 -12.26
N GLU C 1089 -35.33 -24.07 -13.19
CA GLU C 1089 -36.31 -25.14 -13.28
C GLU C 1089 -35.71 -26.47 -13.75
N ASN C 1090 -34.47 -26.46 -14.23
CA ASN C 1090 -33.79 -27.69 -14.62
C ASN C 1090 -32.95 -28.29 -13.50
N GLY C 1091 -32.90 -27.64 -12.33
CA GLY C 1091 -32.18 -28.18 -11.20
C GLY C 1091 -30.69 -27.93 -11.22
N THR C 1092 -30.19 -27.06 -12.09
CA THR C 1092 -28.76 -26.78 -12.17
C THR C 1092 -28.43 -25.56 -11.33
N PRO C 1093 -27.61 -25.69 -10.29
CA PRO C 1093 -27.28 -24.52 -9.48
C PRO C 1093 -26.28 -23.61 -10.18
N VAL C 1094 -26.21 -22.37 -9.69
CA VAL C 1094 -25.23 -21.42 -10.18
C VAL C 1094 -23.93 -21.61 -9.43
N ASP C 1095 -22.85 -21.08 -9.99
CA ASP C 1095 -21.51 -21.19 -9.40
C ASP C 1095 -21.12 -19.94 -8.62
N ILE C 1096 -21.52 -18.76 -9.09
CA ILE C 1096 -21.13 -17.49 -8.50
C ILE C 1096 -22.37 -16.63 -8.31
N VAL C 1097 -22.41 -15.89 -7.20
CA VAL C 1097 -23.48 -14.94 -6.91
C VAL C 1097 -22.84 -13.58 -6.65
N LEU C 1098 -23.25 -12.59 -7.43
CA LEU C 1098 -22.74 -11.22 -7.28
C LEU C 1098 -23.89 -10.27 -6.97
N ASN C 1099 -23.51 -9.06 -6.59
CA ASN C 1099 -24.49 -8.07 -6.12
C ASN C 1099 -24.89 -7.16 -7.28
N PRO C 1100 -26.18 -6.96 -7.52
CA PRO C 1100 -26.59 -5.97 -8.53
C PRO C 1100 -26.28 -4.54 -8.11
N LEU C 1101 -26.06 -4.29 -6.82
CA LEU C 1101 -25.82 -2.94 -6.34
C LEU C 1101 -24.51 -2.37 -6.84
N GLY C 1102 -23.58 -3.21 -7.30
CA GLY C 1102 -22.30 -2.73 -7.77
C GLY C 1102 -22.26 -2.30 -9.22
N VAL C 1103 -23.32 -2.54 -9.98
CA VAL C 1103 -23.34 -2.22 -11.41
C VAL C 1103 -23.58 -0.73 -11.66
N PRO C 1104 -24.65 -0.12 -11.12
CA PRO C 1104 -24.98 1.25 -11.59
C PRO C 1104 -24.00 2.31 -11.13
N SER C 1105 -23.54 2.26 -9.88
CA SER C 1105 -22.62 3.27 -9.39
C SER C 1105 -21.27 3.20 -10.10
N ARG C 1106 -20.80 1.99 -10.39
CA ARG C 1106 -19.54 1.80 -11.09
C ARG C 1106 -19.66 1.95 -12.59
N MET C 1107 -20.89 1.90 -13.13
CA MET C 1107 -21.16 2.10 -14.55
C MET C 1107 -20.41 1.09 -15.42
N ASN C 1108 -20.69 -0.19 -15.19
CA ASN C 1108 -20.17 -1.28 -16.02
C ASN C 1108 -21.34 -2.01 -16.66
N ILE C 1109 -21.67 -1.61 -17.88
CA ILE C 1109 -22.69 -2.33 -18.65
C ILE C 1109 -22.06 -3.46 -19.44
N GLY C 1110 -20.74 -3.43 -19.64
CA GLY C 1110 -20.05 -4.55 -20.23
C GLY C 1110 -20.20 -5.82 -19.43
N GLN C 1111 -20.28 -5.70 -18.10
CA GLN C 1111 -20.59 -6.83 -17.23
C GLN C 1111 -21.86 -7.54 -17.70
N ILE C 1112 -22.97 -6.80 -17.75
CA ILE C 1112 -24.25 -7.39 -18.08
C ILE C 1112 -24.27 -7.90 -19.52
N LEU C 1113 -23.69 -7.14 -20.44
CA LEU C 1113 -23.68 -7.54 -21.84
C LEU C 1113 -22.88 -8.84 -22.02
N GLU C 1114 -21.72 -8.94 -21.37
CA GLU C 1114 -20.93 -10.15 -21.43
C GLU C 1114 -21.64 -11.32 -20.77
N THR C 1115 -22.38 -11.06 -19.70
CA THR C 1115 -23.17 -12.13 -19.07
C THR C 1115 -24.21 -12.67 -20.03
N HIS C 1116 -24.97 -11.78 -20.68
CA HIS C 1116 -25.97 -12.24 -21.65
C HIS C 1116 -25.33 -12.99 -22.81
N LEU C 1117 -24.21 -12.46 -23.33
CA LEU C 1117 -23.57 -13.08 -24.48
C LEU C 1117 -22.99 -14.45 -24.12
N GLY C 1118 -22.41 -14.58 -22.93
CA GLY C 1118 -21.93 -15.87 -22.49
C GLY C 1118 -23.07 -16.86 -22.29
N MET C 1119 -24.22 -16.39 -21.80
CA MET C 1119 -25.38 -17.27 -21.70
C MET C 1119 -25.81 -17.77 -23.07
N ALA C 1120 -25.83 -16.88 -24.07
CA ALA C 1120 -26.20 -17.30 -25.42
C ALA C 1120 -25.20 -18.31 -25.99
N ALA C 1121 -23.91 -18.03 -25.81
CA ALA C 1121 -22.89 -18.94 -26.33
C ALA C 1121 -22.98 -20.30 -25.67
N LYS C 1122 -23.18 -20.34 -24.34
CA LYS C 1122 -23.30 -21.61 -23.66
C LYS C 1122 -24.61 -22.31 -24.01
N GLY C 1123 -25.66 -21.57 -24.37
CA GLY C 1123 -26.86 -22.20 -24.85
C GLY C 1123 -26.65 -22.91 -26.18
N ILE C 1124 -25.93 -22.26 -27.11
CA ILE C 1124 -25.60 -22.92 -28.36
C ILE C 1124 -24.71 -24.14 -28.12
N GLY C 1125 -23.74 -24.00 -27.22
CA GLY C 1125 -22.90 -25.13 -26.87
C GLY C 1125 -23.69 -26.29 -26.27
N ASP C 1126 -24.67 -25.97 -25.43
CA ASP C 1126 -25.53 -27.00 -24.84
C ASP C 1126 -26.37 -27.68 -25.91
N LYS C 1127 -26.87 -26.92 -26.88
CA LYS C 1127 -27.60 -27.52 -27.99
C LYS C 1127 -26.73 -28.49 -28.77
N ILE C 1128 -25.50 -28.09 -29.07
CA ILE C 1128 -24.59 -28.96 -29.81
C ILE C 1128 -24.25 -30.21 -28.99
N ASN C 1129 -24.01 -30.03 -27.68
CA ASN C 1129 -23.69 -31.16 -26.83
C ASN C 1129 -24.86 -32.14 -26.74
N ALA C 1130 -26.08 -31.63 -26.59
CA ALA C 1130 -27.25 -32.50 -26.52
C ALA C 1130 -27.46 -33.25 -27.83
N MET C 1131 -27.27 -32.56 -28.96
CA MET C 1131 -27.45 -33.23 -30.24
C MET C 1131 -26.34 -34.24 -30.51
N LEU C 1132 -25.14 -34.03 -29.97
CA LEU C 1132 -24.08 -35.03 -30.07
C LEU C 1132 -24.32 -36.21 -29.13
N LYS C 1133 -25.01 -35.97 -28.00
CA LYS C 1133 -25.27 -37.04 -27.04
C LYS C 1133 -26.14 -38.12 -27.65
N GLN C 1134 -27.18 -37.73 -28.37
CA GLN C 1134 -28.15 -38.66 -28.93
C GLN C 1134 -27.66 -39.37 -30.19
N GLN C 1135 -26.36 -39.27 -30.50
CA GLN C 1135 -25.78 -39.95 -31.66
C GLN C 1135 -26.45 -39.54 -32.96
N GLN C 1136 -26.82 -38.26 -33.05
CA GLN C 1136 -27.47 -37.75 -34.25
C GLN C 1136 -26.49 -37.75 -35.42
N GLU C 1137 -27.04 -37.87 -36.63
CA GLU C 1137 -26.23 -37.95 -37.82
C GLU C 1137 -25.47 -36.65 -38.07
N VAL C 1138 -24.45 -36.73 -38.91
CA VAL C 1138 -23.56 -35.60 -39.15
C VAL C 1138 -24.26 -34.49 -39.91
N ALA C 1139 -25.26 -34.82 -40.74
CA ALA C 1139 -25.90 -33.83 -41.60
C ALA C 1139 -26.61 -32.76 -40.77
N LYS C 1140 -27.42 -33.18 -39.81
CA LYS C 1140 -28.17 -32.21 -39.01
C LYS C 1140 -27.24 -31.36 -38.14
N LEU C 1141 -26.20 -31.98 -37.58
CA LEU C 1141 -25.25 -31.22 -36.77
C LEU C 1141 -24.50 -30.20 -37.61
N ARG C 1142 -24.09 -30.58 -38.83
CA ARG C 1142 -23.45 -29.64 -39.73
C ARG C 1142 -24.40 -28.51 -40.09
N GLU C 1143 -25.67 -28.83 -40.33
CA GLU C 1143 -26.67 -27.81 -40.63
C GLU C 1143 -26.80 -26.81 -39.47
N PHE C 1144 -26.86 -27.32 -38.23
CA PHE C 1144 -26.99 -26.43 -37.08
C PHE C 1144 -25.76 -25.56 -36.89
N ILE C 1145 -24.56 -26.14 -37.06
CA ILE C 1145 -23.34 -25.35 -36.91
C ILE C 1145 -23.25 -24.28 -38.00
N GLN C 1146 -23.64 -24.63 -39.22
CA GLN C 1146 -23.65 -23.65 -40.31
C GLN C 1146 -24.63 -22.53 -40.02
N ARG C 1147 -25.81 -22.86 -39.48
CA ARG C 1147 -26.79 -21.84 -39.11
C ARG C 1147 -26.24 -20.92 -38.02
N ALA C 1148 -25.55 -21.50 -37.03
CA ALA C 1148 -25.02 -20.70 -35.93
C ALA C 1148 -23.88 -19.81 -36.40
N TYR C 1149 -23.11 -20.28 -37.38
CA TYR C 1149 -21.95 -19.53 -37.85
C TYR C 1149 -22.30 -18.44 -38.86
N ASP C 1150 -23.55 -18.36 -39.30
CA ASP C 1150 -23.98 -17.36 -40.26
C ASP C 1150 -24.86 -16.28 -39.63
N LEU C 1151 -24.95 -16.24 -38.30
CA LEU C 1151 -25.80 -15.27 -37.64
C LEU C 1151 -25.15 -13.89 -37.68
N GLY C 1152 -25.83 -12.91 -37.10
CA GLY C 1152 -25.37 -11.53 -37.09
C GLY C 1152 -25.95 -10.73 -38.23
N ALA C 1153 -25.69 -9.43 -38.18
CA ALA C 1153 -26.16 -8.47 -39.18
C ALA C 1153 -24.98 -8.08 -40.06
N ASP C 1154 -24.71 -8.87 -41.09
CA ASP C 1154 -23.66 -8.62 -42.07
C ASP C 1154 -22.29 -8.52 -41.39
N VAL C 1155 -21.89 -9.65 -40.80
CA VAL C 1155 -20.55 -9.76 -40.23
C VAL C 1155 -19.58 -10.09 -41.35
N ARG C 1156 -18.28 -9.92 -41.11
CA ARG C 1156 -17.26 -10.10 -42.14
C ARG C 1156 -16.65 -11.50 -42.14
N GLN C 1157 -17.10 -12.38 -41.26
CA GLN C 1157 -16.61 -13.74 -41.21
C GLN C 1157 -17.41 -14.61 -42.16
N LYS C 1158 -16.71 -15.38 -42.98
CA LYS C 1158 -17.33 -16.20 -44.02
C LYS C 1158 -17.00 -17.68 -43.84
N VAL C 1159 -17.12 -18.17 -42.60
CA VAL C 1159 -16.85 -19.58 -42.34
C VAL C 1159 -17.96 -20.43 -42.95
N ASP C 1160 -17.57 -21.46 -43.70
CA ASP C 1160 -18.52 -22.35 -44.34
C ASP C 1160 -18.11 -23.80 -44.08
N LEU C 1161 -19.10 -24.65 -43.81
CA LEU C 1161 -18.85 -26.07 -43.57
C LEU C 1161 -19.01 -26.92 -44.82
N SER C 1162 -19.34 -26.32 -45.96
CA SER C 1162 -19.51 -27.10 -47.18
C SER C 1162 -18.20 -27.74 -47.62
N THR C 1163 -17.09 -27.00 -47.52
CA THR C 1163 -15.78 -27.50 -47.89
C THR C 1163 -15.11 -28.28 -46.76
N PHE C 1164 -15.72 -28.34 -45.59
CA PHE C 1164 -15.13 -29.03 -44.45
C PHE C 1164 -15.27 -30.54 -44.61
N SER C 1165 -14.20 -31.27 -44.31
CA SER C 1165 -14.26 -32.72 -44.30
C SER C 1165 -15.13 -33.21 -43.15
N ASP C 1166 -15.69 -34.41 -43.32
CA ASP C 1166 -16.61 -34.94 -42.31
C ASP C 1166 -15.90 -35.16 -40.98
N GLU C 1167 -14.67 -35.66 -41.00
CA GLU C 1167 -13.90 -35.82 -39.77
C GLU C 1167 -13.58 -34.46 -39.15
N GLU C 1168 -13.27 -33.47 -39.99
CA GLU C 1168 -13.04 -32.11 -39.48
C GLU C 1168 -14.30 -31.56 -38.84
N VAL C 1169 -15.46 -31.79 -39.45
CA VAL C 1169 -16.72 -31.36 -38.86
C VAL C 1169 -16.95 -32.04 -37.52
N MET C 1170 -16.68 -33.35 -37.46
CA MET C 1170 -16.85 -34.08 -36.21
C MET C 1170 -15.97 -33.53 -35.11
N ARG C 1171 -14.70 -33.26 -35.43
CA ARG C 1171 -13.78 -32.72 -34.43
C ARG C 1171 -14.21 -31.32 -33.98
N LEU C 1172 -14.57 -30.46 -34.92
CA LEU C 1172 -15.01 -29.11 -34.57
C LEU C 1172 -16.25 -29.14 -33.69
N ALA C 1173 -17.22 -30.00 -34.04
CA ALA C 1173 -18.42 -30.12 -33.22
C ALA C 1173 -18.11 -30.65 -31.83
N GLU C 1174 -17.19 -31.63 -31.75
CA GLU C 1174 -16.76 -32.12 -30.45
C GLU C 1174 -15.99 -31.07 -29.66
N ASN C 1175 -15.52 -30.02 -30.33
CA ASN C 1175 -14.86 -28.92 -29.63
C ASN C 1175 -15.81 -27.82 -29.17
N LEU C 1176 -17.10 -27.92 -29.51
CA LEU C 1176 -18.08 -26.90 -29.12
C LEU C 1176 -19.13 -27.44 -28.15
N ARG C 1177 -18.86 -28.58 -27.50
CA ARG C 1177 -19.81 -29.08 -26.50
C ARG C 1177 -19.89 -28.15 -25.31
N LYS C 1178 -18.75 -27.58 -24.89
CA LYS C 1178 -18.73 -26.75 -23.68
C LYS C 1178 -19.08 -25.30 -23.98
N GLY C 1179 -19.29 -24.95 -25.24
CA GLY C 1179 -19.70 -23.60 -25.58
C GLY C 1179 -19.13 -23.17 -26.92
N MET C 1180 -19.81 -22.21 -27.52
CA MET C 1180 -19.37 -21.64 -28.79
C MET C 1180 -18.57 -20.38 -28.51
N PRO C 1181 -17.26 -20.37 -28.73
CA PRO C 1181 -16.45 -19.20 -28.35
C PRO C 1181 -16.52 -18.08 -29.36
N ILE C 1182 -17.55 -17.24 -29.28
CA ILE C 1182 -17.70 -16.11 -30.19
C ILE C 1182 -16.77 -14.99 -29.77
N ALA C 1183 -16.54 -14.02 -30.66
CA ALA C 1183 -15.59 -12.95 -30.42
C ALA C 1183 -16.18 -11.61 -30.84
N THR C 1184 -16.00 -10.59 -30.02
CA THR C 1184 -16.44 -9.23 -30.31
C THR C 1184 -15.24 -8.29 -30.28
N PRO C 1185 -14.92 -7.60 -31.38
CA PRO C 1185 -13.80 -6.65 -31.36
C PRO C 1185 -14.04 -5.51 -30.38
N VAL C 1186 -13.05 -4.63 -30.28
CA VAL C 1186 -12.99 -3.69 -29.17
C VAL C 1186 -14.11 -2.64 -29.28
N PHE C 1187 -14.06 -1.81 -30.31
CA PHE C 1187 -15.01 -0.71 -30.44
C PHE C 1187 -16.11 -0.97 -31.46
N ASP C 1188 -16.13 -2.15 -32.08
CA ASP C 1188 -17.29 -2.62 -32.84
C ASP C 1188 -17.47 -4.10 -32.54
N GLY C 1189 -18.72 -4.54 -32.42
CA GLY C 1189 -18.99 -5.92 -32.10
C GLY C 1189 -20.49 -6.20 -32.07
N ALA C 1190 -20.86 -7.12 -31.18
CA ALA C 1190 -22.26 -7.50 -31.05
C ALA C 1190 -23.09 -6.36 -30.50
N LYS C 1191 -24.33 -6.28 -30.97
CA LYS C 1191 -25.31 -5.32 -30.49
C LYS C 1191 -26.42 -6.06 -29.74
N GLU C 1192 -27.37 -5.29 -29.23
CA GLU C 1192 -28.46 -5.89 -28.45
C GLU C 1192 -29.30 -6.83 -29.31
N ALA C 1193 -29.60 -6.42 -30.55
CA ALA C 1193 -30.41 -7.26 -31.43
C ALA C 1193 -29.70 -8.57 -31.76
N GLU C 1194 -28.41 -8.51 -32.04
CA GLU C 1194 -27.66 -9.72 -32.37
C GLU C 1194 -27.55 -10.64 -31.16
N ILE C 1195 -27.34 -10.07 -29.97
CA ILE C 1195 -27.32 -10.88 -28.75
C ILE C 1195 -28.67 -11.54 -28.53
N LYS C 1196 -29.76 -10.80 -28.75
CA LYS C 1196 -31.10 -11.36 -28.54
C LYS C 1196 -31.41 -12.47 -29.53
N GLU C 1197 -31.01 -12.31 -30.80
CA GLU C 1197 -31.26 -13.39 -31.75
C GLU C 1197 -30.35 -14.59 -31.50
N LEU C 1198 -29.14 -14.34 -30.97
CA LEU C 1198 -28.29 -15.44 -30.53
C LEU C 1198 -28.96 -16.22 -29.39
N LEU C 1199 -29.56 -15.51 -28.45
CA LEU C 1199 -30.32 -16.17 -27.39
C LEU C 1199 -31.49 -16.95 -27.96
N LYS C 1200 -32.22 -16.36 -28.91
CA LYS C 1200 -33.38 -17.03 -29.49
C LYS C 1200 -32.97 -18.27 -30.27
N LEU C 1201 -31.77 -18.28 -30.84
CA LEU C 1201 -31.30 -19.48 -31.54
C LEU C 1201 -31.17 -20.67 -30.58
N GLY C 1202 -30.67 -20.41 -29.38
CA GLY C 1202 -30.42 -21.46 -28.40
C GLY C 1202 -31.58 -21.76 -27.47
N ASP C 1203 -32.78 -21.30 -27.78
CA ASP C 1203 -33.98 -21.55 -26.96
C ASP C 1203 -33.80 -21.04 -25.55
N LEU C 1204 -33.40 -19.76 -25.45
CA LEU C 1204 -33.28 -19.06 -24.18
C LEU C 1204 -34.08 -17.76 -24.24
N PRO C 1205 -34.62 -17.29 -23.11
CA PRO C 1205 -35.41 -16.06 -23.15
C PRO C 1205 -34.58 -14.87 -23.61
N THR C 1206 -35.21 -14.01 -24.42
CA THR C 1206 -34.51 -12.87 -24.97
C THR C 1206 -34.21 -11.81 -23.92
N SER C 1207 -34.98 -11.77 -22.82
CA SER C 1207 -34.71 -10.81 -21.77
C SER C 1207 -33.41 -11.10 -21.03
N GLY C 1208 -32.89 -12.33 -21.14
CA GLY C 1208 -31.68 -12.69 -20.44
C GLY C 1208 -31.86 -13.05 -18.98
N GLN C 1209 -33.10 -13.10 -18.50
CA GLN C 1209 -33.40 -13.38 -17.09
C GLN C 1209 -34.35 -14.56 -17.01
N ILE C 1210 -34.09 -15.44 -16.04
CA ILE C 1210 -34.88 -16.65 -15.87
C ILE C 1210 -35.47 -16.69 -14.48
N ARG C 1211 -36.24 -17.73 -14.16
CA ARG C 1211 -36.82 -17.91 -12.84
C ARG C 1211 -35.90 -18.79 -12.00
N LEU C 1212 -35.46 -18.25 -10.86
CA LEU C 1212 -34.61 -18.99 -9.94
C LEU C 1212 -35.42 -19.40 -8.71
N TYR C 1213 -35.06 -20.56 -8.16
CA TYR C 1213 -35.68 -21.08 -6.95
C TYR C 1213 -34.64 -21.12 -5.83
N ASP C 1214 -35.07 -20.77 -4.62
CA ASP C 1214 -34.17 -20.80 -3.48
C ASP C 1214 -33.84 -22.24 -3.10
N GLY C 1215 -32.55 -22.56 -3.05
CA GLY C 1215 -32.13 -23.91 -2.75
C GLY C 1215 -32.36 -24.31 -1.30
N ARG C 1216 -32.60 -23.34 -0.43
CA ARG C 1216 -32.84 -23.62 0.99
C ARG C 1216 -34.32 -23.78 1.29
N THR C 1217 -35.14 -22.85 0.81
CA THR C 1217 -36.57 -22.86 1.11
C THR C 1217 -37.40 -23.57 0.05
N GLY C 1218 -36.90 -23.71 -1.17
CA GLY C 1218 -37.66 -24.24 -2.26
C GLY C 1218 -38.60 -23.25 -2.93
N GLU C 1219 -38.71 -22.04 -2.38
CA GLU C 1219 -39.59 -21.02 -2.96
C GLU C 1219 -38.90 -20.32 -4.12
N GLN C 1220 -39.71 -19.82 -5.04
CA GLN C 1220 -39.20 -19.11 -6.20
C GLN C 1220 -39.02 -17.63 -5.89
N PHE C 1221 -37.88 -17.07 -6.30
CA PHE C 1221 -37.66 -15.65 -6.12
C PHE C 1221 -38.70 -14.85 -6.88
N GLU C 1222 -39.13 -13.73 -6.29
CA GLU C 1222 -40.26 -12.99 -6.81
C GLU C 1222 -39.99 -12.42 -8.20
N ARG C 1223 -38.78 -11.93 -8.43
CA ARG C 1223 -38.44 -11.33 -9.71
C ARG C 1223 -37.49 -12.23 -10.49
N PRO C 1224 -37.49 -12.14 -11.81
CA PRO C 1224 -36.48 -12.86 -12.60
C PRO C 1224 -35.08 -12.34 -12.31
N VAL C 1225 -34.10 -13.24 -12.43
CA VAL C 1225 -32.72 -12.95 -12.08
C VAL C 1225 -31.85 -13.14 -13.32
N THR C 1226 -30.93 -12.21 -13.54
CA THR C 1226 -30.02 -12.26 -14.68
C THR C 1226 -28.99 -13.35 -14.44
N VAL C 1227 -29.01 -14.38 -15.28
CA VAL C 1227 -28.07 -15.50 -15.20
C VAL C 1227 -27.30 -15.59 -16.50
N GLY C 1228 -26.04 -15.99 -16.42
CA GLY C 1228 -25.20 -16.14 -17.58
C GLY C 1228 -23.85 -16.69 -17.20
N TYR C 1229 -22.87 -16.49 -18.09
CA TYR C 1229 -21.51 -16.96 -17.88
C TYR C 1229 -20.55 -15.79 -17.97
N MET C 1230 -19.74 -15.60 -16.94
CA MET C 1230 -18.76 -14.53 -16.90
C MET C 1230 -17.37 -15.12 -16.64
N TYR C 1231 -16.39 -14.58 -17.35
CA TYR C 1231 -15.01 -15.06 -17.28
C TYR C 1231 -14.33 -14.43 -16.08
N MET C 1232 -14.09 -15.23 -15.04
CA MET C 1232 -13.54 -14.75 -13.78
C MET C 1232 -12.10 -15.21 -13.62
N LEU C 1233 -11.24 -14.28 -13.23
CA LEU C 1233 -9.82 -14.55 -13.01
C LEU C 1233 -9.53 -14.69 -11.53
N LYS C 1234 -8.30 -15.11 -11.22
CA LYS C 1234 -7.84 -15.27 -9.86
C LYS C 1234 -6.56 -14.46 -9.69
N LEU C 1235 -6.65 -13.37 -8.93
CA LEU C 1235 -5.52 -12.48 -8.75
C LEU C 1235 -4.49 -13.12 -7.80
N ASN C 1236 -3.32 -12.48 -7.72
CA ASN C 1236 -2.17 -13.02 -7.02
C ASN C 1236 -2.12 -12.65 -5.55
N HIS C 1237 -3.23 -12.23 -4.97
CA HIS C 1237 -3.30 -11.82 -3.56
C HIS C 1237 -4.07 -12.87 -2.78
N LEU C 1238 -3.36 -13.70 -2.02
CA LEU C 1238 -3.95 -14.78 -1.26
C LEU C 1238 -3.66 -14.60 0.23
N VAL C 1239 -4.56 -15.09 1.08
CA VAL C 1239 -4.39 -14.96 2.52
C VAL C 1239 -3.32 -15.88 3.09
N ASP C 1240 -2.84 -16.85 2.30
CA ASP C 1240 -1.71 -17.66 2.77
C ASP C 1240 -0.43 -16.84 2.86
N ASP C 1241 -0.41 -15.65 2.25
CA ASP C 1241 0.72 -14.74 2.33
C ASP C 1241 0.38 -13.45 3.08
N LYS C 1242 -0.84 -13.32 3.62
CA LYS C 1242 -1.30 -12.07 4.19
C LYS C 1242 -1.81 -12.26 5.60
N MET C 1243 -1.66 -13.47 6.15
CA MET C 1243 -2.08 -13.76 7.52
C MET C 1243 -0.82 -13.80 8.38
N HIS C 1244 -0.81 -13.02 9.47
CA HIS C 1244 0.34 -12.92 10.34
C HIS C 1244 -0.11 -12.62 11.76
N ALA C 1245 0.63 -13.13 12.73
CA ALA C 1245 0.37 -12.88 14.14
C ALA C 1245 1.66 -13.05 14.92
N ARG C 1246 1.82 -12.26 15.97
CA ARG C 1246 3.04 -12.27 16.77
C ARG C 1246 2.70 -11.92 18.21
N SER C 1247 3.37 -12.59 19.15
CA SER C 1247 3.30 -12.24 20.57
C SER C 1247 4.63 -11.82 21.15
N THR C 1248 5.71 -12.48 20.76
CA THR C 1248 7.06 -12.10 21.17
C THR C 1248 8.04 -12.63 20.13
N GLY C 1249 9.06 -11.85 19.83
CA GLY C 1249 10.04 -12.20 18.82
C GLY C 1249 11.37 -11.54 19.08
N SER C 1250 12.00 -11.07 18.01
CA SER C 1250 13.29 -10.40 18.10
C SER C 1250 13.13 -8.90 17.95
N TYR C 1251 14.06 -8.16 18.55
CA TYR C 1251 14.07 -6.71 18.51
C TYR C 1251 15.42 -6.22 18.03
N SER C 1252 15.43 -5.01 17.49
CA SER C 1252 16.67 -4.40 17.02
C SER C 1252 17.58 -4.06 18.19
N LEU C 1253 18.89 -4.07 17.92
CA LEU C 1253 19.86 -3.66 18.94
C LEU C 1253 19.64 -2.20 19.33
N VAL C 1254 19.36 -1.35 18.36
CA VAL C 1254 19.08 0.06 18.61
C VAL C 1254 17.58 0.23 18.80
N THR C 1255 17.21 0.96 19.86
CA THR C 1255 15.83 1.33 20.20
C THR C 1255 15.02 0.14 20.71
N GLN C 1256 15.57 -1.06 20.61
CA GLN C 1256 15.01 -2.28 21.24
C GLN C 1256 13.52 -2.44 20.94
N GLN C 1257 13.13 -2.17 19.69
CA GLN C 1257 11.73 -2.33 19.33
C GLN C 1257 11.56 -3.51 18.37
N PRO C 1258 10.37 -4.11 18.33
CA PRO C 1258 10.17 -5.29 17.48
C PRO C 1258 10.44 -4.99 16.01
N LEU C 1259 10.90 -6.02 15.30
CA LEU C 1259 11.18 -5.90 13.88
C LEU C 1259 9.87 -5.69 13.11
N GLY C 1260 9.99 -5.50 11.80
CA GLY C 1260 8.82 -5.23 10.99
C GLY C 1260 8.66 -6.15 9.80
N GLY C 1261 7.44 -6.56 9.53
CA GLY C 1261 7.13 -7.32 8.34
C GLY C 1261 7.18 -8.82 8.57
N LYS C 1262 6.50 -9.56 7.69
CA LYS C 1262 6.55 -11.00 7.72
C LYS C 1262 7.90 -11.50 7.24
N ALA C 1263 8.17 -12.79 7.51
CA ALA C 1263 9.43 -13.50 7.28
C ALA C 1263 10.50 -13.06 8.27
N GLN C 1264 10.25 -12.02 9.07
CA GLN C 1264 11.08 -11.68 10.21
C GLN C 1264 10.31 -11.80 11.52
N PHE C 1265 9.05 -12.23 11.46
CA PHE C 1265 8.16 -12.29 12.62
C PHE C 1265 8.09 -10.94 13.33
N GLY C 1266 7.67 -9.93 12.56
CA GLY C 1266 7.55 -8.58 13.05
C GLY C 1266 6.15 -8.28 13.55
N GLY C 1267 6.04 -7.17 14.31
CA GLY C 1267 4.79 -6.73 14.84
C GLY C 1267 4.20 -5.58 14.05
N GLN C 1268 2.87 -5.45 14.15
CA GLN C 1268 2.17 -4.37 13.47
C GLN C 1268 2.60 -3.02 14.05
N ARG C 1269 2.68 -2.01 13.18
CA ARG C 1269 3.15 -0.70 13.58
C ARG C 1269 1.97 0.15 14.05
N PHE C 1270 2.07 0.66 15.28
CA PHE C 1270 1.03 1.50 15.87
C PHE C 1270 1.43 2.95 15.64
N GLY C 1271 1.06 3.49 14.48
CA GLY C 1271 1.53 4.79 14.04
C GLY C 1271 0.94 5.94 14.83
N GLU C 1272 1.16 7.15 14.30
CA GLU C 1272 0.78 8.36 15.00
C GLU C 1272 -0.74 8.54 15.03
N MET C 1273 -1.41 8.25 13.91
CA MET C 1273 -2.85 8.46 13.85
C MET C 1273 -3.60 7.52 14.80
N GLU C 1274 -3.12 6.29 14.96
CA GLU C 1274 -3.73 5.38 15.92
C GLU C 1274 -3.62 5.93 17.34
N VAL C 1275 -2.48 6.53 17.67
CA VAL C 1275 -2.31 7.12 18.99
C VAL C 1275 -3.20 8.34 19.16
N TRP C 1276 -3.38 9.13 18.09
CA TRP C 1276 -4.33 10.23 18.14
C TRP C 1276 -5.74 9.72 18.44
N ALA C 1277 -6.13 8.62 17.78
CA ALA C 1277 -7.44 8.04 18.03
C ALA C 1277 -7.58 7.55 19.46
N LEU C 1278 -6.54 6.90 19.98
CA LEU C 1278 -6.56 6.44 21.37
C LEU C 1278 -6.68 7.62 22.34
N GLU C 1279 -5.98 8.71 22.06
CA GLU C 1279 -6.10 9.91 22.89
C GLU C 1279 -7.51 10.48 22.82
N ALA C 1280 -8.10 10.51 21.63
CA ALA C 1280 -9.45 11.03 21.48
C ALA C 1280 -10.47 10.14 22.20
N TYR C 1281 -10.20 8.85 22.29
CA TYR C 1281 -11.08 7.97 23.07
C TYR C 1281 -10.98 8.26 24.57
N GLY C 1282 -9.81 8.67 25.03
CA GLY C 1282 -9.54 8.77 26.45
C GLY C 1282 -8.93 7.53 27.06
N ALA C 1283 -8.54 6.55 26.24
CA ALA C 1283 -7.92 5.31 26.72
C ALA C 1283 -6.45 5.59 27.02
N ALA C 1284 -6.19 5.93 28.28
CA ALA C 1284 -4.83 6.27 28.69
C ALA C 1284 -4.01 5.04 29.05
N TYR C 1285 -4.64 4.05 29.68
CA TYR C 1285 -3.91 2.84 30.07
C TYR C 1285 -3.55 1.99 28.88
N THR C 1286 -4.47 1.86 27.90
CA THR C 1286 -4.15 1.14 26.68
C THR C 1286 -2.99 1.82 25.94
N LEU C 1287 -3.02 3.14 25.85
CA LEU C 1287 -1.94 3.87 25.21
C LEU C 1287 -0.61 3.66 25.94
N GLN C 1288 -0.63 3.74 27.27
CA GLN C 1288 0.60 3.57 28.04
C GLN C 1288 1.16 2.16 27.87
N GLU C 1289 0.30 1.15 27.88
CA GLU C 1289 0.77 -0.21 27.66
C GLU C 1289 1.27 -0.40 26.24
N MET C 1290 0.73 0.36 25.28
CA MET C 1290 1.24 0.29 23.91
C MET C 1290 2.63 0.89 23.81
N LEU C 1291 2.86 2.03 24.46
CA LEU C 1291 4.11 2.75 24.27
C LEU C 1291 5.28 2.12 25.03
N THR C 1292 5.03 1.53 26.20
CA THR C 1292 6.11 1.10 27.08
C THR C 1292 6.23 -0.42 27.17
N VAL C 1293 5.17 -1.10 27.59
CA VAL C 1293 5.27 -2.54 27.84
C VAL C 1293 5.45 -3.34 26.57
N LYS C 1294 4.74 -3.00 25.50
CA LYS C 1294 4.74 -3.81 24.29
C LYS C 1294 5.93 -3.56 23.37
N SER C 1295 6.60 -2.42 23.50
CA SER C 1295 7.63 -2.05 22.52
C SER C 1295 9.03 -1.95 23.11
N ASP C 1296 9.25 -1.10 24.13
CA ASP C 1296 10.61 -0.68 24.45
C ASP C 1296 11.04 -0.89 25.90
N ASP C 1297 10.13 -1.12 26.83
CA ASP C 1297 10.52 -1.34 28.22
C ASP C 1297 11.17 -2.71 28.35
N VAL C 1298 12.51 -2.75 28.31
CA VAL C 1298 13.22 -4.03 28.29
C VAL C 1298 12.91 -4.84 29.53
N ASN C 1299 12.94 -4.20 30.70
CA ASN C 1299 12.52 -4.89 31.92
C ASN C 1299 11.00 -5.03 31.97
N GLY C 1300 10.28 -4.06 31.42
CA GLY C 1300 8.83 -4.11 31.44
C GLY C 1300 8.27 -5.28 30.65
N ARG C 1301 8.90 -5.61 29.52
CA ARG C 1301 8.45 -6.74 28.72
C ARG C 1301 8.50 -8.03 29.52
N THR C 1302 9.66 -8.32 30.12
CA THR C 1302 9.82 -9.55 30.90
C THR C 1302 8.91 -9.55 32.11
N LYS C 1303 8.81 -8.41 32.81
CA LYS C 1303 7.96 -8.36 33.99
C LYS C 1303 6.49 -8.59 33.64
N MET C 1304 6.03 -7.99 32.54
CA MET C 1304 4.63 -8.14 32.17
C MET C 1304 4.35 -9.55 31.68
N TYR C 1305 5.30 -10.17 30.97
CA TYR C 1305 5.13 -11.56 30.56
C TYR C 1305 5.06 -12.48 31.78
N LYS C 1306 5.93 -12.25 32.77
CA LYS C 1306 5.91 -13.05 33.98
C LYS C 1306 4.59 -12.87 34.73
N ASN C 1307 4.07 -11.64 34.77
CA ASN C 1307 2.78 -11.39 35.40
C ASN C 1307 1.66 -12.10 34.66
N ILE C 1308 1.70 -12.08 33.32
CA ILE C 1308 0.63 -12.73 32.55
C ILE C 1308 0.64 -14.24 32.78
N VAL C 1309 1.83 -14.85 32.75
CA VAL C 1309 1.91 -16.29 32.98
C VAL C 1309 1.41 -16.63 34.37
N ASP C 1310 1.79 -15.84 35.37
CA ASP C 1310 1.28 -16.04 36.71
C ASP C 1310 -0.20 -15.71 36.84
N GLY C 1311 -0.70 -14.80 36.02
CA GLY C 1311 -2.09 -14.40 36.09
C GLY C 1311 -2.35 -13.15 36.91
N ASN C 1312 -1.43 -12.18 36.88
CA ASN C 1312 -1.55 -10.98 37.69
C ASN C 1312 -2.22 -9.83 36.94
N HIS C 1313 -1.91 -9.67 35.66
CA HIS C 1313 -2.43 -8.58 34.83
C HIS C 1313 -2.09 -7.21 35.45
N GLN C 1314 -0.83 -7.03 35.77
CA GLN C 1314 -0.30 -5.78 36.29
C GLN C 1314 0.75 -5.22 35.33
N MET C 1315 0.87 -3.89 35.30
CA MET C 1315 1.67 -3.25 34.27
C MET C 1315 3.11 -3.04 34.71
N GLU C 1316 3.32 -2.25 35.77
CA GLU C 1316 4.65 -1.84 36.23
C GLU C 1316 5.43 -1.22 35.08
N PRO C 1317 5.05 -0.01 34.64
CA PRO C 1317 5.70 0.59 33.46
C PRO C 1317 7.10 1.11 33.75
N GLY C 1318 7.70 1.78 32.76
CA GLY C 1318 9.03 2.34 32.92
C GLY C 1318 9.36 3.38 31.87
N MET C 1319 10.64 3.44 31.49
CA MET C 1319 11.13 4.43 30.53
C MET C 1319 11.48 3.75 29.23
N PRO C 1320 10.85 4.14 28.11
CA PRO C 1320 11.19 3.52 26.82
C PRO C 1320 12.65 3.77 26.45
N GLU C 1321 13.25 2.77 25.80
CA GLU C 1321 14.66 2.88 25.41
C GLU C 1321 14.87 3.98 24.37
N SER C 1322 13.85 4.27 23.57
CA SER C 1322 13.98 5.28 22.53
C SER C 1322 14.27 6.66 23.11
N PHE C 1323 13.66 7.00 24.25
CA PHE C 1323 13.95 8.29 24.87
C PHE C 1323 15.38 8.35 25.37
N ASN C 1324 15.90 7.24 25.90
CA ASN C 1324 17.30 7.21 26.30
C ASN C 1324 18.22 7.39 25.10
N VAL C 1325 17.88 6.74 23.98
CA VAL C 1325 18.68 6.90 22.76
C VAL C 1325 18.65 8.35 22.30
N LEU C 1326 17.47 8.98 22.33
CA LEU C 1326 17.36 10.38 21.94
C LEU C 1326 18.16 11.29 22.86
N LEU C 1327 18.12 11.03 24.16
CA LEU C 1327 18.90 11.83 25.10
C LEU C 1327 20.39 11.70 24.83
N LYS C 1328 20.86 10.46 24.59
CA LYS C 1328 22.27 10.27 24.26
C LYS C 1328 22.63 10.97 22.96
N GLU C 1329 21.72 10.93 21.99
CA GLU C 1329 21.94 11.62 20.71
C GLU C 1329 22.09 13.11 20.91
N ILE C 1330 21.17 13.73 21.64
CA ILE C 1330 21.22 15.18 21.83
C ILE C 1330 22.43 15.57 22.66
N ARG C 1331 22.79 14.74 23.65
CA ARG C 1331 23.98 15.01 24.44
C ARG C 1331 25.25 14.82 23.64
N SER C 1332 25.21 14.01 22.58
CA SER C 1332 26.38 13.82 21.73
C SER C 1332 26.73 15.07 20.93
N LEU C 1333 25.79 16.00 20.78
CA LEU C 1333 26.10 17.32 20.25
C LEU C 1333 26.68 18.16 21.38
N GLY C 1334 26.76 19.48 21.16
CA GLY C 1334 27.19 20.36 22.22
C GLY C 1334 26.11 20.78 23.19
N ILE C 1335 24.96 20.12 23.14
CA ILE C 1335 23.78 20.50 23.91
C ILE C 1335 23.60 19.55 25.08
N ASN C 1336 23.26 20.09 26.23
CA ASN C 1336 22.99 19.31 27.43
C ASN C 1336 21.50 19.24 27.68
N ILE C 1337 20.97 18.02 27.84
CA ILE C 1337 19.59 17.79 28.22
C ILE C 1337 19.58 16.72 29.31
N GLU C 1338 18.80 16.95 30.36
CA GLU C 1338 18.81 16.09 31.53
C GLU C 1338 17.42 15.97 32.12
N LEU C 1339 17.20 14.90 32.87
CA LEU C 1339 15.94 14.65 33.56
C LEU C 1339 16.09 15.12 35.00
N GLU C 1340 15.64 16.35 35.28
CA GLU C 1340 15.74 16.89 36.62
C GLU C 1340 14.72 16.22 37.53
N ASP C 1341 14.97 16.31 38.84
CA ASP C 1341 14.08 15.72 39.84
C ASP C 1341 12.92 16.65 40.16
N LEU D 1 29.87 -7.65 49.70
CA LEU D 1 29.43 -6.83 48.58
C LEU D 1 28.75 -7.68 47.51
N LEU D 2 27.55 -8.16 47.82
CA LEU D 2 26.77 -9.00 46.91
C LEU D 2 25.32 -8.53 46.94
N LYS D 3 24.49 -9.21 46.15
CA LYS D 3 23.07 -8.90 46.03
C LYS D 3 22.86 -7.43 45.62
N PHE D 4 23.54 -7.04 44.55
CA PHE D 4 23.46 -5.68 44.03
C PHE D 4 22.57 -5.66 42.78
N LEU D 5 21.62 -4.72 42.75
CA LEU D 5 20.67 -4.61 41.66
C LEU D 5 20.80 -3.21 41.06
N LYS D 6 21.70 -3.08 40.08
CA LYS D 6 21.83 -1.82 39.36
C LYS D 6 20.78 -1.65 38.26
N ALA D 7 20.06 -2.72 37.92
CA ALA D 7 18.96 -2.59 36.96
C ALA D 7 17.75 -1.91 37.57
N GLN D 8 17.43 -2.22 38.83
CA GLN D 8 16.29 -1.58 39.49
C GLN D 8 16.52 -0.09 39.67
N THR D 9 17.73 0.30 40.07
CA THR D 9 18.05 1.71 40.28
C THR D 9 18.21 2.48 38.98
N LYS D 10 18.21 1.80 37.82
CA LYS D 10 18.32 2.49 36.54
C LYS D 10 17.12 3.39 36.29
N THR D 11 15.95 3.02 36.81
CA THR D 11 14.75 3.83 36.68
C THR D 11 14.62 4.73 37.90
N GLU D 12 14.53 6.03 37.68
CA GLU D 12 14.42 7.01 38.75
C GLU D 12 13.26 7.96 38.47
N GLU D 13 12.68 8.49 39.55
CA GLU D 13 11.63 9.50 39.40
C GLU D 13 12.22 10.77 38.81
N PHE D 14 11.45 11.39 37.91
CA PHE D 14 11.92 12.59 37.22
C PHE D 14 10.71 13.41 36.79
N ASP D 15 10.99 14.67 36.44
CA ASP D 15 9.96 15.62 36.01
C ASP D 15 10.66 16.82 35.39
N ALA D 16 9.97 17.45 34.44
CA ALA D 16 10.38 18.75 33.89
C ALA D 16 11.78 18.68 33.27
N ILE D 17 11.87 17.91 32.18
CA ILE D 17 13.10 17.85 31.40
C ILE D 17 13.58 19.27 31.08
N LYS D 18 14.87 19.51 31.29
CA LYS D 18 15.47 20.81 31.07
C LYS D 18 16.66 20.68 30.13
N ILE D 19 16.93 21.77 29.41
CA ILE D 19 17.94 21.77 28.35
C ILE D 19 18.79 23.02 28.51
N ALA D 20 20.11 22.88 28.30
CA ALA D 20 21.02 24.00 28.40
C ALA D 20 22.30 23.65 27.64
N LEU D 21 23.18 24.64 27.52
CA LEU D 21 24.48 24.40 26.90
C LEU D 21 25.38 23.60 27.84
N ALA D 22 26.33 22.89 27.25
CA ALA D 22 27.26 22.03 27.99
C ALA D 22 28.65 22.63 27.93
N SER D 23 29.21 22.93 29.10
CA SER D 23 30.56 23.43 29.19
C SER D 23 31.56 22.31 28.91
N PRO D 24 32.80 22.65 28.51
CA PRO D 24 33.81 21.60 28.34
C PRO D 24 34.03 20.76 29.59
N ASP D 25 33.94 21.36 30.77
CA ASP D 25 34.08 20.60 32.00
C ASP D 25 32.97 19.58 32.15
N MET D 26 31.74 19.95 31.78
CA MET D 26 30.63 19.00 31.85
C MET D 26 30.80 17.86 30.85
N ILE D 27 31.29 18.18 29.64
CA ILE D 27 31.55 17.14 28.66
C ILE D 27 32.62 16.18 29.16
N ARG D 28 33.65 16.72 29.81
CA ARG D 28 34.66 15.87 30.41
C ARG D 28 34.08 15.03 31.55
N SER D 29 33.12 15.59 32.29
CA SER D 29 32.49 14.86 33.38
C SER D 29 31.67 13.68 32.88
N TRP D 30 30.93 13.88 31.78
CA TRP D 30 30.20 12.75 31.18
C TRP D 30 31.15 11.65 30.75
N SER D 31 32.34 12.02 30.32
CA SER D 31 33.22 11.09 29.61
C SER D 31 33.88 10.11 30.56
N PHE D 32 34.03 8.87 30.09
CA PHE D 32 34.81 7.85 30.78
C PHE D 32 36.24 7.77 30.27
N GLY D 33 36.57 8.55 29.25
CA GLY D 33 37.92 8.52 28.70
C GLY D 33 37.98 9.33 27.42
N GLU D 34 39.16 9.34 26.82
CA GLU D 34 39.44 10.07 25.59
C GLU D 34 39.91 9.10 24.52
N VAL D 35 39.38 9.25 23.32
CA VAL D 35 39.80 8.44 22.18
C VAL D 35 40.85 9.22 21.39
N LYS D 36 41.83 8.51 20.84
CA LYS D 36 42.92 9.13 20.11
C LYS D 36 43.29 8.44 18.82
N LYS D 37 42.80 7.23 18.56
CA LYS D 37 43.10 6.53 17.32
C LYS D 37 41.84 6.39 16.49
N PRO D 38 41.93 6.52 15.17
CA PRO D 38 40.70 6.53 14.35
C PRO D 38 40.13 5.14 14.08
N GLU D 39 40.97 4.12 13.90
CA GLU D 39 40.46 2.81 13.52
C GLU D 39 39.57 2.23 14.62
N THR D 40 38.47 1.60 14.20
CA THR D 40 37.48 1.10 15.16
C THR D 40 37.95 -0.18 15.81
N ILE D 41 38.14 -1.24 15.02
CA ILE D 41 38.63 -2.51 15.51
C ILE D 41 39.75 -2.98 14.59
N ASN D 42 40.61 -3.84 15.13
CA ASN D 42 41.65 -4.48 14.34
C ASN D 42 41.18 -5.85 13.86
N TYR D 43 41.68 -6.26 12.71
CA TYR D 43 41.40 -7.58 12.18
C TYR D 43 42.44 -8.59 12.62
N ARG D 44 43.40 -8.20 13.45
CA ARG D 44 44.43 -9.12 13.91
C ARG D 44 43.86 -10.18 14.85
N THR D 45 43.02 -9.78 15.79
CA THR D 45 42.40 -10.73 16.70
C THR D 45 40.89 -10.52 16.83
N PHE D 46 40.28 -9.73 15.96
CA PHE D 46 38.84 -9.46 15.99
C PHE D 46 38.41 -8.94 17.35
N LYS D 47 39.21 -8.01 17.87
CA LYS D 47 38.99 -7.38 19.16
C LYS D 47 39.04 -5.87 19.00
N PRO D 48 38.27 -5.13 19.80
CA PRO D 48 38.31 -3.66 19.72
C PRO D 48 39.71 -3.12 19.97
N GLU D 49 40.11 -2.15 19.16
CA GLU D 49 41.44 -1.56 19.28
C GLU D 49 41.52 -0.66 20.51
N ARG D 50 42.70 -0.61 21.10
CA ARG D 50 42.93 0.25 22.26
C ARG D 50 42.81 1.71 21.87
N ASP D 51 42.10 2.48 22.70
CA ASP D 51 41.96 3.93 22.53
C ASP D 51 41.39 4.29 21.16
N GLY D 52 40.45 3.48 20.68
CA GLY D 52 39.82 3.70 19.39
C GLY D 52 38.35 4.08 19.53
N LEU D 53 37.69 4.16 18.36
CA LEU D 53 36.26 4.45 18.34
C LEU D 53 35.47 3.35 19.04
N PHE D 54 35.83 2.10 18.80
CA PHE D 54 35.28 0.96 19.52
C PHE D 54 36.38 0.43 20.44
N CYS D 55 36.22 0.64 21.74
CA CYS D 55 37.21 0.23 22.72
C CYS D 55 36.53 -0.44 23.89
N ALA D 56 37.32 -1.13 24.71
CA ALA D 56 36.81 -1.81 25.88
C ALA D 56 37.34 -1.25 27.20
N ARG D 57 38.47 -0.55 27.20
CA ARG D 57 38.89 0.17 28.39
C ARG D 57 37.88 1.26 28.74
N ILE D 58 37.37 1.95 27.72
CA ILE D 58 36.19 2.79 27.87
C ILE D 58 35.02 2.05 27.24
N PHE D 59 33.82 2.62 27.41
CA PHE D 59 32.56 2.13 26.88
C PHE D 59 32.10 0.84 27.54
N GLY D 60 32.91 0.24 28.43
CA GLY D 60 32.55 -1.00 29.07
C GLY D 60 33.10 -2.21 28.32
N PRO D 61 32.87 -3.40 28.88
CA PRO D 61 33.37 -4.63 28.24
C PRO D 61 32.59 -5.00 27.00
N VAL D 62 32.98 -6.09 26.34
CA VAL D 62 32.38 -6.49 25.07
C VAL D 62 31.57 -7.78 25.18
N LYS D 63 31.75 -8.58 26.23
CA LYS D 63 31.03 -9.85 26.34
C LYS D 63 30.78 -10.14 27.82
N ASP D 64 29.59 -9.75 28.29
CA ASP D 64 29.12 -10.02 29.64
C ASP D 64 30.15 -9.62 30.69
N TYR D 65 30.33 -10.47 31.70
CA TYR D 65 31.24 -10.20 32.80
C TYR D 65 32.67 -10.63 32.52
N GLU D 66 33.01 -10.82 31.24
CA GLU D 66 34.38 -11.13 30.86
C GLU D 66 35.16 -9.84 30.61
N CYS D 67 36.47 -9.96 30.63
CA CYS D 67 37.37 -8.82 30.39
C CYS D 67 38.43 -9.23 29.37
N LEU D 68 39.06 -8.22 28.78
CA LEU D 68 40.08 -8.46 27.77
C LEU D 68 41.26 -9.22 28.39
N CYS D 69 41.86 -10.09 27.57
CA CYS D 69 42.99 -10.94 27.95
C CYS D 69 42.53 -12.07 28.89
N GLY D 70 41.28 -11.98 29.35
CA GLY D 70 40.70 -13.05 30.14
C GLY D 70 41.30 -13.24 31.52
N LYS D 71 41.93 -12.20 32.07
CA LYS D 71 42.52 -12.33 33.41
C LYS D 71 41.43 -12.47 34.48
N TYR D 72 40.38 -11.66 34.38
CA TYR D 72 39.25 -11.70 35.32
C TYR D 72 37.97 -11.84 34.50
N LYS D 73 37.48 -13.08 34.35
CA LYS D 73 36.27 -13.35 33.58
C LYS D 73 35.35 -14.26 34.40
N ARG D 74 34.55 -13.65 35.26
CA ARG D 74 33.54 -14.34 36.06
C ARG D 74 32.77 -13.29 36.86
N LEU D 75 31.60 -13.70 37.35
CA LEU D 75 30.75 -12.79 38.13
C LEU D 75 31.29 -12.56 39.53
N LYS D 76 32.13 -13.47 40.04
CA LYS D 76 32.72 -13.29 41.36
C LYS D 76 33.49 -11.99 41.45
N HIS D 77 34.20 -11.63 40.38
CA HIS D 77 34.89 -10.35 40.31
C HIS D 77 33.92 -9.29 39.82
N ARG D 78 33.79 -8.19 40.57
CA ARG D 78 32.91 -7.10 40.20
C ARG D 78 33.66 -5.78 40.33
N GLY D 79 33.50 -4.92 39.33
CA GLY D 79 34.08 -3.59 39.38
C GLY D 79 35.58 -3.57 39.53
N VAL D 80 36.27 -4.58 39.01
CA VAL D 80 37.72 -4.70 39.13
C VAL D 80 38.33 -4.39 37.77
N ILE D 81 39.36 -3.55 37.78
CA ILE D 81 40.08 -3.15 36.57
C ILE D 81 41.36 -3.98 36.49
N CYS D 82 41.51 -4.72 35.38
CA CYS D 82 42.68 -5.56 35.21
C CYS D 82 43.93 -4.71 35.05
N GLU D 83 45.09 -5.31 35.36
CA GLU D 83 46.35 -4.61 35.19
C GLU D 83 46.74 -4.52 33.72
N LYS D 84 46.57 -5.61 32.97
CA LYS D 84 46.93 -5.60 31.56
C LYS D 84 46.03 -4.67 30.76
N CYS D 85 44.73 -4.67 31.05
CA CYS D 85 43.77 -3.86 30.32
C CYS D 85 42.86 -3.15 31.31
N GLY D 86 42.43 -1.94 30.94
CA GLY D 86 41.58 -1.15 31.81
C GLY D 86 40.13 -1.58 31.81
N VAL D 87 39.86 -2.70 31.13
CA VAL D 87 38.49 -3.21 31.04
C VAL D 87 37.98 -3.56 32.43
N GLU D 88 36.73 -3.20 32.71
CA GLU D 88 36.10 -3.45 34.00
C GLU D 88 34.98 -4.47 33.84
N VAL D 89 34.92 -5.42 34.77
CA VAL D 89 33.88 -6.44 34.77
C VAL D 89 32.54 -5.74 34.98
N THR D 90 31.66 -5.79 33.99
CA THR D 90 30.40 -5.06 34.04
C THR D 90 29.42 -5.79 33.12
N GLN D 91 28.12 -5.54 33.31
CA GLN D 91 27.04 -6.27 32.66
C GLN D 91 26.96 -6.05 31.15
N THR D 92 27.96 -5.39 30.56
CA THR D 92 28.15 -5.16 29.12
C THR D 92 26.95 -4.44 28.50
N LYS D 93 25.97 -4.06 29.32
CA LYS D 93 24.87 -3.22 28.86
C LYS D 93 25.22 -1.75 28.94
N VAL D 94 26.36 -1.41 29.53
CA VAL D 94 26.81 -0.02 29.60
C VAL D 94 27.45 0.44 28.31
N ARG D 95 27.49 -0.42 27.28
CA ARG D 95 27.95 0.01 25.97
C ARG D 95 27.00 1.03 25.36
N ARG D 96 25.79 1.19 25.91
CA ARG D 96 24.82 2.17 25.46
C ARG D 96 24.79 3.42 26.32
N GLU D 97 25.67 3.53 27.32
CA GLU D 97 25.64 4.64 28.26
C GLU D 97 26.92 5.44 28.33
N ARG D 98 28.08 4.79 28.33
CA ARG D 98 29.34 5.51 28.44
C ARG D 98 29.65 6.25 27.14
N MET D 99 30.07 7.51 27.27
CA MET D 99 30.13 8.42 26.12
C MET D 99 31.53 8.57 25.54
N GLY D 100 32.50 9.02 26.33
CA GLY D 100 33.81 9.35 25.80
C GLY D 100 33.84 10.70 25.11
N HIS D 101 35.04 11.14 24.76
CA HIS D 101 35.22 12.47 24.17
C HIS D 101 36.52 12.51 23.39
N ILE D 102 36.68 13.58 22.62
CA ILE D 102 37.90 13.88 21.87
C ILE D 102 38.34 15.29 22.22
N GLU D 103 39.66 15.50 22.23
CA GLU D 103 40.24 16.82 22.42
C GLU D 103 40.73 17.35 21.08
N LEU D 104 40.27 18.55 20.71
CA LEU D 104 40.51 19.09 19.39
C LEU D 104 41.84 19.82 19.25
N ALA D 105 42.45 20.24 20.37
CA ALA D 105 43.73 20.95 20.38
C ALA D 105 43.65 22.28 19.63
N SER D 106 42.45 22.63 19.16
CA SER D 106 42.20 23.89 18.48
C SER D 106 40.70 24.17 18.50
N PRO D 107 40.28 25.32 19.03
CA PRO D 107 38.83 25.61 19.10
C PRO D 107 38.18 25.57 17.72
N THR D 108 36.96 25.03 17.67
CA THR D 108 36.14 25.05 16.49
C THR D 108 34.76 25.59 16.84
N ALA D 109 34.02 26.01 15.81
CA ALA D 109 32.74 26.66 15.99
C ALA D 109 31.61 25.66 15.75
N HIS D 110 30.55 25.77 16.57
CA HIS D 110 29.40 24.89 16.43
C HIS D 110 28.56 25.32 15.24
N ILE D 111 28.37 24.41 14.28
CA ILE D 111 27.52 24.68 13.13
C ILE D 111 26.07 24.89 13.55
N TRP D 112 25.69 24.35 14.71
CA TRP D 112 24.34 24.54 15.23
C TRP D 112 23.97 26.00 15.40
N PHE D 113 24.93 26.84 15.77
CA PHE D 113 24.66 28.22 16.13
C PHE D 113 25.10 29.23 15.08
N LEU D 114 26.21 28.97 14.38
CA LEU D 114 26.69 29.94 13.39
C LEU D 114 25.85 29.91 12.13
N LYS D 115 25.46 28.72 11.66
CA LYS D 115 24.77 28.57 10.39
C LYS D 115 23.29 28.35 10.65
N SER D 116 22.56 29.46 10.80
CA SER D 116 21.11 29.47 10.83
C SER D 116 20.68 30.91 10.59
N LEU D 117 19.58 31.08 9.87
CA LEU D 117 19.17 32.42 9.43
C LEU D 117 19.11 33.43 10.57
N PRO D 118 18.52 33.14 11.74
CA PRO D 118 18.73 34.02 12.90
C PRO D 118 19.95 33.61 13.71
N SER D 119 21.13 33.83 13.13
CA SER D 119 22.37 33.35 13.74
C SER D 119 22.58 33.99 15.11
N ARG D 120 22.84 33.15 16.11
CA ARG D 120 22.96 33.63 17.48
C ARG D 120 24.28 34.37 17.70
N ILE D 121 25.37 33.85 17.14
CA ILE D 121 26.67 34.51 17.27
C ILE D 121 26.63 35.87 16.58
N GLY D 122 26.07 35.91 15.36
CA GLY D 122 26.08 37.15 14.59
C GLY D 122 25.32 38.28 15.26
N LEU D 123 24.12 37.99 15.75
CA LEU D 123 23.34 39.01 16.43
C LEU D 123 23.71 39.13 17.91
N LEU D 124 24.58 38.26 18.43
CA LEU D 124 25.13 38.46 19.75
C LEU D 124 26.34 39.39 19.72
N LEU D 125 27.04 39.42 18.60
CA LEU D 125 28.17 40.33 18.41
C LEU D 125 27.85 41.51 17.52
N ASP D 126 26.62 41.60 16.98
CA ASP D 126 26.19 42.69 16.13
C ASP D 126 27.08 42.84 14.90
N MET D 127 27.36 41.73 14.24
CA MET D 127 28.09 41.70 12.98
C MET D 127 27.39 40.78 12.01
N PRO D 128 27.46 41.07 10.71
CA PRO D 128 26.82 40.19 9.72
C PRO D 128 27.45 38.81 9.72
N LEU D 129 26.62 37.81 9.34
CA LEU D 129 27.10 36.44 9.28
C LEU D 129 28.16 36.24 8.20
N ARG D 130 28.16 37.09 7.16
CA ARG D 130 29.10 36.90 6.06
C ARG D 130 30.55 37.04 6.52
N ASP D 131 30.87 38.14 7.21
CA ASP D 131 32.24 38.34 7.65
C ASP D 131 32.64 37.35 8.74
N ILE D 132 31.69 36.94 9.57
CA ILE D 132 31.97 35.91 10.58
C ILE D 132 32.34 34.59 9.90
N GLU D 133 31.59 34.22 8.87
CA GLU D 133 31.93 33.01 8.11
C GLU D 133 33.27 33.16 7.40
N ARG D 134 33.57 34.36 6.91
CA ARG D 134 34.85 34.58 6.24
C ARG D 134 36.02 34.41 7.21
N VAL D 135 35.91 34.98 8.41
CA VAL D 135 37.03 34.87 9.35
C VAL D 135 37.12 33.44 9.90
N LEU D 136 35.98 32.78 10.08
CA LEU D 136 36.00 31.41 10.60
C LEU D 136 36.68 30.44 9.64
N TYR D 137 36.82 30.81 8.38
CA TYR D 137 37.52 29.98 7.39
C TYR D 137 38.81 30.63 6.91
N PHE D 138 39.40 31.51 7.72
CA PHE D 138 40.71 32.10 7.50
C PHE D 138 40.79 32.95 6.24
N GLU D 139 39.64 33.43 5.73
CA GLU D 139 39.66 34.29 4.57
C GLU D 139 40.20 35.68 4.91
N SER D 140 39.83 36.22 6.07
CA SER D 140 40.22 37.57 6.45
C SER D 140 40.51 37.62 7.94
N TYR D 141 41.23 38.66 8.35
CA TYR D 141 41.61 38.89 9.73
C TYR D 141 40.55 39.73 10.45
N VAL D 142 40.51 39.57 11.77
CA VAL D 142 39.72 40.43 12.64
C VAL D 142 40.64 40.88 13.78
N VAL D 143 40.69 42.18 14.02
CA VAL D 143 41.56 42.73 15.06
C VAL D 143 40.76 42.91 16.35
N ILE D 144 41.47 42.91 17.47
CA ILE D 144 40.88 43.19 18.78
C ILE D 144 41.78 44.16 19.52
N GLU D 145 41.18 44.90 20.46
CA GLU D 145 41.87 45.92 21.26
C GLU D 145 42.43 46.95 20.29
N GLY D 146 43.73 47.27 20.34
CA GLY D 146 44.29 48.26 19.42
C GLY D 146 43.73 49.64 19.59
N GLY D 147 43.55 50.09 20.83
CA GLY D 147 43.01 51.42 21.06
C GLY D 147 43.94 52.52 20.60
N MET D 148 45.25 52.33 20.77
CA MET D 148 46.21 53.35 20.36
C MET D 148 46.17 53.60 18.86
N THR D 149 46.08 52.54 18.08
CA THR D 149 46.03 52.67 16.63
C THR D 149 44.63 53.08 16.17
N ASN D 150 44.56 53.50 14.91
CA ASN D 150 43.28 53.93 14.32
C ASN D 150 42.35 52.77 14.04
N LEU D 151 42.82 51.53 14.15
CA LEU D 151 41.97 50.37 13.88
C LEU D 151 40.83 50.28 14.88
N GLU D 152 39.65 49.90 14.40
CA GLU D 152 38.47 49.79 15.25
C GLU D 152 38.49 48.47 16.02
N ARG D 153 37.46 48.26 16.85
CA ARG D 153 37.37 47.04 17.63
C ARG D 153 36.96 45.86 16.77
N GLN D 154 36.06 46.07 15.80
CA GLN D 154 35.54 44.98 14.99
C GLN D 154 35.97 45.13 13.53
N GLN D 155 37.24 45.47 13.32
CA GLN D 155 37.75 45.64 11.96
C GLN D 155 37.74 44.32 11.20
N ILE D 156 37.54 44.42 9.89
CA ILE D 156 37.45 43.25 9.02
C ILE D 156 38.58 43.34 7.99
N LEU D 157 39.71 43.92 8.40
CA LEU D 157 40.83 44.14 7.50
C LEU D 157 41.32 42.83 6.90
N THR D 158 41.66 42.87 5.61
CA THR D 158 42.07 41.68 4.88
C THR D 158 43.57 41.44 5.07
N GLU D 159 44.12 40.51 4.29
CA GLU D 159 45.54 40.19 4.39
C GLU D 159 46.41 41.37 3.97
N GLU D 160 46.06 42.02 2.85
CA GLU D 160 46.82 43.19 2.41
C GLU D 160 46.73 44.32 3.43
N GLN D 161 45.52 44.55 3.96
CA GLN D 161 45.37 45.56 5.00
C GLN D 161 46.14 45.18 6.26
N TYR D 162 46.20 43.88 6.59
CA TYR D 162 47.00 43.46 7.74
C TYR D 162 48.47 43.74 7.52
N LEU D 163 48.99 43.47 6.32
CA LEU D 163 50.38 43.77 6.02
C LEU D 163 50.64 45.27 6.08
N ASP D 164 49.72 46.08 5.56
CA ASP D 164 49.88 47.52 5.63
C ASP D 164 49.89 48.01 7.07
N ALA D 165 49.02 47.46 7.91
CA ALA D 165 49.00 47.84 9.32
C ALA D 165 50.29 47.42 10.02
N LEU D 166 50.79 46.23 9.71
CA LEU D 166 52.05 45.78 10.30
C LEU D 166 53.20 46.68 9.89
N GLU D 167 53.23 47.10 8.62
CA GLU D 167 54.27 48.01 8.16
C GLU D 167 54.14 49.38 8.83
N GLU D 168 52.92 49.87 9.03
CA GLU D 168 52.70 51.20 9.58
C GLU D 168 52.58 51.17 11.11
N PHE D 169 51.60 50.44 11.63
CA PHE D 169 51.37 50.43 13.07
C PHE D 169 52.39 49.58 13.81
N GLY D 170 52.86 48.49 13.21
CA GLY D 170 53.79 47.61 13.90
C GLY D 170 53.11 46.81 14.99
N ASP D 171 53.42 47.16 16.25
CA ASP D 171 52.80 46.50 17.39
C ASP D 171 51.41 47.10 17.62
N GLU D 172 50.81 46.76 18.77
CA GLU D 172 49.48 47.21 19.21
C GLU D 172 48.35 46.65 18.36
N PHE D 173 48.64 45.89 17.31
CA PHE D 173 47.63 45.28 16.47
C PHE D 173 47.49 43.82 16.85
N ASP D 174 46.38 43.47 17.51
CA ASP D 174 46.10 42.12 17.95
C ASP D 174 45.02 41.54 17.04
N ALA D 175 45.46 40.83 15.99
CA ALA D 175 44.54 40.27 15.02
C ALA D 175 44.83 38.80 14.80
N LYS D 176 43.77 37.98 14.84
CA LYS D 176 43.85 36.58 14.51
C LYS D 176 42.69 36.22 13.60
N MET D 177 42.89 35.21 12.77
CA MET D 177 41.89 34.81 11.78
C MET D 177 41.37 33.39 11.99
N GLY D 178 41.56 32.82 13.18
CA GLY D 178 41.03 31.51 13.50
C GLY D 178 39.85 31.59 14.46
N ALA D 179 39.36 30.41 14.82
CA ALA D 179 38.31 30.32 15.83
C ALA D 179 38.79 30.80 17.20
N GLU D 180 40.11 30.82 17.43
CA GLU D 180 40.64 31.39 18.65
C GLU D 180 40.32 32.88 18.74
N ALA D 181 40.35 33.59 17.62
CA ALA D 181 40.05 35.02 17.62
C ALA D 181 38.61 35.28 18.02
N ILE D 182 37.67 34.55 17.42
CA ILE D 182 36.27 34.76 17.75
C ILE D 182 35.99 34.32 19.19
N GLN D 183 36.64 33.25 19.64
CA GLN D 183 36.50 32.83 21.02
C GLN D 183 36.99 33.92 21.98
N ALA D 184 38.15 34.52 21.69
CA ALA D 184 38.69 35.56 22.56
C ALA D 184 37.79 36.79 22.56
N LEU D 185 37.28 37.18 21.39
CA LEU D 185 36.42 38.35 21.32
C LEU D 185 35.09 38.11 22.02
N LEU D 186 34.59 36.87 22.00
CA LEU D 186 33.40 36.53 22.78
C LEU D 186 33.69 36.53 24.27
N LYS D 187 34.88 36.07 24.66
CA LYS D 187 35.27 36.06 26.07
C LYS D 187 35.39 37.46 26.63
N SER D 188 35.96 38.39 25.84
CA SER D 188 36.26 39.72 26.33
C SER D 188 35.02 40.58 26.53
N MET D 189 33.85 40.13 26.08
CA MET D 189 32.64 40.95 26.19
C MET D 189 32.23 41.14 27.65
N ASP D 190 31.87 42.38 27.98
CA ASP D 190 31.22 42.70 29.24
C ASP D 190 29.72 42.81 28.97
N LEU D 191 28.97 41.81 29.42
CA LEU D 191 27.60 41.63 28.97
C LEU D 191 26.64 42.63 29.60
N GLU D 192 26.83 42.93 30.90
CA GLU D 192 25.90 43.81 31.60
C GLU D 192 25.98 45.24 31.07
N GLN D 193 27.19 45.75 30.86
CA GLN D 193 27.34 47.10 30.30
C GLN D 193 26.81 47.16 28.88
N GLU D 194 26.98 46.08 28.11
CA GLU D 194 26.41 46.03 26.77
C GLU D 194 24.89 46.11 26.82
N CYS D 195 24.27 45.38 27.74
CA CYS D 195 22.81 45.43 27.87
C CYS D 195 22.35 46.83 28.30
N GLU D 196 23.08 47.45 29.22
CA GLU D 196 22.71 48.80 29.65
C GLU D 196 22.83 49.80 28.50
N GLN D 197 23.89 49.68 27.70
CA GLN D 197 24.03 50.55 26.54
C GLN D 197 22.91 50.31 25.53
N LEU D 198 22.52 49.04 25.34
CA LEU D 198 21.40 48.73 24.47
C LEU D 198 20.12 49.40 24.94
N ARG D 199 19.84 49.31 26.25
CA ARG D 199 18.64 49.93 26.79
C ARG D 199 18.69 51.44 26.61
N GLU D 200 19.84 52.05 26.88
CA GLU D 200 19.95 53.51 26.72
C GLU D 200 19.74 53.93 25.28
N GLU D 201 20.34 53.19 24.34
CA GLU D 201 20.18 53.53 22.92
C GLU D 201 18.74 53.32 22.46
N LEU D 202 18.10 52.25 22.95
CA LEU D 202 16.72 51.97 22.54
C LEU D 202 15.75 53.03 23.04
N ASN D 203 15.88 53.42 24.31
CA ASN D 203 14.95 54.40 24.85
C ASN D 203 15.27 55.82 24.37
N GLU D 204 16.54 56.14 24.14
CA GLU D 204 16.90 57.49 23.73
C GLU D 204 16.43 57.79 22.31
N THR D 205 16.67 56.87 21.38
CA THR D 205 16.30 57.06 19.98
C THR D 205 15.26 56.02 19.58
N ASN D 206 14.16 56.50 19.01
CA ASN D 206 13.06 55.64 18.59
C ASN D 206 12.98 55.62 17.07
N SER D 207 13.04 54.43 16.49
CA SER D 207 12.93 54.25 15.04
C SER D 207 12.45 52.84 14.77
N GLU D 208 11.48 52.70 13.86
CA GLU D 208 10.85 51.41 13.62
C GLU D 208 11.81 50.40 13.00
N THR D 209 12.94 50.84 12.45
CA THR D 209 13.89 49.91 11.84
C THR D 209 14.81 49.29 12.88
N LYS D 210 15.54 50.13 13.63
CA LYS D 210 16.51 49.62 14.58
C LYS D 210 15.87 49.11 15.87
N ARG D 211 14.60 49.44 16.12
CA ARG D 211 13.96 49.03 17.37
C ARG D 211 13.86 47.52 17.46
N LYS D 212 13.48 46.86 16.37
CA LYS D 212 13.34 45.40 16.40
C LYS D 212 14.68 44.71 16.62
N LYS D 213 15.73 45.21 15.96
CA LYS D 213 17.06 44.62 16.13
C LYS D 213 17.57 44.83 17.55
N LEU D 214 17.38 46.03 18.09
CA LEU D 214 17.81 46.29 19.47
C LEU D 214 17.03 45.43 20.46
N THR D 215 15.73 45.27 20.23
CA THR D 215 14.91 44.43 21.12
C THR D 215 15.38 42.98 21.06
N LYS D 216 15.64 42.45 19.86
CA LYS D 216 16.12 41.09 19.75
C LYS D 216 17.47 40.93 20.45
N ARG D 217 18.38 41.90 20.28
CA ARG D 217 19.71 41.77 20.84
C ARG D 217 19.68 41.83 22.36
N ILE D 218 18.87 42.76 22.92
CA ILE D 218 18.74 42.84 24.37
C ILE D 218 18.02 41.60 24.91
N LYS D 219 17.07 41.04 24.15
CA LYS D 219 16.41 39.82 24.59
C LYS D 219 17.40 38.67 24.69
N LEU D 220 18.26 38.52 23.67
CA LEU D 220 19.28 37.49 23.73
C LEU D 220 20.25 37.74 24.89
N LEU D 221 20.61 39.01 25.11
CA LEU D 221 21.54 39.33 26.19
C LEU D 221 20.97 38.96 27.55
N GLU D 222 19.72 39.34 27.81
CA GLU D 222 19.12 39.04 29.10
C GLU D 222 18.88 37.54 29.26
N ALA D 223 18.54 36.85 28.15
CA ALA D 223 18.42 35.40 28.23
C ALA D 223 19.75 34.76 28.62
N PHE D 224 20.85 35.24 28.03
CA PHE D 224 22.17 34.69 28.36
C PHE D 224 22.54 34.95 29.82
N VAL D 225 22.30 36.17 30.32
CA VAL D 225 22.72 36.46 31.70
C VAL D 225 21.86 35.68 32.70
N GLN D 226 20.54 35.61 32.46
CA GLN D 226 19.68 34.97 33.42
C GLN D 226 19.80 33.45 33.38
N SER D 227 19.99 32.87 32.19
CA SER D 227 20.05 31.42 32.07
C SER D 227 21.29 30.81 32.70
N GLY D 228 22.32 31.61 33.00
CA GLY D 228 23.53 31.10 33.59
C GLY D 228 24.54 30.56 32.60
N ASN D 229 24.21 30.51 31.32
CA ASN D 229 25.15 30.04 30.31
C ASN D 229 26.23 31.08 30.06
N LYS D 230 27.39 30.60 29.59
CA LYS D 230 28.49 31.47 29.21
C LYS D 230 28.59 31.52 27.70
N PRO D 231 28.61 32.70 27.09
CA PRO D 231 28.64 32.77 25.61
C PRO D 231 29.88 32.16 25.00
N GLU D 232 30.94 31.96 25.77
CA GLU D 232 32.14 31.30 25.24
C GLU D 232 31.86 29.86 24.82
N TRP D 233 30.88 29.21 25.43
CA TRP D 233 30.61 27.80 25.17
C TRP D 233 30.00 27.54 23.80
N MET D 234 29.59 28.57 23.06
CA MET D 234 29.02 28.35 21.74
C MET D 234 30.04 27.68 20.82
N ILE D 235 31.29 28.12 20.86
CA ILE D 235 32.38 27.38 20.24
C ILE D 235 32.82 26.31 21.22
N LEU D 236 33.20 25.14 20.69
CA LEU D 236 33.53 24.00 21.53
C LEU D 236 34.96 23.55 21.27
N THR D 237 35.64 23.16 22.34
CA THR D 237 36.99 22.60 22.26
C THR D 237 37.05 21.12 22.60
N VAL D 238 36.05 20.60 23.30
CA VAL D 238 35.96 19.18 23.64
C VAL D 238 34.68 18.63 23.02
N LEU D 239 34.83 17.55 22.24
CA LEU D 239 33.72 17.00 21.47
C LEU D 239 33.40 15.60 21.97
N PRO D 240 32.19 15.35 22.47
CA PRO D 240 31.83 14.00 22.91
C PRO D 240 31.51 13.10 21.73
N VAL D 241 31.47 11.80 22.00
CA VAL D 241 31.17 10.80 20.99
C VAL D 241 30.07 9.87 21.51
N LEU D 242 29.29 9.34 20.58
CA LEU D 242 28.17 8.44 20.87
C LEU D 242 28.68 7.10 21.39
N PRO D 243 27.93 6.45 22.28
CA PRO D 243 28.31 5.11 22.72
C PRO D 243 28.31 4.14 21.56
N PRO D 244 29.18 3.12 21.59
CA PRO D 244 29.29 2.22 20.44
C PRO D 244 28.02 1.46 20.12
N ASP D 245 27.23 1.09 21.13
CA ASP D 245 26.06 0.25 20.90
C ASP D 245 24.93 1.00 20.20
N LEU D 246 25.01 2.33 20.12
CA LEU D 246 24.02 3.11 19.38
C LEU D 246 24.48 3.46 17.97
N ARG D 247 25.72 3.14 17.61
CA ARG D 247 26.22 3.33 16.25
C ARG D 247 26.99 2.08 15.82
N PRO D 248 26.30 0.96 15.65
CA PRO D 248 26.99 -0.28 15.26
C PRO D 248 27.49 -0.21 13.83
N LEU D 249 28.55 -0.98 13.57
CA LEU D 249 29.16 -1.07 12.25
C LEU D 249 28.64 -2.32 11.54
N VAL D 250 28.39 -2.17 10.25
CA VAL D 250 27.69 -3.21 9.48
C VAL D 250 28.62 -4.40 9.26
N PRO D 251 28.15 -5.63 9.48
CA PRO D 251 28.93 -6.80 9.09
C PRO D 251 28.63 -7.24 7.66
N LEU D 252 29.66 -7.74 7.00
CA LEU D 252 29.55 -8.18 5.62
C LEU D 252 29.80 -9.68 5.57
N ASP D 253 29.84 -10.23 4.35
CA ASP D 253 30.16 -11.64 4.17
C ASP D 253 31.55 -11.92 4.70
N GLY D 254 31.68 -13.01 5.45
CA GLY D 254 32.91 -13.28 6.15
C GLY D 254 33.02 -12.45 7.42
N GLY D 255 34.26 -12.25 7.86
CA GLY D 255 34.53 -11.46 9.04
C GLY D 255 34.73 -9.98 8.80
N ARG D 256 34.54 -9.52 7.57
CA ARG D 256 34.77 -8.12 7.26
C ARG D 256 33.68 -7.24 7.87
N PHE D 257 34.07 -6.00 8.20
CA PHE D 257 33.17 -5.03 8.81
C PHE D 257 33.24 -3.72 8.04
N ALA D 258 32.08 -3.15 7.75
CA ALA D 258 31.98 -1.88 7.04
C ALA D 258 31.47 -0.81 7.99
N THR D 259 32.23 0.26 8.14
CA THR D 259 31.86 1.33 9.06
C THR D 259 30.67 2.12 8.52
N SER D 260 29.77 2.51 9.42
CA SER D 260 28.62 3.31 9.04
C SER D 260 29.02 4.77 8.87
N ASP D 261 28.03 5.60 8.51
CA ASP D 261 28.31 7.00 8.20
C ASP D 261 28.85 7.76 9.41
N LEU D 262 28.24 7.55 10.57
CA LEU D 262 28.69 8.24 11.78
C LEU D 262 30.12 7.84 12.13
N ASN D 263 30.45 6.56 11.96
CA ASN D 263 31.82 6.11 12.19
C ASN D 263 32.79 6.77 11.22
N ASP D 264 32.39 6.92 9.95
CA ASP D 264 33.25 7.61 8.98
C ASP D 264 33.49 9.05 9.38
N LEU D 265 32.43 9.76 9.80
CA LEU D 265 32.60 11.16 10.21
C LEU D 265 33.51 11.27 11.42
N TYR D 266 33.31 10.40 12.42
CA TYR D 266 34.16 10.45 13.61
C TYR D 266 35.60 10.13 13.27
N ARG D 267 35.82 9.14 12.41
CA ARG D 267 37.18 8.79 12.00
C ARG D 267 37.85 9.93 11.26
N ARG D 268 37.12 10.61 10.38
CA ARG D 268 37.70 11.73 9.66
C ARG D 268 38.05 12.87 10.62
N VAL D 269 37.17 13.16 11.57
CA VAL D 269 37.46 14.21 12.54
C VAL D 269 38.70 13.86 13.35
N ILE D 270 38.81 12.60 13.79
CA ILE D 270 39.96 12.18 14.57
C ILE D 270 41.23 12.28 13.73
N ASN D 271 41.18 11.86 12.47
CA ASN D 271 42.36 11.92 11.60
C ASN D 271 42.82 13.36 11.41
N ARG D 272 41.88 14.27 11.13
CA ARG D 272 42.25 15.67 10.94
C ARG D 272 42.84 16.26 12.22
N ASN D 273 42.23 15.96 13.38
CA ASN D 273 42.74 16.46 14.64
C ASN D 273 44.15 15.94 14.92
N ASN D 274 44.38 14.64 14.70
CA ASN D 274 45.70 14.07 14.95
C ASN D 274 46.75 14.66 14.01
N ARG D 275 46.42 14.81 12.73
CA ARG D 275 47.37 15.39 11.80
C ARG D 275 47.70 16.83 12.15
N LEU D 276 46.68 17.61 12.54
CA LEU D 276 46.93 18.99 12.95
C LEU D 276 47.80 19.03 14.19
N LYS D 277 47.54 18.15 15.16
CA LYS D 277 48.35 18.13 16.37
C LYS D 277 49.80 17.77 16.07
N ARG D 278 50.02 16.79 15.19
CA ARG D 278 51.39 16.40 14.87
C ARG D 278 52.10 17.47 14.04
N LEU D 279 51.35 18.22 13.24
CA LEU D 279 51.97 19.26 12.42
C LEU D 279 52.21 20.55 13.19
N LEU D 280 51.48 20.77 14.29
CA LEU D 280 51.66 21.99 15.06
C LEU D 280 53.05 22.03 15.72
N ASP D 281 53.54 20.89 16.19
CA ASP D 281 54.81 20.85 16.92
C ASP D 281 56.02 20.94 16.01
N LEU D 282 55.85 20.87 14.70
CA LEU D 282 56.96 20.90 13.75
C LEU D 282 57.36 22.32 13.33
N ALA D 283 56.70 23.35 13.89
CA ALA D 283 56.96 24.74 13.53
C ALA D 283 56.80 24.95 12.02
N ALA D 284 55.75 24.33 11.48
CA ALA D 284 55.49 24.42 10.05
C ALA D 284 55.06 25.84 9.67
N PRO D 285 55.22 26.21 8.39
CA PRO D 285 54.76 27.52 7.96
C PRO D 285 53.26 27.69 8.17
N ASP D 286 52.85 28.93 8.41
CA ASP D 286 51.49 29.21 8.84
C ASP D 286 50.44 28.86 7.78
N ILE D 287 50.84 28.70 6.51
CA ILE D 287 49.88 28.41 5.46
C ILE D 287 49.27 27.03 5.64
N ILE D 288 50.11 26.01 5.85
CA ILE D 288 49.60 24.66 6.03
C ILE D 288 48.90 24.52 7.37
N VAL D 289 49.35 25.28 8.38
CA VAL D 289 48.64 25.30 9.65
C VAL D 289 47.23 25.85 9.46
N ARG D 290 47.10 26.94 8.68
CA ARG D 290 45.79 27.50 8.36
C ARG D 290 44.93 26.48 7.63
N ASN D 291 45.51 25.80 6.65
CA ASN D 291 44.76 24.80 5.89
C ASN D 291 44.28 23.67 6.77
N GLU D 292 45.14 23.19 7.70
CA GLU D 292 44.76 22.09 8.56
C GLU D 292 43.71 22.50 9.58
N LYS D 293 43.79 23.73 10.09
CA LYS D 293 42.75 24.23 10.99
C LYS D 293 41.42 24.33 10.26
N ARG D 294 41.43 24.82 9.02
CA ARG D 294 40.21 24.85 8.23
C ARG D 294 39.69 23.43 7.99
N MET D 295 40.60 22.47 7.77
CA MET D 295 40.20 21.09 7.56
C MET D 295 39.50 20.52 8.78
N LEU D 296 40.07 20.76 9.97
CA LEU D 296 39.46 20.27 11.19
C LEU D 296 38.09 20.91 11.42
N GLN D 297 37.99 22.23 11.19
CA GLN D 297 36.70 22.89 11.33
C GLN D 297 35.66 22.31 10.38
N GLU D 298 36.04 22.11 9.12
CA GLU D 298 35.10 21.57 8.13
C GLU D 298 34.68 20.15 8.51
N ALA D 299 35.62 19.34 9.01
CA ALA D 299 35.26 18.00 9.46
C ALA D 299 34.29 18.06 10.61
N VAL D 300 34.48 19.00 11.54
CA VAL D 300 33.57 19.11 12.68
C VAL D 300 32.17 19.49 12.22
N ASP D 301 32.05 20.47 11.32
CA ASP D 301 30.74 20.85 10.81
C ASP D 301 30.10 19.71 10.02
N ALA D 302 30.89 18.97 9.25
CA ALA D 302 30.36 17.84 8.49
C ALA D 302 29.83 16.76 9.43
N LEU D 303 30.53 16.50 10.53
CA LEU D 303 30.05 15.54 11.50
C LEU D 303 28.77 16.01 12.17
N LEU D 304 28.73 17.26 12.61
CA LEU D 304 27.58 17.74 13.36
C LEU D 304 26.36 17.97 12.47
N ASP D 305 26.56 18.59 11.30
CA ASP D 305 25.47 18.92 10.38
C ASP D 305 25.94 18.74 8.94
N ASN D 306 25.59 17.61 8.35
CA ASN D 306 25.88 17.36 6.95
C ASN D 306 24.90 18.13 6.07
N GLY D 307 25.32 18.33 4.81
CA GLY D 307 24.47 18.95 3.81
C GLY D 307 24.49 20.45 3.75
N ARG D 308 25.31 21.11 4.58
CA ARG D 308 25.43 22.56 4.56
C ARG D 308 26.90 22.95 4.66
N ARG D 309 27.21 24.11 4.10
CA ARG D 309 28.56 24.68 4.14
C ARG D 309 29.60 23.71 3.59
N GLY D 310 29.53 23.42 2.30
CA GLY D 310 30.43 22.45 1.69
C GLY D 310 29.70 21.43 0.83
N ARG D 311 28.46 21.75 0.46
CA ARG D 311 27.60 20.90 -0.37
C ARG D 311 27.71 19.42 0.00
N ALA D 312 27.69 19.15 1.30
CA ALA D 312 27.69 17.79 1.84
C ALA D 312 29.00 17.05 1.57
N ILE D 313 29.26 16.00 2.33
CA ILE D 313 30.49 15.23 2.16
C ILE D 313 30.28 14.00 1.28
N THR D 314 29.11 13.38 1.35
CA THR D 314 28.78 12.16 0.60
C THR D 314 29.84 11.08 0.75
N GLY D 315 29.89 10.15 -0.21
CA GLY D 315 30.92 9.13 -0.19
C GLY D 315 30.48 7.73 -0.58
N SER D 316 31.17 7.16 -1.57
CA SER D 316 31.15 5.74 -1.92
C SER D 316 29.86 5.30 -2.63
N ASN D 317 28.84 6.15 -2.64
CA ASN D 317 27.65 5.86 -3.44
C ASN D 317 27.10 7.15 -4.04
N LYS D 318 27.86 8.23 -3.95
CA LYS D 318 27.41 9.57 -4.36
C LYS D 318 26.11 9.94 -3.66
N ARG D 319 26.02 9.60 -2.38
CA ARG D 319 24.86 9.93 -1.54
C ARG D 319 25.40 10.61 -0.28
N PRO D 320 24.75 11.67 0.20
CA PRO D 320 25.25 12.35 1.40
C PRO D 320 25.29 11.43 2.61
N LEU D 321 26.33 11.58 3.41
CA LEU D 321 26.47 10.82 4.63
C LEU D 321 25.48 11.34 5.67
N LYS D 322 24.97 10.43 6.50
CA LYS D 322 24.00 10.80 7.52
C LYS D 322 24.73 11.27 8.78
N SER D 323 24.62 12.56 9.07
CA SER D 323 25.29 13.15 10.22
C SER D 323 24.46 12.90 11.48
N LEU D 324 24.89 13.50 12.60
CA LEU D 324 24.21 13.27 13.87
C LEU D 324 22.78 13.79 13.85
N ALA D 325 22.57 14.99 13.31
CA ALA D 325 21.25 15.59 13.32
C ALA D 325 20.32 14.98 12.28
N ASP D 326 20.85 14.64 11.10
CA ASP D 326 20.01 14.10 10.03
C ASP D 326 19.34 12.79 10.42
N MET D 327 19.94 12.01 11.31
CA MET D 327 19.38 10.74 11.76
C MET D 327 18.93 10.79 13.22
N ILE D 328 18.38 11.92 13.65
CA ILE D 328 17.87 12.03 15.02
C ILE D 328 16.75 11.02 15.24
N LYS D 329 15.63 11.19 14.51
CA LYS D 329 14.50 10.28 14.65
C LYS D 329 13.65 10.40 13.39
N GLY D 330 13.78 9.43 12.48
CA GLY D 330 12.99 9.43 11.25
C GLY D 330 13.20 10.66 10.39
N LYS D 331 12.18 11.51 10.29
CA LYS D 331 12.27 12.75 9.52
C LYS D 331 12.83 13.89 10.36
N GLN D 332 13.98 13.65 10.99
CA GLN D 332 14.71 14.64 11.78
C GLN D 332 13.96 15.04 13.03
N GLY D 333 12.74 14.55 13.20
CA GLY D 333 11.92 14.90 14.35
C GLY D 333 11.90 13.81 15.41
N ARG D 334 10.72 13.22 15.64
CA ARG D 334 10.56 12.06 16.51
C ARG D 334 9.58 11.06 15.92
N PHE D 335 9.58 10.89 14.60
CA PHE D 335 8.48 10.21 13.92
C PHE D 335 8.55 8.69 14.10
N ARG D 336 9.71 8.09 13.83
CA ARG D 336 9.72 6.65 13.56
C ARG D 336 9.66 5.79 14.82
N GLN D 337 10.70 5.85 15.66
CA GLN D 337 10.78 4.95 16.81
C GLN D 337 10.52 5.65 18.13
N ASN D 338 10.07 6.91 18.10
CA ASN D 338 9.57 7.61 19.25
C ASN D 338 8.26 8.27 18.85
N LEU D 339 7.65 9.00 19.79
CA LEU D 339 6.44 9.79 19.55
C LEU D 339 5.42 9.00 18.74
N LEU D 340 4.92 7.93 19.36
CA LEU D 340 3.77 7.20 18.86
C LEU D 340 4.05 6.41 17.59
N GLY D 341 5.31 6.17 17.27
CA GLY D 341 5.67 5.41 16.09
C GLY D 341 6.08 3.97 16.35
N LYS D 342 5.82 3.45 17.55
CA LYS D 342 6.34 2.15 17.93
C LYS D 342 5.61 1.02 17.23
N ARG D 343 6.35 -0.04 16.92
CA ARG D 343 5.77 -1.34 16.61
C ARG D 343 5.53 -2.08 17.91
N VAL D 344 4.50 -2.92 17.93
CA VAL D 344 4.03 -3.53 19.17
C VAL D 344 3.94 -5.04 19.01
N ASP D 345 4.05 -5.74 20.13
CA ASP D 345 3.82 -7.17 20.18
C ASP D 345 2.33 -7.44 20.31
N TYR D 346 1.97 -8.72 20.34
CA TYR D 346 0.56 -9.14 20.45
C TYR D 346 -0.29 -8.48 19.37
N SER D 347 0.21 -8.50 18.14
CA SER D 347 -0.45 -7.83 17.02
C SER D 347 -0.54 -8.79 15.84
N GLY D 348 -1.65 -8.71 15.10
CA GLY D 348 -1.87 -9.55 13.94
C GLY D 348 -2.43 -8.75 12.78
N ARG D 349 -2.61 -9.43 11.66
CA ARG D 349 -3.06 -8.78 10.43
C ARG D 349 -3.47 -9.84 9.42
N SER D 350 -4.60 -9.60 8.75
CA SER D 350 -5.09 -10.48 7.69
C SER D 350 -6.20 -9.74 6.94
N VAL D 351 -6.71 -10.40 5.91
CA VAL D 351 -7.76 -9.84 5.06
C VAL D 351 -9.12 -10.01 5.73
N ILE D 352 -10.00 -9.03 5.55
CA ILE D 352 -11.31 -9.02 6.17
C ILE D 352 -12.36 -9.46 5.16
N THR D 353 -13.34 -10.24 5.63
CA THR D 353 -14.53 -10.59 4.87
C THR D 353 -15.76 -10.15 5.67
N VAL D 354 -16.93 -10.52 5.18
CA VAL D 354 -18.19 -10.08 5.78
C VAL D 354 -18.83 -11.25 6.52
N GLY D 355 -19.30 -10.97 7.74
CA GLY D 355 -20.11 -11.91 8.48
C GLY D 355 -21.45 -11.31 8.83
N PRO D 356 -22.52 -11.80 8.19
CA PRO D 356 -23.84 -11.22 8.43
C PRO D 356 -24.53 -11.76 9.67
N TYR D 357 -24.06 -12.87 10.24
CA TYR D 357 -24.65 -13.46 11.42
C TYR D 357 -24.15 -12.83 12.72
N LEU D 358 -23.20 -11.90 12.65
CA LEU D 358 -22.57 -11.37 13.83
C LEU D 358 -23.45 -10.34 14.53
N ARG D 359 -23.18 -10.14 15.81
CA ARG D 359 -23.75 -9.04 16.56
C ARG D 359 -22.87 -7.79 16.42
N LEU D 360 -23.36 -6.67 16.93
CA LEU D 360 -22.64 -5.41 16.75
C LEU D 360 -21.33 -5.41 17.51
N HIS D 361 -21.22 -6.22 18.56
CA HIS D 361 -20.03 -6.25 19.39
C HIS D 361 -19.11 -7.43 19.11
N GLN D 362 -19.33 -8.16 18.00
CA GLN D 362 -18.60 -9.39 17.73
C GLN D 362 -17.84 -9.30 16.42
N CYS D 363 -16.69 -9.97 16.38
CA CYS D 363 -15.89 -10.12 15.18
C CYS D 363 -15.40 -11.56 15.09
N GLY D 364 -15.11 -11.99 13.87
CA GLY D 364 -14.64 -13.35 13.66
C GLY D 364 -13.13 -13.46 13.63
N LEU D 365 -12.56 -14.18 14.59
CA LEU D 365 -11.12 -14.30 14.71
C LEU D 365 -10.66 -15.69 14.32
N PRO D 366 -9.80 -15.83 13.32
CA PRO D 366 -9.27 -17.16 12.99
C PRO D 366 -8.50 -17.75 14.16
N LYS D 367 -8.64 -19.07 14.33
CA LYS D 367 -8.00 -19.75 15.44
C LYS D 367 -6.50 -19.92 15.23
N LYS D 368 -5.99 -19.73 14.02
CA LYS D 368 -4.54 -19.70 13.82
C LYS D 368 -3.97 -18.32 14.11
N MET D 369 -4.74 -17.26 13.84
CA MET D 369 -4.34 -15.94 14.29
C MET D 369 -4.37 -15.85 15.81
N ALA D 370 -5.40 -16.44 16.43
CA ALA D 370 -5.36 -16.72 17.85
C ALA D 370 -4.37 -17.86 18.11
N LEU D 371 -4.21 -18.21 19.39
CA LEU D 371 -3.26 -19.23 19.83
C LEU D 371 -1.83 -18.74 19.62
N GLU D 372 -1.68 -17.60 18.97
CA GLU D 372 -0.41 -16.91 18.80
C GLU D 372 -0.38 -15.56 19.50
N LEU D 373 -1.45 -14.78 19.38
CA LEU D 373 -1.59 -13.57 20.18
C LEU D 373 -1.79 -13.89 21.65
N PHE D 374 -2.46 -14.99 21.97
CA PHE D 374 -2.80 -15.36 23.34
C PHE D 374 -1.89 -16.46 23.88
N LYS D 375 -0.64 -16.52 23.41
CA LYS D 375 0.26 -17.57 23.87
C LYS D 375 0.56 -17.52 25.36
N PRO D 376 0.97 -16.38 25.95
CA PRO D 376 1.24 -16.40 27.40
C PRO D 376 0.02 -16.71 28.24
N PHE D 377 -1.17 -16.29 27.81
CA PHE D 377 -2.39 -16.63 28.54
C PHE D 377 -2.61 -18.14 28.54
N ILE D 378 -2.37 -18.78 27.39
CA ILE D 378 -2.52 -20.23 27.31
C ILE D 378 -1.46 -20.93 28.17
N TYR D 379 -0.24 -20.40 28.19
CA TYR D 379 0.78 -20.97 29.07
C TYR D 379 0.35 -20.87 30.53
N GLY D 380 -0.17 -19.72 30.94
CA GLY D 380 -0.61 -19.56 32.32
C GLY D 380 -1.76 -20.48 32.67
N LYS D 381 -2.74 -20.61 31.77
CA LYS D 381 -3.87 -21.49 32.06
C LYS D 381 -3.47 -22.95 32.07
N LEU D 382 -2.47 -23.33 31.25
CA LEU D 382 -1.99 -24.71 31.27
C LEU D 382 -1.23 -25.01 32.56
N GLU D 383 -0.35 -24.09 32.97
CA GLU D 383 0.40 -24.31 34.20
C GLU D 383 -0.48 -24.26 35.44
N LEU D 384 -1.54 -23.44 35.40
CA LEU D 384 -2.40 -23.31 36.56
C LEU D 384 -3.33 -24.51 36.74
N ARG D 385 -3.79 -25.10 35.64
CA ARG D 385 -4.71 -26.22 35.72
C ARG D 385 -4.02 -27.53 36.05
N GLY D 386 -2.69 -27.57 35.96
CA GLY D 386 -1.95 -28.78 36.24
C GLY D 386 -1.65 -29.65 35.04
N LEU D 387 -2.01 -29.21 33.84
CA LEU D 387 -1.73 -30.01 32.65
C LEU D 387 -0.24 -30.07 32.36
N ALA D 388 0.47 -28.98 32.63
CA ALA D 388 1.93 -28.93 32.49
C ALA D 388 2.52 -28.23 33.69
N THR D 389 3.53 -28.85 34.30
CA THR D 389 4.19 -28.29 35.48
C THR D 389 5.23 -27.24 35.12
N THR D 390 6.21 -27.59 34.29
CA THR D 390 7.25 -26.67 33.88
C THR D 390 6.78 -25.82 32.69
N ILE D 391 7.45 -24.68 32.50
CA ILE D 391 7.14 -23.85 31.34
C ILE D 391 7.56 -24.55 30.05
N LYS D 392 8.59 -25.40 30.11
CA LYS D 392 9.02 -26.13 28.92
C LYS D 392 7.94 -27.10 28.46
N ALA D 393 7.29 -27.80 29.41
CA ALA D 393 6.25 -28.75 29.05
C ALA D 393 5.07 -28.05 28.39
N ALA D 394 4.64 -26.91 28.96
CA ALA D 394 3.54 -26.16 28.37
C ALA D 394 3.91 -25.62 27.00
N LYS D 395 5.15 -25.12 26.85
CA LYS D 395 5.58 -24.59 25.57
C LYS D 395 5.59 -25.70 24.51
N LYS D 396 6.11 -26.88 24.86
CA LYS D 396 6.13 -28.00 23.92
C LYS D 396 4.72 -28.45 23.56
N MET D 397 3.82 -28.50 24.55
CA MET D 397 2.46 -28.95 24.30
C MET D 397 1.73 -27.96 23.39
N VAL D 398 1.95 -26.66 23.59
CA VAL D 398 1.38 -25.67 22.68
C VAL D 398 1.99 -25.80 21.29
N GLU D 399 3.29 -26.13 21.22
CA GLU D 399 3.92 -26.37 19.93
C GLU D 399 3.26 -27.51 19.19
N ARG D 400 2.94 -28.60 19.91
CA ARG D 400 2.29 -29.75 19.30
C ARG D 400 0.80 -29.54 19.06
N GLU D 401 0.23 -28.43 19.54
CA GLU D 401 -1.16 -28.02 19.35
C GLU D 401 -2.14 -29.18 19.52
N GLU D 402 -2.22 -29.74 20.72
CA GLU D 402 -3.16 -30.81 21.01
C GLU D 402 -4.58 -30.24 21.15
N ALA D 403 -5.54 -31.13 21.42
CA ALA D 403 -6.95 -30.72 21.47
C ALA D 403 -7.25 -29.92 22.73
N VAL D 404 -6.70 -30.35 23.87
CA VAL D 404 -6.94 -29.63 25.11
C VAL D 404 -6.35 -28.23 25.04
N VAL D 405 -5.33 -28.04 24.20
CA VAL D 405 -4.81 -26.71 23.94
C VAL D 405 -5.87 -25.83 23.30
N TRP D 406 -6.60 -26.38 22.31
CA TRP D 406 -7.69 -25.64 21.70
C TRP D 406 -8.81 -25.36 22.69
N ASP D 407 -9.11 -26.33 23.56
CA ASP D 407 -10.14 -26.12 24.58
C ASP D 407 -9.74 -24.97 25.51
N ILE D 408 -8.48 -24.95 25.95
CA ILE D 408 -8.03 -23.89 26.85
C ILE D 408 -8.00 -22.54 26.13
N LEU D 409 -7.66 -22.54 24.84
CA LEU D 409 -7.69 -21.30 24.07
C LEU D 409 -9.11 -20.75 24.00
N ASP D 410 -10.09 -21.62 23.73
CA ASP D 410 -11.48 -21.20 23.73
C ASP D 410 -11.90 -20.68 25.09
N GLU D 411 -11.44 -21.32 26.16
CA GLU D 411 -11.77 -20.86 27.51
C GLU D 411 -11.17 -19.47 27.77
N VAL D 412 -9.94 -19.24 27.30
CA VAL D 412 -9.23 -18.00 27.63
C VAL D 412 -9.65 -16.83 26.75
N ILE D 413 -10.24 -17.10 25.58
CA ILE D 413 -10.73 -16.01 24.73
C ILE D 413 -12.09 -15.48 25.19
N ARG D 414 -12.74 -16.18 26.13
CA ARG D 414 -14.14 -16.01 26.46
C ARG D 414 -14.61 -14.55 26.50
N GLU D 415 -14.06 -13.75 27.42
CA GLU D 415 -14.50 -12.37 27.60
C GLU D 415 -13.35 -11.38 27.44
N HIS D 416 -12.35 -11.72 26.63
CA HIS D 416 -11.24 -10.82 26.40
C HIS D 416 -11.50 -10.04 25.12
N PRO D 417 -11.83 -8.76 25.20
CA PRO D 417 -12.09 -7.99 23.98
C PRO D 417 -10.82 -7.78 23.17
N VAL D 418 -10.99 -7.64 21.86
CA VAL D 418 -9.89 -7.41 20.93
C VAL D 418 -10.28 -6.23 20.05
N LEU D 419 -9.29 -5.47 19.60
CA LEU D 419 -9.53 -4.24 18.87
C LEU D 419 -8.93 -4.31 17.47
N LEU D 420 -9.73 -3.92 16.47
CA LEU D 420 -9.32 -3.92 15.07
C LEU D 420 -9.25 -2.48 14.56
N ASN D 421 -8.22 -2.19 13.77
CA ASN D 421 -8.09 -0.87 13.17
C ASN D 421 -7.72 -1.03 11.70
N ARG D 422 -8.07 -0.02 10.91
CA ARG D 422 -7.75 0.03 9.50
C ARG D 422 -6.68 1.08 9.26
N ALA D 423 -5.84 0.84 8.25
CA ALA D 423 -4.58 1.58 8.15
C ALA D 423 -4.76 3.09 8.05
N PRO D 424 -5.60 3.64 7.15
CA PRO D 424 -5.74 5.12 7.17
C PRO D 424 -6.73 5.58 8.25
N THR D 425 -6.24 5.64 9.49
CA THR D 425 -7.06 6.05 10.62
C THR D 425 -7.32 7.55 10.51
N LEU D 426 -8.50 7.92 10.01
CA LEU D 426 -8.83 9.32 9.77
C LEU D 426 -9.50 9.96 10.99
N HIS D 427 -10.37 9.22 11.67
CA HIS D 427 -10.98 9.66 12.91
C HIS D 427 -10.84 8.55 13.97
N ARG D 428 -11.47 8.76 15.12
CA ARG D 428 -11.34 7.81 16.22
C ARG D 428 -12.20 6.57 16.02
N LEU D 429 -13.10 6.58 15.04
CA LEU D 429 -13.91 5.39 14.76
C LEU D 429 -13.20 4.40 13.85
N GLY D 430 -11.99 4.68 13.43
CA GLY D 430 -11.17 3.77 12.66
C GLY D 430 -10.48 2.71 13.48
N ILE D 431 -10.70 2.71 14.79
CA ILE D 431 -10.17 1.69 15.69
C ILE D 431 -11.23 1.40 16.75
N GLN D 432 -11.68 0.16 16.81
CA GLN D 432 -12.78 -0.21 17.69
C GLN D 432 -12.51 -1.56 18.31
N ALA D 433 -13.14 -1.82 19.45
CA ALA D 433 -12.94 -3.05 20.21
C ALA D 433 -14.16 -3.96 20.04
N PHE D 434 -13.91 -5.20 19.69
CA PHE D 434 -14.94 -6.22 19.50
C PHE D 434 -14.67 -7.38 20.44
N GLU D 435 -15.58 -8.35 20.44
CA GLU D 435 -15.40 -9.60 21.18
C GLU D 435 -15.12 -10.71 20.21
N PRO D 436 -13.93 -11.31 20.23
CA PRO D 436 -13.56 -12.27 19.18
C PRO D 436 -14.41 -13.53 19.23
N VAL D 437 -14.66 -14.09 18.05
CA VAL D 437 -15.34 -15.37 17.89
C VAL D 437 -14.43 -16.26 17.06
N LEU D 438 -14.17 -17.48 17.55
CA LEU D 438 -13.26 -18.37 16.86
C LEU D 438 -13.91 -18.93 15.60
N ILE D 439 -13.29 -18.70 14.46
CA ILE D 439 -13.75 -19.25 13.18
C ILE D 439 -12.59 -19.99 12.54
N GLU D 440 -12.93 -20.90 11.63
CA GLU D 440 -11.94 -21.68 10.91
C GLU D 440 -11.66 -21.01 9.58
N GLY D 441 -10.41 -20.66 9.35
CA GLY D 441 -10.00 -19.97 8.14
C GLY D 441 -8.85 -19.03 8.43
N LYS D 442 -8.67 -18.07 7.53
CA LYS D 442 -7.57 -17.12 7.62
C LYS D 442 -8.02 -15.67 7.47
N ALA D 443 -9.32 -15.41 7.31
CA ALA D 443 -9.82 -14.06 7.09
C ALA D 443 -10.67 -13.62 8.28
N ILE D 444 -10.58 -12.33 8.60
CA ILE D 444 -11.35 -11.74 9.68
C ILE D 444 -12.76 -11.46 9.18
N GLN D 445 -13.76 -11.81 9.98
CA GLN D 445 -15.15 -11.54 9.65
C GLN D 445 -15.61 -10.29 10.38
N LEU D 446 -15.81 -9.21 9.64
CA LEU D 446 -16.18 -7.91 10.20
C LEU D 446 -17.68 -7.71 10.06
N HIS D 447 -18.30 -7.12 11.08
CA HIS D 447 -19.72 -6.83 11.03
C HIS D 447 -19.99 -5.78 9.96
N PRO D 448 -20.98 -5.99 9.08
CA PRO D 448 -21.21 -5.02 8.00
C PRO D 448 -21.58 -3.62 8.48
N LEU D 449 -22.23 -3.49 9.63
CA LEU D 449 -22.72 -2.17 10.06
C LEU D 449 -21.59 -1.23 10.47
N VAL D 450 -20.39 -1.74 10.72
CA VAL D 450 -19.27 -0.88 11.09
C VAL D 450 -18.38 -0.53 9.91
N CYS D 451 -18.70 -1.03 8.71
CA CYS D 451 -17.87 -0.74 7.54
C CYS D 451 -17.88 0.74 7.20
N ALA D 452 -19.05 1.38 7.31
CA ALA D 452 -19.14 2.82 7.02
C ALA D 452 -18.27 3.62 7.96
N ALA D 453 -18.27 3.29 9.25
CA ALA D 453 -17.37 3.95 10.19
C ALA D 453 -15.90 3.68 9.84
N TYR D 454 -15.59 2.42 9.49
CA TYR D 454 -14.24 2.06 9.09
C TYR D 454 -13.88 2.50 7.68
N ASN D 455 -14.86 2.90 6.87
CA ASN D 455 -14.65 3.14 5.44
C ASN D 455 -14.05 1.90 4.77
N ALA D 456 -14.58 0.74 5.11
CA ALA D 456 -14.04 -0.54 4.67
C ALA D 456 -14.96 -1.19 3.64
N ASP D 457 -14.34 -1.82 2.64
CA ASP D 457 -15.05 -2.60 1.64
C ASP D 457 -14.31 -3.92 1.45
N PHE D 458 -15.05 -4.93 1.01
CA PHE D 458 -14.49 -6.28 0.86
C PHE D 458 -14.06 -6.51 -0.58
N ASP D 459 -13.00 -5.81 -0.98
CA ASP D 459 -12.38 -6.02 -2.28
C ASP D 459 -10.86 -6.13 -2.13
N GLY D 460 -10.40 -6.47 -0.93
CA GLY D 460 -8.99 -6.68 -0.69
C GLY D 460 -8.37 -5.89 0.44
N ASP D 461 -9.16 -5.33 1.35
CA ASP D 461 -8.60 -4.59 2.47
C ASP D 461 -8.07 -5.52 3.55
N GLN D 462 -7.25 -4.96 4.43
CA GLN D 462 -6.70 -5.69 5.57
C GLN D 462 -6.83 -4.85 6.83
N MET D 463 -6.84 -5.53 7.97
CA MET D 463 -6.91 -4.86 9.27
C MET D 463 -5.81 -5.37 10.16
N ALA D 464 -5.62 -4.68 11.28
CA ALA D 464 -4.65 -5.05 12.30
C ALA D 464 -5.37 -5.34 13.61
N VAL D 465 -4.89 -6.35 14.32
CA VAL D 465 -5.51 -6.84 15.55
C VAL D 465 -4.53 -6.65 16.70
N HIS D 466 -4.98 -5.99 17.76
CA HIS D 466 -4.16 -5.79 18.95
C HIS D 466 -4.91 -6.30 20.18
N VAL D 467 -4.15 -6.78 21.15
CA VAL D 467 -4.70 -7.43 22.34
C VAL D 467 -4.49 -6.48 23.53
N PRO D 468 -5.56 -6.00 24.15
CA PRO D 468 -5.41 -5.17 25.37
C PRO D 468 -5.18 -6.01 26.62
N LEU D 469 -3.92 -6.35 26.88
CA LEU D 469 -3.53 -7.34 27.89
C LEU D 469 -3.34 -6.76 29.29
N THR D 470 -4.35 -6.07 29.79
CA THR D 470 -4.32 -5.57 31.17
C THR D 470 -5.76 -5.35 31.62
N LEU D 471 -5.99 -5.47 32.94
CA LEU D 471 -7.32 -5.25 33.48
C LEU D 471 -7.83 -3.85 33.16
N GLU D 472 -6.98 -2.85 33.36
CA GLU D 472 -7.35 -1.48 33.00
C GLU D 472 -7.58 -1.35 31.50
N ALA D 473 -6.69 -1.95 30.70
CA ALA D 473 -6.87 -1.90 29.25
C ALA D 473 -8.11 -2.66 28.81
N GLN D 474 -8.40 -3.79 29.46
CA GLN D 474 -9.62 -4.54 29.12
C GLN D 474 -10.87 -3.73 29.43
N LEU D 475 -10.90 -3.08 30.59
CA LEU D 475 -12.05 -2.24 30.94
C LEU D 475 -12.18 -1.06 30.00
N GLU D 476 -11.06 -0.45 29.61
CA GLU D 476 -11.10 0.66 28.67
C GLU D 476 -11.62 0.21 27.31
N ALA D 477 -11.17 -0.96 26.84
CA ALA D 477 -11.65 -1.46 25.56
C ALA D 477 -13.12 -1.83 25.62
N ARG D 478 -13.60 -2.28 26.79
CA ARG D 478 -15.02 -2.65 26.89
C ARG D 478 -15.92 -1.45 27.12
N ALA D 479 -15.52 -0.53 27.98
CA ALA D 479 -16.39 0.57 28.40
C ALA D 479 -16.19 1.84 27.59
N LEU D 480 -15.19 1.93 26.73
CA LEU D 480 -14.94 3.13 25.94
C LEU D 480 -14.97 2.87 24.44
N MET D 481 -14.26 1.85 23.97
CA MET D 481 -14.03 1.66 22.54
C MET D 481 -14.84 0.52 21.95
N MET D 482 -15.85 0.01 22.64
CA MET D 482 -16.69 -1.03 22.06
C MET D 482 -17.54 -0.45 20.93
N SER D 483 -17.84 -1.31 19.95
CA SER D 483 -18.59 -0.86 18.79
C SER D 483 -20.02 -0.47 19.16
N THR D 484 -20.56 -1.05 20.23
CA THR D 484 -21.88 -0.65 20.70
C THR D 484 -21.86 0.68 21.44
N ASN D 485 -20.70 1.09 21.95
CA ASN D 485 -20.62 2.34 22.69
C ASN D 485 -20.71 3.54 21.76
N ASN D 486 -19.99 3.51 20.64
CA ASN D 486 -19.93 4.64 19.70
C ASN D 486 -20.92 4.37 18.57
N ILE D 487 -22.09 5.00 18.66
CA ILE D 487 -23.10 4.90 17.62
C ILE D 487 -23.33 6.22 16.90
N LEU D 488 -23.18 7.34 17.58
CA LEU D 488 -23.26 8.66 16.95
C LEU D 488 -21.85 9.17 16.66
N SER D 489 -21.68 9.79 15.49
CA SER D 489 -20.37 10.28 15.11
C SER D 489 -20.01 11.52 15.93
N PRO D 490 -18.77 11.59 16.44
CA PRO D 490 -18.33 12.75 17.24
C PRO D 490 -17.86 13.93 16.40
N ALA D 491 -18.58 14.20 15.30
CA ALA D 491 -18.35 15.38 14.48
C ALA D 491 -19.61 16.13 14.12
N ASN D 492 -20.78 15.48 14.08
CA ASN D 492 -22.04 16.15 13.79
C ASN D 492 -23.21 15.64 14.62
N GLY D 493 -23.06 14.52 15.33
CA GLY D 493 -24.11 13.99 16.16
C GLY D 493 -25.04 13.00 15.48
N GLU D 494 -24.93 12.83 14.16
CA GLU D 494 -25.77 11.86 13.47
C GLU D 494 -25.26 10.44 13.71
N PRO D 495 -26.14 9.44 13.64
CA PRO D 495 -25.69 8.06 13.82
C PRO D 495 -24.70 7.65 12.75
N ILE D 496 -23.65 6.95 13.18
CA ILE D 496 -22.62 6.48 12.28
C ILE D 496 -22.79 4.99 11.95
N ILE D 497 -23.40 4.21 12.83
CA ILE D 497 -23.70 2.81 12.54
C ILE D 497 -25.13 2.79 12.00
N VAL D 498 -25.24 2.80 10.68
CA VAL D 498 -26.54 2.89 10.01
C VAL D 498 -26.60 1.83 8.91
N PRO D 499 -27.74 1.18 8.69
CA PRO D 499 -27.85 0.22 7.59
C PRO D 499 -27.63 0.88 6.24
N SER D 500 -27.07 0.11 5.30
CA SER D 500 -26.72 0.63 3.99
C SER D 500 -26.85 -0.47 2.95
N GLN D 501 -27.05 -0.04 1.71
CA GLN D 501 -27.00 -0.91 0.53
C GLN D 501 -28.08 -1.98 0.53
N ASP D 502 -27.68 -3.24 0.71
CA ASP D 502 -28.63 -4.35 0.59
C ASP D 502 -29.71 -4.29 1.65
N VAL D 503 -29.36 -3.89 2.87
CA VAL D 503 -30.35 -3.76 3.94
C VAL D 503 -31.37 -2.69 3.56
N VAL D 504 -30.89 -1.56 3.02
CA VAL D 504 -31.78 -0.49 2.60
C VAL D 504 -32.70 -0.96 1.48
N LEU D 505 -32.15 -1.70 0.51
CA LEU D 505 -32.98 -2.24 -0.56
C LEU D 505 -34.05 -3.19 -0.04
N GLY D 506 -33.68 -4.06 0.92
CA GLY D 506 -34.66 -4.96 1.49
C GLY D 506 -35.77 -4.22 2.22
N LEU D 507 -35.40 -3.22 3.04
CA LEU D 507 -36.41 -2.43 3.74
C LEU D 507 -37.31 -1.69 2.76
N TYR D 508 -36.73 -1.14 1.69
CA TYR D 508 -37.51 -0.36 0.74
C TYR D 508 -38.48 -1.24 -0.02
N TYR D 509 -37.98 -2.37 -0.58
CA TYR D 509 -38.85 -3.27 -1.31
C TYR D 509 -39.90 -3.89 -0.41
N MET D 510 -39.59 -4.06 0.87
CA MET D 510 -40.56 -4.63 1.81
C MET D 510 -41.73 -3.68 2.04
N THR D 511 -41.44 -2.41 2.29
CA THR D 511 -42.46 -1.42 2.61
C THR D 511 -42.84 -0.59 1.38
N ARG D 512 -43.44 -1.27 0.41
CA ARG D 512 -44.01 -0.60 -0.76
C ARG D 512 -45.45 -1.08 -0.96
N ASP D 513 -46.19 -0.35 -1.79
CA ASP D 513 -47.59 -0.65 -2.07
C ASP D 513 -47.79 -0.78 -3.57
N CYS D 514 -48.58 -1.78 -3.95
CA CYS D 514 -48.95 -2.02 -5.35
C CYS D 514 -50.46 -1.91 -5.49
N VAL D 515 -50.91 -1.37 -6.62
CA VAL D 515 -52.33 -1.09 -6.80
C VAL D 515 -53.15 -2.37 -6.70
N ASN D 516 -52.70 -3.43 -7.36
CA ASN D 516 -53.39 -4.71 -7.34
C ASN D 516 -52.39 -5.82 -7.09
N ALA D 517 -52.68 -6.66 -6.09
CA ALA D 517 -51.83 -7.80 -5.75
C ALA D 517 -52.67 -8.82 -5.01
N LYS D 518 -52.04 -9.93 -4.63
CA LYS D 518 -52.74 -10.98 -3.88
C LYS D 518 -53.23 -10.44 -2.54
N GLY D 519 -54.54 -10.36 -2.38
CA GLY D 519 -55.13 -9.86 -1.15
C GLY D 519 -55.42 -8.37 -1.21
N GLU D 520 -56.70 -8.00 -1.07
CA GLU D 520 -57.10 -6.61 -1.10
C GLU D 520 -58.24 -6.42 -0.12
N GLY D 521 -58.07 -5.50 0.83
CA GLY D 521 -59.11 -5.22 1.79
C GLY D 521 -59.27 -6.25 2.88
N MET D 522 -58.36 -7.22 2.97
CA MET D 522 -58.44 -8.20 4.04
C MET D 522 -58.19 -7.54 5.39
N VAL D 523 -58.91 -7.99 6.41
CA VAL D 523 -58.72 -7.50 7.77
C VAL D 523 -57.96 -8.56 8.55
N LEU D 524 -56.84 -8.16 9.16
CA LEU D 524 -55.97 -9.06 9.90
C LEU D 524 -55.94 -8.64 11.36
N THR D 525 -55.96 -9.63 12.26
CA THR D 525 -55.99 -9.36 13.69
C THR D 525 -54.67 -8.89 14.25
N GLY D 526 -53.58 -8.96 13.49
CA GLY D 526 -52.30 -8.50 13.96
C GLY D 526 -51.18 -8.74 12.97
N PRO D 527 -49.99 -8.21 13.29
CA PRO D 527 -48.84 -8.44 12.40
C PRO D 527 -48.50 -9.90 12.20
N LYS D 528 -48.76 -10.75 13.19
CA LYS D 528 -48.44 -12.17 13.06
C LYS D 528 -49.24 -12.81 11.92
N GLU D 529 -50.52 -12.46 11.81
CA GLU D 529 -51.35 -13.01 10.74
C GLU D 529 -50.84 -12.57 9.37
N ALA D 530 -50.36 -11.33 9.27
CA ALA D 530 -49.81 -10.86 7.99
C ALA D 530 -48.57 -11.66 7.60
N GLU D 531 -47.69 -11.93 8.57
CA GLU D 531 -46.50 -12.73 8.28
C GLU D 531 -46.88 -14.15 7.89
N ARG D 532 -47.87 -14.74 8.57
CA ARG D 532 -48.33 -16.07 8.22
C ARG D 532 -48.91 -16.10 6.81
N LEU D 533 -49.70 -15.09 6.46
CA LEU D 533 -50.29 -15.03 5.13
C LEU D 533 -49.23 -14.89 4.06
N TYR D 534 -48.21 -14.07 4.31
CA TYR D 534 -47.14 -13.92 3.32
C TYR D 534 -46.33 -15.20 3.19
N ARG D 535 -45.96 -15.82 4.31
CA ARG D 535 -45.15 -17.03 4.26
C ARG D 535 -45.89 -18.18 3.59
N SER D 536 -47.18 -18.33 3.88
CA SER D 536 -47.97 -19.38 3.25
C SER D 536 -48.16 -19.17 1.76
N GLY D 537 -47.91 -17.97 1.26
CA GLY D 537 -48.11 -17.67 -0.15
C GLY D 537 -49.49 -17.17 -0.51
N LEU D 538 -50.33 -16.85 0.48
CA LEU D 538 -51.69 -16.42 0.23
C LEU D 538 -51.82 -14.94 -0.04
N ALA D 539 -50.76 -14.16 0.17
CA ALA D 539 -50.81 -12.71 -0.04
C ALA D 539 -49.44 -12.24 -0.52
N SER D 540 -49.38 -10.96 -0.89
CA SER D 540 -48.16 -10.36 -1.38
C SER D 540 -47.61 -9.36 -0.35
N LEU D 541 -46.31 -9.07 -0.49
CA LEU D 541 -45.66 -8.15 0.43
C LEU D 541 -46.19 -6.73 0.27
N HIS D 542 -46.68 -6.38 -0.92
CA HIS D 542 -47.12 -5.02 -1.22
C HIS D 542 -48.63 -4.87 -1.29
N ALA D 543 -49.38 -5.85 -0.77
CA ALA D 543 -50.83 -5.76 -0.78
C ALA D 543 -51.33 -4.83 0.33
N ARG D 544 -52.39 -4.08 0.02
CA ARG D 544 -52.97 -3.14 0.97
C ARG D 544 -54.07 -3.83 1.77
N VAL D 545 -53.94 -3.77 3.10
CA VAL D 545 -54.86 -4.42 4.02
C VAL D 545 -55.02 -3.54 5.25
N LYS D 546 -55.85 -3.99 6.18
CA LYS D 546 -56.05 -3.33 7.47
C LYS D 546 -55.75 -4.31 8.59
N VAL D 547 -54.91 -3.89 9.54
CA VAL D 547 -54.44 -4.75 10.61
C VAL D 547 -54.52 -3.99 11.93
N ARG D 548 -55.02 -4.66 12.97
CA ARG D 548 -54.98 -4.09 14.31
C ARG D 548 -53.54 -3.95 14.77
N ILE D 549 -53.18 -2.77 15.27
CA ILE D 549 -51.82 -2.47 15.69
C ILE D 549 -51.87 -1.78 17.04
N THR D 550 -51.03 -2.24 17.97
CA THR D 550 -50.96 -1.70 19.32
C THR D 550 -49.71 -0.83 19.44
N GLU D 551 -49.90 0.42 19.85
CA GLU D 551 -48.81 1.36 20.02
C GLU D 551 -48.57 1.63 21.49
N TYR D 552 -47.42 2.25 21.77
CA TYR D 552 -47.04 2.62 23.13
C TYR D 552 -46.48 4.03 23.14
N GLU D 553 -46.76 4.75 24.22
CA GLU D 553 -46.34 6.14 24.36
C GLU D 553 -45.66 6.36 25.71
N LYS D 554 -44.58 7.13 25.69
CA LYS D 554 -43.85 7.51 26.89
C LYS D 554 -44.30 8.85 27.45
N ASP D 555 -45.56 9.23 27.19
CA ASP D 555 -46.03 10.55 27.62
C ASP D 555 -46.05 10.66 29.14
N ALA D 556 -46.44 9.60 29.83
CA ALA D 556 -46.43 9.62 31.28
C ALA D 556 -45.00 9.69 31.80
N ASN D 557 -44.83 10.23 33.01
CA ASN D 557 -43.50 10.44 33.56
C ASN D 557 -42.83 9.10 33.86
N GLY D 558 -41.88 8.71 33.00
CA GLY D 558 -41.20 7.44 33.18
C GLY D 558 -42.12 6.24 33.18
N GLU D 559 -43.16 6.27 32.35
CA GLU D 559 -44.14 5.20 32.33
C GLU D 559 -44.61 5.00 30.90
N LEU D 560 -44.95 3.75 30.56
CA LEU D 560 -45.36 3.38 29.22
C LEU D 560 -46.84 3.05 29.22
N VAL D 561 -47.59 3.68 28.32
CA VAL D 561 -49.03 3.47 28.20
C VAL D 561 -49.32 2.86 26.84
N ALA D 562 -50.47 2.19 26.74
CA ALA D 562 -50.82 1.43 25.55
C ALA D 562 -51.87 2.17 24.71
N LYS D 563 -51.96 1.77 23.44
CA LYS D 563 -52.92 2.34 22.52
C LYS D 563 -53.05 1.37 21.34
N THR D 564 -54.26 0.89 21.09
CA THR D 564 -54.53 -0.02 19.98
C THR D 564 -55.64 0.56 19.10
N SER D 565 -55.57 0.25 17.81
CA SER D 565 -56.53 0.76 16.84
C SER D 565 -56.35 0.01 15.53
N LEU D 566 -57.23 0.33 14.58
CA LEU D 566 -57.18 -0.25 13.24
C LEU D 566 -56.52 0.75 12.30
N LYS D 567 -55.38 0.37 11.74
CA LYS D 567 -54.60 1.23 10.87
C LYS D 567 -54.62 0.69 9.46
N ASP D 568 -54.53 1.60 8.49
CA ASP D 568 -54.50 1.24 7.07
C ASP D 568 -53.05 1.17 6.61
N THR D 569 -52.64 -0.01 6.15
CA THR D 569 -51.23 -0.25 5.87
C THR D 569 -51.12 -1.37 4.84
N THR D 570 -49.92 -1.92 4.69
CA THR D 570 -49.65 -3.03 3.81
C THR D 570 -49.18 -4.25 4.60
N VAL D 571 -49.00 -5.36 3.89
CA VAL D 571 -48.54 -6.58 4.55
C VAL D 571 -47.08 -6.46 4.98
N GLY D 572 -46.24 -5.89 4.12
CA GLY D 572 -44.82 -5.76 4.46
C GLY D 572 -44.58 -4.86 5.65
N ARG D 573 -45.31 -3.75 5.74
CA ARG D 573 -45.18 -2.86 6.88
C ARG D 573 -45.66 -3.54 8.16
N ALA D 574 -46.74 -4.33 8.07
CA ALA D 574 -47.20 -5.08 9.23
C ALA D 574 -46.15 -6.09 9.69
N ILE D 575 -45.49 -6.76 8.73
CA ILE D 575 -44.43 -7.70 9.09
C ILE D 575 -43.26 -6.96 9.73
N LEU D 576 -42.90 -5.79 9.20
CA LEU D 576 -41.81 -5.01 9.76
C LEU D 576 -42.13 -4.51 11.16
N TRP D 577 -43.42 -4.27 11.46
CA TRP D 577 -43.80 -3.73 12.75
C TRP D 577 -43.40 -4.63 13.92
N MET D 578 -43.19 -5.93 13.67
CA MET D 578 -42.80 -6.84 14.74
C MET D 578 -41.38 -6.63 15.23
N ILE D 579 -40.60 -5.79 14.54
CA ILE D 579 -39.20 -5.60 14.90
C ILE D 579 -39.01 -4.38 15.78
N VAL D 580 -39.79 -3.32 15.56
CA VAL D 580 -39.54 -2.06 16.26
C VAL D 580 -39.82 -2.24 17.75
N PRO D 581 -39.07 -1.59 18.64
CA PRO D 581 -39.34 -1.71 20.07
C PRO D 581 -40.58 -0.94 20.48
N LYS D 582 -41.09 -1.29 21.65
CA LYS D 582 -42.26 -0.62 22.21
C LYS D 582 -41.93 0.83 22.56
N GLY D 583 -42.92 1.70 22.42
CA GLY D 583 -42.77 3.11 22.69
C GLY D 583 -42.61 3.99 21.47
N LEU D 584 -42.46 3.41 20.28
CA LEU D 584 -42.31 4.16 19.05
C LEU D 584 -43.65 4.26 18.33
N PRO D 585 -43.90 5.35 17.61
CA PRO D 585 -45.18 5.48 16.89
C PRO D 585 -45.16 4.69 15.59
N TYR D 586 -46.36 4.45 15.07
CA TYR D 586 -46.50 3.67 13.85
C TYR D 586 -46.26 4.50 12.59
N SER D 587 -46.19 5.82 12.72
CA SER D 587 -45.96 6.67 11.55
C SER D 587 -44.59 6.45 10.94
N ILE D 588 -43.64 5.89 11.69
CA ILE D 588 -42.29 5.67 11.18
C ILE D 588 -42.18 4.42 10.31
N VAL D 589 -43.22 3.59 10.28
CA VAL D 589 -43.18 2.36 9.51
C VAL D 589 -43.97 2.55 8.22
N ASN D 590 -45.02 3.37 8.28
CA ASN D 590 -45.89 3.59 7.14
C ASN D 590 -45.25 4.51 6.11
N GLN D 591 -44.10 4.10 5.56
CA GLN D 591 -43.39 4.88 4.56
C GLN D 591 -42.68 3.91 3.61
N ALA D 592 -41.73 4.44 2.84
CA ALA D 592 -40.95 3.63 1.91
C ALA D 592 -39.56 3.30 2.43
N LEU D 593 -39.04 4.07 3.39
CA LEU D 593 -37.78 3.77 4.08
C LEU D 593 -36.61 3.72 3.11
N GLY D 594 -36.34 4.86 2.47
CA GLY D 594 -35.25 4.96 1.53
C GLY D 594 -33.94 5.49 2.09
N LYS D 595 -33.39 4.80 3.10
CA LYS D 595 -32.07 5.08 3.67
C LYS D 595 -32.04 6.42 4.40
N LYS D 596 -33.13 7.17 4.34
CA LYS D 596 -33.24 8.42 5.08
C LYS D 596 -34.33 8.39 6.13
N ALA D 597 -35.38 7.59 5.94
CA ALA D 597 -36.34 7.35 7.00
C ALA D 597 -35.80 6.37 8.03
N ILE D 598 -34.98 5.41 7.60
CA ILE D 598 -34.44 4.42 8.53
C ILE D 598 -33.44 5.06 9.48
N SER D 599 -32.59 5.98 8.97
CA SER D 599 -31.68 6.68 9.85
C SER D 599 -32.43 7.56 10.84
N LYS D 600 -33.49 8.23 10.38
CA LYS D 600 -34.28 9.06 11.27
C LYS D 600 -34.96 8.22 12.36
N MET D 601 -35.47 7.04 11.99
CA MET D 601 -36.15 6.21 12.97
C MET D 601 -35.16 5.59 13.95
N LEU D 602 -33.95 5.26 13.49
CA LEU D 602 -32.90 4.86 14.43
C LEU D 602 -32.55 5.98 15.38
N ASN D 603 -32.46 7.21 14.87
CA ASN D 603 -32.15 8.36 15.73
C ASN D 603 -33.26 8.58 16.76
N THR D 604 -34.52 8.45 16.34
CA THR D 604 -35.63 8.60 17.28
C THR D 604 -35.62 7.50 18.33
N CYS D 605 -35.31 6.26 17.92
CA CYS D 605 -35.21 5.17 18.89
C CYS D 605 -34.12 5.46 19.91
N TYR D 606 -32.97 5.97 19.46
CA TYR D 606 -31.92 6.34 20.40
C TYR D 606 -32.36 7.45 21.34
N ARG D 607 -32.93 8.53 20.79
CA ARG D 607 -33.27 9.69 21.60
C ARG D 607 -34.46 9.45 22.53
N ILE D 608 -35.26 8.44 22.27
CA ILE D 608 -36.45 8.16 23.07
C ILE D 608 -36.23 7.04 24.07
N LEU D 609 -35.66 5.92 23.61
CA LEU D 609 -35.52 4.72 24.44
C LEU D 609 -34.18 4.62 25.14
N GLY D 610 -33.08 4.62 24.38
CA GLY D 610 -31.77 4.46 24.99
C GLY D 610 -30.74 3.81 24.09
N LEU D 611 -29.77 3.12 24.68
CA LEU D 611 -28.63 2.58 23.93
C LEU D 611 -28.83 1.12 23.56
N LYS D 612 -29.17 0.26 24.52
CA LYS D 612 -29.31 -1.16 24.22
C LYS D 612 -30.55 -1.50 23.39
N PRO D 613 -31.72 -0.86 23.58
CA PRO D 613 -32.79 -1.10 22.58
C PRO D 613 -32.38 -0.66 21.20
N THR D 614 -31.55 0.39 21.10
CA THR D 614 -31.08 0.85 19.81
C THR D 614 -30.20 -0.18 19.12
N VAL D 615 -29.28 -0.81 19.86
CA VAL D 615 -28.40 -1.80 19.23
C VAL D 615 -29.18 -3.05 18.86
N ILE D 616 -30.12 -3.46 19.71
CA ILE D 616 -30.96 -4.61 19.37
C ILE D 616 -31.78 -4.31 18.12
N PHE D 617 -32.35 -3.11 18.05
CA PHE D 617 -33.15 -2.71 16.89
C PHE D 617 -32.29 -2.68 15.63
N ALA D 618 -31.06 -2.16 15.73
CA ALA D 618 -30.18 -2.10 14.56
C ALA D 618 -29.84 -3.49 14.06
N ASP D 619 -29.50 -4.41 14.98
CA ASP D 619 -29.18 -5.77 14.57
C ASP D 619 -30.37 -6.45 13.92
N GLN D 620 -31.57 -6.29 14.51
CA GLN D 620 -32.76 -6.89 13.92
C GLN D 620 -33.09 -6.27 12.57
N ILE D 621 -32.87 -4.95 12.43
CA ILE D 621 -33.10 -4.28 11.16
C ILE D 621 -32.18 -4.86 10.09
N MET D 622 -30.89 -5.04 10.43
CA MET D 622 -29.96 -5.63 9.47
C MET D 622 -30.40 -7.04 9.07
N TYR D 623 -30.79 -7.85 10.05
CA TYR D 623 -31.20 -9.23 9.75
C TYR D 623 -32.40 -9.25 8.80
N THR D 624 -33.45 -8.51 9.14
CA THR D 624 -34.66 -8.55 8.32
C THR D 624 -34.42 -7.94 6.94
N GLY D 625 -33.59 -6.89 6.87
CA GLY D 625 -33.29 -6.29 5.59
C GLY D 625 -32.54 -7.24 4.67
N PHE D 626 -31.52 -7.92 5.20
CA PHE D 626 -30.81 -8.89 4.41
C PHE D 626 -31.73 -10.03 3.97
N ALA D 627 -32.57 -10.52 4.89
CA ALA D 627 -33.47 -11.63 4.58
C ALA D 627 -34.41 -11.27 3.43
N TYR D 628 -35.09 -10.13 3.54
CA TYR D 628 -36.06 -9.78 2.51
C TYR D 628 -35.41 -9.26 1.23
N ALA D 629 -34.19 -8.71 1.30
CA ALA D 629 -33.47 -8.39 0.07
C ALA D 629 -33.10 -9.65 -0.69
N ALA D 630 -32.69 -10.70 0.03
CA ALA D 630 -32.44 -11.99 -0.63
C ALA D 630 -33.74 -12.58 -1.17
N ARG D 631 -34.84 -12.42 -0.41
CA ARG D 631 -36.12 -12.97 -0.83
C ARG D 631 -36.65 -12.29 -2.08
N SER D 632 -36.40 -10.98 -2.23
CA SER D 632 -36.95 -10.24 -3.37
C SER D 632 -36.44 -10.79 -4.69
N GLY D 633 -35.14 -11.06 -4.78
CA GLY D 633 -34.58 -11.51 -6.03
C GLY D 633 -34.25 -10.41 -7.01
N ALA D 634 -34.09 -9.18 -6.52
CA ALA D 634 -33.83 -8.04 -7.39
C ALA D 634 -32.55 -8.25 -8.19
N SER D 635 -32.63 -7.97 -9.49
CA SER D 635 -31.49 -8.13 -10.39
C SER D 635 -31.50 -7.00 -11.40
N VAL D 636 -30.38 -6.84 -12.09
CA VAL D 636 -30.21 -5.81 -13.11
C VAL D 636 -29.96 -6.49 -14.45
N GLY D 637 -30.70 -6.07 -15.48
CA GLY D 637 -30.55 -6.57 -16.81
C GLY D 637 -30.30 -5.45 -17.81
N ILE D 638 -30.22 -5.85 -19.08
CA ILE D 638 -30.02 -4.87 -20.14
C ILE D 638 -31.31 -4.17 -20.53
N ASP D 639 -32.47 -4.73 -20.14
CA ASP D 639 -33.74 -4.07 -20.38
C ASP D 639 -34.16 -3.13 -19.26
N ASP D 640 -33.40 -3.09 -18.16
CA ASP D 640 -33.71 -2.17 -17.08
C ASP D 640 -33.36 -0.73 -17.41
N MET D 641 -32.36 -0.52 -18.27
CA MET D 641 -31.98 0.83 -18.71
C MET D 641 -32.81 1.16 -19.94
N VAL D 642 -33.94 1.82 -19.72
CA VAL D 642 -34.84 2.20 -20.80
C VAL D 642 -34.40 3.56 -21.32
N ILE D 643 -34.32 3.70 -22.64
CA ILE D 643 -33.93 4.97 -23.26
C ILE D 643 -35.20 5.70 -23.70
N PRO D 644 -35.34 6.99 -23.36
CA PRO D 644 -36.53 7.73 -23.78
C PRO D 644 -36.65 7.77 -25.30
N GLU D 645 -37.90 7.68 -25.78
CA GLU D 645 -38.13 7.62 -27.22
C GLU D 645 -37.87 8.98 -27.88
N LYS D 646 -38.04 10.06 -27.13
CA LYS D 646 -37.91 11.41 -27.68
C LYS D 646 -36.47 11.89 -27.73
N LYS D 647 -35.52 11.08 -27.25
CA LYS D 647 -34.11 11.49 -27.21
C LYS D 647 -33.58 11.78 -28.61
N HIS D 648 -33.91 10.92 -29.57
CA HIS D 648 -33.46 11.13 -30.94
C HIS D 648 -34.02 12.41 -31.52
N GLU D 649 -35.30 12.70 -31.23
CA GLU D 649 -35.92 13.92 -31.71
C GLU D 649 -35.24 15.16 -31.12
N ILE D 650 -34.94 15.12 -29.81
CA ILE D 650 -34.27 16.25 -29.18
C ILE D 650 -32.88 16.43 -29.77
N ILE D 651 -32.18 15.32 -30.02
CA ILE D 651 -30.85 15.39 -30.62
C ILE D 651 -30.93 16.04 -32.01
N SER D 652 -31.91 15.63 -32.81
CA SER D 652 -32.06 16.19 -34.15
C SER D 652 -32.37 17.68 -34.09
N GLU D 653 -33.26 18.08 -33.16
CA GLU D 653 -33.59 19.50 -33.03
C GLU D 653 -32.38 20.32 -32.62
N ALA D 654 -31.59 19.81 -31.66
CA ALA D 654 -30.39 20.51 -31.23
C ALA D 654 -29.39 20.62 -32.37
N GLU D 655 -29.24 19.54 -33.15
CA GLU D 655 -28.31 19.57 -34.29
C GLU D 655 -28.75 20.60 -35.33
N ALA D 656 -30.05 20.67 -35.59
CA ALA D 656 -30.56 21.67 -36.51
C ALA D 656 -30.28 23.08 -36.00
N GLU D 657 -30.46 23.29 -34.69
CA GLU D 657 -30.23 24.62 -34.13
C GLU D 657 -28.77 25.02 -34.24
N VAL D 658 -27.85 24.09 -33.94
CA VAL D 658 -26.44 24.45 -34.01
C VAL D 658 -26.02 24.64 -35.47
N ALA D 659 -26.63 23.91 -36.39
CA ALA D 659 -26.39 24.18 -37.81
C ALA D 659 -26.85 25.59 -38.19
N GLU D 660 -28.00 26.00 -37.67
CA GLU D 660 -28.51 27.34 -37.94
C GLU D 660 -27.57 28.41 -37.40
N ILE D 661 -27.09 28.23 -36.17
CA ILE D 661 -26.20 29.24 -35.60
C ILE D 661 -24.84 29.22 -36.30
N GLN D 662 -24.41 28.05 -36.78
CA GLN D 662 -23.19 28.00 -37.58
C GLN D 662 -23.35 28.78 -38.87
N GLU D 663 -24.51 28.65 -39.52
CA GLU D 663 -24.77 29.45 -40.72
C GLU D 663 -24.79 30.94 -40.39
N GLN D 664 -25.39 31.30 -39.26
CA GLN D 664 -25.42 32.70 -38.85
C GLN D 664 -24.02 33.24 -38.61
N PHE D 665 -23.16 32.44 -37.96
CA PHE D 665 -21.76 32.83 -37.79
C PHE D 665 -21.06 32.98 -39.14
N GLN D 666 -21.31 32.06 -40.07
CA GLN D 666 -20.78 32.18 -41.41
C GLN D 666 -21.25 33.46 -42.11
N SER D 667 -22.43 33.96 -41.75
CA SER D 667 -22.89 35.23 -42.30
C SER D 667 -22.13 36.42 -41.74
N GLY D 668 -21.47 36.26 -40.59
CA GLY D 668 -20.54 37.26 -40.09
C GLY D 668 -21.06 38.19 -39.01
N LEU D 669 -22.27 37.97 -38.50
CA LEU D 669 -22.82 38.85 -37.47
C LEU D 669 -22.51 38.39 -36.05
N VAL D 670 -21.81 37.26 -35.88
CA VAL D 670 -21.51 36.72 -34.56
C VAL D 670 -20.01 36.47 -34.48
N THR D 671 -19.40 36.89 -33.37
CA THR D 671 -18.00 36.57 -33.11
C THR D 671 -17.89 35.17 -32.53
N ALA D 672 -16.64 34.71 -32.38
CA ALA D 672 -16.40 33.34 -31.94
C ALA D 672 -16.93 33.11 -30.53
N GLY D 673 -16.71 34.06 -29.62
CA GLY D 673 -17.11 33.86 -28.24
C GLY D 673 -18.62 33.73 -28.08
N GLU D 674 -19.38 34.61 -28.75
CA GLU D 674 -20.83 34.58 -28.61
C GLU D 674 -21.42 33.29 -29.15
N ARG D 675 -20.99 32.85 -30.33
CA ARG D 675 -21.50 31.61 -30.89
C ARG D 675 -21.08 30.41 -30.05
N TYR D 676 -19.84 30.43 -29.53
CA TYR D 676 -19.39 29.36 -28.65
C TYR D 676 -20.26 29.24 -27.41
N ASN D 677 -20.53 30.38 -26.76
CA ASN D 677 -21.35 30.37 -25.56
C ASN D 677 -22.78 29.94 -25.88
N LYS D 678 -23.34 30.41 -26.99
CA LYS D 678 -24.70 30.05 -27.36
C LYS D 678 -24.81 28.55 -27.65
N VAL D 679 -23.82 27.99 -28.34
CA VAL D 679 -23.81 26.56 -28.63
C VAL D 679 -23.72 25.76 -27.33
N ILE D 680 -22.85 26.20 -26.41
CA ILE D 680 -22.73 25.52 -25.12
C ILE D 680 -24.06 25.54 -24.38
N ASP D 681 -24.72 26.70 -24.35
CA ASP D 681 -26.00 26.82 -23.65
C ASP D 681 -27.07 25.94 -24.29
N ILE D 682 -27.12 25.92 -25.62
CA ILE D 682 -28.13 25.11 -26.31
C ILE D 682 -27.91 23.63 -26.03
N TRP D 683 -26.65 23.18 -26.09
CA TRP D 683 -26.38 21.77 -25.81
C TRP D 683 -26.68 21.42 -24.35
N ALA D 684 -26.41 22.33 -23.42
CA ALA D 684 -26.77 22.08 -22.03
C ALA D 684 -28.28 21.96 -21.86
N ALA D 685 -29.03 22.83 -22.54
CA ALA D 685 -30.49 22.75 -22.48
C ALA D 685 -31.00 21.44 -23.06
N ALA D 686 -30.42 21.01 -24.18
CA ALA D 686 -30.82 19.73 -24.78
C ALA D 686 -30.52 18.57 -23.83
N ASN D 687 -29.35 18.60 -23.19
CA ASN D 687 -29.02 17.56 -22.21
C ASN D 687 -30.02 17.54 -21.07
N ASP D 688 -30.37 18.72 -20.56
CA ASP D 688 -31.33 18.79 -19.45
C ASP D 688 -32.69 18.24 -19.86
N ARG D 689 -33.15 18.58 -21.07
CA ARG D 689 -34.45 18.08 -21.52
C ARG D 689 -34.42 16.58 -21.72
N VAL D 690 -33.33 16.04 -22.28
CA VAL D 690 -33.23 14.59 -22.46
C VAL D 690 -33.23 13.88 -21.12
N SER D 691 -32.47 14.41 -20.15
CA SER D 691 -32.46 13.81 -18.82
C SER D 691 -33.84 13.85 -18.17
N LYS D 692 -34.55 14.97 -18.32
CA LYS D 692 -35.89 15.08 -17.75
C LYS D 692 -36.83 14.07 -18.39
N ALA D 693 -36.77 13.91 -19.72
CA ALA D 693 -37.62 12.93 -20.38
C ALA D 693 -37.31 11.51 -19.92
N MET D 694 -36.02 11.18 -19.80
CA MET D 694 -35.64 9.85 -19.34
C MET D 694 -36.14 9.59 -17.93
N MET D 695 -35.98 10.58 -17.04
CA MET D 695 -36.44 10.39 -15.66
C MET D 695 -37.95 10.29 -15.58
N ASP D 696 -38.66 11.06 -16.41
CA ASP D 696 -40.12 10.96 -16.44
C ASP D 696 -40.56 9.58 -16.91
N ASN D 697 -39.88 9.03 -17.93
CA ASN D 697 -40.21 7.69 -18.38
C ASN D 697 -39.89 6.65 -17.31
N LEU D 698 -38.79 6.83 -16.58
CA LEU D 698 -38.36 5.83 -15.61
C LEU D 698 -39.12 5.91 -14.28
N GLN D 699 -39.77 7.04 -13.98
CA GLN D 699 -40.37 7.22 -12.67
C GLN D 699 -41.63 6.38 -12.48
N THR D 700 -42.66 6.65 -13.29
CA THR D 700 -43.95 5.99 -13.16
C THR D 700 -44.21 5.06 -14.34
N GLU D 701 -43.20 4.26 -14.69
CA GLU D 701 -43.30 3.38 -15.85
C GLU D 701 -44.42 2.36 -15.69
N THR D 702 -44.56 1.79 -14.49
CA THR D 702 -45.54 0.72 -14.26
C THR D 702 -46.94 1.29 -14.40
N VAL D 703 -47.75 0.68 -15.26
CA VAL D 703 -49.16 1.02 -15.40
C VAL D 703 -49.94 -0.27 -15.19
N ILE D 704 -50.32 -0.52 -13.95
CA ILE D 704 -51.00 -1.75 -13.55
C ILE D 704 -52.46 -1.43 -13.28
N ASN D 705 -53.36 -2.24 -13.82
CA ASN D 705 -54.79 -2.04 -13.64
C ASN D 705 -55.18 -2.33 -12.19
N ARG D 706 -56.40 -1.93 -11.84
CA ARG D 706 -56.94 -2.14 -10.50
C ARG D 706 -58.30 -2.81 -10.59
N ASP D 707 -59.02 -2.86 -9.46
CA ASP D 707 -60.37 -3.40 -9.48
C ASP D 707 -61.27 -2.63 -10.43
N GLY D 708 -61.03 -1.32 -10.55
CA GLY D 708 -61.75 -0.50 -11.50
C GLY D 708 -60.83 0.34 -12.37
N GLN D 709 -60.89 0.14 -13.68
CA GLN D 709 -60.10 0.89 -14.65
C GLN D 709 -58.61 0.60 -14.41
N GLU D 710 -57.74 1.56 -14.72
CA GLU D 710 -56.30 1.40 -14.55
C GLU D 710 -55.72 2.67 -13.97
N GLU D 711 -54.58 2.52 -13.30
CA GLU D 711 -53.89 3.63 -12.64
C GLU D 711 -52.42 3.61 -13.02
N LYS D 712 -51.67 4.56 -12.47
CA LYS D 712 -50.23 4.65 -12.67
C LYS D 712 -49.58 4.82 -11.30
N GLN D 713 -48.76 3.86 -10.91
CA GLN D 713 -48.04 3.90 -9.64
C GLN D 713 -46.54 3.98 -9.90
N VAL D 714 -45.77 4.16 -8.82
CA VAL D 714 -44.33 4.26 -8.93
C VAL D 714 -43.77 2.97 -9.51
N SER D 715 -42.79 3.10 -10.41
CA SER D 715 -42.28 1.95 -11.13
C SER D 715 -41.53 1.00 -10.20
N PHE D 716 -41.63 -0.29 -10.51
CA PHE D 716 -40.86 -1.33 -9.84
C PHE D 716 -39.60 -1.70 -10.61
N ASN D 717 -39.15 -0.83 -11.52
CA ASN D 717 -37.90 -1.05 -12.22
C ASN D 717 -36.76 -1.15 -11.21
N SER D 718 -35.91 -2.16 -11.39
CA SER D 718 -34.89 -2.46 -10.39
C SER D 718 -33.90 -1.31 -10.23
N ILE D 719 -33.45 -0.73 -11.35
CA ILE D 719 -32.49 0.38 -11.26
C ILE D 719 -33.13 1.57 -10.57
N TYR D 720 -34.38 1.90 -10.93
CA TYR D 720 -35.07 2.99 -10.24
C TYR D 720 -35.28 2.67 -8.76
N MET D 721 -35.50 1.40 -8.44
CA MET D 721 -35.64 1.03 -7.03
C MET D 721 -34.35 1.25 -6.26
N MET D 722 -33.21 0.85 -6.85
CA MET D 722 -31.94 1.01 -6.16
C MET D 722 -31.49 2.47 -6.14
N ALA D 723 -32.05 3.30 -7.03
CA ALA D 723 -31.70 4.72 -6.99
C ALA D 723 -32.58 5.49 -6.01
N ASP D 724 -33.90 5.29 -6.09
CA ASP D 724 -34.83 6.02 -5.22
C ASP D 724 -34.64 5.64 -3.76
N SER D 725 -34.41 4.37 -3.48
CA SER D 725 -34.19 3.93 -2.10
C SER D 725 -32.88 4.45 -1.53
N GLY D 726 -32.00 5.00 -2.37
CA GLY D 726 -30.72 5.48 -1.89
C GLY D 726 -29.72 4.40 -1.57
N ALA D 727 -30.02 3.14 -1.88
CA ALA D 727 -29.10 2.05 -1.58
C ALA D 727 -27.78 2.24 -2.32
N ARG D 728 -27.84 2.63 -3.59
CA ARG D 728 -26.64 2.86 -4.37
C ARG D 728 -26.98 3.65 -5.64
N GLY D 729 -26.19 4.67 -5.95
CA GLY D 729 -26.37 5.47 -7.15
C GLY D 729 -27.11 6.77 -6.87
N SER D 730 -27.20 7.58 -7.93
CA SER D 730 -27.86 8.88 -7.87
C SER D 730 -28.51 9.15 -9.23
N ALA D 731 -29.02 10.37 -9.40
CA ALA D 731 -29.69 10.73 -10.64
C ALA D 731 -28.71 10.98 -11.78
N ALA D 732 -27.55 11.57 -11.48
CA ALA D 732 -26.56 11.84 -12.52
C ALA D 732 -26.03 10.53 -13.13
N GLN D 733 -25.78 9.52 -12.29
CA GLN D 733 -25.31 8.24 -12.81
C GLN D 733 -26.37 7.58 -13.69
N ILE D 734 -27.64 7.67 -13.29
CA ILE D 734 -28.72 7.14 -14.13
C ILE D 734 -28.78 7.90 -15.46
N ARG D 735 -28.61 9.23 -15.41
CA ARG D 735 -28.61 10.00 -16.64
C ARG D 735 -27.47 9.58 -17.57
N GLN D 736 -26.30 9.29 -16.99
CA GLN D 736 -25.19 8.77 -17.78
C GLN D 736 -25.51 7.39 -18.34
N LEU D 737 -26.22 6.56 -17.57
CA LEU D 737 -26.49 5.19 -18.00
C LEU D 737 -27.53 5.14 -19.11
N ALA D 738 -28.54 6.02 -19.06
CA ALA D 738 -29.68 5.92 -19.97
C ALA D 738 -29.89 7.16 -20.83
N GLY D 739 -29.71 8.36 -20.27
CA GLY D 739 -29.87 9.59 -21.02
C GLY D 739 -28.60 9.95 -21.76
N MET D 740 -28.43 11.25 -21.99
CA MET D 740 -27.20 11.72 -22.62
C MET D 740 -26.05 11.66 -21.62
N ARG D 741 -24.86 11.36 -22.12
CA ARG D 741 -23.68 11.40 -21.26
C ARG D 741 -23.33 12.84 -20.91
N GLY D 742 -23.61 13.79 -21.80
CA GLY D 742 -23.47 15.20 -21.51
C GLY D 742 -22.17 15.78 -22.03
N LEU D 743 -22.00 17.07 -21.75
CA LEU D 743 -20.78 17.79 -22.11
C LEU D 743 -19.74 17.59 -21.03
N MET D 744 -18.49 17.38 -21.44
CA MET D 744 -17.40 17.29 -20.49
C MET D 744 -16.09 17.56 -21.22
N ALA D 745 -15.17 18.22 -20.50
CA ALA D 745 -13.83 18.48 -20.99
C ALA D 745 -12.93 18.98 -19.88
N LYS D 746 -11.77 18.37 -19.72
CA LYS D 746 -10.79 18.93 -18.79
C LYS D 746 -9.36 18.77 -19.27
N PRO D 747 -9.02 19.21 -20.50
CA PRO D 747 -7.59 19.23 -20.87
C PRO D 747 -6.88 20.40 -20.20
N ASP D 748 -7.57 21.54 -20.14
CA ASP D 748 -7.07 22.71 -19.42
C ASP D 748 -8.16 23.43 -18.65
N GLY D 749 -9.39 22.92 -18.63
CA GLY D 749 -10.51 23.58 -17.99
C GLY D 749 -11.60 24.03 -18.94
N SER D 750 -11.33 24.04 -20.25
CA SER D 750 -12.32 24.46 -21.22
C SER D 750 -13.35 23.36 -21.45
N ILE D 751 -14.25 23.60 -22.41
CA ILE D 751 -15.34 22.68 -22.72
C ILE D 751 -15.37 22.44 -24.23
N ILE D 752 -15.46 21.18 -24.63
CA ILE D 752 -15.62 20.86 -26.05
C ILE D 752 -17.00 21.33 -26.52
N GLU D 753 -17.07 21.70 -27.80
CA GLU D 753 -18.32 22.18 -28.37
C GLU D 753 -19.32 21.04 -28.55
N THR D 754 -18.92 20.02 -29.30
CA THR D 754 -19.81 18.88 -29.53
C THR D 754 -19.89 18.01 -28.28
N PRO D 755 -21.09 17.57 -27.89
CA PRO D 755 -21.20 16.73 -26.69
C PRO D 755 -21.15 15.24 -27.02
N ILE D 756 -21.23 14.41 -25.98
CA ILE D 756 -21.38 12.97 -26.16
C ILE D 756 -22.87 12.65 -26.10
N THR D 757 -23.45 12.32 -27.25
CA THR D 757 -24.89 12.05 -27.34
C THR D 757 -25.23 10.60 -27.10
N ALA D 758 -24.25 9.75 -26.80
CA ALA D 758 -24.46 8.33 -26.57
C ALA D 758 -24.18 7.97 -25.13
N ASN D 759 -25.07 7.16 -24.55
CA ASN D 759 -24.93 6.71 -23.17
C ASN D 759 -24.04 5.45 -23.13
N PHE D 760 -24.01 4.78 -21.98
CA PHE D 760 -23.27 3.54 -21.85
C PHE D 760 -24.06 2.32 -22.30
N ARG D 761 -25.39 2.39 -22.33
CA ARG D 761 -26.18 1.29 -22.87
C ARG D 761 -25.90 1.10 -24.35
N GLU D 762 -25.80 2.20 -25.10
CA GLU D 762 -25.29 2.15 -26.45
C GLU D 762 -23.77 2.31 -26.44
N GLY D 763 -23.16 1.99 -27.57
CA GLY D 763 -21.72 2.10 -27.67
C GLY D 763 -21.25 3.55 -27.78
N LEU D 764 -20.00 3.75 -27.36
CA LEU D 764 -19.33 5.02 -27.52
C LEU D 764 -18.31 4.92 -28.66
N ASN D 765 -18.26 5.97 -29.47
CA ASN D 765 -17.30 6.01 -30.57
C ASN D 765 -15.87 6.11 -30.00
N VAL D 766 -14.89 6.01 -30.90
CA VAL D 766 -13.50 6.13 -30.49
C VAL D 766 -13.23 7.54 -29.97
N LEU D 767 -13.73 8.56 -30.67
CA LEU D 767 -13.46 9.94 -30.29
C LEU D 767 -14.12 10.28 -28.95
N GLN D 768 -15.35 9.82 -28.73
CA GLN D 768 -16.04 10.12 -27.48
C GLN D 768 -15.34 9.48 -26.29
N TYR D 769 -14.89 8.24 -26.43
CA TYR D 769 -14.14 7.59 -25.36
C TYR D 769 -12.82 8.30 -25.11
N PHE D 770 -12.13 8.70 -26.18
CA PHE D 770 -10.88 9.44 -26.02
C PHE D 770 -11.11 10.78 -25.34
N ILE D 771 -12.28 11.39 -25.55
CA ILE D 771 -12.62 12.64 -24.87
C ILE D 771 -12.86 12.39 -23.39
N SER D 772 -13.62 11.34 -23.06
CA SER D 772 -13.92 11.05 -21.67
C SER D 772 -12.68 10.64 -20.88
N THR D 773 -11.67 10.09 -21.57
CA THR D 773 -10.43 9.74 -20.89
C THR D 773 -9.76 10.96 -20.28
N HIS D 774 -9.99 12.16 -20.84
CA HIS D 774 -9.45 13.38 -20.26
C HIS D 774 -9.95 13.57 -18.82
N GLY D 775 -11.27 13.53 -18.65
CA GLY D 775 -11.84 13.67 -17.32
C GLY D 775 -11.44 12.54 -16.40
N ALA D 776 -11.40 11.32 -16.93
CA ALA D 776 -11.00 10.18 -16.10
C ALA D 776 -9.57 10.36 -15.56
N ARG D 777 -8.64 10.73 -16.44
CA ARG D 777 -7.26 10.93 -16.02
C ARG D 777 -7.15 12.07 -15.02
N LYS D 778 -7.83 13.19 -15.28
CA LYS D 778 -7.75 14.31 -14.36
C LYS D 778 -8.29 13.93 -12.98
N GLY D 779 -9.42 13.22 -12.94
CA GLY D 779 -9.99 12.82 -11.67
C GLY D 779 -9.08 11.88 -10.89
N LEU D 780 -8.53 10.87 -11.57
CA LEU D 780 -7.66 9.92 -10.86
C LEU D 780 -6.38 10.59 -10.37
N ALA D 781 -5.77 11.43 -11.21
CA ALA D 781 -4.55 12.13 -10.79
C ALA D 781 -4.83 13.09 -9.64
N ASP D 782 -5.99 13.76 -9.67
CA ASP D 782 -6.36 14.64 -8.56
C ASP D 782 -6.55 13.82 -7.28
N THR D 783 -7.20 12.66 -7.39
CA THR D 783 -7.41 11.82 -6.21
C THR D 783 -6.08 11.37 -5.61
N ALA D 784 -5.12 11.00 -6.46
CA ALA D 784 -3.85 10.46 -5.96
C ALA D 784 -2.96 11.51 -5.30
N LEU D 785 -3.18 12.80 -5.55
CA LEU D 785 -2.25 13.84 -5.13
C LEU D 785 -2.80 14.80 -4.07
N LYS D 786 -4.02 14.59 -3.57
CA LYS D 786 -4.57 15.43 -2.52
C LYS D 786 -4.42 14.83 -1.13
N THR D 787 -4.12 13.53 -1.04
CA THR D 787 -3.99 12.87 0.25
C THR D 787 -2.84 13.44 1.06
N ALA D 788 -1.75 13.81 0.39
CA ALA D 788 -0.62 14.41 1.10
C ALA D 788 -1.01 15.74 1.74
N ASN D 789 -1.75 16.58 0.99
CA ASN D 789 -2.23 17.83 1.55
C ASN D 789 -3.17 17.60 2.73
N SER D 790 -4.09 16.63 2.59
CA SER D 790 -5.00 16.33 3.69
C SER D 790 -4.24 15.87 4.93
N GLY D 791 -3.25 15.00 4.75
CA GLY D 791 -2.47 14.53 5.89
C GLY D 791 -1.67 15.62 6.55
N TYR D 792 -1.05 16.50 5.76
CA TYR D 792 -0.30 17.61 6.33
C TYR D 792 -1.22 18.55 7.11
N LEU D 793 -2.40 18.85 6.55
CA LEU D 793 -3.35 19.71 7.26
C LEU D 793 -3.81 19.07 8.57
N THR D 794 -4.09 17.76 8.54
CA THR D 794 -4.53 17.08 9.75
C THR D 794 -3.42 17.07 10.80
N ARG D 795 -2.17 16.86 10.37
CA ARG D 795 -1.05 16.91 11.31
C ARG D 795 -0.96 18.29 11.97
N ARG D 796 -1.03 19.35 11.16
CA ARG D 796 -0.91 20.70 11.72
C ARG D 796 -2.06 20.99 12.68
N LEU D 797 -3.28 20.59 12.32
CA LEU D 797 -4.43 20.80 13.22
C LEU D 797 -4.25 20.03 14.52
N VAL D 798 -3.86 18.76 14.44
CA VAL D 798 -3.72 17.93 15.62
C VAL D 798 -2.67 18.52 16.56
N ASP D 799 -1.55 18.98 16.00
CA ASP D 799 -0.50 19.52 16.85
C ASP D 799 -0.94 20.85 17.46
N VAL D 800 -1.57 21.70 16.66
CA VAL D 800 -1.98 23.00 17.19
C VAL D 800 -3.08 22.86 18.24
N ALA D 801 -3.80 21.74 18.26
CA ALA D 801 -4.87 21.54 19.23
C ALA D 801 -4.65 20.35 20.15
N GLN D 802 -3.41 19.86 20.29
CA GLN D 802 -3.20 18.63 21.06
C GLN D 802 -3.43 18.87 22.55
N ASP D 803 -2.95 19.98 23.09
CA ASP D 803 -2.98 20.20 24.53
C ASP D 803 -4.21 20.99 24.99
N LEU D 804 -5.40 20.56 24.56
CA LEU D 804 -6.65 21.15 25.00
C LEU D 804 -7.49 20.07 25.67
N VAL D 805 -7.85 20.30 26.93
CA VAL D 805 -8.59 19.34 27.73
C VAL D 805 -9.62 20.09 28.56
N VAL D 806 -10.80 19.49 28.73
CA VAL D 806 -11.83 20.04 29.60
C VAL D 806 -11.39 19.84 31.04
N THR D 807 -10.93 20.91 31.69
CA THR D 807 -10.35 20.82 33.03
C THR D 807 -11.18 21.54 34.08
N GLU D 808 -12.40 21.95 33.75
CA GLU D 808 -13.21 22.70 34.71
C GLU D 808 -14.67 22.38 34.49
N ASP D 809 -15.47 22.62 35.53
CA ASP D 809 -16.91 22.39 35.50
C ASP D 809 -17.70 23.57 34.93
N ASP D 810 -17.41 24.78 35.40
CA ASP D 810 -18.11 25.96 34.91
C ASP D 810 -17.24 27.18 35.20
N CYS D 811 -16.88 27.92 34.16
CA CYS D 811 -16.08 29.14 34.35
C CYS D 811 -16.89 30.25 34.99
N GLY D 812 -18.20 30.28 34.76
CA GLY D 812 -19.05 31.31 35.32
C GLY D 812 -19.08 32.62 34.57
N THR D 813 -18.43 32.69 33.41
CA THR D 813 -18.40 33.93 32.64
C THR D 813 -19.77 34.23 32.04
N HIS D 814 -20.06 35.52 31.86
CA HIS D 814 -21.27 35.97 31.22
C HIS D 814 -21.11 36.19 29.73
N GLU D 815 -19.92 35.94 29.18
CA GLU D 815 -19.65 36.21 27.78
C GLU D 815 -20.29 35.15 26.89
N GLY D 816 -20.31 35.45 25.59
CA GLY D 816 -20.86 34.52 24.63
C GLY D 816 -20.72 35.07 23.23
N ILE D 817 -21.32 34.35 22.27
CA ILE D 817 -21.32 34.76 20.88
C ILE D 817 -22.75 34.72 20.36
N MET D 818 -22.99 35.44 19.26
CA MET D 818 -24.34 35.63 18.76
C MET D 818 -24.66 34.57 17.71
N MET D 819 -25.75 33.83 17.93
CA MET D 819 -26.16 32.76 17.02
C MET D 819 -27.40 33.19 16.26
N THR D 820 -27.30 33.19 14.93
CA THR D 820 -28.40 33.47 14.02
C THR D 820 -28.35 32.47 12.87
N PRO D 821 -29.50 32.10 12.32
CA PRO D 821 -29.48 31.18 11.16
C PRO D 821 -28.71 31.77 9.99
N VAL D 822 -27.97 30.92 9.29
CA VAL D 822 -27.12 31.35 8.19
C VAL D 822 -28.02 31.65 6.99
N ILE D 823 -28.04 32.92 6.58
CA ILE D 823 -28.81 33.34 5.42
C ILE D 823 -27.84 33.83 4.36
N GLU D 824 -28.26 33.71 3.10
CA GLU D 824 -27.42 34.11 1.98
C GLU D 824 -28.34 34.45 0.81
N GLY D 825 -28.56 35.75 0.59
CA GLY D 825 -29.44 36.19 -0.48
C GLY D 825 -30.86 35.72 -0.31
N GLY D 826 -31.34 34.90 -1.25
CA GLY D 826 -32.69 34.39 -1.19
C GLY D 826 -32.78 32.94 -0.76
N ASP D 827 -31.69 32.40 -0.22
CA ASP D 827 -31.63 31.00 0.16
C ASP D 827 -31.16 30.86 1.60
N VAL D 828 -31.60 29.80 2.27
CA VAL D 828 -31.23 29.50 3.65
C VAL D 828 -30.41 28.22 3.65
N LYS D 829 -29.32 28.21 4.41
CA LYS D 829 -28.44 27.05 4.50
C LYS D 829 -28.58 26.31 5.83
N GLU D 830 -28.52 27.03 6.94
CA GLU D 830 -28.54 26.41 8.27
C GLU D 830 -29.61 27.05 9.13
N PRO D 831 -30.66 26.31 9.49
CA PRO D 831 -31.63 26.83 10.47
C PRO D 831 -31.01 26.91 11.85
N LEU D 832 -31.63 27.73 12.70
CA LEU D 832 -31.10 27.97 14.05
C LEU D 832 -31.02 26.69 14.86
N ARG D 833 -31.90 25.71 14.59
CA ARG D 833 -31.91 24.48 15.37
C ARG D 833 -30.59 23.73 15.27
N ASP D 834 -30.04 23.63 14.05
CA ASP D 834 -28.79 22.92 13.87
C ASP D 834 -27.62 23.68 14.50
N ARG D 835 -27.66 25.00 14.46
CA ARG D 835 -26.56 25.82 14.98
C ARG D 835 -26.62 26.01 16.49
N VAL D 836 -27.74 25.71 17.14
CA VAL D 836 -27.89 25.94 18.58
C VAL D 836 -28.12 24.67 19.37
N LEU D 837 -28.33 23.53 18.71
CA LEU D 837 -28.58 22.30 19.43
C LEU D 837 -27.36 21.87 20.24
N GLY D 838 -27.60 21.46 21.47
CA GLY D 838 -26.52 21.04 22.36
C GLY D 838 -25.57 22.15 22.75
N ARG D 839 -26.08 23.37 22.95
CA ARG D 839 -25.28 24.51 23.36
C ARG D 839 -25.91 25.13 24.60
N VAL D 840 -25.07 25.74 25.42
CA VAL D 840 -25.49 26.37 26.67
C VAL D 840 -25.65 27.86 26.44
N THR D 841 -26.82 28.39 26.78
CA THR D 841 -27.14 29.78 26.51
C THR D 841 -26.36 30.69 27.45
N ALA D 842 -25.68 31.69 26.89
CA ALA D 842 -24.97 32.65 27.71
C ALA D 842 -25.90 33.66 28.35
N GLU D 843 -27.00 34.01 27.68
CA GLU D 843 -27.97 34.97 28.17
C GLU D 843 -29.38 34.38 28.06
N ASP D 844 -30.29 34.94 28.83
CA ASP D 844 -31.68 34.49 28.83
C ASP D 844 -32.32 34.74 27.46
N VAL D 845 -33.21 33.84 27.07
CA VAL D 845 -33.89 33.92 25.79
C VAL D 845 -35.26 34.56 26.03
N LEU D 846 -35.51 35.67 25.33
CA LEU D 846 -36.75 36.41 25.49
C LEU D 846 -37.67 36.15 24.29
N LYS D 847 -38.93 35.82 24.58
CA LYS D 847 -39.94 35.73 23.54
C LYS D 847 -40.25 37.15 23.05
N PRO D 848 -40.80 37.29 21.84
CA PRO D 848 -41.18 38.63 21.36
C PRO D 848 -42.04 39.40 22.35
N GLY D 849 -42.86 38.72 23.14
CA GLY D 849 -43.45 39.35 24.30
C GLY D 849 -42.40 39.72 25.33
N THR D 850 -42.35 41.00 25.72
CA THR D 850 -41.29 41.48 26.58
C THR D 850 -41.44 40.94 28.00
N ALA D 851 -40.31 40.88 28.71
CA ALA D 851 -40.26 40.44 30.11
C ALA D 851 -40.83 39.04 30.29
N ASP D 852 -40.57 38.17 29.32
CA ASP D 852 -41.01 36.78 29.36
C ASP D 852 -39.79 35.88 29.18
N ILE D 853 -39.45 35.12 30.22
CA ILE D 853 -38.28 34.25 30.22
C ILE D 853 -38.73 32.85 29.86
N LEU D 854 -38.23 32.33 28.74
CA LEU D 854 -38.54 30.97 28.31
C LEU D 854 -37.63 29.94 28.96
N VAL D 855 -36.32 30.10 28.79
CA VAL D 855 -35.33 29.18 29.33
C VAL D 855 -34.34 29.99 30.16
N PRO D 856 -33.99 29.56 31.37
CA PRO D 856 -33.08 30.34 32.21
C PRO D 856 -31.66 30.40 31.67
N ARG D 857 -30.76 31.03 32.41
CA ARG D 857 -29.36 31.14 32.03
C ARG D 857 -28.60 29.90 32.47
N ASN D 858 -27.52 29.60 31.76
CA ASN D 858 -26.67 28.42 32.01
C ASN D 858 -27.51 27.14 31.98
N THR D 859 -28.09 26.89 30.80
CA THR D 859 -28.94 25.74 30.57
C THR D 859 -28.47 25.02 29.32
N LEU D 860 -28.71 23.71 29.28
CA LEU D 860 -28.32 22.90 28.13
C LEU D 860 -29.53 22.67 27.25
N LEU D 861 -29.43 23.06 25.98
CA LEU D 861 -30.51 22.92 25.01
C LEU D 861 -30.46 21.52 24.39
N HIS D 862 -31.63 20.90 24.27
CA HIS D 862 -31.75 19.59 23.66
C HIS D 862 -33.00 19.58 22.78
N GLU D 863 -33.44 18.38 22.40
CA GLU D 863 -34.52 18.25 21.43
C GLU D 863 -35.79 18.94 21.91
N GLN D 864 -36.16 18.73 23.18
CA GLN D 864 -37.37 19.35 23.71
C GLN D 864 -37.25 20.87 23.72
N TRP D 865 -36.13 21.38 24.20
CA TRP D 865 -35.93 22.83 24.25
C TRP D 865 -35.88 23.43 22.85
N CYS D 866 -35.21 22.75 21.92
CA CYS D 866 -35.16 23.24 20.54
C CYS D 866 -36.53 23.25 19.91
N ASP D 867 -37.33 22.22 20.15
CA ASP D 867 -38.70 22.19 19.63
C ASP D 867 -39.55 23.31 20.22
N LEU D 868 -39.40 23.55 21.53
CA LEU D 868 -40.15 24.63 22.16
C LEU D 868 -39.75 25.98 21.59
N LEU D 869 -38.45 26.19 21.36
CA LEU D 869 -38.00 27.42 20.74
C LEU D 869 -38.54 27.57 19.33
N GLU D 870 -38.51 26.50 18.52
CA GLU D 870 -39.03 26.56 17.17
C GLU D 870 -40.54 26.78 17.14
N GLU D 871 -41.25 26.37 18.19
CA GLU D 871 -42.68 26.65 18.27
C GLU D 871 -42.94 28.15 18.32
N ASN D 872 -42.13 28.89 19.07
CA ASN D 872 -42.23 30.35 19.10
C ASN D 872 -41.41 30.92 17.95
N SER D 873 -41.13 32.22 18.00
CA SER D 873 -40.50 32.95 16.91
C SER D 873 -39.12 33.46 17.28
N VAL D 874 -38.33 32.66 18.00
CA VAL D 874 -36.98 33.05 18.34
C VAL D 874 -36.12 33.05 17.09
N ASP D 875 -35.24 34.05 16.98
CA ASP D 875 -34.36 34.19 15.82
C ASP D 875 -32.89 34.26 16.20
N ALA D 876 -32.58 34.82 17.37
CA ALA D 876 -31.20 34.98 17.82
C ALA D 876 -31.08 34.50 19.26
N VAL D 877 -30.09 33.63 19.50
CA VAL D 877 -29.82 33.08 20.82
C VAL D 877 -28.35 33.29 21.15
N LYS D 878 -28.07 33.79 22.36
CA LYS D 878 -26.70 34.04 22.80
C LYS D 878 -26.18 32.81 23.51
N VAL D 879 -25.17 32.16 22.93
CA VAL D 879 -24.60 30.94 23.48
C VAL D 879 -23.11 31.14 23.68
N ARG D 880 -22.59 30.60 24.77
CA ARG D 880 -21.17 30.71 25.07
C ARG D 880 -20.35 29.77 24.20
N SER D 881 -19.10 30.12 23.97
CA SER D 881 -18.20 29.37 23.11
C SER D 881 -16.86 29.20 23.81
N VAL D 882 -15.99 28.39 23.21
CA VAL D 882 -14.72 28.07 23.83
C VAL D 882 -13.74 29.23 23.76
N VAL D 883 -13.94 30.15 22.81
CA VAL D 883 -13.03 31.29 22.67
C VAL D 883 -13.28 32.37 23.72
N SER D 884 -14.28 32.18 24.59
CA SER D 884 -14.59 33.12 25.66
C SER D 884 -14.70 32.41 27.00
N CYS D 885 -14.04 31.25 27.13
CA CYS D 885 -14.12 30.49 28.38
C CYS D 885 -13.43 31.21 29.53
N ASP D 886 -12.37 31.96 29.22
CA ASP D 886 -11.60 32.79 30.15
C ASP D 886 -10.90 31.96 31.23
N THR D 887 -11.06 30.65 31.18
CA THR D 887 -10.33 29.78 32.11
C THR D 887 -8.91 29.56 31.60
N ASP D 888 -8.00 29.31 32.52
CA ASP D 888 -6.59 29.17 32.21
C ASP D 888 -6.21 27.70 32.13
N PHE D 889 -5.48 27.34 31.07
CA PHE D 889 -5.00 25.97 30.83
C PHE D 889 -6.16 24.97 30.85
N GLY D 890 -7.05 25.12 29.89
CA GLY D 890 -8.14 24.20 29.71
C GLY D 890 -9.37 24.91 29.16
N VAL D 891 -10.49 24.20 29.22
CA VAL D 891 -11.78 24.72 28.76
C VAL D 891 -12.86 24.21 29.70
N CYS D 892 -13.76 25.10 30.11
CA CYS D 892 -14.84 24.73 31.00
C CYS D 892 -15.82 23.78 30.31
N ALA D 893 -16.45 22.93 31.11
CA ALA D 893 -17.42 21.97 30.59
C ALA D 893 -18.74 22.61 30.19
N HIS D 894 -18.95 23.89 30.52
CA HIS D 894 -20.17 24.60 30.14
C HIS D 894 -19.97 25.47 28.91
N CYS D 895 -18.83 26.13 28.78
CA CYS D 895 -18.55 26.91 27.57
C CYS D 895 -18.49 26.02 26.33
N TYR D 896 -17.88 24.84 26.44
CA TYR D 896 -17.99 23.82 25.42
C TYR D 896 -19.29 23.06 25.66
N GLY D 897 -20.10 22.92 24.61
CA GLY D 897 -21.40 22.31 24.75
C GLY D 897 -21.34 20.82 25.00
N ARG D 898 -22.44 20.12 24.73
CA ARG D 898 -22.46 18.68 24.91
C ARG D 898 -21.61 18.00 23.84
N ASP D 899 -20.97 16.90 24.21
CA ASP D 899 -20.24 16.11 23.23
C ASP D 899 -21.22 15.46 22.26
N LEU D 900 -20.85 15.42 20.98
CA LEU D 900 -21.77 14.92 19.97
C LEU D 900 -21.94 13.41 19.99
N ALA D 901 -20.93 12.67 20.50
CA ALA D 901 -21.02 11.22 20.50
C ALA D 901 -22.05 10.69 21.50
N ARG D 902 -22.24 11.38 22.61
CA ARG D 902 -23.15 10.94 23.66
C ARG D 902 -24.05 12.10 24.09
N GLY D 903 -25.31 11.77 24.36
CA GLY D 903 -26.32 12.82 24.54
C GLY D 903 -26.05 13.75 25.71
N HIS D 904 -25.43 13.24 26.78
CA HIS D 904 -25.23 14.03 27.98
C HIS D 904 -24.21 15.15 27.73
N ILE D 905 -23.97 15.95 28.77
CA ILE D 905 -22.96 17.00 28.68
C ILE D 905 -21.57 16.37 28.70
N ILE D 906 -20.58 17.13 28.23
CA ILE D 906 -19.21 16.63 28.21
C ILE D 906 -18.64 16.62 29.63
N ASN D 907 -17.82 15.62 29.91
CA ASN D 907 -17.21 15.43 31.21
C ASN D 907 -15.78 15.96 31.23
N LYS D 908 -15.26 16.15 32.44
CA LYS D 908 -13.91 16.63 32.61
C LYS D 908 -12.90 15.59 32.12
N GLY D 909 -11.76 16.08 31.63
CA GLY D 909 -10.69 15.21 31.18
C GLY D 909 -10.84 14.69 29.77
N GLU D 910 -11.75 15.24 28.98
CA GLU D 910 -11.95 14.80 27.60
C GLU D 910 -11.12 15.69 26.67
N ALA D 911 -10.19 15.07 25.95
CA ALA D 911 -9.31 15.79 25.02
C ALA D 911 -10.15 16.24 23.83
N ILE D 912 -10.53 17.51 23.83
CA ILE D 912 -11.41 18.04 22.79
C ILE D 912 -10.65 18.54 21.57
N GLY D 913 -9.40 18.96 21.74
CA GLY D 913 -8.65 19.47 20.60
C GLY D 913 -8.38 18.41 19.55
N VAL D 914 -8.02 17.20 19.99
CA VAL D 914 -7.78 16.11 19.05
C VAL D 914 -9.08 15.74 18.32
N ILE D 915 -10.19 15.71 19.06
CA ILE D 915 -11.48 15.41 18.43
C ILE D 915 -11.83 16.45 17.38
N ALA D 916 -11.64 17.73 17.71
CA ALA D 916 -11.92 18.79 16.74
C ALA D 916 -11.02 18.69 15.51
N ALA D 917 -9.73 18.42 15.73
CA ALA D 917 -8.80 18.31 14.62
C ALA D 917 -9.16 17.16 13.70
N GLN D 918 -9.49 16.00 14.28
CA GLN D 918 -9.88 14.85 13.46
C GLN D 918 -11.22 15.10 12.76
N SER D 919 -12.14 15.79 13.42
CA SER D 919 -13.43 16.07 12.80
C SER D 919 -13.28 17.02 11.62
N ILE D 920 -12.34 17.96 11.71
CA ILE D 920 -12.14 18.88 10.60
C ILE D 920 -11.33 18.22 9.48
N GLY D 921 -10.34 17.41 9.84
CA GLY D 921 -9.46 16.83 8.85
C GLY D 921 -9.87 15.50 8.26
N GLU D 922 -10.93 14.88 8.78
CA GLU D 922 -11.42 13.64 8.18
C GLU D 922 -11.93 13.86 6.77
N PRO D 923 -12.74 14.90 6.48
CA PRO D 923 -12.95 15.27 5.07
C PRO D 923 -11.71 15.91 4.48
N GLY D 924 -11.78 16.36 3.24
CA GLY D 924 -10.61 16.90 2.58
C GLY D 924 -10.05 15.88 1.60
N THR D 925 -10.17 14.60 1.94
CA THR D 925 -9.94 13.55 0.97
C THR D 925 -11.06 13.50 -0.06
N GLN D 926 -12.18 14.14 0.21
CA GLN D 926 -13.31 14.24 -0.72
C GLN D 926 -13.61 15.69 -1.06
N LEU D 927 -12.68 16.59 -0.84
CA LEU D 927 -12.81 18.00 -1.22
C LEU D 927 -12.08 18.21 -2.53
N THR D 928 -12.78 18.78 -3.51
CA THR D 928 -12.33 18.81 -4.90
C THR D 928 -11.20 19.79 -5.16
N MET D 929 -10.68 20.46 -4.14
CA MET D 929 -9.68 21.52 -4.30
C MET D 929 -10.07 22.52 -5.39
N ALA D 942 -24.21 38.42 -13.11
CA ALA D 942 -25.61 38.83 -13.03
C ALA D 942 -25.76 40.33 -13.23
N ALA D 943 -25.90 40.74 -14.50
CA ALA D 943 -26.05 42.15 -14.83
C ALA D 943 -27.38 42.72 -14.38
N GLU D 944 -28.37 41.88 -14.05
CA GLU D 944 -29.66 42.37 -13.62
C GLU D 944 -29.57 42.92 -12.20
N SER D 945 -29.96 44.19 -12.04
CA SER D 945 -29.97 44.84 -10.74
C SER D 945 -31.28 44.64 -9.98
N SER D 946 -32.26 43.99 -10.59
CA SER D 946 -33.52 43.73 -9.90
C SER D 946 -33.32 42.69 -8.82
N ILE D 947 -34.01 42.88 -7.70
CA ILE D 947 -33.95 41.98 -6.56
C ILE D 947 -35.29 41.25 -6.45
N GLN D 948 -35.27 39.93 -6.60
CA GLN D 948 -36.48 39.13 -6.53
C GLN D 948 -36.79 38.77 -5.08
N VAL D 949 -38.08 38.63 -4.80
CA VAL D 949 -38.57 38.29 -3.47
C VAL D 949 -39.30 36.96 -3.56
N LYS D 950 -38.83 35.97 -2.81
CA LYS D 950 -39.40 34.63 -2.91
C LYS D 950 -40.77 34.54 -2.23
N ASN D 951 -40.91 35.15 -1.05
CA ASN D 951 -42.13 35.03 -0.26
C ASN D 951 -42.63 36.41 0.13
N LYS D 952 -43.93 36.50 0.38
CA LYS D 952 -44.58 37.76 0.71
C LYS D 952 -44.24 38.16 2.15
N GLY D 953 -43.04 38.71 2.31
CA GLY D 953 -42.57 39.19 3.59
C GLY D 953 -42.34 40.69 3.55
N SER D 954 -42.80 41.38 4.58
CA SER D 954 -42.64 42.83 4.66
C SER D 954 -41.18 43.19 4.79
N ILE D 955 -40.72 44.14 3.96
CA ILE D 955 -39.31 44.52 3.94
C ILE D 955 -38.98 45.29 5.21
N LYS D 956 -37.81 44.99 5.78
CA LYS D 956 -37.31 45.65 6.99
C LYS D 956 -35.91 46.20 6.68
N LEU D 957 -35.85 47.47 6.30
CA LEU D 957 -34.59 48.11 5.96
C LEU D 957 -33.94 48.66 7.23
N SER D 958 -32.69 48.27 7.48
CA SER D 958 -31.96 48.68 8.66
C SER D 958 -30.62 49.28 8.27
N ASN D 959 -30.12 50.19 9.10
CA ASN D 959 -28.85 50.89 8.88
C ASN D 959 -28.85 51.60 7.52
N VAL D 960 -29.79 52.54 7.38
CA VAL D 960 -29.96 53.29 6.14
C VAL D 960 -30.11 54.77 6.47
N LYS D 961 -29.86 55.59 5.46
CA LYS D 961 -30.01 57.04 5.56
C LYS D 961 -31.15 57.48 4.66
N SER D 962 -32.12 58.19 5.25
CA SER D 962 -33.31 58.63 4.53
C SER D 962 -33.05 59.99 3.89
N VAL D 963 -33.01 60.03 2.57
CA VAL D 963 -32.81 61.27 1.82
C VAL D 963 -33.97 61.43 0.84
N VAL D 964 -34.61 62.59 0.86
CA VAL D 964 -35.74 62.84 -0.03
C VAL D 964 -35.24 62.94 -1.47
N ASN D 965 -35.87 62.19 -2.36
CA ASN D 965 -35.50 62.16 -3.77
C ASN D 965 -36.46 63.02 -4.58
N SER D 966 -36.32 62.98 -5.90
CA SER D 966 -37.21 63.72 -6.78
C SER D 966 -38.62 63.15 -6.81
N SER D 967 -38.81 61.93 -6.29
CA SER D 967 -40.13 61.31 -6.23
C SER D 967 -40.44 60.88 -4.80
N GLY D 968 -41.52 60.12 -4.62
CA GLY D 968 -41.88 59.65 -3.29
C GLY D 968 -40.90 58.68 -2.68
N LYS D 969 -40.05 58.05 -3.50
CA LYS D 969 -39.04 57.14 -3.00
C LYS D 969 -37.89 57.90 -2.36
N LEU D 970 -37.02 57.15 -1.68
CA LEU D 970 -35.87 57.71 -0.99
C LEU D 970 -34.59 57.08 -1.51
N VAL D 971 -33.49 57.81 -1.37
CA VAL D 971 -32.17 57.36 -1.80
C VAL D 971 -31.29 57.20 -0.57
N ILE D 972 -30.64 56.06 -0.45
CA ILE D 972 -29.78 55.76 0.70
C ILE D 972 -28.36 56.20 0.40
N THR D 973 -27.77 57.00 1.29
CA THR D 973 -26.41 57.48 1.14
C THR D 973 -25.43 56.72 2.02
N SER D 974 -25.86 55.65 2.70
CA SER D 974 -25.01 54.87 3.57
C SER D 974 -24.49 53.66 2.83
N ARG D 975 -23.17 53.43 2.91
CA ARG D 975 -22.58 52.30 2.20
C ARG D 975 -23.08 50.97 2.72
N ASN D 976 -23.19 50.83 4.04
CA ASN D 976 -23.63 49.58 4.65
C ASN D 976 -25.12 49.64 4.92
N THR D 977 -25.86 48.70 4.36
CA THR D 977 -27.31 48.62 4.51
C THR D 977 -27.73 47.18 4.75
N GLU D 978 -28.86 47.00 5.42
CA GLU D 978 -29.40 45.69 5.73
C GLU D 978 -30.87 45.64 5.36
N LEU D 979 -31.28 44.51 4.78
CA LEU D 979 -32.66 44.27 4.40
C LEU D 979 -33.15 42.99 5.06
N LYS D 980 -34.39 43.01 5.54
CA LYS D 980 -34.97 41.84 6.20
C LYS D 980 -36.44 41.73 5.80
N LEU D 981 -36.95 40.51 5.86
CA LEU D 981 -38.33 40.22 5.49
C LEU D 981 -39.07 39.65 6.71
N ILE D 982 -40.20 40.27 7.03
CA ILE D 982 -41.08 39.82 8.11
C ILE D 982 -42.43 39.48 7.51
N ASP D 983 -42.81 38.20 7.55
CA ASP D 983 -44.06 37.74 6.97
C ASP D 983 -45.15 37.57 8.03
N GLU D 984 -44.89 36.73 9.03
CA GLU D 984 -45.84 36.50 10.12
C GLU D 984 -45.19 36.46 11.49
N PHE D 985 -43.87 36.35 11.58
CA PHE D 985 -43.17 36.29 12.86
C PHE D 985 -41.88 37.10 12.75
N GLY D 986 -41.09 37.10 13.82
CA GLY D 986 -39.86 37.86 13.84
C GLY D 986 -38.71 37.25 13.07
N ARG D 987 -38.86 36.02 12.58
CA ARG D 987 -37.79 35.37 11.83
C ARG D 987 -37.69 35.97 10.44
N THR D 988 -36.47 36.36 10.05
CA THR D 988 -36.23 36.89 8.73
C THR D 988 -36.04 35.75 7.72
N LYS D 989 -36.16 36.09 6.44
CA LYS D 989 -36.02 35.12 5.37
C LYS D 989 -35.00 35.52 4.31
N GLU D 990 -34.91 36.80 3.95
CA GLU D 990 -34.00 37.25 2.91
C GLU D 990 -33.23 38.47 3.40
N SER D 991 -31.95 38.55 3.01
CA SER D 991 -31.11 39.67 3.38
C SER D 991 -30.64 40.47 2.16
N TYR D 992 -30.04 39.82 1.18
CA TYR D 992 -29.49 40.48 -0.02
C TYR D 992 -28.45 41.52 0.42
N LYS D 993 -28.27 42.57 -0.38
CA LYS D 993 -27.33 43.63 -0.09
C LYS D 993 -27.66 44.83 -0.96
N VAL D 994 -27.67 46.01 -0.35
CA VAL D 994 -28.03 47.24 -1.05
C VAL D 994 -26.84 48.19 -1.07
N PRO D 995 -26.32 48.53 -2.25
CA PRO D 995 -25.21 49.49 -2.31
C PRO D 995 -25.70 50.92 -2.08
N TYR D 996 -24.73 51.82 -1.95
CA TYR D 996 -25.04 53.23 -1.75
C TYR D 996 -25.69 53.82 -3.00
N GLY D 997 -26.49 54.85 -2.79
CA GLY D 997 -27.20 55.49 -3.88
C GLY D 997 -28.25 54.62 -4.53
N ALA D 998 -29.04 53.91 -3.73
CA ALA D 998 -30.08 53.03 -4.24
C ALA D 998 -31.46 53.63 -3.97
N VAL D 999 -32.40 53.26 -4.84
CA VAL D 999 -33.78 53.73 -4.76
C VAL D 999 -34.68 52.53 -4.49
N LEU D 1000 -35.43 52.58 -3.39
CA LEU D 1000 -36.32 51.50 -3.01
C LEU D 1000 -37.64 51.62 -3.76
N ALA D 1001 -38.10 50.51 -4.34
CA ALA D 1001 -39.36 50.52 -5.07
C ALA D 1001 -40.54 50.72 -4.14
N LYS D 1002 -40.52 50.07 -2.98
CA LYS D 1002 -41.58 50.18 -1.99
C LYS D 1002 -40.98 50.59 -0.65
N GLY D 1003 -41.75 51.36 0.12
CA GLY D 1003 -41.25 51.89 1.36
C GLY D 1003 -41.00 50.82 2.42
N ASP D 1004 -40.19 51.19 3.40
CA ASP D 1004 -39.86 50.27 4.48
C ASP D 1004 -41.10 49.94 5.31
N GLY D 1005 -41.22 48.67 5.69
CA GLY D 1005 -42.35 48.20 6.45
C GLY D 1005 -43.58 47.86 5.64
N GLU D 1006 -43.52 47.99 4.32
CA GLU D 1006 -44.66 47.68 3.47
C GLU D 1006 -44.72 46.18 3.20
N GLN D 1007 -45.91 45.61 3.30
CA GLN D 1007 -46.12 44.18 3.07
C GLN D 1007 -46.00 43.90 1.59
N VAL D 1008 -44.80 43.49 1.16
CA VAL D 1008 -44.55 43.21 -0.24
C VAL D 1008 -45.21 41.89 -0.62
N ALA D 1009 -45.96 41.90 -1.72
CA ALA D 1009 -46.70 40.72 -2.14
C ALA D 1009 -45.80 39.59 -2.63
N GLY D 1010 -44.54 39.86 -2.92
CA GLY D 1010 -43.62 38.84 -3.38
C GLY D 1010 -43.54 38.75 -4.89
N GLY D 1011 -42.38 38.32 -5.37
CA GLY D 1011 -42.16 38.18 -6.80
C GLY D 1011 -41.94 39.48 -7.54
N GLU D 1012 -41.74 40.59 -6.83
CA GLU D 1012 -41.54 41.89 -7.45
C GLU D 1012 -40.35 42.57 -6.80
N THR D 1013 -39.72 43.48 -7.55
CA THR D 1013 -38.55 44.19 -7.07
C THR D 1013 -38.92 45.12 -5.92
N VAL D 1014 -38.09 45.13 -4.88
CA VAL D 1014 -38.30 46.00 -3.75
C VAL D 1014 -37.39 47.24 -3.79
N ALA D 1015 -36.27 47.17 -4.48
CA ALA D 1015 -35.35 48.30 -4.60
C ALA D 1015 -34.60 48.17 -5.91
N ASN D 1016 -34.37 49.30 -6.58
CA ASN D 1016 -33.66 49.33 -7.85
C ASN D 1016 -32.51 50.33 -7.78
N TRP D 1017 -31.36 49.93 -8.31
CA TRP D 1017 -30.18 50.79 -8.34
C TRP D 1017 -29.34 50.44 -9.56
N ASP D 1018 -28.49 51.36 -9.95
CA ASP D 1018 -27.63 51.14 -11.12
C ASP D 1018 -26.54 50.16 -10.71
N PRO D 1019 -26.43 49.01 -11.37
CA PRO D 1019 -25.45 48.00 -10.95
C PRO D 1019 -24.01 48.33 -11.31
N HIS D 1020 -23.74 49.44 -12.00
CA HIS D 1020 -22.39 49.77 -12.40
C HIS D 1020 -21.84 51.03 -11.75
N THR D 1021 -22.69 52.00 -11.41
CA THR D 1021 -22.26 53.27 -10.83
C THR D 1021 -23.08 53.58 -9.61
N MET D 1022 -22.44 54.19 -8.61
CA MET D 1022 -23.12 54.67 -7.42
C MET D 1022 -23.33 56.17 -7.56
N PRO D 1023 -24.57 56.64 -7.70
CA PRO D 1023 -24.79 58.08 -7.87
C PRO D 1023 -24.43 58.86 -6.62
N VAL D 1024 -24.01 60.11 -6.83
CA VAL D 1024 -23.65 61.02 -5.76
C VAL D 1024 -24.84 61.96 -5.55
N ILE D 1025 -25.44 61.89 -4.36
CA ILE D 1025 -26.66 62.66 -4.12
C ILE D 1025 -26.34 64.14 -3.98
N THR D 1026 -27.36 64.97 -4.17
CA THR D 1026 -27.24 66.42 -4.05
C THR D 1026 -27.92 66.86 -2.77
N GLU D 1027 -27.15 67.48 -1.86
CA GLU D 1027 -27.70 67.91 -0.59
C GLU D 1027 -28.55 69.17 -0.73
N VAL D 1028 -28.23 70.02 -1.71
CA VAL D 1028 -28.93 71.28 -1.92
C VAL D 1028 -29.66 71.22 -3.26
N SER D 1029 -30.93 71.58 -3.25
CA SER D 1029 -31.74 71.58 -4.46
C SER D 1029 -31.70 72.95 -5.12
N GLY D 1030 -31.38 72.96 -6.41
CA GLY D 1030 -31.32 74.20 -7.16
C GLY D 1030 -30.31 74.08 -8.29
N PHE D 1031 -29.86 75.24 -8.75
CA PHE D 1031 -28.91 75.28 -9.86
C PHE D 1031 -27.57 74.67 -9.45
N VAL D 1032 -26.93 74.00 -10.41
CA VAL D 1032 -25.62 73.41 -10.18
C VAL D 1032 -24.55 74.47 -10.40
N ARG D 1033 -23.68 74.65 -9.41
CA ARG D 1033 -22.62 75.66 -9.46
C ARG D 1033 -21.33 74.97 -9.89
N PHE D 1034 -20.86 75.30 -11.10
CA PHE D 1034 -19.61 74.76 -11.62
C PHE D 1034 -18.52 75.82 -11.51
N THR D 1035 -17.42 75.46 -10.86
CA THR D 1035 -16.31 76.36 -10.62
C THR D 1035 -15.09 75.92 -11.41
N ASP D 1036 -14.42 76.87 -12.06
CA ASP D 1036 -13.21 76.62 -12.84
C ASP D 1036 -13.47 75.57 -13.93
N MET D 1037 -14.39 75.92 -14.84
CA MET D 1037 -14.79 75.03 -15.92
C MET D 1037 -13.97 75.38 -17.16
N ILE D 1038 -13.00 74.54 -17.50
CA ILE D 1038 -12.06 74.80 -18.58
C ILE D 1038 -12.46 73.99 -19.80
N ASP D 1039 -12.52 74.66 -20.95
CA ASP D 1039 -12.92 74.04 -22.21
C ASP D 1039 -11.67 73.66 -23.01
N GLY D 1040 -11.66 72.44 -23.53
CA GLY D 1040 -10.55 71.92 -24.30
C GLY D 1040 -9.58 71.05 -23.53
N GLN D 1041 -9.56 71.18 -22.21
CA GLN D 1041 -8.74 70.35 -21.34
C GLN D 1041 -9.57 69.54 -20.36
N THR D 1042 -10.57 70.17 -19.73
CA THR D 1042 -11.49 69.50 -18.83
C THR D 1042 -12.88 69.32 -19.45
N ILE D 1043 -12.96 69.37 -20.78
CA ILE D 1043 -14.21 69.19 -21.50
C ILE D 1043 -14.04 68.07 -22.51
N THR D 1044 -14.96 67.10 -22.48
CA THR D 1044 -14.96 65.97 -23.41
C THR D 1044 -16.37 65.80 -23.95
N ARG D 1045 -16.59 66.27 -25.18
CA ARG D 1045 -17.90 66.16 -25.80
C ARG D 1045 -18.25 64.70 -26.07
N GLN D 1046 -19.51 64.34 -25.80
CA GLN D 1046 -19.97 62.99 -26.02
C GLN D 1046 -20.87 62.90 -27.25
N SER D 1054 -25.52 69.90 -21.34
CA SER D 1054 -24.98 68.82 -22.16
C SER D 1054 -24.10 67.89 -21.34
N SER D 1055 -23.88 66.67 -21.84
CA SER D 1055 -23.06 65.69 -21.16
C SER D 1055 -21.59 66.01 -21.42
N LEU D 1056 -20.93 66.62 -20.44
CA LEU D 1056 -19.53 67.00 -20.54
C LEU D 1056 -18.79 66.55 -19.30
N VAL D 1057 -17.53 66.17 -19.48
CA VAL D 1057 -16.70 65.74 -18.36
C VAL D 1057 -16.37 66.94 -17.48
N VAL D 1058 -16.10 66.67 -16.20
CA VAL D 1058 -15.85 67.76 -15.25
C VAL D 1058 -14.38 68.17 -15.30
N LEU D 1059 -13.48 67.25 -14.95
CA LEU D 1059 -12.05 67.53 -14.92
C LEU D 1059 -11.31 66.20 -14.82
N ASP D 1060 -10.01 66.26 -15.09
CA ASP D 1060 -9.13 65.10 -14.98
C ASP D 1060 -7.97 65.45 -14.06
N SER D 1061 -7.77 64.62 -13.03
CA SER D 1061 -6.68 64.87 -12.08
C SER D 1061 -5.32 64.77 -12.75
N ALA D 1062 -5.14 63.77 -13.62
CA ALA D 1062 -3.87 63.61 -14.31
C ALA D 1062 -3.60 64.79 -15.24
N GLU D 1063 -4.62 65.25 -15.95
CA GLU D 1063 -4.44 66.37 -16.88
C GLU D 1063 -4.08 67.64 -16.13
N ARG D 1064 -4.73 67.90 -15.00
CA ARG D 1064 -4.46 69.10 -14.21
C ARG D 1064 -3.19 68.93 -13.37
N ARG D 1072 -9.61 69.45 -9.01
CA ARG D 1072 -11.04 69.19 -8.80
C ARG D 1072 -11.65 70.24 -7.89
N PRO D 1073 -12.12 71.34 -8.48
CA PRO D 1073 -12.76 72.39 -7.67
C PRO D 1073 -14.00 71.88 -6.96
N ALA D 1074 -14.23 72.40 -5.76
CA ALA D 1074 -15.37 72.01 -4.93
C ALA D 1074 -16.28 73.21 -4.74
N LEU D 1075 -17.57 73.02 -4.96
CA LEU D 1075 -18.55 74.08 -4.79
C LEU D 1075 -19.88 73.47 -4.37
N LYS D 1076 -20.70 74.28 -3.72
CA LYS D 1076 -22.02 73.85 -3.26
C LYS D 1076 -23.08 74.15 -4.32
N ILE D 1077 -24.17 73.38 -4.29
CA ILE D 1077 -25.25 73.57 -5.22
C ILE D 1077 -25.96 74.89 -4.90
N VAL D 1078 -26.21 75.69 -5.94
CA VAL D 1078 -26.87 76.97 -5.75
C VAL D 1078 -28.31 76.76 -5.28
N ASP D 1079 -28.83 77.73 -4.53
CA ASP D 1079 -30.20 77.64 -4.03
C ASP D 1079 -31.20 77.77 -5.17
N ALA D 1080 -31.23 78.93 -5.83
CA ALA D 1080 -32.09 79.13 -6.99
C ALA D 1080 -31.30 79.33 -8.26
N GLN D 1081 -30.38 80.29 -8.28
CA GLN D 1081 -29.54 80.54 -9.45
C GLN D 1081 -28.06 80.51 -9.12
N GLY D 1082 -27.60 81.34 -8.19
CA GLY D 1082 -26.21 81.39 -7.82
C GLY D 1082 -25.98 81.60 -6.34
N ASN D 1083 -27.04 81.45 -5.54
CA ASN D 1083 -26.93 81.65 -4.10
C ASN D 1083 -26.04 80.59 -3.47
N ASP D 1084 -25.35 80.98 -2.39
CA ASP D 1084 -24.45 80.08 -1.68
C ASP D 1084 -25.18 79.44 -0.50
N VAL D 1085 -25.11 78.12 -0.41
CA VAL D 1085 -25.75 77.38 0.66
C VAL D 1085 -24.72 76.60 1.46
N ALA D 1094 -21.78 72.24 1.56
CA ALA D 1094 -21.71 71.12 0.62
C ALA D 1094 -20.48 71.23 -0.26
N GLN D 1095 -19.69 70.15 -0.30
CA GLN D 1095 -18.48 70.09 -1.10
C GLN D 1095 -18.65 69.03 -2.19
N TYR D 1096 -18.36 69.42 -3.44
CA TYR D 1096 -18.46 68.52 -4.58
C TYR D 1096 -17.05 68.10 -5.00
N PHE D 1097 -16.77 66.80 -4.87
CA PHE D 1097 -15.47 66.25 -5.24
C PHE D 1097 -15.58 65.54 -6.58
N LEU D 1098 -14.66 65.84 -7.48
CA LEU D 1098 -14.65 65.25 -8.82
C LEU D 1098 -13.45 64.33 -8.98
N PRO D 1099 -13.62 63.01 -8.87
CA PRO D 1099 -12.47 62.10 -9.09
C PRO D 1099 -12.13 61.96 -10.55
N GLY D 1100 -11.20 61.07 -10.86
CA GLY D 1100 -10.81 60.86 -12.25
C GLY D 1100 -11.99 60.40 -13.10
N LYS D 1101 -12.08 60.95 -14.30
CA LYS D 1101 -13.11 60.62 -15.29
C LYS D 1101 -14.51 60.96 -14.81
N ALA D 1102 -14.63 61.84 -13.81
CA ALA D 1102 -15.95 62.25 -13.34
C ALA D 1102 -16.59 63.21 -14.34
N ILE D 1103 -17.84 62.93 -14.70
CA ILE D 1103 -18.57 63.72 -15.69
C ILE D 1103 -19.92 64.12 -15.10
N VAL D 1104 -20.29 65.38 -15.29
CA VAL D 1104 -21.59 65.89 -14.87
C VAL D 1104 -22.32 66.39 -16.11
N GLN D 1105 -23.49 65.83 -16.38
CA GLN D 1105 -24.29 66.18 -17.55
C GLN D 1105 -25.20 67.37 -17.30
N LEU D 1106 -25.21 67.92 -16.09
CA LEU D 1106 -26.07 69.05 -15.75
C LEU D 1106 -25.24 70.33 -15.80
N GLU D 1107 -25.64 71.25 -16.68
CA GLU D 1107 -24.94 72.52 -16.82
C GLU D 1107 -25.38 73.47 -15.71
N ASP D 1108 -24.70 74.62 -15.65
CA ASP D 1108 -25.04 75.64 -14.66
C ASP D 1108 -26.43 76.20 -14.93
N GLY D 1109 -27.19 76.43 -13.86
CA GLY D 1109 -28.55 76.92 -13.99
C GLY D 1109 -29.58 75.86 -14.30
N VAL D 1110 -29.22 74.57 -14.21
CA VAL D 1110 -30.17 73.51 -14.51
C VAL D 1110 -31.31 73.45 -13.50
N GLN D 1111 -31.12 74.03 -12.30
CA GLN D 1111 -32.13 74.03 -11.25
C GLN D 1111 -32.58 72.62 -10.90
N ILE D 1112 -31.60 71.73 -10.73
CA ILE D 1112 -31.91 70.34 -10.40
C ILE D 1112 -32.41 70.26 -8.97
N SER D 1113 -33.38 69.36 -8.74
CA SER D 1113 -33.94 69.18 -7.42
C SER D 1113 -33.10 68.19 -6.61
N SER D 1114 -33.37 68.15 -5.31
CA SER D 1114 -32.66 67.24 -4.42
C SER D 1114 -33.04 65.79 -4.72
N GLY D 1115 -32.08 64.89 -4.54
CA GLY D 1115 -32.30 63.48 -4.80
C GLY D 1115 -32.10 63.05 -6.23
N ASP D 1116 -31.54 63.91 -7.09
CA ASP D 1116 -31.30 63.59 -8.49
C ASP D 1116 -29.80 63.62 -8.78
N THR D 1117 -29.38 62.72 -9.67
CA THR D 1117 -27.98 62.61 -10.03
C THR D 1117 -27.87 62.16 -11.49
N LEU D 1118 -26.90 62.74 -12.20
CA LEU D 1118 -26.59 62.34 -13.56
C LEU D 1118 -25.57 61.21 -13.56
N ALA D 1119 -25.24 60.74 -14.76
CA ALA D 1119 -24.25 59.67 -14.90
C ALA D 1119 -22.89 60.15 -14.42
N ARG D 1120 -22.24 59.33 -13.59
CA ARG D 1120 -20.94 59.69 -13.03
C ARG D 1120 -19.76 59.20 -13.86
N ILE D 1121 -19.95 58.14 -14.64
CA ILE D 1121 -18.91 57.60 -15.52
C ILE D 1121 -17.68 57.21 -14.72
N PRO D 1122 -17.73 56.12 -13.95
CA PRO D 1122 -16.56 55.74 -13.14
C PRO D 1122 -15.34 55.47 -14.02
N GLN D 1123 -14.17 55.80 -13.49
CA GLN D 1123 -12.92 55.57 -14.20
C GLN D 1123 -12.60 54.08 -14.25
N GLY D 1133 -10.72 29.52 -3.91
CA GLY D 1133 -11.76 28.53 -3.73
C GLY D 1133 -11.23 27.11 -3.55
N GLY D 1134 -12.14 26.14 -3.58
CA GLY D 1134 -11.72 24.76 -3.40
C GLY D 1134 -11.29 24.51 -1.96
N LEU D 1135 -10.42 23.53 -1.80
CA LEU D 1135 -9.85 23.35 -0.47
C LEU D 1135 -8.33 23.29 -0.44
N PRO D 1136 -7.62 24.11 -1.23
CA PRO D 1136 -6.40 24.72 -0.69
C PRO D 1136 -6.74 26.03 -0.01
N ARG D 1137 -7.81 26.03 0.76
CA ARG D 1137 -8.30 27.23 1.44
C ARG D 1137 -8.59 27.01 2.91
N VAL D 1138 -9.08 25.83 3.30
CA VAL D 1138 -9.17 25.50 4.71
C VAL D 1138 -7.79 25.56 5.33
N ALA D 1139 -6.77 25.09 4.61
CA ALA D 1139 -5.39 25.34 5.03
C ALA D 1139 -5.07 26.82 4.97
N ASP D 1140 -5.46 27.50 3.89
CA ASP D 1140 -5.16 28.92 3.74
C ASP D 1140 -5.83 29.74 4.85
N LEU D 1141 -7.07 29.42 5.17
CA LEU D 1141 -7.77 30.16 6.21
C LEU D 1141 -7.12 29.95 7.57
N PHE D 1142 -6.71 28.72 7.87
CA PHE D 1142 -6.10 28.42 9.17
C PHE D 1142 -4.67 28.92 9.28
N GLU D 1143 -3.92 28.97 8.17
CA GLU D 1143 -2.60 29.59 8.20
C GLU D 1143 -2.66 31.09 8.41
N ALA D 1144 -3.83 31.72 8.26
CA ALA D 1144 -3.99 33.16 8.40
C ALA D 1144 -3.05 33.92 7.47
N ARG D 1145 -3.13 33.58 6.18
CA ARG D 1145 -2.28 34.20 5.17
C ARG D 1145 -2.98 35.44 4.63
N ARG D 1146 -2.21 36.53 4.52
CA ARG D 1146 -2.77 37.79 4.06
C ARG D 1146 -3.13 37.71 2.58
N PRO D 1147 -4.27 38.27 2.18
CA PRO D 1147 -4.65 38.25 0.76
C PRO D 1147 -3.78 39.18 -0.08
N LYS D 1148 -3.83 39.02 -1.41
CA LYS D 1148 -3.00 39.82 -2.30
C LYS D 1148 -3.38 41.29 -2.23
N GLU D 1149 -4.67 41.60 -2.12
CA GLU D 1149 -5.17 42.97 -2.14
C GLU D 1149 -6.05 43.18 -0.91
N PRO D 1150 -5.44 43.42 0.25
CA PRO D 1150 -6.23 43.63 1.47
C PRO D 1150 -7.00 44.94 1.42
N ALA D 1151 -8.10 44.99 2.16
CA ALA D 1151 -8.92 46.19 2.27
C ALA D 1151 -8.59 46.91 3.57
N ILE D 1152 -8.37 48.21 3.48
CA ILE D 1152 -8.03 49.03 4.65
C ILE D 1152 -9.32 49.51 5.30
N LEU D 1153 -9.30 49.63 6.62
CA LEU D 1153 -10.43 50.05 7.42
C LEU D 1153 -10.09 51.35 8.15
N ALA D 1154 -10.98 51.78 9.04
CA ALA D 1154 -10.83 53.07 9.69
C ALA D 1154 -11.06 53.00 11.19
N GLU D 1155 -11.24 54.15 11.83
CA GLU D 1155 -11.34 54.29 13.27
C GLU D 1155 -12.66 54.99 13.63
N ILE D 1156 -12.76 55.41 14.90
CA ILE D 1156 -14.03 55.81 15.48
C ILE D 1156 -14.70 56.90 14.66
N SER D 1157 -13.95 57.91 14.23
CA SER D 1157 -14.51 59.04 13.48
C SER D 1157 -13.68 59.27 12.22
N GLY D 1158 -14.18 58.79 11.08
CA GLY D 1158 -13.52 59.00 9.81
C GLY D 1158 -14.01 60.24 9.06
N ILE D 1159 -13.65 61.42 9.56
CA ILE D 1159 -14.09 62.66 8.92
C ILE D 1159 -13.40 62.84 7.58
N VAL D 1160 -13.93 63.77 6.77
CA VAL D 1160 -13.41 64.00 5.43
C VAL D 1160 -12.06 64.68 5.53
N SER D 1161 -11.04 64.07 4.90
CA SER D 1161 -9.74 64.71 4.76
C SER D 1161 -9.13 64.56 3.37
N PHE D 1162 -9.65 63.65 2.53
CA PHE D 1162 -9.11 63.42 1.19
C PHE D 1162 -7.61 63.16 1.24
N GLY D 1163 -6.82 64.14 0.83
CA GLY D 1163 -5.38 64.03 0.86
C GLY D 1163 -4.68 65.37 0.84
N LYS D 1164 -3.75 65.57 1.78
CA LYS D 1164 -2.97 66.79 1.86
C LYS D 1164 -1.58 66.54 1.27
N GLU D 1165 -1.25 67.30 0.23
CA GLU D 1165 0.02 67.16 -0.48
C GLU D 1165 0.23 65.73 -0.98
N THR D 1166 -0.70 65.29 -1.83
CA THR D 1166 -0.65 63.95 -2.42
C THR D 1166 0.42 63.95 -3.51
N LYS D 1167 1.62 63.53 -3.13
CA LYS D 1167 2.76 63.53 -4.04
C LYS D 1167 2.75 62.28 -4.90
N GLY D 1168 3.86 62.03 -5.60
CA GLY D 1168 3.96 60.88 -6.48
C GLY D 1168 3.94 59.55 -5.76
N LYS D 1169 4.11 59.55 -4.45
CA LYS D 1169 3.98 58.34 -3.65
C LYS D 1169 2.49 58.08 -3.41
N ARG D 1170 2.19 57.19 -2.45
CA ARG D 1170 0.81 56.90 -2.10
C ARG D 1170 0.03 58.19 -1.85
N ARG D 1171 -0.95 58.46 -2.70
CA ARG D 1171 -1.68 59.72 -2.67
C ARG D 1171 -2.88 59.63 -1.74
N LEU D 1172 -3.59 60.75 -1.62
CA LEU D 1172 -4.82 60.84 -0.82
C LEU D 1172 -4.58 60.38 0.61
N VAL D 1173 -3.70 61.11 1.30
CA VAL D 1173 -3.39 60.81 2.70
C VAL D 1173 -4.59 61.22 3.55
N ILE D 1174 -5.33 60.23 4.03
CA ILE D 1174 -6.53 60.49 4.83
C ILE D 1174 -6.11 60.83 6.25
N THR D 1175 -6.58 61.97 6.75
CA THR D 1175 -6.27 62.44 8.10
C THR D 1175 -7.57 62.83 8.81
N PRO D 1176 -8.37 61.85 9.21
CA PRO D 1176 -9.60 62.16 9.97
C PRO D 1176 -9.25 62.65 11.36
N VAL D 1177 -9.69 63.87 11.69
CA VAL D 1177 -9.31 64.48 12.96
C VAL D 1177 -9.83 63.65 14.13
N ASP D 1178 -11.10 63.25 14.07
CA ASP D 1178 -11.73 62.43 15.11
C ASP D 1178 -11.60 63.05 16.49
N GLY D 1179 -11.67 64.37 16.56
CA GLY D 1179 -11.46 65.08 17.83
C GLY D 1179 -10.02 65.19 18.27
N SER D 1180 -9.31 64.06 18.33
CA SER D 1180 -7.90 64.06 18.70
C SER D 1180 -7.25 62.81 18.11
N ASP D 1181 -5.91 62.88 17.98
CA ASP D 1181 -5.09 61.79 17.48
C ASP D 1181 -5.58 61.30 16.12
N PRO D 1182 -5.39 62.07 15.05
CA PRO D 1182 -5.82 61.61 13.73
C PRO D 1182 -5.01 60.41 13.26
N TYR D 1183 -5.66 59.60 12.42
CA TYR D 1183 -5.05 58.39 11.87
C TYR D 1183 -4.66 58.67 10.42
N GLU D 1184 -3.38 58.96 10.20
CA GLU D 1184 -2.87 59.26 8.87
C GLU D 1184 -2.65 57.94 8.13
N GLU D 1185 -3.49 57.68 7.13
CA GLU D 1185 -3.42 56.47 6.33
C GLU D 1185 -3.12 56.81 4.89
N MET D 1186 -2.30 55.98 4.25
CA MET D 1186 -1.85 56.20 2.89
C MET D 1186 -2.40 55.11 1.97
N ILE D 1187 -2.94 55.54 0.83
CA ILE D 1187 -3.47 54.64 -0.19
C ILE D 1187 -2.66 54.86 -1.45
N PRO D 1188 -2.06 53.82 -2.04
CA PRO D 1188 -1.23 54.03 -3.24
C PRO D 1188 -2.00 54.45 -4.48
N LYS D 1189 -3.28 54.80 -4.36
CA LYS D 1189 -4.14 55.32 -5.41
C LYS D 1189 -4.49 54.29 -6.47
N TRP D 1190 -3.97 53.06 -6.37
CA TRP D 1190 -4.36 52.01 -7.28
C TRP D 1190 -5.73 51.43 -6.94
N ARG D 1191 -6.26 51.75 -5.76
CA ARG D 1191 -7.56 51.26 -5.32
C ARG D 1191 -8.47 52.44 -5.02
N GLN D 1192 -9.69 52.39 -5.52
CA GLN D 1192 -10.63 53.48 -5.37
C GLN D 1192 -11.10 53.61 -3.92
N LEU D 1193 -11.31 54.86 -3.49
CA LEU D 1193 -11.74 55.16 -2.13
C LEU D 1193 -13.27 55.21 -2.11
N ASN D 1194 -13.89 54.33 -1.33
CA ASN D 1194 -15.33 54.15 -1.41
C ASN D 1194 -16.08 55.33 -0.79
N VAL D 1195 -15.87 55.58 0.50
CA VAL D 1195 -16.63 56.60 1.23
C VAL D 1195 -16.04 57.97 0.86
N PHE D 1196 -16.84 58.79 0.18
CA PHE D 1196 -16.38 60.12 -0.22
C PHE D 1196 -16.66 61.17 0.84
N GLU D 1197 -17.82 61.09 1.48
CA GLU D 1197 -18.20 62.04 2.51
C GLU D 1197 -17.72 61.55 3.88
N GLY D 1198 -18.19 62.23 4.93
CA GLY D 1198 -17.84 61.84 6.29
C GLY D 1198 -18.63 60.67 6.79
N GLU D 1199 -19.94 60.85 6.92
CA GLU D 1199 -20.90 59.84 7.37
C GLU D 1199 -20.57 59.28 8.75
N ARG D 1200 -19.68 59.93 9.49
CA ARG D 1200 -19.25 59.47 10.81
C ARG D 1200 -18.77 58.02 10.76
N VAL D 1201 -17.72 57.81 9.96
CA VAL D 1201 -17.19 56.46 9.76
C VAL D 1201 -16.68 55.92 11.09
N GLU D 1202 -17.32 54.85 11.56
CA GLU D 1202 -16.96 54.23 12.83
C GLU D 1202 -15.84 53.22 12.62
N ARG D 1203 -15.26 52.77 13.74
CA ARG D 1203 -14.20 51.77 13.67
C ARG D 1203 -14.74 50.46 13.12
N GLY D 1204 -13.96 49.83 12.24
CA GLY D 1204 -14.39 48.63 11.57
C GLY D 1204 -15.13 48.85 10.28
N ASP D 1205 -15.41 50.09 9.90
CA ASP D 1205 -16.05 50.36 8.62
C ASP D 1205 -15.05 50.15 7.48
N VAL D 1206 -15.59 49.86 6.31
CA VAL D 1206 -14.78 49.54 5.13
C VAL D 1206 -14.46 50.85 4.43
N ILE D 1207 -13.17 51.12 4.24
CA ILE D 1207 -12.76 52.32 3.52
C ILE D 1207 -12.77 52.07 2.01
N SER D 1208 -12.28 50.91 1.59
CA SER D 1208 -12.29 50.52 0.18
C SER D 1208 -12.56 49.02 0.09
N ASP D 1209 -13.17 48.62 -1.02
CA ASP D 1209 -13.60 47.24 -1.21
C ASP D 1209 -12.40 46.31 -1.39
N GLY D 1210 -12.60 45.04 -1.05
CA GLY D 1210 -11.57 44.04 -1.17
C GLY D 1210 -11.66 42.99 -0.08
N PRO D 1211 -11.09 41.81 -0.34
CA PRO D 1211 -11.09 40.74 0.68
C PRO D 1211 -10.19 41.12 1.85
N GLU D 1212 -10.79 41.21 3.03
CA GLU D 1212 -10.08 41.67 4.22
C GLU D 1212 -9.29 40.53 4.84
N ALA D 1213 -8.13 40.87 5.39
CA ALA D 1213 -7.30 39.90 6.09
C ALA D 1213 -7.90 39.58 7.47
N PRO D 1214 -7.75 38.35 7.94
CA PRO D 1214 -8.22 38.02 9.29
C PRO D 1214 -7.56 38.82 10.39
N HIS D 1215 -6.32 39.28 10.18
CA HIS D 1215 -5.63 40.08 11.19
C HIS D 1215 -6.34 41.40 11.42
N ASP D 1216 -6.81 42.04 10.35
CA ASP D 1216 -7.45 43.36 10.48
C ASP D 1216 -8.74 43.28 11.29
N ILE D 1217 -9.50 42.19 11.13
CA ILE D 1217 -10.77 42.05 11.86
C ILE D 1217 -10.50 41.96 13.36
N LEU D 1218 -9.46 41.24 13.75
CA LEU D 1218 -9.13 41.10 15.17
C LEU D 1218 -8.77 42.44 15.81
N ARG D 1219 -7.98 43.25 15.11
CA ARG D 1219 -7.47 44.48 15.71
C ARG D 1219 -8.57 45.49 15.95
N LEU D 1220 -9.56 45.55 15.06
CA LEU D 1220 -10.58 46.59 15.10
C LEU D 1220 -11.95 46.11 15.53
N ARG D 1221 -12.38 44.93 15.08
CA ARG D 1221 -13.74 44.47 15.36
C ARG D 1221 -13.84 43.58 16.58
N GLY D 1222 -12.77 42.87 16.95
CA GLY D 1222 -12.74 42.11 18.18
C GLY D 1222 -12.55 40.63 17.94
N VAL D 1223 -12.43 39.90 19.05
CA VAL D 1223 -12.24 38.45 18.99
C VAL D 1223 -13.47 37.77 18.42
N HIS D 1224 -14.66 38.19 18.83
CA HIS D 1224 -15.89 37.54 18.39
C HIS D 1224 -16.07 37.64 16.88
N ALA D 1225 -15.58 38.72 16.26
CA ALA D 1225 -15.76 38.90 14.83
C ALA D 1225 -14.86 37.97 14.03
N VAL D 1226 -13.61 37.80 14.44
CA VAL D 1226 -12.71 36.90 13.72
C VAL D 1226 -13.15 35.46 13.91
N THR D 1227 -13.78 35.14 15.04
CA THR D 1227 -14.35 33.81 15.24
C THR D 1227 -15.49 33.55 14.25
N ARG D 1228 -16.36 34.55 14.05
CA ARG D 1228 -17.49 34.37 13.16
C ARG D 1228 -17.06 34.35 11.70
N TYR D 1229 -16.01 35.11 11.36
CA TYR D 1229 -15.54 35.15 9.98
C TYR D 1229 -14.89 33.83 9.58
N ILE D 1230 -13.99 33.32 10.43
CA ILE D 1230 -13.28 32.09 10.08
C ILE D 1230 -14.23 30.91 10.05
N VAL D 1231 -15.20 30.87 10.96
CA VAL D 1231 -16.16 29.77 10.98
C VAL D 1231 -16.99 29.77 9.70
N ASN D 1232 -17.50 30.94 9.31
CA ASN D 1232 -18.32 31.02 8.11
C ASN D 1232 -17.50 30.70 6.86
N GLU D 1233 -16.28 31.21 6.77
CA GLU D 1233 -15.45 30.96 5.60
C GLU D 1233 -15.09 29.48 5.48
N VAL D 1234 -14.73 28.84 6.60
CA VAL D 1234 -14.37 27.42 6.56
C VAL D 1234 -15.61 26.57 6.30
N GLN D 1235 -16.72 26.86 6.99
CA GLN D 1235 -17.93 26.07 6.83
C GLN D 1235 -18.56 26.24 5.45
N ASP D 1236 -18.28 27.36 4.77
CA ASP D 1236 -18.83 27.56 3.43
C ASP D 1236 -18.28 26.54 2.44
N VAL D 1237 -16.98 26.24 2.52
CA VAL D 1237 -16.39 25.22 1.64
C VAL D 1237 -16.95 23.85 1.97
N TYR D 1238 -17.03 23.50 3.26
CA TYR D 1238 -17.52 22.19 3.65
C TYR D 1238 -18.99 22.01 3.29
N ARG D 1239 -19.81 23.03 3.53
CA ARG D 1239 -21.24 22.91 3.26
C ARG D 1239 -21.51 22.80 1.76
N LEU D 1240 -20.63 23.38 0.94
CA LEU D 1240 -20.83 23.31 -0.51
C LEU D 1240 -20.63 21.88 -1.02
N GLN D 1241 -19.68 21.15 -0.45
CA GLN D 1241 -19.43 19.77 -0.84
C GLN D 1241 -20.48 18.81 -0.28
N GLY D 1242 -21.19 19.20 0.77
CA GLY D 1242 -22.17 18.33 1.38
C GLY D 1242 -21.61 17.60 2.59
N VAL D 1243 -20.89 18.32 3.45
CA VAL D 1243 -20.23 17.76 4.61
C VAL D 1243 -20.77 18.48 5.85
N LYS D 1244 -21.11 17.69 6.88
CA LYS D 1244 -21.64 18.23 8.13
C LYS D 1244 -20.54 18.18 9.19
N ILE D 1245 -20.14 19.35 9.68
CA ILE D 1245 -19.19 19.48 10.78
C ILE D 1245 -19.73 20.53 11.73
N ASN D 1246 -19.77 20.20 13.02
CA ASN D 1246 -20.28 21.13 14.02
C ASN D 1246 -19.37 22.34 14.14
N ASP D 1247 -19.97 23.47 14.54
CA ASP D 1247 -19.21 24.71 14.65
C ASP D 1247 -18.33 24.75 15.90
N LYS D 1248 -18.55 23.84 16.85
CA LYS D 1248 -17.70 23.78 18.03
C LYS D 1248 -16.29 23.32 17.67
N HIS D 1249 -16.14 22.54 16.60
CA HIS D 1249 -14.84 21.98 16.25
C HIS D 1249 -13.95 23.00 15.55
N ILE D 1250 -14.51 24.09 15.04
CA ILE D 1250 -13.70 25.15 14.45
C ILE D 1250 -13.36 26.23 15.47
N GLU D 1251 -14.31 26.54 16.37
CA GLU D 1251 -14.04 27.49 17.43
C GLU D 1251 -12.94 27.00 18.36
N VAL D 1252 -12.85 25.69 18.57
CA VAL D 1252 -11.79 25.12 19.39
C VAL D 1252 -10.43 25.39 18.75
N ILE D 1253 -10.31 25.20 17.45
CA ILE D 1253 -9.05 25.45 16.76
C ILE D 1253 -8.73 26.93 16.72
N VAL D 1254 -9.76 27.77 16.51
CA VAL D 1254 -9.56 29.22 16.50
C VAL D 1254 -9.01 29.70 17.84
N ARG D 1255 -9.48 29.09 18.93
CA ARG D 1255 -8.99 29.45 20.26
C ARG D 1255 -7.48 29.21 20.36
N GLN D 1256 -6.99 28.13 19.74
CA GLN D 1256 -5.57 27.82 19.81
C GLN D 1256 -4.72 28.79 19.00
N MET D 1257 -5.32 29.54 18.08
CA MET D 1257 -4.61 30.56 17.32
C MET D 1257 -4.70 31.94 17.95
N LEU D 1258 -5.40 32.09 19.06
CA LEU D 1258 -5.62 33.38 19.71
C LEU D 1258 -4.86 33.50 21.02
N ARG D 1259 -3.65 32.94 21.07
CA ARG D 1259 -2.75 33.11 22.19
C ARG D 1259 -1.71 34.17 21.84
N LYS D 1260 -0.73 34.34 22.73
CA LYS D 1260 0.44 35.20 22.50
C LYS D 1260 0.02 36.64 22.21
N ALA D 1261 -0.57 37.26 23.23
CA ALA D 1261 -0.92 38.66 23.15
C ALA D 1261 0.33 39.53 23.15
N THR D 1262 0.17 40.78 22.74
CA THR D 1262 1.24 41.76 22.69
C THR D 1262 0.95 42.87 23.69
N ILE D 1263 1.95 43.21 24.52
CA ILE D 1263 1.78 44.11 25.64
C ILE D 1263 2.21 45.51 25.22
N VAL D 1264 1.39 46.50 25.55
CA VAL D 1264 1.65 47.89 25.21
C VAL D 1264 1.80 48.75 26.48
N ASN D 1265 1.98 48.12 27.64
CA ASN D 1265 2.10 48.83 28.89
C ASN D 1265 3.12 48.11 29.78
N ALA D 1266 3.67 48.85 30.74
CA ALA D 1266 4.73 48.32 31.59
C ALA D 1266 4.37 48.43 33.07
N GLY D 1267 5.35 48.16 33.94
CA GLY D 1267 5.16 48.21 35.37
C GLY D 1267 5.13 46.86 36.05
N SER D 1268 5.01 45.77 35.29
CA SER D 1268 4.95 44.43 35.83
C SER D 1268 5.94 43.51 35.11
N SER D 1269 7.17 43.99 34.94
CA SER D 1269 8.26 43.27 34.29
C SER D 1269 7.92 42.88 32.85
N ASP D 1270 7.11 43.69 32.17
CA ASP D 1270 6.72 43.44 30.79
C ASP D 1270 6.79 44.75 30.02
N PHE D 1271 7.36 44.71 28.82
CA PHE D 1271 7.43 45.91 27.98
C PHE D 1271 7.59 45.49 26.53
N LEU D 1272 6.51 45.62 25.76
CA LEU D 1272 6.53 45.46 24.29
C LEU D 1272 7.15 44.11 23.89
N GLU D 1273 6.47 43.04 24.30
CA GLU D 1273 6.95 41.70 24.00
C GLU D 1273 5.77 40.75 23.93
N GLY D 1274 5.85 39.80 22.98
CA GLY D 1274 4.81 38.81 22.83
C GLY D 1274 4.88 37.73 23.89
N GLU D 1275 3.82 37.61 24.68
CA GLU D 1275 3.78 36.66 25.78
C GLU D 1275 2.42 35.97 25.81
N GLN D 1276 2.37 34.82 26.51
CA GLN D 1276 1.17 34.02 26.57
C GLN D 1276 0.02 34.81 27.19
N VAL D 1277 -1.18 34.61 26.65
CA VAL D 1277 -2.37 35.28 27.17
C VAL D 1277 -2.66 34.82 28.60
N GLU D 1278 -2.55 33.52 28.86
CA GLU D 1278 -2.86 32.99 30.18
C GLU D 1278 -1.94 33.58 31.24
N TYR D 1279 -0.65 33.75 30.91
CA TYR D 1279 0.27 34.38 31.85
C TYR D 1279 -0.13 35.83 32.11
N SER D 1280 -0.58 36.54 31.08
CA SER D 1280 -1.01 37.91 31.25
C SER D 1280 -2.23 38.00 32.17
N ARG D 1281 -3.25 37.17 31.92
CA ARG D 1281 -4.45 37.21 32.74
C ARG D 1281 -4.14 36.83 34.18
N VAL D 1282 -3.22 35.88 34.38
CA VAL D 1282 -2.85 35.49 35.74
C VAL D 1282 -2.06 36.61 36.42
N LYS D 1283 -1.11 37.22 35.71
CA LYS D 1283 -0.29 38.27 36.29
C LYS D 1283 -1.13 39.51 36.63
N ILE D 1284 -2.07 39.87 35.76
CA ILE D 1284 -2.89 41.05 36.01
C ILE D 1284 -3.76 40.85 37.24
N ALA D 1285 -4.33 39.64 37.39
CA ALA D 1285 -5.18 39.37 38.54
C ALA D 1285 -4.41 39.49 39.84
N ASN D 1286 -3.18 38.99 39.88
CA ASN D 1286 -2.35 39.15 41.08
C ASN D 1286 -2.03 40.60 41.34
N ARG D 1287 -1.69 41.36 40.29
CA ARG D 1287 -1.40 42.78 40.44
C ARG D 1287 -2.65 43.55 40.86
N GLU D 1288 -3.80 43.22 40.25
CA GLU D 1288 -5.05 43.91 40.59
C GLU D 1288 -5.52 43.57 41.99
N LEU D 1289 -5.21 42.36 42.48
CA LEU D 1289 -5.59 41.99 43.84
C LEU D 1289 -4.90 42.87 44.87
N GLU D 1290 -3.62 43.17 44.65
CA GLU D 1290 -2.88 44.04 45.54
C GLU D 1290 -3.33 45.50 45.36
N ALA D 1291 -2.76 46.38 46.17
CA ALA D 1291 -3.12 47.80 46.12
C ALA D 1291 -2.75 48.41 44.77
N ASN D 1292 -1.57 48.06 44.25
CA ASN D 1292 -1.07 48.64 43.00
C ASN D 1292 -1.80 48.02 41.81
N GLY D 1293 -3.06 48.42 41.66
CA GLY D 1293 -3.85 47.95 40.52
C GLY D 1293 -3.43 48.58 39.21
N LYS D 1294 -2.89 49.81 39.26
CA LYS D 1294 -2.43 50.48 38.05
C LYS D 1294 -1.17 49.85 37.47
N VAL D 1295 -0.51 48.97 38.22
CA VAL D 1295 0.66 48.27 37.69
C VAL D 1295 0.28 47.40 36.50
N GLY D 1296 -0.94 46.85 36.52
CA GLY D 1296 -1.42 46.00 35.45
C GLY D 1296 -1.30 46.61 34.07
N ALA D 1297 -0.82 45.81 33.11
CA ALA D 1297 -0.49 46.29 31.77
C ALA D 1297 -1.56 45.86 30.78
N THR D 1298 -1.97 46.79 29.92
CA THR D 1298 -2.89 46.46 28.84
C THR D 1298 -2.17 45.67 27.75
N TYR D 1299 -2.94 44.93 26.98
CA TYR D 1299 -2.39 44.04 25.97
C TYR D 1299 -3.22 44.11 24.70
N SER D 1300 -2.59 43.74 23.59
CA SER D 1300 -3.26 43.63 22.29
C SER D 1300 -3.12 42.20 21.81
N ARG D 1301 -4.25 41.52 21.64
CA ARG D 1301 -4.23 40.12 21.25
C ARG D 1301 -3.74 39.96 19.82
N ASP D 1302 -3.03 38.86 19.57
CA ASP D 1302 -2.45 38.58 18.27
C ASP D 1302 -3.08 37.32 17.68
N LEU D 1303 -2.93 37.17 16.36
CA LEU D 1303 -3.44 36.01 15.65
C LEU D 1303 -2.30 35.35 14.90
N LEU D 1304 -2.20 34.03 15.00
CA LEU D 1304 -1.14 33.27 14.37
C LEU D 1304 -1.73 32.07 13.63
N GLY D 1305 -0.99 31.58 12.63
CA GLY D 1305 -1.40 30.39 11.93
C GLY D 1305 -1.19 29.15 12.78
N ILE D 1306 -1.79 28.05 12.32
CA ILE D 1306 -1.66 26.79 13.05
C ILE D 1306 -0.23 26.28 12.99
N THR D 1307 0.55 26.74 12.02
CA THR D 1307 1.95 26.34 11.91
C THR D 1307 2.85 27.22 12.76
N LYS D 1308 2.48 28.48 12.97
CA LYS D 1308 3.29 29.39 13.77
C LYS D 1308 2.88 29.41 15.24
N ALA D 1309 1.64 29.07 15.55
CA ALA D 1309 1.22 28.93 16.94
C ALA D 1309 1.65 27.61 17.55
N SER D 1310 2.04 26.65 16.71
CA SER D 1310 2.52 25.36 17.20
C SER D 1310 3.99 25.45 17.62
N LEU D 1311 4.79 26.23 16.89
CA LEU D 1311 6.21 26.35 17.18
C LEU D 1311 6.52 27.37 18.27
N ALA D 1312 5.50 28.06 18.78
CA ALA D 1312 5.70 29.02 19.85
C ALA D 1312 5.25 28.49 21.21
N THR D 1313 4.92 27.21 21.31
CA THR D 1313 4.48 26.64 22.57
C THR D 1313 5.61 26.64 23.58
N GLU D 1314 5.24 26.71 24.86
CA GLU D 1314 6.22 26.86 25.94
C GLU D 1314 6.89 25.55 26.32
N SER D 1315 6.44 24.42 25.78
CA SER D 1315 7.05 23.12 26.03
C SER D 1315 7.94 22.78 24.84
N PHE D 1316 9.26 22.80 25.06
CA PHE D 1316 10.20 22.59 23.96
C PHE D 1316 10.22 21.14 23.50
N ILE D 1317 9.73 20.21 24.30
CA ILE D 1317 9.65 18.81 23.85
C ILE D 1317 8.69 18.71 22.68
N SER D 1318 7.52 19.32 22.80
CA SER D 1318 6.68 19.57 21.64
C SER D 1318 7.26 20.72 20.83
N ALA D 1319 6.71 20.92 19.63
CA ALA D 1319 7.16 21.92 18.68
C ALA D 1319 8.56 21.60 18.16
N ALA D 1320 9.17 20.54 18.70
CA ALA D 1320 10.41 20.00 18.19
C ALA D 1320 10.21 18.62 17.57
N SER D 1321 9.07 17.99 17.81
CA SER D 1321 8.69 16.75 17.15
C SER D 1321 7.78 16.98 15.96
N PHE D 1322 7.53 18.23 15.60
CA PHE D 1322 6.55 18.58 14.57
C PHE D 1322 7.20 19.22 13.35
N GLN D 1323 7.97 20.28 13.54
CA GLN D 1323 8.61 21.04 12.47
C GLN D 1323 10.11 21.09 12.75
N GLU D 1324 10.79 22.00 12.06
CA GLU D 1324 12.24 22.14 12.14
C GLU D 1324 12.72 22.06 13.59
N THR D 1325 13.57 21.07 13.85
CA THR D 1325 14.04 20.78 15.20
C THR D 1325 15.36 21.45 15.54
N THR D 1326 16.19 21.71 14.53
CA THR D 1326 17.44 22.42 14.77
C THR D 1326 17.19 23.83 15.29
N ARG D 1327 16.19 24.51 14.72
CA ARG D 1327 15.88 25.87 15.16
C ARG D 1327 15.24 25.88 16.55
N VAL D 1328 14.35 24.93 16.82
CA VAL D 1328 13.64 24.91 18.09
C VAL D 1328 14.60 24.53 19.22
N LEU D 1329 15.45 23.53 18.99
CA LEU D 1329 16.39 23.12 20.04
C LEU D 1329 17.46 24.17 20.27
N THR D 1330 17.89 24.86 19.20
CA THR D 1330 18.90 25.91 19.36
C THR D 1330 18.39 27.03 20.24
N GLU D 1331 17.14 27.46 20.02
CA GLU D 1331 16.58 28.52 20.85
C GLU D 1331 16.33 28.05 22.27
N ALA D 1332 15.98 26.78 22.45
CA ALA D 1332 15.75 26.25 23.79
C ALA D 1332 17.05 26.11 24.56
N ALA D 1333 18.11 25.68 23.89
CA ALA D 1333 19.40 25.50 24.56
C ALA D 1333 19.95 26.81 25.09
N VAL D 1334 19.83 27.88 24.30
CA VAL D 1334 20.35 29.18 24.73
C VAL D 1334 19.55 29.69 25.92
N ALA D 1335 18.22 29.60 25.86
CA ALA D 1335 17.38 30.14 26.91
C ALA D 1335 17.35 29.28 28.17
N GLY D 1336 17.74 28.01 28.07
CA GLY D 1336 17.76 27.13 29.23
C GLY D 1336 16.38 26.90 29.82
N LYS D 1337 15.40 26.61 28.97
CA LYS D 1337 14.02 26.46 29.43
C LYS D 1337 13.74 25.03 29.90
N ARG D 1338 12.51 24.81 30.32
CA ARG D 1338 12.08 23.53 30.89
C ARG D 1338 10.74 23.15 30.27
N ASP D 1339 10.46 21.85 30.24
CA ASP D 1339 9.27 21.32 29.57
C ASP D 1339 8.09 21.18 30.52
N GLU D 1340 8.30 20.53 31.67
CA GLU D 1340 7.30 20.34 32.72
C GLU D 1340 6.20 19.37 32.30
N LEU D 1341 6.22 18.92 31.05
CA LEU D 1341 5.36 17.85 30.53
C LEU D 1341 3.89 18.07 30.92
N ARG D 1342 3.33 19.15 30.39
CA ARG D 1342 1.96 19.53 30.73
C ARG D 1342 0.94 19.20 29.65
N GLY D 1343 1.36 18.61 28.53
CA GLY D 1343 0.43 18.31 27.46
C GLY D 1343 0.36 16.84 27.10
N LEU D 1344 -0.39 16.51 26.04
CA LEU D 1344 -0.57 15.12 25.65
C LEU D 1344 0.68 14.55 24.98
N LYS D 1345 1.35 15.34 24.15
CA LYS D 1345 2.46 14.81 23.35
C LYS D 1345 3.69 14.53 24.20
N GLU D 1346 3.96 15.37 25.20
CA GLU D 1346 5.15 15.17 26.02
C GLU D 1346 5.06 13.88 26.83
N ASN D 1347 3.88 13.58 27.37
CA ASN D 1347 3.73 12.36 28.17
C ASN D 1347 3.83 11.11 27.30
N VAL D 1348 3.40 11.20 26.05
CA VAL D 1348 3.50 10.06 25.14
C VAL D 1348 4.97 9.70 24.89
N ILE D 1349 5.81 10.71 24.66
CA ILE D 1349 7.21 10.46 24.36
C ILE D 1349 7.92 9.80 25.53
N VAL D 1350 7.74 10.35 26.74
CA VAL D 1350 8.39 9.82 27.92
C VAL D 1350 7.64 8.64 28.54
N GLY D 1351 6.58 8.17 27.90
CA GLY D 1351 5.90 6.97 28.35
C GLY D 1351 5.16 7.08 29.66
N ARG D 1352 4.45 8.17 29.89
CA ARG D 1352 3.59 8.29 31.07
C ARG D 1352 2.12 8.29 30.64
N LEU D 1353 1.24 8.41 31.64
CA LEU D 1353 -0.19 8.49 31.37
C LEU D 1353 -0.53 9.89 30.86
N ILE D 1354 -1.29 9.95 29.77
CA ILE D 1354 -1.71 11.24 29.21
C ILE D 1354 -2.66 11.91 30.20
N PRO D 1355 -2.62 13.25 30.34
CA PRO D 1355 -3.52 13.96 31.25
C PRO D 1355 -4.92 14.17 30.69
N ALA D 1356 -5.51 13.12 30.15
CA ALA D 1356 -6.86 13.17 29.59
C ALA D 1356 -7.44 11.77 29.59
N GLY D 1357 -8.72 11.66 29.91
CA GLY D 1357 -9.38 10.37 29.95
C GLY D 1357 -9.21 9.72 31.31
N THR D 1358 -8.92 8.41 31.29
CA THR D 1358 -8.73 7.69 32.54
C THR D 1358 -7.49 8.14 33.30
N GLY D 1359 -6.50 8.69 32.62
CA GLY D 1359 -5.30 9.20 33.25
C GLY D 1359 -5.43 10.60 33.82
N TYR D 1360 -6.60 11.22 33.67
CA TYR D 1360 -6.81 12.57 34.21
C TYR D 1360 -6.73 12.56 35.74
N ALA D 1361 -7.32 11.56 36.38
CA ALA D 1361 -7.28 11.49 37.84
C ALA D 1361 -5.87 11.32 38.36
N TYR D 1362 -5.07 10.50 37.69
CA TYR D 1362 -3.70 10.24 38.16
C TYR D 1362 -2.85 11.50 38.11
N HIS D 1363 -3.00 12.31 37.06
CA HIS D 1363 -2.24 13.55 36.97
C HIS D 1363 -2.73 14.62 37.92
N GLN D 1364 -3.97 14.52 38.41
CA GLN D 1364 -4.45 15.46 39.41
C GLN D 1364 -3.80 15.20 40.77
N ASP D 1365 -3.55 13.93 41.09
CA ASP D 1365 -2.91 13.60 42.35
C ASP D 1365 -1.46 14.08 42.39
N ARG D 1366 -0.73 13.92 41.29
CA ARG D 1366 0.68 14.29 41.27
C ARG D 1366 0.89 15.79 41.49
N MET D 1367 -0.08 16.61 41.07
CA MET D 1367 0.09 18.06 41.20
C MET D 1367 -0.12 18.54 42.63
N ARG D 1368 -0.98 17.89 43.41
CA ARG D 1368 -1.20 18.34 44.78
C ARG D 1368 -0.01 18.01 45.67
N ARG D 1369 0.67 16.89 45.40
CA ARG D 1369 1.85 16.53 46.19
C ARG D 1369 2.99 17.52 45.94
N ARG D 1370 3.17 17.93 44.69
CA ARG D 1370 4.23 18.90 44.38
C ARG D 1370 3.97 20.23 45.06
N ALA D 1371 2.71 20.68 45.07
CA ALA D 1371 2.38 21.94 45.70
C ALA D 1371 2.63 21.90 47.21
N ALA D 1372 2.27 20.78 47.85
CA ALA D 1372 2.47 20.62 49.28
C ALA D 1372 3.87 20.17 49.66
N GLY D 1373 4.71 19.87 48.67
CA GLY D 1373 6.06 19.42 48.93
C GLY D 1373 6.18 17.93 49.13
N ALA E 1 -23.00 -11.62 31.02
CA ALA E 1 -22.25 -10.94 29.97
C ALA E 1 -22.77 -9.53 29.78
N ARG E 2 -21.94 -8.54 30.11
CA ARG E 2 -22.30 -7.13 29.99
C ARG E 2 -21.92 -6.65 28.60
N VAL E 3 -22.85 -6.78 27.65
CA VAL E 3 -22.61 -6.28 26.29
C VAL E 3 -22.51 -4.76 26.29
N THR E 4 -23.41 -4.10 27.01
CA THR E 4 -23.40 -2.64 27.14
C THR E 4 -23.27 -2.26 28.61
N VAL E 5 -22.51 -1.20 28.86
CA VAL E 5 -22.16 -0.80 30.21
C VAL E 5 -22.91 0.47 30.61
N GLN E 6 -24.08 0.68 30.01
CA GLN E 6 -24.81 1.93 30.26
C GLN E 6 -25.24 2.04 31.71
N ASP E 7 -25.85 0.99 32.27
CA ASP E 7 -26.33 1.06 33.65
C ASP E 7 -25.18 1.26 34.63
N ALA E 8 -24.07 0.56 34.42
CA ALA E 8 -22.90 0.77 35.25
C ALA E 8 -22.38 2.20 35.12
N VAL E 9 -22.48 2.79 33.93
CA VAL E 9 -22.08 4.18 33.76
C VAL E 9 -22.98 5.10 34.57
N GLU E 10 -24.30 4.89 34.49
CA GLU E 10 -25.23 5.75 35.23
C GLU E 10 -25.16 5.56 36.74
N LYS E 11 -24.70 4.41 37.21
CA LYS E 11 -24.56 4.22 38.66
C LYS E 11 -23.53 5.19 39.24
N ILE E 12 -22.40 5.37 38.57
CA ILE E 12 -21.40 6.37 38.91
C ILE E 12 -21.03 7.09 37.62
N GLY E 13 -21.65 8.24 37.37
CA GLY E 13 -21.61 8.80 36.04
C GLY E 13 -20.43 9.69 35.70
N ASN E 14 -19.39 9.07 35.15
CA ASN E 14 -18.34 9.79 34.43
C ASN E 14 -17.90 9.10 33.14
N ARG E 15 -18.10 7.78 33.01
CA ARG E 15 -17.65 6.96 31.90
C ARG E 15 -16.12 6.81 31.94
N PHE E 16 -15.49 7.55 32.84
CA PHE E 16 -14.06 7.44 33.09
C PHE E 16 -13.72 6.93 34.48
N ASP E 17 -14.53 7.26 35.50
CA ASP E 17 -14.26 6.78 36.85
C ASP E 17 -14.61 5.31 37.03
N LEU E 18 -15.68 4.83 36.38
CA LEU E 18 -16.05 3.43 36.55
C LEU E 18 -14.99 2.48 35.99
N VAL E 19 -14.18 2.94 35.03
CA VAL E 19 -13.06 2.14 34.57
C VAL E 19 -12.10 1.88 35.71
N LEU E 20 -11.74 2.93 36.46
CA LEU E 20 -10.85 2.77 37.61
C LEU E 20 -11.49 1.93 38.71
N VAL E 21 -12.78 2.15 38.96
CA VAL E 21 -13.47 1.40 40.02
C VAL E 21 -13.49 -0.09 39.67
N ALA E 22 -13.85 -0.42 38.44
CA ALA E 22 -13.87 -1.81 38.00
C ALA E 22 -12.46 -2.40 37.98
N ALA E 23 -11.45 -1.59 37.63
CA ALA E 23 -10.08 -2.09 37.66
C ALA E 23 -9.66 -2.47 39.07
N ARG E 24 -9.96 -1.62 40.05
CA ARG E 24 -9.57 -1.94 41.43
C ARG E 24 -10.37 -3.11 41.98
N ARG E 25 -11.67 -3.20 41.64
CA ARG E 25 -12.46 -4.34 42.08
C ARG E 25 -11.95 -5.64 41.45
N ALA E 26 -11.60 -5.60 40.16
CA ALA E 26 -11.03 -6.77 39.51
C ALA E 26 -9.69 -7.15 40.10
N ARG E 27 -8.87 -6.17 40.48
CA ARG E 27 -7.62 -6.48 41.17
C ARG E 27 -7.90 -7.20 42.48
N GLN E 28 -8.88 -6.72 43.24
CA GLN E 28 -9.23 -7.38 44.50
C GLN E 28 -9.70 -8.81 44.27
N MET E 29 -10.54 -9.03 43.24
CA MET E 29 -11.11 -10.35 43.01
C MET E 29 -10.18 -11.29 42.26
N GLN E 30 -9.10 -10.79 41.68
CA GLN E 30 -8.17 -11.61 40.91
C GLN E 30 -6.86 -11.87 41.63
N VAL E 31 -6.21 -10.82 42.15
CA VAL E 31 -4.96 -10.99 42.87
C VAL E 31 -5.19 -11.83 44.13
N GLY E 32 -6.26 -11.56 44.86
CA GLY E 32 -6.61 -12.33 46.03
C GLY E 32 -7.19 -11.46 47.13
N GLY E 33 -7.55 -12.11 48.22
CA GLY E 33 -8.09 -11.42 49.37
C GLY E 33 -9.49 -10.87 49.18
N LYS E 34 -10.25 -11.44 48.24
CA LYS E 34 -11.62 -10.98 48.00
C LYS E 34 -12.38 -12.07 47.27
N ASP E 35 -13.71 -12.02 47.40
CA ASP E 35 -14.62 -12.93 46.74
C ASP E 35 -15.77 -12.15 46.12
N PRO E 36 -16.34 -12.64 45.03
CA PRO E 36 -17.45 -11.92 44.39
C PRO E 36 -18.67 -11.83 45.30
N LEU E 37 -19.36 -10.71 45.20
CA LEU E 37 -20.62 -10.49 45.90
C LEU E 37 -21.83 -10.71 45.01
N VAL E 38 -21.62 -11.23 43.80
CA VAL E 38 -22.68 -11.53 42.85
C VAL E 38 -22.45 -12.97 42.41
N PRO E 39 -23.49 -13.73 42.05
CA PRO E 39 -23.26 -15.10 41.59
C PRO E 39 -22.31 -15.14 40.38
N GLU E 40 -21.29 -15.99 40.50
CA GLU E 40 -20.28 -16.14 39.46
C GLU E 40 -20.78 -17.15 38.43
N GLU E 41 -20.89 -16.71 37.18
CA GLU E 41 -21.44 -17.53 36.10
C GLU E 41 -20.35 -17.92 35.10
N ASN E 42 -19.18 -18.29 35.60
CA ASN E 42 -18.01 -18.59 34.77
C ASN E 42 -17.61 -17.40 33.91
N ASP E 43 -17.72 -16.20 34.50
CA ASP E 43 -17.34 -14.99 33.82
C ASP E 43 -15.99 -14.49 34.35
N LYS E 44 -15.32 -13.68 33.53
CA LYS E 44 -14.08 -13.06 33.96
C LYS E 44 -14.35 -11.98 34.99
N THR E 45 -13.32 -11.64 35.76
CA THR E 45 -13.47 -10.69 36.87
C THR E 45 -13.90 -9.32 36.40
N THR E 46 -13.54 -8.93 35.18
CA THR E 46 -13.90 -7.59 34.68
C THR E 46 -15.42 -7.43 34.61
N VAL E 47 -16.09 -8.36 33.94
CA VAL E 47 -17.54 -8.25 33.81
C VAL E 47 -18.25 -8.57 35.13
N ILE E 48 -17.64 -9.36 36.02
CA ILE E 48 -18.22 -9.56 37.34
C ILE E 48 -18.22 -8.25 38.12
N ALA E 49 -17.10 -7.52 38.07
CA ALA E 49 -17.05 -6.21 38.71
C ALA E 49 -18.04 -5.24 38.07
N LEU E 50 -18.16 -5.29 36.74
CA LEU E 50 -19.14 -4.44 36.06
C LEU E 50 -20.57 -4.74 36.51
N ARG E 51 -20.90 -6.03 36.63
CA ARG E 51 -22.22 -6.41 37.11
C ARG E 51 -22.43 -5.99 38.56
N GLU E 52 -21.40 -6.08 39.39
CA GLU E 52 -21.51 -5.61 40.77
C GLU E 52 -21.79 -4.12 40.82
N ILE E 53 -21.10 -3.34 39.97
CA ILE E 53 -21.37 -1.90 39.90
C ILE E 53 -22.79 -1.65 39.43
N GLU E 54 -23.24 -2.40 38.43
CA GLU E 54 -24.59 -2.20 37.89
C GLU E 54 -25.64 -2.51 38.94
N GLU E 55 -25.42 -3.53 39.76
CA GLU E 55 -26.37 -3.91 40.79
C GLU E 55 -26.48 -2.89 41.92
N GLY E 56 -25.55 -1.94 42.00
CA GLY E 56 -25.63 -0.88 42.98
C GLY E 56 -24.96 -1.18 44.31
N LEU E 57 -24.08 -2.18 44.37
CA LEU E 57 -23.42 -2.55 45.62
C LEU E 57 -21.91 -2.40 45.56
N ILE E 58 -21.39 -1.65 44.58
CA ILE E 58 -19.95 -1.37 44.49
C ILE E 58 -19.77 0.06 44.04
N ASN E 59 -18.97 0.82 44.79
CA ASN E 59 -18.61 2.19 44.42
C ASN E 59 -17.35 2.57 45.19
N ASN E 60 -16.81 3.75 44.87
CA ASN E 60 -15.52 4.15 45.42
C ASN E 60 -15.59 4.32 46.94
N GLN E 61 -16.66 4.94 47.44
CA GLN E 61 -16.75 5.26 48.86
C GLN E 61 -16.76 3.99 49.72
N ILE E 62 -17.58 3.00 49.34
CA ILE E 62 -17.62 1.78 50.13
C ILE E 62 -16.34 0.98 49.98
N LEU E 63 -15.68 1.08 48.82
CA LEU E 63 -14.36 0.47 48.67
C LEU E 63 -13.37 1.08 49.65
N ASP E 64 -13.40 2.42 49.79
CA ASP E 64 -12.51 3.09 50.72
C ASP E 64 -12.81 2.71 52.17
N VAL E 65 -14.09 2.62 52.53
CA VAL E 65 -14.42 2.29 53.91
C VAL E 65 -14.05 0.84 54.22
N ARG E 66 -14.21 -0.07 53.26
CA ARG E 66 -13.76 -1.45 53.48
C ARG E 66 -12.25 -1.51 53.60
N GLU E 67 -11.52 -0.74 52.78
CA GLU E 67 -10.06 -0.71 52.90
C GLU E 67 -9.64 -0.19 54.26
N ARG E 68 -10.29 0.86 54.75
CA ARG E 68 -10.00 1.38 56.08
C ARG E 68 -10.30 0.34 57.16
N GLN E 69 -11.42 -0.37 57.02
CA GLN E 69 -11.77 -1.40 58.01
C GLN E 69 -10.73 -2.51 58.05
N GLU E 70 -10.28 -2.98 56.89
CA GLU E 70 -9.26 -4.03 56.86
C GLU E 70 -7.93 -3.51 57.38
N GLN E 71 -7.59 -2.25 57.09
CA GLN E 71 -6.36 -1.67 57.63
C GLN E 71 -6.41 -1.59 59.16
N GLN E 72 -7.56 -1.20 59.71
CA GLN E 72 -7.68 -1.10 61.16
C GLN E 72 -7.75 -2.47 61.82
N GLU E 73 -8.26 -3.48 61.11
CA GLU E 73 -8.37 -4.82 61.69
C GLU E 73 -7.00 -5.39 62.02
N GLN E 74 -6.02 -5.20 61.13
CA GLN E 74 -4.68 -5.72 61.35
C GLN E 74 -3.84 -4.73 62.16
N THR F 1 32.58 -18.81 -15.02
CA THR F 1 31.85 -19.44 -13.92
C THR F 1 30.66 -20.24 -14.45
N ALA F 2 30.84 -21.56 -14.50
CA ALA F 2 29.77 -22.42 -15.01
C ALA F 2 28.55 -22.39 -14.11
N GLY F 3 28.76 -22.53 -12.80
CA GLY F 3 27.68 -22.51 -11.82
C GLY F 3 27.92 -21.42 -10.79
N THR F 4 26.91 -20.58 -10.60
CA THR F 4 27.00 -19.44 -9.68
C THR F 4 25.91 -19.55 -8.64
N PRO F 5 26.20 -19.34 -7.35
CA PRO F 5 25.16 -19.41 -6.33
C PRO F 5 24.18 -18.24 -6.44
N SER F 6 22.95 -18.50 -5.99
CA SER F 6 21.99 -17.41 -5.81
C SER F 6 22.43 -16.55 -4.63
N GLY F 7 21.99 -15.30 -4.62
CA GLY F 7 22.39 -14.36 -3.59
C GLY F 7 22.04 -14.83 -2.19
N ASN F 8 23.02 -14.77 -1.29
CA ASN F 8 22.79 -15.18 0.10
C ASN F 8 21.88 -14.18 0.80
N GLY F 9 21.20 -14.66 1.84
CA GLY F 9 20.27 -13.83 2.59
C GLY F 9 20.94 -12.61 3.21
N VAL F 10 20.44 -11.43 2.87
CA VAL F 10 20.97 -10.18 3.38
C VAL F 10 19.89 -9.11 3.32
N ASP F 11 19.99 -8.12 4.21
CA ASP F 11 19.04 -7.02 4.26
C ASP F 11 19.68 -5.86 5.00
N TYR F 12 19.05 -4.70 4.87
CA TYR F 12 19.51 -3.49 5.56
C TYR F 12 18.28 -2.70 5.96
N GLN F 13 18.26 -2.20 7.20
CA GLN F 13 17.13 -1.44 7.70
C GLN F 13 16.88 -0.21 6.85
N ASP F 14 15.69 -0.11 6.29
CA ASP F 14 15.28 0.99 5.44
C ASP F 14 14.13 1.76 6.09
N ASP F 15 13.92 2.98 5.62
CA ASP F 15 12.92 3.89 6.17
C ASP F 15 13.16 4.12 7.66
N GLU F 16 14.43 4.11 8.04
CA GLU F 16 14.84 4.29 9.43
C GLU F 16 16.18 5.00 9.43
N LEU F 17 16.24 6.15 10.10
CA LEU F 17 17.43 7.00 10.08
C LEU F 17 18.69 6.30 10.60
N PRO F 18 18.70 5.60 11.74
CA PRO F 18 19.90 4.82 12.10
C PRO F 18 20.00 3.54 11.29
N VAL F 19 20.59 3.63 10.10
CA VAL F 19 20.57 2.56 9.11
C VAL F 19 21.17 1.28 9.65
N TYR F 20 20.58 0.15 9.26
CA TYR F 20 20.95 -1.22 9.61
C TYR F 20 20.57 -1.58 11.05
N GLN F 21 20.24 -0.57 11.86
CA GLN F 21 19.84 -0.74 13.26
C GLN F 21 20.51 -1.95 13.91
N GLY F 22 19.73 -3.01 14.15
CA GLY F 22 20.25 -4.25 14.69
C GLY F 22 19.23 -5.36 14.73
N GLU F 23 19.57 -6.48 15.35
CA GLU F 23 18.64 -7.59 15.52
C GLU F 23 19.13 -8.49 16.63
N THR F 24 18.30 -8.66 17.65
CA THR F 24 18.65 -9.44 18.83
C THR F 24 18.65 -10.93 18.51
N THR F 25 19.59 -11.64 19.13
CA THR F 25 19.72 -13.07 18.97
C THR F 25 19.59 -13.75 20.33
N GLN F 26 18.98 -14.93 20.32
CA GLN F 26 18.75 -15.71 21.54
C GLN F 26 19.85 -16.74 21.67
N SER F 27 20.60 -16.68 22.77
CA SER F 27 21.67 -17.60 23.06
C SER F 27 21.25 -18.57 24.16
N LEU F 28 22.15 -19.46 24.54
CA LEU F 28 21.86 -20.43 25.59
C LEU F 28 21.64 -19.74 26.93
N GLN F 29 22.49 -18.77 27.26
CA GLN F 29 22.35 -18.06 28.54
C GLN F 29 21.07 -17.24 28.57
N ASP F 30 20.73 -16.59 27.46
CA ASP F 30 19.49 -15.81 27.41
C ASP F 30 18.27 -16.70 27.59
N TYR F 31 18.27 -17.87 26.94
CA TYR F 31 17.16 -18.80 27.09
C TYR F 31 17.08 -19.33 28.52
N LEU F 32 18.24 -19.60 29.13
CA LEU F 32 18.25 -20.05 30.52
C LEU F 32 17.69 -18.99 31.45
N MET F 33 18.07 -17.73 31.24
CA MET F 33 17.50 -16.65 32.04
C MET F 33 15.99 -16.52 31.83
N TRP F 34 15.54 -16.66 30.59
CA TRP F 34 14.11 -16.59 30.31
C TRP F 34 13.36 -17.69 31.03
N GLN F 35 13.91 -18.90 31.04
CA GLN F 35 13.30 -20.00 31.78
C GLN F 35 13.33 -19.74 33.29
N VAL F 36 14.43 -19.19 33.78
CA VAL F 36 14.56 -18.92 35.21
C VAL F 36 13.51 -17.91 35.67
N GLU F 37 13.27 -16.87 34.86
CA GLU F 37 12.34 -15.81 35.25
C GLU F 37 10.91 -16.31 35.37
N LEU F 38 10.60 -17.50 34.86
CA LEU F 38 9.23 -18.01 34.86
C LEU F 38 9.04 -19.19 35.80
N THR F 39 9.89 -19.33 36.81
CA THR F 39 9.72 -20.36 37.83
C THR F 39 9.78 -19.72 39.21
N PRO F 40 9.01 -20.23 40.17
CA PRO F 40 8.98 -19.61 41.50
C PRO F 40 10.29 -19.79 42.26
N PHE F 41 11.03 -18.70 42.41
CA PHE F 41 12.29 -18.69 43.15
C PHE F 41 12.29 -17.53 44.12
N THR F 42 12.89 -17.75 45.29
CA THR F 42 13.10 -16.65 46.23
C THR F 42 14.19 -15.72 45.71
N ASP F 43 14.33 -14.56 46.37
CA ASP F 43 15.33 -13.59 45.96
C ASP F 43 16.73 -14.17 46.02
N THR F 44 17.05 -14.86 47.12
CA THR F 44 18.33 -15.56 47.21
C THR F 44 18.43 -16.65 46.15
N ASP F 45 17.33 -17.38 45.94
CA ASP F 45 17.31 -18.40 44.90
C ASP F 45 17.52 -17.79 43.52
N ARG F 46 16.89 -16.63 43.26
CA ARG F 46 17.10 -15.96 41.98
C ARG F 46 18.55 -15.53 41.80
N ALA F 47 19.16 -14.98 42.86
CA ALA F 47 20.55 -14.57 42.78
C ALA F 47 21.47 -15.76 42.51
N ILE F 48 21.23 -16.87 43.21
CA ILE F 48 22.05 -18.06 43.00
C ILE F 48 21.85 -18.59 41.58
N ALA F 49 20.62 -18.59 41.08
CA ALA F 49 20.36 -19.07 39.73
C ALA F 49 21.10 -18.22 38.70
N THR F 50 21.04 -16.89 38.86
CA THR F 50 21.76 -16.02 37.93
C THR F 50 23.26 -16.26 38.00
N SER F 51 23.80 -16.40 39.22
CA SER F 51 25.23 -16.63 39.37
C SER F 51 25.67 -17.93 38.71
N ILE F 52 24.88 -18.99 38.86
CA ILE F 52 25.30 -20.28 38.30
C ILE F 52 25.05 -20.35 36.80
N VAL F 53 24.04 -19.65 36.27
CA VAL F 53 23.85 -19.66 34.82
C VAL F 53 24.80 -18.72 34.11
N ASP F 54 25.38 -17.75 34.82
CA ASP F 54 26.42 -16.92 34.20
C ASP F 54 27.66 -17.74 33.86
N ALA F 55 27.89 -18.84 34.58
CA ALA F 55 29.09 -19.65 34.42
C ALA F 55 28.91 -20.77 33.40
N VAL F 56 27.76 -20.84 32.74
CA VAL F 56 27.51 -21.90 31.76
C VAL F 56 28.31 -21.62 30.50
N ASP F 57 29.10 -22.60 30.07
CA ASP F 57 29.92 -22.44 28.88
C ASP F 57 29.07 -22.57 27.61
N ASP F 58 29.75 -22.51 26.46
CA ASP F 58 29.05 -22.65 25.19
C ASP F 58 28.53 -24.07 24.99
N THR F 59 29.25 -25.07 25.48
CA THR F 59 28.85 -26.45 25.35
C THR F 59 27.74 -26.87 26.30
N GLY F 60 27.44 -26.04 27.31
CA GLY F 60 26.40 -26.34 28.27
C GLY F 60 26.89 -26.89 29.60
N TYR F 61 28.20 -26.89 29.84
CA TYR F 61 28.76 -27.41 31.08
C TYR F 61 29.22 -26.25 31.96
N LEU F 62 29.19 -26.49 33.27
CA LEU F 62 29.66 -25.50 34.23
C LEU F 62 31.18 -25.45 34.23
N THR F 63 31.73 -24.25 34.13
CA THR F 63 33.18 -24.09 34.14
C THR F 63 33.74 -23.87 35.53
N ILE F 64 33.00 -23.20 36.40
CA ILE F 64 33.51 -22.89 37.73
C ILE F 64 33.03 -23.93 38.74
N GLN F 65 33.81 -24.09 39.81
CA GLN F 65 33.51 -25.06 40.84
C GLN F 65 32.34 -24.58 41.71
N ILE F 66 31.63 -25.54 42.31
CA ILE F 66 30.50 -25.20 43.16
C ILE F 66 30.97 -24.44 44.41
N GLU F 67 32.07 -24.89 45.02
CA GLU F 67 32.62 -24.16 46.16
C GLU F 67 33.05 -22.76 45.75
N ASP F 68 33.59 -22.62 44.54
CA ASP F 68 33.90 -21.30 44.02
C ASP F 68 32.64 -20.47 43.82
N ILE F 69 31.53 -21.09 43.45
CA ILE F 69 30.25 -20.36 43.36
C ILE F 69 29.84 -19.87 44.74
N VAL F 70 29.97 -20.72 45.75
CA VAL F 70 29.63 -20.32 47.11
C VAL F 70 30.49 -19.15 47.56
N ASP F 71 31.79 -19.20 47.26
CA ASP F 71 32.67 -18.09 47.57
C ASP F 71 32.27 -16.84 46.78
N SER F 72 31.81 -17.02 45.55
CA SER F 72 31.37 -15.89 44.74
C SER F 72 30.16 -15.19 45.35
N ILE F 73 29.26 -15.98 45.95
CA ILE F 73 28.11 -15.37 46.63
C ILE F 73 28.59 -14.47 47.76
N GLY F 74 29.53 -14.96 48.57
CA GLY F 74 30.11 -14.17 49.64
C GLY F 74 29.12 -13.72 50.69
N ASP F 75 28.15 -14.57 51.03
CA ASP F 75 27.15 -14.23 52.02
C ASP F 75 26.88 -15.45 52.89
N ASP F 76 26.51 -15.21 54.14
CA ASP F 76 26.21 -16.30 55.06
C ASP F 76 24.87 -16.94 54.71
N GLU F 77 24.64 -18.13 55.27
CA GLU F 77 23.42 -18.91 55.07
C GLU F 77 23.20 -19.30 53.62
N ILE F 78 24.25 -19.24 52.80
CA ILE F 78 24.15 -19.60 51.39
C ILE F 78 25.17 -20.71 51.17
N GLY F 79 25.34 -21.54 52.20
CA GLY F 79 26.24 -22.68 52.12
C GLY F 79 25.92 -23.60 50.96
N LEU F 80 26.83 -24.54 50.73
CA LEU F 80 26.77 -25.38 49.53
C LEU F 80 25.49 -26.20 49.44
N GLU F 81 24.81 -26.44 50.56
CA GLU F 81 23.58 -27.22 50.53
C GLU F 81 22.51 -26.53 49.71
N GLU F 82 22.38 -25.20 49.86
CA GLU F 82 21.36 -24.46 49.13
C GLU F 82 21.71 -24.36 47.65
N VAL F 83 22.98 -24.05 47.33
CA VAL F 83 23.37 -23.88 45.93
C VAL F 83 23.28 -25.21 45.20
N GLU F 84 23.52 -26.33 45.91
CA GLU F 84 23.34 -27.63 45.30
C GLU F 84 21.90 -27.86 44.87
N ALA F 85 20.95 -27.52 45.75
CA ALA F 85 19.54 -27.67 45.42
C ALA F 85 19.15 -26.76 44.27
N VAL F 86 19.62 -25.52 44.28
CA VAL F 86 19.29 -24.58 43.21
C VAL F 86 19.84 -25.07 41.88
N LEU F 87 21.09 -25.54 41.87
CA LEU F 87 21.69 -26.04 40.64
C LEU F 87 20.97 -27.28 40.13
N LYS F 88 20.59 -28.18 41.05
CA LYS F 88 19.85 -29.37 40.65
C LYS F 88 18.48 -29.03 40.10
N ARG F 89 17.83 -28.00 40.61
CA ARG F 89 16.60 -27.51 39.99
C ARG F 89 16.87 -26.94 38.60
N ILE F 90 17.96 -26.18 38.46
CA ILE F 90 18.27 -25.54 37.18
C ILE F 90 18.58 -26.59 36.11
N GLN F 91 19.19 -27.71 36.50
CA GLN F 91 19.62 -28.70 35.51
C GLN F 91 18.47 -29.21 34.66
N ARG F 92 17.27 -29.26 35.24
CA ARG F 92 16.10 -29.82 34.54
C ARG F 92 15.34 -28.73 33.78
N PHE F 93 16.06 -28.06 32.90
CA PHE F 93 15.48 -27.04 32.02
C PHE F 93 15.32 -27.62 30.61
N ASP F 94 14.96 -26.77 29.64
CA ASP F 94 14.62 -27.28 28.31
C ASP F 94 15.77 -28.07 27.69
N PRO F 95 17.03 -27.61 27.69
CA PRO F 95 18.10 -28.55 27.34
C PRO F 95 18.45 -29.42 28.55
N VAL F 96 17.68 -30.50 28.71
CA VAL F 96 17.82 -31.35 29.88
C VAL F 96 19.25 -31.84 30.02
N GLY F 97 19.82 -31.67 31.21
CA GLY F 97 21.23 -31.94 31.43
C GLY F 97 22.13 -30.73 31.33
N VAL F 98 21.59 -29.54 31.06
CA VAL F 98 22.42 -28.35 30.98
C VAL F 98 22.94 -27.99 32.37
N ALA F 99 24.04 -27.23 32.39
CA ALA F 99 24.71 -26.81 33.62
C ALA F 99 25.08 -28.03 34.49
N ALA F 100 25.79 -28.97 33.87
CA ALA F 100 26.24 -30.17 34.55
C ALA F 100 27.71 -30.05 34.91
N LYS F 101 28.04 -30.49 36.13
CA LYS F 101 29.42 -30.38 36.61
C LYS F 101 30.38 -31.26 35.81
N ASP F 102 29.96 -32.48 35.46
CA ASP F 102 30.83 -33.41 34.76
C ASP F 102 29.96 -34.30 33.87
N LEU F 103 30.62 -35.19 33.13
CA LEU F 103 29.91 -36.09 32.24
C LEU F 103 29.00 -37.03 33.03
N ARG F 104 29.50 -37.53 34.16
CA ARG F 104 28.73 -38.46 34.99
C ARG F 104 27.41 -37.84 35.44
N ASP F 105 27.46 -36.60 35.92
CA ASP F 105 26.23 -35.93 36.35
C ASP F 105 25.29 -35.72 35.18
N CYS F 106 25.84 -35.39 34.00
CA CYS F 106 24.99 -35.17 32.83
C CYS F 106 24.25 -36.43 32.43
N LEU F 107 24.95 -37.57 32.39
CA LEU F 107 24.28 -38.83 32.09
C LEU F 107 23.27 -39.19 33.19
N LEU F 108 23.61 -38.93 34.45
CA LEU F 108 22.68 -39.26 35.53
C LEU F 108 21.38 -38.47 35.39
N ILE F 109 21.49 -37.16 35.12
CA ILE F 109 20.27 -36.35 34.99
C ILE F 109 19.51 -36.73 33.72
N GLN F 110 20.23 -37.02 32.64
CA GLN F 110 19.55 -37.42 31.40
C GLN F 110 18.78 -38.72 31.59
N LEU F 111 19.37 -39.68 32.30
CA LEU F 111 18.69 -40.94 32.56
C LEU F 111 17.59 -40.78 33.60
N SER F 112 17.68 -39.75 34.45
CA SER F 112 16.66 -39.53 35.46
C SER F 112 15.30 -39.23 34.82
N GLN F 113 15.29 -38.42 33.76
CA GLN F 113 14.05 -38.06 33.07
C GLN F 113 13.70 -39.18 32.10
N PHE F 114 13.03 -40.21 32.61
CA PHE F 114 12.61 -41.34 31.79
C PHE F 114 11.39 -41.98 32.43
N ALA F 115 10.86 -43.00 31.76
CA ALA F 115 9.64 -43.67 32.21
C ALA F 115 9.87 -44.54 33.45
N LYS F 116 11.13 -44.72 33.87
CA LYS F 116 11.49 -45.59 35.00
C LYS F 116 11.12 -47.05 34.74
N GLU F 117 10.89 -47.40 33.47
CA GLU F 117 10.61 -48.79 33.12
C GLU F 117 11.35 -49.23 31.87
N THR F 118 12.41 -48.54 31.46
CA THR F 118 13.19 -48.91 30.28
C THR F 118 13.92 -50.22 30.54
N PRO F 119 14.24 -50.98 29.48
CA PRO F 119 14.86 -52.31 29.71
C PRO F 119 16.15 -52.28 30.50
N TRP F 120 16.97 -51.24 30.34
CA TRP F 120 18.28 -51.16 30.98
C TRP F 120 18.43 -49.87 31.76
N LEU F 121 17.42 -49.53 32.56
CA LEU F 121 17.50 -48.33 33.38
C LEU F 121 18.51 -48.50 34.51
N GLU F 122 18.27 -49.46 35.41
CA GLU F 122 19.17 -49.69 36.53
C GLU F 122 20.49 -50.31 36.08
N GLU F 123 20.53 -50.92 34.89
CA GLU F 123 21.76 -51.52 34.39
C GLU F 123 22.84 -50.46 34.14
N ALA F 124 22.45 -49.29 33.61
CA ALA F 124 23.39 -48.23 33.29
C ALA F 124 23.19 -46.97 34.11
N ARG F 125 22.26 -46.95 35.06
CA ARG F 125 22.06 -45.77 35.89
C ARG F 125 23.29 -45.48 36.74
N LEU F 126 23.81 -46.50 37.42
CA LEU F 126 24.99 -46.34 38.28
C LEU F 126 26.07 -47.37 38.04
N ILE F 127 25.74 -48.57 37.55
CA ILE F 127 26.77 -49.58 37.31
C ILE F 127 27.68 -49.15 36.17
N ILE F 128 27.12 -48.49 35.16
CA ILE F 128 27.89 -48.07 33.99
C ILE F 128 28.19 -46.58 34.03
N SER F 129 27.21 -45.75 34.41
CA SER F 129 27.40 -44.30 34.39
C SER F 129 28.18 -43.83 35.62
N ASP F 130 27.68 -44.16 36.80
CA ASP F 130 28.30 -43.69 38.04
C ASP F 130 29.48 -44.56 38.48
N HIS F 131 29.77 -45.64 37.76
CA HIS F 131 30.89 -46.51 38.10
C HIS F 131 31.48 -47.09 36.83
N LEU F 132 32.80 -47.28 36.84
CA LEU F 132 33.53 -47.90 35.74
C LEU F 132 33.33 -47.15 34.43
N ASP F 133 33.23 -45.82 34.51
CA ASP F 133 33.16 -45.00 33.30
C ASP F 133 34.45 -45.09 32.51
N LEU F 134 35.59 -45.12 33.20
CA LEU F 134 36.87 -45.30 32.52
C LEU F 134 36.94 -46.66 31.84
N LEU F 135 36.36 -47.68 32.47
CA LEU F 135 36.29 -49.00 31.84
C LEU F 135 35.46 -48.95 30.57
N ALA F 136 34.33 -48.24 30.61
CA ALA F 136 33.50 -48.09 29.42
C ALA F 136 34.22 -47.29 28.34
N ASN F 137 35.15 -46.41 28.74
CA ASN F 137 35.94 -45.68 27.76
C ASN F 137 36.79 -46.62 26.91
N HIS F 138 37.37 -47.64 27.55
CA HIS F 138 38.14 -48.65 26.84
C HIS F 138 37.20 -49.72 26.28
N ASP F 139 37.76 -50.85 25.86
CA ASP F 139 36.94 -51.94 25.32
C ASP F 139 36.00 -52.54 26.35
N PHE F 140 36.27 -52.31 27.64
CA PHE F 140 35.41 -52.78 28.73
C PHE F 140 35.25 -54.30 28.70
N ARG F 141 36.33 -55.01 28.36
CA ARG F 141 36.30 -56.46 28.38
C ARG F 141 36.11 -57.00 29.79
N THR F 142 36.79 -56.40 30.77
CA THR F 142 36.65 -56.83 32.16
C THR F 142 35.45 -56.20 32.85
N LEU F 143 34.74 -55.29 32.17
CA LEU F 143 33.57 -54.66 32.78
C LEU F 143 32.47 -55.68 33.06
N MET F 144 32.30 -56.66 32.17
CA MET F 144 31.28 -57.68 32.38
C MET F 144 31.56 -58.48 33.66
N ARG F 145 32.82 -58.84 33.88
CA ARG F 145 33.19 -59.54 35.11
C ARG F 145 33.05 -58.63 36.32
N VAL F 146 33.41 -57.35 36.17
CA VAL F 146 33.37 -56.42 37.30
C VAL F 146 31.93 -56.20 37.75
N THR F 147 31.01 -56.03 36.80
CA THR F 147 29.61 -55.78 37.12
C THR F 147 28.79 -57.06 37.24
N ARG F 148 29.42 -58.22 37.08
CA ARG F 148 28.74 -59.52 37.19
C ARG F 148 27.54 -59.62 36.25
N LEU F 149 27.74 -59.16 35.02
CA LEU F 149 26.69 -59.17 34.00
C LEU F 149 27.24 -59.75 32.71
N LYS F 150 26.35 -60.34 31.91
CA LYS F 150 26.75 -60.93 30.65
C LYS F 150 27.13 -59.85 29.64
N GLU F 151 28.00 -60.22 28.70
CA GLU F 151 28.43 -59.28 27.68
C GLU F 151 27.29 -58.94 26.71
N GLU F 152 26.34 -59.85 26.53
CA GLU F 152 25.21 -59.57 25.64
C GLU F 152 24.38 -58.42 26.18
N VAL F 153 24.12 -58.40 27.48
CA VAL F 153 23.36 -57.31 28.08
C VAL F 153 24.15 -56.00 28.00
N LEU F 154 25.45 -56.06 28.21
CA LEU F 154 26.29 -54.87 28.10
C LEU F 154 26.30 -54.33 26.67
N LYS F 155 26.16 -55.22 25.67
CA LYS F 155 26.15 -54.77 24.29
C LYS F 155 24.97 -53.84 24.00
N GLU F 156 23.85 -54.06 24.68
CA GLU F 156 22.70 -53.16 24.56
C GLU F 156 22.74 -52.01 25.55
N ALA F 157 23.34 -52.21 26.72
CA ALA F 157 23.47 -51.13 27.69
C ALA F 157 24.38 -50.02 27.13
N VAL F 158 25.44 -50.40 26.42
CA VAL F 158 26.32 -49.41 25.81
C VAL F 158 25.57 -48.59 24.76
N ASN F 159 24.74 -49.25 23.94
CA ASN F 159 23.95 -48.53 22.96
C ASN F 159 22.95 -47.59 23.64
N LEU F 160 22.32 -48.06 24.73
CA LEU F 160 21.38 -47.21 25.46
C LEU F 160 22.09 -45.99 26.03
N ILE F 161 23.29 -46.16 26.56
CA ILE F 161 24.06 -45.04 27.08
C ILE F 161 24.43 -44.08 25.95
N GLN F 162 24.83 -44.62 24.80
CA GLN F 162 25.19 -43.78 23.66
C GLN F 162 23.99 -43.09 23.05
N SER F 163 22.77 -43.55 23.35
CA SER F 163 21.58 -42.90 22.80
C SER F 163 21.36 -41.52 23.42
N LEU F 164 21.95 -41.26 24.59
CA LEU F 164 21.77 -39.99 25.25
C LEU F 164 22.57 -38.89 24.57
N ASP F 165 22.21 -37.64 24.86
CA ASP F 165 22.90 -36.51 24.27
C ASP F 165 24.22 -36.26 24.99
N PRO F 166 25.35 -36.25 24.29
CA PRO F 166 26.64 -36.05 24.96
C PRO F 166 26.85 -34.63 25.46
N ARG F 167 26.47 -33.64 24.65
CA ARG F 167 26.68 -32.23 24.96
C ARG F 167 25.36 -31.48 24.83
N PRO F 168 24.49 -31.58 25.83
CA PRO F 168 23.23 -30.84 25.78
C PRO F 168 23.46 -29.34 25.88
N GLY F 169 22.55 -28.58 25.29
CA GLY F 169 22.63 -27.15 25.26
C GLY F 169 23.34 -26.56 24.07
N GLN F 170 23.97 -27.39 23.23
CA GLN F 170 24.61 -26.93 22.01
C GLN F 170 23.66 -26.92 20.82
N SER F 171 22.43 -27.41 21.00
CA SER F 171 21.40 -27.32 19.98
C SER F 171 20.62 -26.03 20.06
N ILE F 172 20.98 -25.13 20.98
CA ILE F 172 20.30 -23.86 21.15
C ILE F 172 20.97 -22.74 20.36
N GLN F 173 22.25 -22.91 19.99
CA GLN F 173 23.04 -21.85 19.38
C GLN F 173 22.34 -21.29 18.14
N THR F 174 22.43 -19.96 17.98
CA THR F 174 21.81 -19.25 16.87
C THR F 174 22.84 -18.63 15.94
N GLY F 175 24.12 -18.81 16.20
CA GLY F 175 25.14 -18.29 15.31
C GLY F 175 25.13 -18.98 13.97
N GLU F 176 25.52 -18.23 12.94
CA GLU F 176 25.54 -18.74 11.57
C GLU F 176 26.96 -18.93 11.11
N PRO F 177 27.27 -20.03 10.41
CA PRO F 177 28.63 -20.20 9.89
C PRO F 177 28.93 -19.25 8.73
N GLU F 178 28.99 -17.96 9.03
CA GLU F 178 29.31 -16.94 8.03
C GLU F 178 30.79 -16.60 8.02
N TYR F 179 31.59 -17.29 8.83
CA TYR F 179 33.03 -17.06 8.89
C TYR F 179 33.75 -17.75 7.72
N VAL F 180 33.25 -17.46 6.53
CA VAL F 180 33.79 -18.02 5.29
C VAL F 180 35.08 -17.31 4.94
N ILE F 181 35.79 -17.84 3.94
CA ILE F 181 37.16 -17.43 3.63
C ILE F 181 37.15 -16.41 2.49
N PRO F 182 37.57 -15.17 2.73
CA PRO F 182 37.70 -14.22 1.60
C PRO F 182 38.64 -14.71 0.51
N ASP F 183 39.70 -15.43 0.86
CA ASP F 183 40.78 -15.84 -0.05
C ASP F 183 41.16 -14.72 -1.01
N VAL F 184 41.64 -13.62 -0.41
CA VAL F 184 42.07 -12.45 -1.18
C VAL F 184 43.26 -12.80 -2.08
N LEU F 185 43.98 -13.87 -1.76
CA LEU F 185 45.08 -14.35 -2.59
C LEU F 185 44.59 -15.55 -3.39
N VAL F 186 44.26 -15.34 -4.65
CA VAL F 186 43.85 -16.43 -5.53
C VAL F 186 45.07 -16.94 -6.27
N ARG F 187 45.07 -18.24 -6.57
CA ARG F 187 46.14 -18.87 -7.33
C ARG F 187 45.60 -19.96 -8.23
N LYS F 188 46.11 -20.00 -9.46
CA LYS F 188 45.79 -21.04 -10.43
C LYS F 188 47.08 -21.75 -10.84
N VAL F 189 46.93 -22.85 -11.56
CA VAL F 189 48.04 -23.69 -11.99
C VAL F 189 48.41 -23.30 -13.41
N ASN F 190 49.71 -23.08 -13.63
CA ASN F 190 50.22 -22.72 -14.95
C ASN F 190 51.57 -23.43 -15.15
N ASP F 191 52.31 -23.00 -16.17
CA ASP F 191 53.61 -23.59 -16.44
C ASP F 191 54.61 -23.30 -15.32
N ARG F 192 54.37 -22.23 -14.55
CA ARG F 192 55.26 -21.86 -13.47
C ARG F 192 54.52 -21.55 -12.17
N TRP F 193 53.26 -22.00 -12.06
CA TRP F 193 52.45 -21.80 -10.86
C TRP F 193 52.32 -20.32 -10.52
N VAL F 194 51.73 -19.57 -11.46
CA VAL F 194 51.59 -18.13 -11.28
C VAL F 194 50.61 -17.83 -10.14
N VAL F 195 50.82 -16.70 -9.48
CA VAL F 195 50.00 -16.26 -8.36
C VAL F 195 49.48 -14.87 -8.66
N GLU F 196 48.16 -14.69 -8.54
CA GLU F 196 47.49 -13.42 -8.78
C GLU F 196 46.80 -12.97 -7.51
N LEU F 197 46.08 -11.85 -7.59
CA LEU F 197 45.34 -11.31 -6.47
C LEU F 197 43.97 -10.82 -6.94
N ASN F 198 42.94 -11.13 -6.16
CA ASN F 198 41.59 -10.65 -6.41
C ASN F 198 41.11 -9.80 -5.25
N SER F 199 39.88 -9.31 -5.38
CA SER F 199 39.23 -8.49 -4.36
C SER F 199 40.01 -7.22 -4.05
N ASP F 200 40.76 -6.69 -5.02
CA ASP F 200 41.49 -5.46 -4.80
C ASP F 200 40.55 -4.26 -4.75
N SER F 201 39.59 -4.19 -5.67
CA SER F 201 38.61 -3.11 -5.73
C SER F 201 39.29 -1.74 -5.86
N LEU F 202 40.56 -1.74 -6.28
CA LEU F 202 41.28 -0.48 -6.43
C LEU F 202 40.69 0.40 -7.53
N PRO F 203 40.38 -0.11 -8.74
CA PRO F 203 39.69 0.75 -9.72
C PRO F 203 38.37 1.29 -9.22
N ARG F 204 37.59 0.48 -8.51
CA ARG F 204 36.30 0.94 -8.00
C ARG F 204 36.48 2.04 -6.95
N LEU F 205 37.44 1.85 -6.04
CA LEU F 205 37.71 2.87 -5.03
C LEU F 205 38.21 4.16 -5.69
N LYS F 206 39.08 4.03 -6.69
CA LYS F 206 39.57 5.22 -7.38
C LYS F 206 38.43 5.96 -8.07
N ILE F 207 37.54 5.23 -8.74
CA ILE F 207 36.42 5.85 -9.43
C ILE F 207 35.49 6.55 -8.45
N ASN F 208 35.17 5.88 -7.34
CA ASN F 208 34.26 6.48 -6.35
C ASN F 208 34.89 7.70 -5.71
N GLN F 209 36.16 7.61 -5.33
CA GLN F 209 36.84 8.75 -4.72
C GLN F 209 36.93 9.92 -5.69
N GLN F 210 37.21 9.64 -6.96
CA GLN F 210 37.17 10.68 -7.98
C GLN F 210 35.79 11.32 -8.02
N TYR F 211 34.76 10.53 -8.33
CA TYR F 211 33.42 11.06 -8.53
C TYR F 211 32.88 11.78 -7.30
N ALA F 212 33.41 11.52 -6.10
CA ALA F 212 32.98 12.26 -4.92
C ALA F 212 33.84 13.50 -4.71
N ALA F 213 35.13 13.32 -4.45
CA ALA F 213 36.00 14.43 -4.09
C ALA F 213 36.28 15.32 -5.30
N MET F 214 36.86 14.75 -6.35
CA MET F 214 37.14 15.52 -7.55
C MET F 214 35.86 15.89 -8.29
N GLY F 215 34.78 15.15 -8.06
CA GLY F 215 33.48 15.58 -8.58
C GLY F 215 32.99 16.86 -7.94
N ASN F 216 33.11 16.96 -6.62
CA ASN F 216 32.75 18.21 -5.95
C ASN F 216 33.72 19.33 -6.31
N SER F 217 35.02 19.03 -6.40
CA SER F 217 36.00 20.05 -6.75
C SER F 217 35.79 20.57 -8.17
N ALA F 218 35.51 19.66 -9.12
CA ALA F 218 35.28 20.08 -10.49
C ALA F 218 33.95 20.82 -10.62
N ARG F 219 32.98 20.48 -9.79
CA ARG F 219 31.73 21.23 -9.75
C ARG F 219 32.00 22.67 -9.37
N ASN F 220 31.42 23.60 -10.13
CA ASN F 220 31.70 25.01 -9.99
C ASN F 220 30.74 25.72 -9.05
N ASP F 221 29.85 24.97 -8.39
CA ASP F 221 28.89 25.61 -7.50
C ASP F 221 29.59 26.30 -6.33
N ALA F 222 30.59 25.64 -5.75
CA ALA F 222 31.33 26.26 -4.66
C ALA F 222 32.32 27.28 -5.20
N ASP F 223 32.47 28.39 -4.48
CA ASP F 223 33.41 29.41 -4.87
C ASP F 223 34.84 28.90 -4.74
N GLY F 224 35.70 29.36 -5.65
CA GLY F 224 37.07 28.90 -5.65
C GLY F 224 37.17 27.46 -6.15
N GLN F 225 38.31 26.84 -5.83
CA GLN F 225 38.58 25.46 -6.25
C GLN F 225 39.03 24.66 -5.05
N PHE F 226 38.52 23.43 -4.95
CA PHE F 226 38.92 22.51 -3.88
C PHE F 226 40.03 21.60 -4.38
N ILE F 227 41.12 22.22 -4.82
CA ILE F 227 42.27 21.48 -5.34
C ILE F 227 42.96 20.65 -4.27
N ARG F 228 42.91 21.07 -3.02
CA ARG F 228 43.45 20.30 -1.90
C ARG F 228 42.44 19.99 -0.82
N SER F 229 41.27 20.63 -0.85
CA SER F 229 40.25 20.37 0.16
C SER F 229 39.75 18.94 0.10
N ASN F 230 39.49 18.44 -1.09
CA ASN F 230 39.00 17.07 -1.29
C ASN F 230 39.84 16.26 -2.26
N LEU F 231 40.44 16.91 -3.26
CA LEU F 231 41.21 16.19 -4.26
C LEU F 231 42.43 15.52 -3.63
N GLN F 232 43.13 16.20 -2.74
CA GLN F 232 44.34 15.66 -2.13
C GLN F 232 44.05 14.91 -0.84
N GLU F 233 43.04 14.03 -0.87
CA GLU F 233 42.83 13.03 0.16
C GLU F 233 42.62 11.68 -0.52
N ALA F 234 41.89 11.71 -1.64
CA ALA F 234 41.71 10.51 -2.44
C ALA F 234 43.03 10.01 -2.99
N ARG F 235 43.91 10.93 -3.40
CA ARG F 235 45.24 10.54 -3.87
C ARG F 235 46.02 9.83 -2.78
N TRP F 236 45.99 10.37 -1.55
CA TRP F 236 46.70 9.74 -0.45
C TRP F 236 46.14 8.36 -0.15
N LEU F 237 44.81 8.24 -0.11
CA LEU F 237 44.19 6.93 0.16
C LEU F 237 44.53 5.93 -0.93
N ILE F 238 44.47 6.34 -2.19
CA ILE F 238 44.77 5.44 -3.30
C ILE F 238 46.22 5.00 -3.26
N LYS F 239 47.13 5.94 -2.98
CA LYS F 239 48.54 5.60 -2.89
C LYS F 239 48.81 4.62 -1.74
N SER F 240 48.19 4.85 -0.58
CA SER F 240 48.38 3.95 0.54
C SER F 240 47.86 2.54 0.22
N LEU F 241 46.68 2.46 -0.38
CA LEU F 241 46.12 1.16 -0.73
C LEU F 241 46.97 0.46 -1.79
N GLU F 242 47.47 1.22 -2.77
CA GLU F 242 48.33 0.64 -3.79
C GLU F 242 49.62 0.10 -3.19
N SER F 243 50.21 0.85 -2.25
CA SER F 243 51.43 0.38 -1.58
C SER F 243 51.15 -0.89 -0.79
N ALA F 244 50.03 -0.93 -0.06
CA ALA F 244 49.70 -2.12 0.71
C ALA F 244 49.49 -3.33 -0.18
N ASN F 245 48.76 -3.15 -1.29
CA ASN F 245 48.56 -4.26 -2.22
C ASN F 245 49.87 -4.69 -2.86
N ASP F 246 50.76 -3.73 -3.15
CA ASP F 246 52.04 -4.05 -3.75
C ASP F 246 52.91 -4.88 -2.81
N THR F 247 52.99 -4.50 -1.53
CA THR F 247 53.81 -5.28 -0.61
C THR F 247 53.18 -6.64 -0.35
N LEU F 248 51.85 -6.70 -0.29
CA LEU F 248 51.18 -7.99 -0.13
C LEU F 248 51.48 -8.91 -1.31
N LEU F 249 51.42 -8.38 -2.54
CA LEU F 249 51.72 -9.19 -3.72
C LEU F 249 53.17 -9.62 -3.74
N ARG F 250 54.09 -8.73 -3.34
CA ARG F 250 55.50 -9.09 -3.29
C ARG F 250 55.76 -10.21 -2.29
N VAL F 251 55.15 -10.12 -1.10
CA VAL F 251 55.31 -11.16 -0.09
C VAL F 251 54.73 -12.47 -0.58
N SER F 252 53.56 -12.42 -1.23
CA SER F 252 52.96 -13.64 -1.75
C SER F 252 53.82 -14.27 -2.85
N ARG F 253 54.37 -13.45 -3.73
CA ARG F 253 55.25 -13.97 -4.78
C ARG F 253 56.50 -14.61 -4.19
N CYS F 254 57.09 -13.98 -3.17
CA CYS F 254 58.22 -14.59 -2.49
C CYS F 254 57.82 -15.92 -1.85
N ILE F 255 56.65 -15.96 -1.22
CA ILE F 255 56.21 -17.19 -0.54
C ILE F 255 56.03 -18.32 -1.53
N VAL F 256 55.39 -18.05 -2.67
CA VAL F 256 55.21 -19.12 -3.66
C VAL F 256 56.55 -19.51 -4.27
N GLU F 257 57.45 -18.54 -4.46
CA GLU F 257 58.76 -18.86 -5.02
C GLU F 257 59.55 -19.80 -4.12
N GLN F 258 59.56 -19.53 -2.81
CA GLN F 258 60.29 -20.42 -1.90
C GLN F 258 59.54 -21.70 -1.59
N GLN F 259 58.23 -21.76 -1.84
CA GLN F 259 57.41 -22.93 -1.51
C GLN F 259 56.75 -23.53 -2.74
N GLN F 260 57.48 -23.58 -3.86
CA GLN F 260 56.93 -24.18 -5.07
C GLN F 260 56.75 -25.69 -4.91
N ALA F 261 57.67 -26.35 -4.20
CA ALA F 261 57.63 -27.80 -4.09
C ALA F 261 56.46 -28.30 -3.25
N PHE F 262 56.01 -27.50 -2.28
CA PHE F 262 54.89 -27.92 -1.45
C PHE F 262 53.64 -28.10 -2.31
N PHE F 263 53.52 -27.27 -3.35
CA PHE F 263 52.41 -27.23 -4.28
C PHE F 263 52.60 -28.17 -5.47
N GLU F 264 53.82 -28.63 -5.70
CA GLU F 264 54.10 -29.52 -6.81
C GLU F 264 54.27 -30.94 -6.31
N GLN F 265 53.63 -31.89 -7.00
CA GLN F 265 53.69 -33.33 -6.67
C GLN F 265 53.16 -33.50 -5.25
N GLY F 266 53.93 -34.04 -4.31
CA GLY F 266 53.42 -34.27 -2.97
C GLY F 266 53.12 -32.97 -2.26
N GLU F 267 52.14 -33.02 -1.35
CA GLU F 267 51.75 -31.84 -0.61
C GLU F 267 52.74 -31.50 0.50
N GLU F 268 53.31 -32.51 1.16
CA GLU F 268 54.20 -32.29 2.29
C GLU F 268 55.64 -32.04 1.87
N TYR F 269 55.86 -30.96 1.11
CA TYR F 269 57.17 -30.60 0.58
C TYR F 269 57.51 -29.14 0.89
N MET F 270 57.31 -28.75 2.14
CA MET F 270 57.58 -27.38 2.57
C MET F 270 58.98 -27.26 3.14
N LYS F 271 59.71 -26.24 2.66
CA LYS F 271 61.01 -25.97 3.25
C LYS F 271 60.85 -25.18 4.55
N PRO F 272 61.78 -25.32 5.49
CA PRO F 272 61.67 -24.54 6.73
C PRO F 272 62.09 -23.10 6.54
N MET F 273 61.28 -22.34 5.80
CA MET F 273 61.60 -20.95 5.51
C MET F 273 61.41 -20.09 6.75
N VAL F 274 62.33 -19.17 6.98
CA VAL F 274 62.26 -18.27 8.12
C VAL F 274 61.85 -16.88 7.64
N LEU F 275 61.56 -16.00 8.60
CA LEU F 275 61.18 -14.63 8.26
C LEU F 275 62.31 -13.91 7.52
N ALA F 276 63.55 -14.18 7.91
CA ALA F 276 64.69 -13.54 7.23
C ALA F 276 64.80 -13.99 5.78
N ASP F 277 64.35 -15.21 5.46
CA ASP F 277 64.41 -15.69 4.09
C ASP F 277 63.58 -14.83 3.15
N ILE F 278 62.37 -14.47 3.59
CA ILE F 278 61.55 -13.57 2.78
C ILE F 278 62.02 -12.12 2.93
N ALA F 279 62.54 -11.76 4.11
CA ALA F 279 63.00 -10.40 4.33
C ALA F 279 64.13 -10.02 3.37
N GLN F 280 65.10 -10.92 3.20
CA GLN F 280 66.17 -10.68 2.24
C GLN F 280 65.66 -10.73 0.81
N ALA F 281 64.65 -11.56 0.54
CA ALA F 281 64.10 -11.65 -0.81
C ALA F 281 63.43 -10.34 -1.23
N VAL F 282 62.67 -9.72 -0.32
CA VAL F 282 61.94 -8.50 -0.65
C VAL F 282 62.64 -7.25 -0.18
N GLU F 283 63.82 -7.36 0.44
CA GLU F 283 64.58 -6.22 0.94
C GLU F 283 63.75 -5.37 1.89
N MET F 284 62.99 -6.04 2.76
CA MET F 284 62.17 -5.38 3.77
C MET F 284 62.39 -6.05 5.12
N HIS F 285 62.09 -5.32 6.18
CA HIS F 285 62.32 -5.84 7.52
C HIS F 285 61.36 -6.99 7.83
N GLU F 286 61.79 -7.87 8.73
CA GLU F 286 61.01 -9.07 9.04
C GLU F 286 59.71 -8.74 9.77
N SER F 287 59.71 -7.69 10.58
CA SER F 287 58.52 -7.36 11.36
C SER F 287 57.35 -6.99 10.46
N THR F 288 57.59 -6.20 9.43
CA THR F 288 56.51 -5.82 8.51
C THR F 288 55.96 -7.04 7.79
N ILE F 289 56.83 -7.93 7.32
CA ILE F 289 56.38 -9.14 6.64
C ILE F 289 55.58 -10.03 7.59
N SER F 290 56.03 -10.15 8.83
CA SER F 290 55.28 -10.94 9.81
C SER F 290 53.91 -10.34 10.07
N ARG F 291 53.83 -9.02 10.17
CA ARG F 291 52.54 -8.37 10.40
C ARG F 291 51.66 -8.44 9.16
N VAL F 292 52.25 -8.66 8.00
CA VAL F 292 51.48 -8.64 6.75
C VAL F 292 50.86 -10.01 6.48
N THR F 293 51.64 -11.07 6.65
CA THR F 293 51.24 -12.43 6.25
C THR F 293 50.85 -13.28 7.45
N THR F 294 50.13 -12.70 8.41
CA THR F 294 49.83 -13.43 9.64
C THR F 294 48.36 -13.86 9.72
N GLN F 295 47.48 -13.25 8.92
CA GLN F 295 46.15 -13.83 8.71
C GLN F 295 45.65 -13.67 7.28
N LYS F 296 46.47 -13.20 6.35
CA LYS F 296 46.08 -13.22 4.94
C LYS F 296 45.93 -14.66 4.46
N TYR F 297 44.97 -14.87 3.57
CA TYR F 297 44.58 -16.22 3.19
C TYR F 297 44.65 -16.38 1.67
N LEU F 298 45.17 -17.54 1.25
CA LEU F 298 45.28 -17.88 -0.16
C LEU F 298 44.29 -18.99 -0.51
N HIS F 299 43.98 -19.08 -1.80
CA HIS F 299 43.03 -20.06 -2.33
C HIS F 299 43.77 -21.02 -3.23
N SER F 300 44.13 -22.18 -2.68
CA SER F 300 44.88 -23.19 -3.42
C SER F 300 44.01 -24.40 -3.72
N PRO F 301 44.18 -25.02 -4.90
CA PRO F 301 43.41 -26.23 -5.20
C PRO F 301 43.62 -27.36 -4.20
N ARG F 302 44.83 -27.49 -3.67
CA ARG F 302 45.14 -28.55 -2.71
C ARG F 302 45.78 -28.06 -1.43
N GLY F 303 46.57 -26.99 -1.46
CA GLY F 303 47.23 -26.52 -0.27
C GLY F 303 46.29 -25.90 0.75
N ILE F 304 46.81 -25.69 1.96
CA ILE F 304 45.99 -25.15 3.04
C ILE F 304 45.72 -23.67 2.80
N PHE F 305 44.69 -23.16 3.47
CA PHE F 305 44.23 -21.78 3.31
C PHE F 305 44.82 -20.96 4.46
N GLU F 306 46.06 -20.47 4.26
CA GLU F 306 46.73 -19.68 5.29
C GLU F 306 47.94 -19.01 4.66
N LEU F 307 48.55 -18.09 5.44
CA LEU F 307 49.83 -17.50 5.07
C LEU F 307 50.85 -17.60 6.20
N LYS F 308 50.46 -18.18 7.33
CA LYS F 308 51.37 -18.41 8.45
C LYS F 308 51.67 -19.89 8.64
N TYR F 309 50.86 -20.77 8.05
CA TYR F 309 51.12 -22.21 8.14
C TYR F 309 52.41 -22.60 7.42
N PHE F 310 52.78 -21.86 6.37
CA PHE F 310 54.04 -22.13 5.69
C PHE F 310 55.23 -21.61 6.49
N PHE F 311 55.04 -20.55 7.27
CA PHE F 311 56.13 -19.91 7.99
C PHE F 311 56.54 -20.74 9.20
N SER F 312 57.38 -21.74 8.98
CA SER F 312 57.88 -22.60 10.04
C SER F 312 59.40 -22.63 10.03
N SER F 313 60.00 -22.57 11.22
CA SER F 313 61.45 -22.68 11.40
C SER F 313 61.68 -23.92 12.26
N HIS F 314 61.77 -25.07 11.60
CA HIS F 314 61.76 -26.37 12.27
C HIS F 314 62.83 -27.28 11.69
N VAL F 315 64.08 -26.77 11.63
CA VAL F 315 65.18 -27.51 11.01
C VAL F 315 65.32 -28.90 11.60
N ASN F 316 65.17 -29.03 12.91
CA ASN F 316 65.10 -30.33 13.59
C ASN F 316 66.37 -31.16 13.41
N THR F 317 67.48 -30.51 13.04
CA THR F 317 68.77 -31.18 12.86
C THR F 317 68.66 -32.39 11.93
N GLU F 318 68.10 -32.16 10.74
CA GLU F 318 67.96 -33.23 9.76
C GLU F 318 69.33 -33.69 9.28
N GLY F 319 69.38 -34.95 8.86
CA GLY F 319 70.62 -35.55 8.37
C GLY F 319 71.24 -34.79 7.21
N GLY F 320 70.52 -34.72 6.11
CA GLY F 320 70.99 -33.97 4.95
C GLY F 320 70.49 -32.54 4.95
N GLY F 321 71.33 -31.61 5.38
CA GLY F 321 70.91 -30.22 5.46
C GLY F 321 69.88 -30.03 6.54
N GLU F 322 68.74 -29.44 6.19
CA GLU F 322 67.66 -29.18 7.13
C GLU F 322 66.34 -29.67 6.54
N ALA F 323 65.31 -29.68 7.37
CA ALA F 323 63.98 -30.10 6.96
C ALA F 323 62.95 -29.31 7.76
N SER F 324 61.67 -29.59 7.50
CA SER F 324 60.57 -28.92 8.18
C SER F 324 59.78 -29.95 8.98
N SER F 325 59.47 -29.61 10.23
CA SER F 325 58.72 -30.51 11.09
C SER F 325 57.27 -30.67 10.67
N THR F 326 56.74 -29.78 9.82
CA THR F 326 55.41 -30.00 9.26
C THR F 326 55.37 -31.26 8.41
N ALA F 327 56.35 -31.42 7.53
CA ALA F 327 56.44 -32.63 6.72
C ALA F 327 56.68 -33.85 7.59
N ILE F 328 57.48 -33.71 8.65
CA ILE F 328 57.73 -34.81 9.57
C ILE F 328 56.44 -35.24 10.25
N ARG F 329 55.64 -34.28 10.71
CA ARG F 329 54.37 -34.60 11.34
C ARG F 329 53.40 -35.25 10.36
N ALA F 330 53.37 -34.75 9.11
CA ALA F 330 52.51 -35.36 8.10
C ALA F 330 52.93 -36.80 7.82
N LEU F 331 54.23 -37.04 7.71
CA LEU F 331 54.72 -38.40 7.46
C LEU F 331 54.42 -39.31 8.64
N VAL F 332 54.56 -38.80 9.87
CA VAL F 332 54.24 -39.59 11.05
C VAL F 332 52.76 -39.95 11.07
N LYS F 333 51.89 -38.98 10.76
CA LYS F 333 50.46 -39.26 10.71
C LYS F 333 50.12 -40.28 9.64
N LYS F 334 50.75 -40.17 8.47
CA LYS F 334 50.50 -41.12 7.39
C LYS F 334 50.97 -42.52 7.77
N LEU F 335 52.15 -42.62 8.39
CA LEU F 335 52.70 -43.93 8.74
C LEU F 335 51.95 -44.57 9.90
N ILE F 336 51.56 -43.75 10.89
CA ILE F 336 50.85 -44.30 12.05
C ILE F 336 49.51 -44.86 11.64
N ALA F 337 48.78 -44.14 10.78
CA ALA F 337 47.48 -44.64 10.31
C ALA F 337 47.63 -45.93 9.52
N ALA F 338 48.63 -45.99 8.64
CA ALA F 338 48.87 -47.19 7.82
C ALA F 338 49.84 -48.10 8.56
N GLU F 339 49.30 -48.90 9.46
CA GLU F 339 50.08 -49.82 10.27
C GLU F 339 49.27 -51.08 10.53
N ASN F 340 49.83 -51.96 11.37
CA ASN F 340 49.16 -53.20 11.73
C ASN F 340 47.96 -52.91 12.63
N PRO F 341 47.02 -53.86 12.73
CA PRO F 341 45.90 -53.66 13.67
C PRO F 341 46.35 -53.43 15.10
N ALA F 342 47.45 -54.07 15.53
CA ALA F 342 48.01 -53.75 16.84
C ALA F 342 48.50 -52.31 16.87
N LYS F 343 49.16 -51.86 15.79
CA LYS F 343 49.66 -50.50 15.63
C LYS F 343 50.53 -50.08 16.80
N PRO F 344 51.75 -50.62 16.93
CA PRO F 344 52.62 -50.22 18.05
C PRO F 344 52.92 -48.73 18.06
N LEU F 345 53.51 -48.24 16.96
CA LEU F 345 53.81 -46.82 16.80
C LEU F 345 54.58 -46.27 18.00
N SER F 346 55.55 -47.05 18.47
CA SER F 346 56.35 -46.64 19.62
C SER F 346 57.18 -45.40 19.28
N ASP F 347 57.39 -44.55 20.28
CA ASP F 347 58.16 -43.33 20.07
C ASP F 347 59.59 -43.65 19.64
N SER F 348 60.22 -44.62 20.30
CA SER F 348 61.56 -45.05 19.89
C SER F 348 61.52 -45.69 18.51
N LYS F 349 60.52 -46.53 18.24
CA LYS F 349 60.39 -47.15 16.92
C LYS F 349 60.13 -46.11 15.85
N LEU F 350 59.25 -45.14 16.12
CA LEU F 350 58.99 -44.09 15.15
C LEU F 350 60.24 -43.25 14.88
N THR F 351 61.00 -42.94 15.94
CA THR F 351 62.24 -42.19 15.77
C THR F 351 63.24 -42.97 14.94
N SER F 352 63.35 -44.28 15.20
CA SER F 352 64.27 -45.10 14.41
C SER F 352 63.85 -45.15 12.95
N MET F 353 62.55 -45.28 12.69
CA MET F 353 62.06 -45.29 11.31
C MET F 353 62.34 -43.96 10.63
N LEU F 354 62.13 -42.85 11.33
CA LEU F 354 62.41 -41.54 10.75
C LEU F 354 63.90 -41.38 10.46
N SER F 355 64.75 -41.84 11.37
CA SER F 355 66.20 -41.75 11.15
C SER F 355 66.61 -42.61 9.96
N GLU F 356 66.02 -43.80 9.82
CA GLU F 356 66.30 -44.63 8.65
C GLU F 356 65.85 -43.93 7.37
N GLN F 357 64.70 -43.26 7.42
CA GLN F 357 64.23 -42.49 6.27
C GLN F 357 65.10 -41.26 6.01
N GLY F 358 65.89 -40.84 7.00
CA GLY F 358 66.77 -39.68 6.85
C GLY F 358 66.46 -38.51 7.75
N ILE F 359 65.45 -38.59 8.62
CA ILE F 359 65.09 -37.50 9.51
C ILE F 359 65.70 -37.82 10.88
N MET F 360 66.78 -37.12 11.21
CA MET F 360 67.46 -37.31 12.51
C MET F 360 66.71 -36.50 13.56
N VAL F 361 65.74 -37.13 14.19
CA VAL F 361 64.90 -36.51 15.21
C VAL F 361 64.90 -37.38 16.45
N ALA F 362 64.91 -36.75 17.62
CA ALA F 362 64.90 -37.48 18.88
C ALA F 362 63.56 -38.16 19.10
N ARG F 363 63.57 -39.20 19.93
CA ARG F 363 62.37 -39.96 20.22
C ARG F 363 61.37 -39.19 21.09
N ARG F 364 61.80 -38.13 21.76
CA ARG F 364 60.92 -37.32 22.58
C ARG F 364 60.15 -36.30 21.78
N THR F 365 60.73 -35.79 20.68
CA THR F 365 60.00 -34.87 19.81
C THR F 365 58.84 -35.57 19.12
N VAL F 366 59.06 -36.78 18.60
CA VAL F 366 58.04 -37.49 17.84
C VAL F 366 56.82 -37.74 18.70
N ALA F 367 57.02 -37.97 19.99
CA ALA F 367 55.89 -38.07 20.91
C ALA F 367 55.09 -36.78 20.93
N LYS F 368 55.77 -35.63 20.91
CA LYS F 368 55.05 -34.35 20.88
C LYS F 368 54.29 -34.15 19.58
N TYR F 369 54.92 -34.50 18.44
CA TYR F 369 54.20 -34.38 17.17
C TYR F 369 52.97 -35.26 17.14
N ARG F 370 53.08 -36.49 17.65
CA ARG F 370 51.92 -37.38 17.67
C ARG F 370 50.85 -36.86 18.62
N GLU F 371 51.24 -36.41 19.82
CA GLU F 371 50.26 -35.95 20.79
C GLU F 371 49.62 -34.62 20.39
N SER F 372 50.23 -33.87 19.46
CA SER F 372 49.65 -32.61 19.04
C SER F 372 48.27 -32.82 18.42
N LEU F 373 48.12 -33.84 17.57
CA LEU F 373 46.85 -34.07 16.89
C LEU F 373 46.45 -35.54 16.84
N SER F 374 46.99 -36.38 17.73
CA SER F 374 46.66 -37.79 17.75
C SER F 374 46.99 -38.34 19.13
N ILE F 375 46.73 -39.64 19.31
CA ILE F 375 47.01 -40.33 20.57
C ILE F 375 47.79 -41.60 20.25
N PRO F 376 48.62 -42.09 21.18
CA PRO F 376 49.37 -43.32 20.91
C PRO F 376 48.46 -44.52 20.83
N PRO F 377 48.53 -45.29 19.74
CA PRO F 377 47.67 -46.49 19.59
C PRO F 377 48.13 -47.65 20.48
N SER F 378 47.84 -47.51 21.78
CA SER F 378 48.25 -48.49 22.78
C SER F 378 49.76 -48.73 22.75
N ASN F 379 50.52 -47.64 22.54
CA ASN F 379 51.97 -47.75 22.48
C ASN F 379 52.60 -47.94 23.84
N GLN F 380 51.88 -47.64 24.92
CA GLN F 380 52.41 -47.79 26.27
C GLN F 380 52.53 -49.25 26.66
#